data_7V0N
#
_entry.id   7V0N
#
loop_
_entity.id
_entity.type
_entity.pdbx_description
1 polymer 'Spike glycoprotein E1'
2 polymer 'IgG 21 Fab heavy chain'
3 polymer 'IgG 21 Fab light chain'
4 polymer 'Spike glycoprotein E2'
#
loop_
_entity_poly.entity_id
_entity_poly.type
_entity_poly.pdbx_seq_one_letter_code
_entity_poly.pdbx_strand_id
1 'polypeptide(L)'
;YEHTAVMPNKVGIPYKALVERPGYAPVHLQIQLVNTRIIPSTNLEYITCKYKTKVPSPVVKCCGATQCTSKPHPDYQCQV
FTGVYPFMWGGAYCFCDTENTQMSEAYVERSEECSIDHAKAYKVHTGTVQAMVNITYGSVSWRSADVYVNGETPAKIGDA
KLIIGPLSSAWSPFDNKVVVYGHEVYNYDFPEYGTGKAGSFGDLQSRTSTSNDLYANTNLKLQRPQAGIVHTPFTQAPSG
FERWKRDKGAPLNDVAPFGCSIALEPLRAENCAVGSIPISIDIPDAAFTRISETPTVSDLECKITECTYASDFGGIATVA
YKSSKAGNCPIHSPSGVAVIKENDVTLAESGSFTFHFSTANIHPAFKLQVCTSAVTCKGDCKPPKDHIVDYPAQHTESFT
;
A,B,C,D
2 'polypeptide(L)'
;(UNK)(UNK)(UNK)(UNK)(UNK)(UNK)(UNK)(UNK)(UNK)(UNK)(UNK)(UNK)(UNK)(UNK)(UNK)(UNK)
(UNK)(UNK)(UNK)(UNK)(UNK)(UNK)(UNK)(UNK)(UNK)(UNK)(UNK)(UNK)(UNK)(UNK)(UNK)(UNK)
(UNK)(UNK)(UNK)(UNK)(UNK)(UNK)(UNK)(UNK)(UNK)(UNK)(UNK)(UNK)(UNK)(UNK)(UNK)(UNK)
(UNK)(UNK)(UNK)(UNK)(UNK)(UNK)(UNK)(UNK)(UNK)(UNK)(UNK)(UNK)(UNK)(UNK)(UNK)(UNK)
(UNK)(UNK)(UNK)(UNK)(UNK)(UNK)(UNK)(UNK)(UNK)(UNK)(UNK)(UNK)(UNK)(UNK)(UNK)(UNK)
(UNK)(UNK)(UNK)(UNK)(UNK)(UNK)(UNK)(UNK)(UNK)(UNK)(UNK)(UNK)(UNK)(UNK)(UNK)(UNK)
(UNK)(UNK)(UNK)(UNK)(UNK)(UNK)(UNK)(UNK)(UNK)(UNK)(UNK)(UNK)(UNK)(UNK)(UNK)(UNK)
(UNK)(UNK)(UNK)(UNK)(UNK)(UNK)(UNK)(UNK)(UNK)(UNK)(UNK)(UNK)(UNK)(UNK)(UNK)(UNK)
(UNK)(UNK)(UNK)(UNK)(UNK)(UNK)(UNK)(UNK)(UNK)(UNK)(UNK)(UNK)(UNK)(UNK)(UNK)(UNK)
(UNK)(UNK)(UNK)(UNK)(UNK)(UNK)(UNK)(UNK)(UNK)(UNK)(UNK)(UNK)(UNK)(UNK)(UNK)(UNK)
(UNK)(UNK)(UNK)(UNK)(UNK)(UNK)(UNK)(UNK)(UNK)(UNK)(UNK)(UNK)(UNK)(UNK)(UNK)(UNK)
(UNK)(UNK)(UNK)(UNK)(UNK)(UNK)(UNK)(UNK)(UNK)(UNK)(UNK)(UNK)(UNK)(UNK)(UNK)(UNK)
(UNK)(UNK)(UNK)(UNK)(UNK)(UNK)(UNK)(UNK)(UNK)(UNK)(UNK)(UNK)(UNK)(UNK)(UNK)(UNK)
(UNK)(UNK)(UNK)(UNK)(UNK)(UNK)(UNK)(UNK)(UNK)(UNK)(UNK)(UNK)(UNK)(UNK)(UNK)(UNK)
(UNK)(UNK)(UNK)(UNK)(UNK)(UNK)(UNK)(UNK)(UNK)(UNK)(UNK)
;
E,G,I,K
3 'polypeptide(L)'
;(UNK)(UNK)(UNK)(UNK)(UNK)(UNK)(UNK)(UNK)(UNK)(UNK)(UNK)(UNK)(UNK)(UNK)(UNK)(UNK)
(UNK)(UNK)(UNK)(UNK)(UNK)(UNK)(UNK)(UNK)(UNK)(UNK)(UNK)(UNK)(UNK)(UNK)(UNK)(UNK)
(UNK)(UNK)(UNK)(UNK)(UNK)(UNK)(UNK)(UNK)(UNK)(UNK)(UNK)(UNK)(UNK)(UNK)(UNK)(UNK)
(UNK)(UNK)(UNK)(UNK)(UNK)(UNK)(UNK)(UNK)(UNK)(UNK)(UNK)(UNK)(UNK)(UNK)(UNK)(UNK)
(UNK)(UNK)(UNK)(UNK)(UNK)(UNK)(UNK)(UNK)(UNK)(UNK)(UNK)(UNK)(UNK)(UNK)(UNK)(UNK)
(UNK)(UNK)(UNK)(UNK)(UNK)(UNK)(UNK)(UNK)(UNK)(UNK)(UNK)(UNK)(UNK)(UNK)(UNK)(UNK)
(UNK)(UNK)(UNK)(UNK)(UNK)(UNK)(UNK)(UNK)(UNK)(UNK)(UNK)(UNK)(UNK)(UNK)(UNK)(UNK)
(UNK)(UNK)(UNK)(UNK)(UNK)(UNK)(UNK)(UNK)(UNK)(UNK)(UNK)(UNK)(UNK)(UNK)(UNK)(UNK)
(UNK)(UNK)(UNK)(UNK)(UNK)(UNK)(UNK)(UNK)(UNK)(UNK)(UNK)(UNK)(UNK)(UNK)(UNK)(UNK)
(UNK)(UNK)(UNK)(UNK)(UNK)(UNK)(UNK)(UNK)(UNK)(UNK)(UNK)(UNK)(UNK)(UNK)(UNK)(UNK)
(UNK)(UNK)(UNK)(UNK)(UNK)(UNK)(UNK)(UNK)(UNK)(UNK)(UNK)(UNK)(UNK)(UNK)(UNK)(UNK)
(UNK)(UNK)(UNK)(UNK)(UNK)(UNK)(UNK)(UNK)(UNK)(UNK)(UNK)(UNK)(UNK)(UNK)(UNK)(UNK)
(UNK)(UNK)(UNK)(UNK)(UNK)(UNK)(UNK)(UNK)(UNK)(UNK)(UNK)(UNK)(UNK)(UNK)(UNK)(UNK)
(UNK)(UNK)(UNK)(UNK)(UNK)(UNK)(UNK)(UNK)
;
F,H,J,L
4 'polypeptide(L)'
;DLDTHFTQYKLARPYIADCPNCGHSRCDSPIAIEEVRGDAHAGVIRIQTSAMFGLKTDGVDLAYMSFMNGKTQKSIKIDN
LHVRTSAPCSLVSHHGYYILAQCPPGDTVTVGFHDGPNRHTCTVAHKVEFRPVGREKYRHPPEHGVELPCNRYTHKRADQ
GHYVEMHQPGLVADHSLLSIHSAKVKITVPSGAQVKYYCKCPDVREGITSSDHTTTCTDVKQCRAYLIDNKKWVYNSGRL
PRGEGDTFKGKLHVPFVPVKAKCIATLAPEPLVEHKHRTLILHLHPDHPTLLTTRSLGSDANPTRQWIERPTTVNFTVTG
EGLEYTWGNHPPKRVWAQESGE
;
a,b,c,d
#
# COMPACT_ATOMS: atom_id res chain seq x y z
N TYR A 1 57.90 6.79 -8.76
CA TYR A 1 58.70 5.54 -8.71
C TYR A 1 57.99 4.38 -9.40
N GLU A 2 56.98 4.67 -10.21
CA GLU A 2 56.21 3.60 -10.83
C GLU A 2 57.10 2.94 -11.87
N HIS A 3 57.75 1.85 -11.48
CA HIS A 3 58.91 1.33 -12.20
C HIS A 3 58.48 0.62 -13.47
N THR A 4 58.32 1.39 -14.53
CA THR A 4 58.17 0.82 -15.86
C THR A 4 59.39 -0.04 -16.17
N ALA A 5 59.16 -1.13 -16.92
CA ALA A 5 60.26 -1.99 -17.34
C ALA A 5 59.80 -2.86 -18.49
N VAL A 6 60.45 -2.71 -19.65
CA VAL A 6 60.35 -3.73 -20.66
C VAL A 6 60.98 -4.99 -20.10
N MET A 7 60.44 -6.14 -20.51
CA MET A 7 60.74 -7.37 -19.81
C MET A 7 60.56 -8.58 -20.71
N PRO A 8 61.57 -9.44 -20.88
CA PRO A 8 61.43 -10.54 -21.82
C PRO A 8 60.41 -11.56 -21.34
N ASN A 9 59.58 -12.02 -22.27
CA ASN A 9 58.64 -13.09 -21.98
C ASN A 9 59.41 -14.40 -21.96
N LYS A 10 59.63 -14.91 -20.75
CA LYS A 10 60.29 -16.19 -20.57
C LYS A 10 60.00 -16.62 -19.14
N VAL A 11 59.68 -17.90 -18.98
CA VAL A 11 58.84 -18.28 -17.86
C VAL A 11 59.64 -18.44 -16.57
N GLY A 12 60.68 -19.26 -16.60
CA GLY A 12 61.13 -19.89 -15.39
C GLY A 12 62.36 -19.27 -14.78
N ILE A 13 62.40 -17.95 -14.74
CA ILE A 13 63.63 -17.27 -14.34
C ILE A 13 63.29 -15.86 -13.86
N PRO A 14 63.80 -15.40 -12.72
CA PRO A 14 63.47 -14.04 -12.27
C PRO A 14 64.22 -12.99 -13.07
N TYR A 15 63.79 -11.75 -12.86
CA TYR A 15 64.15 -10.60 -13.68
C TYR A 15 64.53 -9.41 -12.79
N LYS A 16 65.51 -9.63 -11.92
CA LYS A 16 65.65 -8.82 -10.73
C LYS A 16 66.02 -7.38 -11.02
N ALA A 17 65.06 -6.62 -11.55
CA ALA A 17 65.26 -5.20 -11.79
C ALA A 17 65.48 -4.44 -10.49
N LEU A 18 65.73 -3.13 -10.60
CA LEU A 18 66.11 -2.31 -9.46
C LEU A 18 65.32 -1.01 -9.49
N VAL A 19 64.69 -0.67 -8.37
CA VAL A 19 63.91 0.55 -8.24
C VAL A 19 64.86 1.70 -7.93
N GLU A 20 65.05 2.59 -8.89
CA GLU A 20 65.86 3.79 -8.68
C GLU A 20 64.97 4.99 -8.39
N ARG A 21 64.29 4.94 -7.25
CA ARG A 21 63.53 6.09 -6.80
C ARG A 21 64.48 7.18 -6.33
N PRO A 22 64.46 8.39 -6.91
CA PRO A 22 65.29 9.46 -6.35
C PRO A 22 64.79 9.89 -4.98
N GLY A 23 65.61 9.66 -3.97
CA GLY A 23 65.37 10.20 -2.65
C GLY A 23 65.50 9.20 -1.52
N TYR A 24 65.05 7.97 -1.74
CA TYR A 24 65.12 6.91 -0.74
C TYR A 24 65.95 5.77 -1.29
N ALA A 25 66.19 4.79 -0.44
CA ALA A 25 67.06 3.69 -0.83
C ALA A 25 66.42 2.89 -1.96
N PRO A 26 67.19 2.45 -2.95
CA PRO A 26 66.61 1.62 -4.00
C PRO A 26 66.21 0.26 -3.45
N VAL A 27 65.37 -0.42 -4.22
CA VAL A 27 64.91 -1.75 -3.87
C VAL A 27 64.96 -2.60 -5.14
N HIS A 28 65.41 -3.83 -4.96
CA HIS A 28 65.47 -4.79 -6.04
C HIS A 28 64.08 -5.34 -6.33
N LEU A 29 63.93 -5.83 -7.55
CA LEU A 29 62.81 -6.66 -7.92
C LEU A 29 63.25 -8.12 -7.93
N GLN A 30 62.27 -9.00 -7.99
CA GLN A 30 62.51 -10.37 -8.43
C GLN A 30 61.22 -10.81 -9.12
N ILE A 31 61.16 -10.58 -10.43
CA ILE A 31 59.95 -10.83 -11.18
C ILE A 31 60.16 -12.09 -12.00
N GLN A 32 59.51 -13.16 -11.56
CA GLN A 32 59.58 -14.46 -12.21
C GLN A 32 58.21 -14.76 -12.79
N LEU A 33 58.10 -14.68 -14.12
CA LEU A 33 56.86 -15.00 -14.82
C LEU A 33 56.66 -16.51 -14.83
N VAL A 34 56.23 -17.04 -13.68
CA VAL A 34 56.13 -18.49 -13.47
C VAL A 34 55.26 -19.17 -14.53
N ASN A 35 54.34 -18.43 -15.14
CA ASN A 35 53.49 -19.01 -16.16
C ASN A 35 53.10 -17.94 -17.18
N THR A 36 52.77 -18.42 -18.37
CA THR A 36 52.29 -17.59 -19.48
C THR A 36 51.08 -18.27 -20.12
N ARG A 37 50.11 -18.64 -19.30
CA ARG A 37 48.94 -19.33 -19.83
C ARG A 37 48.03 -18.33 -20.50
N ILE A 38 47.47 -18.73 -21.63
CA ILE A 38 47.02 -17.80 -22.66
C ILE A 38 45.51 -17.68 -22.69
N ILE A 39 44.81 -18.76 -23.00
CA ILE A 39 43.35 -18.81 -22.98
C ILE A 39 42.86 -17.82 -24.03
N PRO A 40 43.01 -18.15 -25.30
CA PRO A 40 42.42 -17.31 -26.33
C PRO A 40 40.91 -17.38 -26.32
N SER A 41 40.31 -16.45 -27.06
CA SER A 41 38.88 -16.47 -27.30
C SER A 41 38.56 -17.55 -28.31
N THR A 42 37.55 -18.36 -28.01
CA THR A 42 37.26 -19.54 -28.79
C THR A 42 35.76 -19.75 -28.88
N ASN A 43 35.37 -20.78 -29.63
CA ASN A 43 33.98 -21.16 -29.79
C ASN A 43 33.90 -22.65 -30.04
N LEU A 44 33.10 -23.34 -29.26
CA LEU A 44 32.84 -24.75 -29.54
C LEU A 44 31.97 -24.84 -30.78
N GLU A 45 32.54 -25.35 -31.86
CA GLU A 45 31.85 -25.38 -33.15
C GLU A 45 31.10 -26.68 -33.33
N TYR A 46 31.77 -27.80 -33.10
CA TYR A 46 31.10 -29.09 -33.10
C TYR A 46 32.03 -30.11 -32.49
N ILE A 47 31.48 -30.95 -31.66
CA ILE A 47 32.16 -32.17 -31.30
C ILE A 47 32.04 -33.12 -32.48
N THR A 48 33.08 -33.90 -32.69
CA THR A 48 32.95 -35.10 -33.49
C THR A 48 33.47 -36.27 -32.69
N CYS A 49 33.25 -37.44 -33.26
CA CYS A 49 33.47 -38.72 -32.61
C CYS A 49 33.17 -39.74 -33.67
N LYS A 50 33.42 -41.00 -33.36
CA LYS A 50 33.07 -42.05 -34.29
C LYS A 50 31.60 -42.37 -34.17
N TYR A 51 30.99 -42.64 -35.31
CA TYR A 51 29.58 -42.97 -35.37
C TYR A 51 29.29 -44.24 -34.60
N LYS A 52 28.02 -44.59 -34.50
CA LYS A 52 27.61 -45.96 -34.27
C LYS A 52 26.36 -46.20 -35.11
N THR A 53 26.47 -47.10 -36.07
CA THR A 53 25.34 -47.47 -36.92
C THR A 53 24.39 -48.31 -36.09
N LYS A 54 23.66 -47.62 -35.21
CA LYS A 54 22.72 -48.28 -34.30
C LYS A 54 21.44 -48.55 -35.08
N VAL A 55 21.49 -49.63 -35.86
CA VAL A 55 20.46 -50.04 -36.80
C VAL A 55 19.13 -50.23 -36.08
N PRO A 56 18.06 -49.54 -36.48
CA PRO A 56 16.74 -50.01 -36.07
C PRO A 56 16.36 -51.27 -36.82
N SER A 57 15.65 -52.11 -36.12
CA SER A 57 15.43 -53.47 -36.58
C SER A 57 14.54 -53.50 -37.82
N PRO A 58 14.98 -54.08 -38.93
CA PRO A 58 14.26 -53.92 -40.18
C PRO A 58 12.87 -54.55 -40.15
N VAL A 59 12.02 -54.02 -41.02
CA VAL A 59 10.71 -54.59 -41.24
C VAL A 59 10.84 -55.71 -42.26
N VAL A 60 9.99 -56.71 -42.09
CA VAL A 60 9.88 -57.81 -43.04
C VAL A 60 8.40 -58.06 -43.26
N LYS A 61 7.86 -57.48 -44.32
CA LYS A 61 6.53 -57.83 -44.77
C LYS A 61 6.62 -59.06 -45.65
N CYS A 62 5.70 -60.00 -45.43
CA CYS A 62 5.86 -61.33 -45.98
C CYS A 62 5.34 -61.44 -47.41
N CYS A 63 4.31 -60.69 -47.78
CA CYS A 63 3.76 -60.78 -49.12
C CYS A 63 3.34 -59.37 -49.55
N GLY A 64 4.27 -58.69 -50.19
CA GLY A 64 4.04 -57.37 -50.76
C GLY A 64 4.95 -56.33 -50.15
N ALA A 65 4.84 -55.12 -50.70
CA ALA A 65 5.82 -54.09 -50.46
C ALA A 65 5.53 -53.33 -49.18
N THR A 66 6.58 -52.74 -48.63
CA THR A 66 6.50 -51.81 -47.50
C THR A 66 7.33 -50.60 -47.89
N GLN A 67 6.67 -49.56 -48.39
CA GLN A 67 7.38 -48.34 -48.75
C GLN A 67 7.98 -47.70 -47.51
N CYS A 68 9.24 -47.30 -47.62
CA CYS A 68 9.92 -46.59 -46.55
C CYS A 68 9.71 -45.10 -46.70
N THR A 69 9.87 -44.39 -45.58
CA THR A 69 9.85 -42.94 -45.56
C THR A 69 11.15 -42.43 -44.95
N SER A 70 11.47 -41.19 -45.28
CA SER A 70 12.72 -40.58 -44.86
C SER A 70 12.53 -39.99 -43.47
N LYS A 71 12.72 -40.83 -42.45
CA LYS A 71 12.59 -40.38 -41.09
C LYS A 71 13.67 -39.33 -40.80
N PRO A 72 13.45 -38.44 -39.83
CA PRO A 72 14.40 -37.34 -39.60
C PRO A 72 15.62 -37.71 -38.78
N HIS A 73 15.91 -38.99 -38.59
CA HIS A 73 17.12 -39.36 -37.87
C HIS A 73 18.34 -38.86 -38.64
N PRO A 74 19.46 -38.61 -37.96
CA PRO A 74 20.65 -38.14 -38.68
C PRO A 74 21.16 -39.21 -39.64
N ASP A 75 21.24 -38.82 -40.91
CA ASP A 75 21.68 -39.71 -41.98
C ASP A 75 20.81 -40.96 -42.01
N TYR A 76 19.50 -40.74 -41.98
CA TYR A 76 18.58 -41.84 -41.93
C TYR A 76 18.56 -42.54 -43.28
N GLN A 77 19.41 -43.55 -43.41
CA GLN A 77 19.45 -44.35 -44.63
C GLN A 77 18.45 -45.48 -44.49
N CYS A 78 17.56 -45.58 -45.47
CA CYS A 78 16.55 -46.61 -45.49
C CYS A 78 16.27 -46.97 -46.94
N GLN A 79 16.22 -48.26 -47.22
CA GLN A 79 15.98 -48.74 -48.57
C GLN A 79 15.14 -50.00 -48.49
N VAL A 80 14.00 -50.00 -49.16
CA VAL A 80 13.17 -51.17 -49.25
C VAL A 80 13.91 -52.23 -50.05
N PHE A 81 13.64 -53.49 -49.73
CA PHE A 81 14.19 -54.60 -50.49
C PHE A 81 13.16 -55.70 -50.58
N THR A 82 13.11 -56.33 -51.75
CA THR A 82 12.27 -57.49 -51.99
C THR A 82 13.16 -58.69 -52.29
N GLY A 83 12.52 -59.78 -52.68
CA GLY A 83 13.24 -60.95 -53.11
C GLY A 83 14.06 -61.56 -52.00
N VAL A 84 13.41 -61.89 -50.89
CA VAL A 84 14.03 -62.54 -49.76
C VAL A 84 13.21 -63.77 -49.39
N TYR A 85 13.67 -64.47 -48.37
CA TYR A 85 13.09 -65.72 -47.92
C TYR A 85 13.71 -65.96 -46.55
N PRO A 86 13.40 -65.10 -45.60
CA PRO A 86 14.29 -64.90 -44.44
C PRO A 86 14.33 -66.06 -43.45
N PHE A 87 15.43 -66.81 -43.48
CA PHE A 87 15.64 -67.87 -42.50
C PHE A 87 15.71 -67.27 -41.10
N MET A 88 14.71 -67.56 -40.28
CA MET A 88 14.66 -67.07 -38.90
C MET A 88 14.15 -68.20 -38.01
N TRP A 89 15.06 -69.07 -37.59
CA TRP A 89 14.84 -70.03 -36.51
C TRP A 89 13.92 -71.21 -36.86
N GLY A 90 13.25 -71.15 -38.00
CA GLY A 90 12.37 -72.21 -38.42
C GLY A 90 12.51 -72.43 -39.91
N GLY A 91 13.72 -72.21 -40.41
CA GLY A 91 13.87 -71.93 -41.82
C GLY A 91 13.27 -70.57 -42.08
N ALA A 92 12.83 -70.35 -43.31
CA ALA A 92 12.11 -69.12 -43.60
C ALA A 92 10.80 -69.11 -42.82
N TYR A 93 10.13 -67.95 -42.84
CA TYR A 93 8.83 -67.85 -42.18
C TYR A 93 7.78 -67.17 -43.06
N CYS A 94 8.20 -66.29 -43.95
CA CYS A 94 7.25 -65.68 -44.88
C CYS A 94 7.00 -66.63 -46.04
N PHE A 95 5.72 -66.94 -46.28
CA PHE A 95 5.38 -68.05 -47.16
C PHE A 95 5.49 -67.70 -48.64
N CYS A 96 5.43 -66.43 -49.01
CA CYS A 96 5.71 -66.05 -50.37
C CYS A 96 7.19 -66.27 -50.66
N ASP A 97 7.62 -65.97 -51.89
CA ASP A 97 8.99 -66.20 -52.32
C ASP A 97 9.65 -65.02 -53.04
N THR A 98 8.87 -64.11 -53.61
CA THR A 98 9.39 -62.86 -54.14
C THR A 98 8.70 -61.66 -53.54
N GLU A 99 7.43 -61.80 -53.20
CA GLU A 99 6.69 -60.78 -52.47
C GLU A 99 7.18 -60.65 -51.04
N ASN A 100 8.00 -61.58 -50.57
CA ASN A 100 8.74 -61.40 -49.33
C ASN A 100 9.53 -60.11 -49.41
N THR A 101 9.17 -59.15 -48.58
CA THR A 101 9.75 -57.82 -48.59
C THR A 101 10.52 -57.59 -47.29
N GLN A 102 11.61 -56.85 -47.42
CA GLN A 102 12.49 -56.54 -46.30
C GLN A 102 12.87 -55.07 -46.44
N MET A 103 12.55 -54.28 -45.42
CA MET A 103 12.84 -52.86 -45.40
C MET A 103 13.92 -52.63 -44.37
N SER A 104 15.13 -52.33 -44.84
CA SER A 104 16.24 -52.04 -43.97
C SER A 104 16.31 -50.54 -43.74
N GLU A 105 16.57 -50.16 -42.50
CA GLU A 105 16.73 -48.77 -42.12
C GLU A 105 17.86 -48.66 -41.13
N ALA A 106 18.69 -47.64 -41.30
CA ALA A 106 19.80 -47.41 -40.40
C ALA A 106 20.11 -45.92 -40.38
N TYR A 107 20.28 -45.38 -39.18
CA TYR A 107 20.69 -44.00 -39.00
C TYR A 107 21.96 -43.95 -38.19
N VAL A 108 22.61 -42.83 -38.27
CA VAL A 108 23.85 -42.58 -37.57
C VAL A 108 23.51 -41.99 -36.21
N GLU A 109 24.31 -42.36 -35.22
CA GLU A 109 24.13 -41.85 -33.87
C GLU A 109 25.48 -41.71 -33.21
N ARG A 110 25.58 -40.73 -32.31
CA ARG A 110 26.76 -40.55 -31.50
C ARG A 110 27.06 -41.83 -30.73
N SER A 111 28.33 -42.21 -30.71
CA SER A 111 28.75 -43.29 -29.86
C SER A 111 28.56 -42.91 -28.40
N GLU A 112 28.65 -43.91 -27.54
CA GLU A 112 28.75 -43.62 -26.11
C GLU A 112 30.09 -42.98 -25.80
N GLU A 113 31.11 -43.28 -26.61
CA GLU A 113 32.40 -42.64 -26.47
C GLU A 113 32.37 -41.18 -26.89
N CYS A 114 31.38 -40.79 -27.69
CA CYS A 114 31.27 -39.41 -28.13
C CYS A 114 31.20 -38.46 -26.95
N SER A 115 30.59 -38.90 -25.86
CA SER A 115 30.49 -38.06 -24.67
C SER A 115 31.86 -37.76 -24.09
N ILE A 116 32.79 -38.71 -24.22
CA ILE A 116 33.98 -38.74 -23.40
C ILE A 116 35.25 -38.76 -24.23
N ASP A 117 35.28 -39.59 -25.26
CA ASP A 117 36.42 -39.72 -26.17
C ASP A 117 35.96 -39.12 -27.48
N HIS A 118 36.35 -37.86 -27.70
CA HIS A 118 35.77 -37.10 -28.79
C HIS A 118 36.73 -35.99 -29.17
N ALA A 119 36.95 -35.85 -30.47
CA ALA A 119 37.63 -34.67 -30.93
C ALA A 119 36.70 -33.47 -30.77
N LYS A 120 37.26 -32.29 -30.94
CA LYS A 120 36.52 -31.09 -30.60
C LYS A 120 37.11 -29.93 -31.40
N ALA A 121 36.32 -29.40 -32.32
CA ALA A 121 36.78 -28.30 -33.16
C ALA A 121 36.58 -26.98 -32.43
N TYR A 122 37.23 -25.95 -32.97
CA TYR A 122 37.09 -24.62 -32.43
C TYR A 122 37.45 -23.60 -33.50
N LYS A 123 36.74 -22.48 -33.50
CA LYS A 123 37.21 -21.26 -34.15
C LYS A 123 37.88 -20.44 -33.07
N VAL A 124 39.18 -20.21 -33.22
CA VAL A 124 40.02 -19.67 -32.16
C VAL A 124 40.45 -18.26 -32.53
N HIS A 125 40.08 -17.32 -31.69
CA HIS A 125 40.51 -15.96 -31.73
C HIS A 125 41.66 -15.76 -30.73
N THR A 126 41.98 -14.50 -30.39
CA THR A 126 43.23 -14.23 -29.69
C THR A 126 43.13 -14.24 -28.17
N GLY A 127 42.06 -13.69 -27.59
CA GLY A 127 41.90 -13.62 -26.14
C GLY A 127 43.02 -12.88 -25.42
N THR A 128 43.33 -13.33 -24.21
CA THR A 128 44.06 -12.52 -23.24
C THR A 128 44.91 -13.40 -22.34
N VAL A 129 46.23 -13.15 -22.27
CA VAL A 129 47.16 -14.06 -21.62
C VAL A 129 47.33 -13.70 -20.15
N GLN A 130 47.77 -14.69 -19.35
CA GLN A 130 47.78 -14.63 -17.89
C GLN A 130 49.11 -15.16 -17.34
N ALA A 131 49.25 -15.12 -16.01
CA ALA A 131 50.48 -15.52 -15.33
C ALA A 131 50.29 -15.52 -13.82
N MET A 132 50.90 -16.48 -13.11
CA MET A 132 50.89 -16.52 -11.63
C MET A 132 52.12 -15.86 -11.05
N VAL A 133 52.40 -14.63 -11.46
CA VAL A 133 53.70 -13.99 -11.22
C VAL A 133 54.06 -14.05 -9.75
N ASN A 134 55.15 -14.75 -9.42
CA ASN A 134 55.75 -14.58 -8.11
C ASN A 134 56.64 -13.36 -8.16
N ILE A 135 56.52 -12.55 -7.12
CA ILE A 135 57.59 -11.64 -6.76
C ILE A 135 57.87 -11.86 -5.28
N THR A 136 59.09 -12.33 -4.99
CA THR A 136 59.60 -12.32 -3.63
C THR A 136 60.27 -10.96 -3.42
N TYR A 137 59.42 -9.96 -3.29
CA TYR A 137 59.84 -8.57 -3.44
C TYR A 137 60.68 -8.09 -2.27
N GLY A 138 61.73 -7.32 -2.60
CA GLY A 138 62.40 -6.43 -1.68
C GLY A 138 62.75 -7.05 -0.34
N SER A 139 62.06 -6.58 0.69
CA SER A 139 61.96 -7.27 1.95
C SER A 139 60.58 -7.87 2.19
N VAL A 140 59.61 -7.60 1.31
CA VAL A 140 58.31 -8.24 1.40
C VAL A 140 58.48 -9.75 1.30
N SER A 141 59.31 -10.19 0.35
CA SER A 141 59.75 -11.57 0.18
C SER A 141 58.67 -12.48 -0.38
N TRP A 142 57.47 -11.99 -0.66
CA TRP A 142 56.46 -12.88 -1.22
C TRP A 142 55.22 -12.21 -1.79
N ARG A 143 54.85 -12.64 -3.00
CA ARG A 143 53.49 -12.58 -3.49
C ARG A 143 53.46 -13.51 -4.69
N SER A 144 52.50 -14.42 -4.75
CA SER A 144 52.34 -15.30 -5.90
C SER A 144 50.91 -15.12 -6.41
N ALA A 145 50.76 -14.18 -7.34
CA ALA A 145 49.46 -13.70 -7.76
C ALA A 145 49.22 -13.98 -9.24
N ASP A 146 47.95 -14.22 -9.55
CA ASP A 146 47.51 -14.41 -10.93
C ASP A 146 47.15 -13.07 -11.51
N VAL A 147 47.68 -12.78 -12.71
CA VAL A 147 47.56 -11.47 -13.31
C VAL A 147 47.11 -11.63 -14.75
N TYR A 148 47.04 -10.49 -15.44
CA TYR A 148 46.72 -10.40 -16.85
C TYR A 148 47.89 -9.74 -17.58
N VAL A 149 47.64 -9.44 -18.86
CA VAL A 149 48.61 -8.85 -19.75
C VAL A 149 48.17 -7.51 -20.27
N ASN A 150 46.89 -7.23 -20.26
CA ASN A 150 46.37 -6.02 -20.86
C ASN A 150 46.84 -4.81 -20.05
N GLY A 151 47.45 -3.85 -20.74
CA GLY A 151 48.27 -2.87 -20.07
C GLY A 151 47.55 -1.78 -19.33
N GLU A 152 46.47 -2.14 -18.62
CA GLU A 152 45.96 -1.27 -17.57
C GLU A 152 45.43 -2.07 -16.38
N THR A 153 45.62 -3.38 -16.35
CA THR A 153 45.10 -4.20 -15.27
C THR A 153 46.10 -4.23 -14.13
N PRO A 154 45.75 -3.75 -12.93
CA PRO A 154 46.52 -4.09 -11.74
C PRO A 154 46.08 -5.42 -11.14
N ALA A 155 46.87 -5.88 -10.18
CA ALA A 155 46.47 -7.00 -9.33
C ALA A 155 47.09 -6.77 -7.96
N LYS A 156 46.32 -6.14 -7.08
CA LYS A 156 46.78 -5.81 -5.73
C LYS A 156 46.64 -7.04 -4.84
N ILE A 157 47.52 -8.00 -5.08
CA ILE A 157 47.64 -9.21 -4.28
C ILE A 157 49.04 -9.17 -3.68
N GLY A 158 49.11 -9.15 -2.36
CA GLY A 158 50.33 -8.81 -1.66
C GLY A 158 50.21 -7.40 -1.14
N ASP A 159 51.11 -6.53 -1.58
CA ASP A 159 51.01 -5.09 -1.35
C ASP A 159 51.27 -4.26 -2.58
N ALA A 160 51.88 -4.81 -3.61
CA ALA A 160 52.28 -4.04 -4.77
C ALA A 160 51.21 -4.09 -5.85
N LYS A 161 51.11 -2.98 -6.57
CA LYS A 161 50.21 -2.85 -7.70
C LYS A 161 51.05 -2.90 -8.97
N LEU A 162 50.68 -3.80 -9.88
CA LEU A 162 51.53 -4.15 -11.00
C LEU A 162 50.72 -4.21 -12.28
N ILE A 163 51.22 -3.56 -13.32
CA ILE A 163 50.55 -3.50 -14.61
C ILE A 163 51.49 -4.12 -15.63
N ILE A 164 50.93 -4.97 -16.46
CA ILE A 164 51.68 -5.87 -17.31
C ILE A 164 51.21 -5.64 -18.74
N GLY A 165 52.16 -5.75 -19.66
CA GLY A 165 51.85 -5.79 -21.07
C GLY A 165 51.13 -4.54 -21.55
N PRO A 166 50.47 -4.61 -22.71
CA PRO A 166 50.31 -5.76 -23.59
C PRO A 166 51.60 -6.19 -24.24
N LEU A 167 51.80 -7.49 -24.33
CA LEU A 167 53.00 -8.01 -24.96
C LEU A 167 53.00 -7.68 -26.44
N SER A 168 54.19 -7.57 -27.00
CA SER A 168 54.35 -7.28 -28.42
C SER A 168 54.31 -8.52 -29.28
N SER A 169 54.44 -9.70 -28.68
CA SER A 169 54.65 -10.94 -29.43
C SER A 169 53.32 -11.68 -29.54
N ALA A 170 52.50 -11.21 -30.48
CA ALA A 170 51.13 -11.66 -30.58
C ALA A 170 50.97 -13.01 -31.27
N TRP A 171 52.03 -13.80 -31.38
CA TRP A 171 51.90 -15.12 -31.98
C TRP A 171 51.05 -15.98 -31.08
N SER A 172 49.79 -16.13 -31.42
CA SER A 172 48.99 -17.16 -30.82
C SER A 172 49.42 -18.48 -31.46
N PRO A 173 50.04 -19.40 -30.72
CA PRO A 173 50.44 -20.65 -31.36
C PRO A 173 49.27 -21.44 -31.89
N PHE A 174 48.10 -21.30 -31.27
CA PHE A 174 46.88 -21.78 -31.90
C PHE A 174 46.69 -21.07 -33.24
N ASP A 175 46.29 -21.84 -34.24
CA ASP A 175 45.82 -21.26 -35.48
C ASP A 175 44.39 -20.79 -35.30
N ASN A 176 43.79 -20.28 -36.38
CA ASN A 176 42.40 -19.88 -36.32
C ASN A 176 41.51 -21.08 -36.05
N LYS A 177 41.67 -22.14 -36.82
CA LYS A 177 40.89 -23.36 -36.68
C LYS A 177 41.71 -24.40 -35.95
N VAL A 178 41.11 -25.03 -34.96
CA VAL A 178 41.78 -25.98 -34.09
C VAL A 178 40.86 -27.15 -33.83
N VAL A 179 41.44 -28.34 -33.80
CA VAL A 179 40.78 -29.52 -33.26
C VAL A 179 41.49 -29.87 -31.97
N VAL A 180 40.73 -30.45 -31.06
CA VAL A 180 41.18 -30.75 -29.72
C VAL A 180 40.73 -32.14 -29.36
N TYR A 181 41.60 -32.89 -28.67
CA TYR A 181 41.33 -34.28 -28.37
C TYR A 181 41.98 -34.63 -27.03
N GLY A 182 41.18 -34.56 -25.97
CA GLY A 182 41.57 -35.12 -24.70
C GLY A 182 42.66 -34.30 -24.03
N HIS A 183 43.87 -34.38 -24.58
CA HIS A 183 44.93 -33.44 -24.27
C HIS A 183 45.73 -33.02 -25.49
N GLU A 184 45.75 -33.80 -26.54
CA GLU A 184 46.52 -33.48 -27.73
C GLU A 184 45.72 -32.51 -28.58
N VAL A 185 46.27 -31.33 -28.79
CA VAL A 185 45.60 -30.24 -29.48
C VAL A 185 46.20 -30.11 -30.86
N TYR A 186 45.34 -30.04 -31.86
CA TYR A 186 45.74 -30.06 -33.27
C TYR A 186 45.21 -28.80 -33.92
N ASN A 187 46.13 -27.99 -34.46
CA ASN A 187 45.79 -26.75 -35.13
C ASN A 187 45.34 -27.05 -36.55
N TYR A 188 44.27 -27.81 -36.64
CA TYR A 188 43.83 -28.43 -37.87
C TYR A 188 42.73 -27.61 -38.52
N ASP A 189 42.81 -27.50 -39.84
CA ASP A 189 41.75 -26.90 -40.63
C ASP A 189 40.62 -27.91 -40.73
N PHE A 190 39.89 -28.05 -39.64
CA PHE A 190 38.71 -28.90 -39.68
C PHE A 190 37.76 -28.37 -40.74
N PRO A 191 37.08 -29.25 -41.50
CA PRO A 191 36.32 -28.75 -42.65
C PRO A 191 35.26 -27.75 -42.25
N GLU A 192 34.25 -28.21 -41.50
CA GLU A 192 33.27 -27.37 -40.83
C GLU A 192 32.23 -28.29 -40.21
N TYR A 193 31.41 -27.78 -39.30
CA TYR A 193 30.13 -28.40 -39.03
C TYR A 193 29.34 -28.50 -40.32
N GLY A 194 28.58 -29.57 -40.46
CA GLY A 194 27.60 -29.64 -41.51
C GLY A 194 28.10 -30.11 -42.85
N THR A 195 29.39 -30.39 -43.01
CA THR A 195 29.98 -30.63 -44.32
C THR A 195 30.88 -31.85 -44.44
N GLY A 196 31.45 -32.33 -43.34
CA GLY A 196 32.61 -33.20 -43.41
C GLY A 196 32.45 -34.45 -44.23
N LYS A 197 33.32 -34.62 -45.23
CA LYS A 197 33.19 -35.76 -46.13
C LYS A 197 33.36 -37.06 -45.36
N ALA A 198 32.59 -38.07 -45.76
CA ALA A 198 32.60 -39.33 -45.07
C ALA A 198 33.97 -39.98 -45.17
N GLY A 199 34.40 -40.55 -44.07
CA GLY A 199 35.74 -41.07 -43.93
C GLY A 199 36.70 -40.00 -43.47
N SER A 200 36.60 -38.82 -44.07
CA SER A 200 37.42 -37.72 -43.62
C SER A 200 37.01 -37.30 -42.22
N PHE A 201 37.87 -36.50 -41.61
CA PHE A 201 37.59 -36.00 -40.27
C PHE A 201 36.26 -35.28 -40.24
N GLY A 202 35.53 -35.49 -39.15
CA GLY A 202 34.22 -34.89 -39.04
C GLY A 202 33.19 -35.51 -39.93
N ASP A 203 33.20 -36.84 -40.07
CA ASP A 203 32.08 -37.48 -40.73
C ASP A 203 30.82 -37.34 -39.88
N LEU A 204 30.97 -37.53 -38.57
CA LEU A 204 29.95 -37.14 -37.60
C LEU A 204 30.32 -35.76 -37.11
N GLN A 205 29.32 -34.89 -37.02
CA GLN A 205 29.52 -33.52 -36.58
C GLN A 205 28.31 -33.13 -35.75
N SER A 206 28.46 -33.25 -34.45
CA SER A 206 27.45 -32.81 -33.49
C SER A 206 27.93 -31.52 -32.84
N ARG A 207 27.00 -30.58 -32.70
CA ARG A 207 27.30 -29.31 -32.07
C ARG A 207 27.93 -29.52 -30.70
N THR A 208 27.25 -30.29 -29.86
CA THR A 208 27.79 -30.71 -28.59
C THR A 208 27.40 -32.16 -28.37
N SER A 209 27.62 -32.64 -27.16
CA SER A 209 27.29 -34.02 -26.84
C SER A 209 25.80 -34.20 -26.67
N THR A 210 25.15 -33.22 -26.04
CA THR A 210 23.72 -33.27 -25.84
C THR A 210 22.96 -33.14 -27.15
N SER A 211 23.54 -32.46 -28.13
CA SER A 211 22.80 -32.08 -29.34
C SER A 211 22.33 -33.31 -30.10
N ASN A 212 21.02 -33.53 -30.09
CA ASN A 212 20.46 -34.69 -30.79
C ASN A 212 20.64 -34.55 -32.29
N ASP A 213 20.57 -33.33 -32.81
CA ASP A 213 20.84 -33.10 -34.21
C ASP A 213 22.33 -33.11 -34.47
N LEU A 214 22.70 -33.44 -35.70
CA LEU A 214 24.09 -33.48 -36.10
C LEU A 214 24.17 -33.48 -37.62
N TYR A 215 25.37 -33.70 -38.13
CA TYR A 215 25.61 -33.92 -39.54
C TYR A 215 26.44 -35.19 -39.68
N ALA A 216 25.86 -36.19 -40.33
CA ALA A 216 26.48 -37.49 -40.50
C ALA A 216 26.58 -37.80 -41.98
N ASN A 217 27.61 -37.27 -42.63
CA ASN A 217 28.02 -37.76 -43.93
C ASN A 217 28.96 -38.91 -43.64
N THR A 218 28.40 -40.11 -43.61
CA THR A 218 29.16 -41.35 -43.49
C THR A 218 29.10 -42.20 -44.74
N ASN A 219 28.35 -41.77 -45.76
CA ASN A 219 28.16 -42.58 -46.95
C ASN A 219 27.55 -43.93 -46.59
N LEU A 220 26.69 -43.91 -45.58
CA LEU A 220 26.00 -45.12 -45.15
C LEU A 220 25.09 -45.59 -46.27
N LYS A 221 25.38 -46.78 -46.80
CA LYS A 221 24.61 -47.35 -47.90
C LYS A 221 24.23 -48.77 -47.50
N LEU A 222 22.94 -48.98 -47.29
CA LEU A 222 22.45 -50.30 -46.99
C LEU A 222 22.43 -51.15 -48.24
N GLN A 223 22.73 -52.44 -48.08
CA GLN A 223 22.63 -53.42 -49.14
C GLN A 223 21.68 -54.51 -48.72
N ARG A 224 21.17 -55.25 -49.69
CA ARG A 224 20.16 -56.23 -49.39
C ARG A 224 20.79 -57.40 -48.65
N PRO A 225 20.10 -57.97 -47.66
CA PRO A 225 20.66 -59.16 -47.02
C PRO A 225 20.65 -60.33 -47.97
N GLN A 226 21.56 -61.26 -47.69
CA GLN A 226 21.88 -62.34 -48.62
C GLN A 226 21.00 -63.55 -48.40
N ALA A 227 20.64 -64.20 -49.51
CA ALA A 227 20.15 -65.58 -49.57
C ALA A 227 19.05 -65.86 -48.55
N GLY A 228 18.10 -64.92 -48.42
CA GLY A 228 16.96 -65.13 -47.57
C GLY A 228 17.34 -65.35 -46.13
N ILE A 229 18.09 -64.41 -45.54
CA ILE A 229 18.40 -64.44 -44.12
C ILE A 229 18.22 -63.03 -43.56
N VAL A 230 17.78 -62.97 -42.31
CA VAL A 230 17.58 -61.71 -41.61
C VAL A 230 18.94 -61.17 -41.21
N HIS A 231 19.30 -60.03 -41.77
CA HIS A 231 20.36 -59.18 -41.24
C HIS A 231 20.32 -57.89 -42.04
N THR A 232 21.26 -56.99 -41.73
CA THR A 232 21.26 -55.64 -42.26
C THR A 232 22.65 -55.31 -42.75
N PRO A 233 22.93 -55.52 -44.02
CA PRO A 233 24.17 -54.98 -44.57
C PRO A 233 24.17 -53.48 -44.47
N PHE A 234 25.03 -52.94 -43.62
CA PHE A 234 25.31 -51.51 -43.61
C PHE A 234 26.74 -51.36 -44.09
N THR A 235 26.88 -50.72 -45.24
CA THR A 235 28.18 -50.48 -45.86
C THR A 235 28.52 -49.03 -45.61
N GLN A 236 29.63 -48.81 -44.94
CA GLN A 236 29.89 -47.52 -44.34
C GLN A 236 31.38 -47.33 -44.19
N ALA A 237 31.79 -46.09 -44.28
CA ALA A 237 33.15 -45.72 -43.97
C ALA A 237 33.34 -45.78 -42.46
N PRO A 238 34.30 -46.54 -41.93
CA PRO A 238 34.69 -46.30 -40.54
C PRO A 238 35.13 -44.87 -40.37
N SER A 239 35.00 -44.36 -39.15
CA SER A 239 34.91 -42.93 -39.00
C SER A 239 36.22 -42.23 -39.30
N GLY A 240 36.07 -40.96 -39.70
CA GLY A 240 37.15 -40.02 -39.65
C GLY A 240 37.55 -39.60 -38.25
N PHE A 241 36.90 -40.15 -37.24
CA PHE A 241 37.41 -40.16 -35.88
C PHE A 241 38.20 -41.42 -35.57
N GLU A 242 37.98 -42.49 -36.33
CA GLU A 242 38.80 -43.69 -36.18
C GLU A 242 40.20 -43.43 -36.73
N ARG A 243 40.30 -43.16 -38.02
CA ARG A 243 41.42 -42.37 -38.48
C ARG A 243 41.26 -40.99 -37.90
N TRP A 244 42.35 -40.24 -37.85
CA TRP A 244 42.57 -39.08 -36.99
C TRP A 244 43.01 -39.53 -35.60
N LYS A 245 43.03 -40.84 -35.32
CA LYS A 245 43.68 -41.38 -34.15
C LYS A 245 44.86 -42.27 -34.49
N ARG A 246 45.03 -42.68 -35.74
CA ARG A 246 46.20 -43.44 -36.15
C ARG A 246 46.74 -43.08 -37.53
N ASP A 247 46.16 -42.10 -38.22
CA ASP A 247 46.77 -41.50 -39.40
C ASP A 247 46.70 -39.98 -39.29
N LYS A 248 46.80 -39.50 -38.06
CA LYS A 248 46.61 -38.10 -37.72
C LYS A 248 47.86 -37.29 -38.02
N GLY A 249 47.86 -36.06 -37.49
CA GLY A 249 49.04 -35.25 -37.38
C GLY A 249 49.47 -35.10 -35.92
N ALA A 250 50.61 -34.50 -35.74
CA ALA A 250 51.22 -34.45 -34.42
C ALA A 250 50.67 -33.28 -33.61
N PRO A 251 50.80 -33.31 -32.29
CA PRO A 251 50.19 -32.26 -31.48
C PRO A 251 50.99 -31.00 -31.31
N LEU A 252 50.24 -29.93 -31.13
CA LEU A 252 50.79 -28.61 -31.03
C LEU A 252 51.69 -28.46 -29.82
N ASN A 253 51.47 -29.26 -28.78
CA ASN A 253 52.45 -29.36 -27.71
C ASN A 253 53.64 -30.22 -28.09
N ASP A 254 53.72 -30.66 -29.35
CA ASP A 254 54.89 -31.30 -29.91
C ASP A 254 55.31 -30.72 -31.25
N VAL A 255 54.59 -29.73 -31.80
CA VAL A 255 55.00 -29.09 -33.06
C VAL A 255 54.91 -27.58 -33.04
N ALA A 256 54.46 -26.99 -31.94
CA ALA A 256 54.30 -25.54 -31.92
C ALA A 256 55.65 -24.85 -32.10
N PRO A 257 55.64 -23.57 -32.48
CA PRO A 257 56.84 -22.75 -32.29
C PRO A 257 56.88 -21.99 -30.97
N PHE A 258 57.99 -21.28 -30.79
CA PHE A 258 58.28 -20.33 -29.71
C PHE A 258 57.84 -20.79 -28.32
N GLY A 259 57.91 -22.09 -28.08
CA GLY A 259 57.98 -22.65 -26.76
C GLY A 259 56.78 -22.67 -25.84
N CYS A 260 55.79 -23.50 -26.16
CA CYS A 260 54.50 -23.51 -25.52
C CYS A 260 54.19 -24.93 -25.05
N SER A 261 53.33 -25.01 -24.05
CA SER A 261 52.73 -26.25 -23.60
C SER A 261 51.23 -26.02 -23.53
N ILE A 262 50.48 -27.11 -23.45
CA ILE A 262 49.05 -27.11 -23.77
C ILE A 262 48.29 -27.89 -22.71
N ALA A 263 46.98 -27.59 -22.59
CA ALA A 263 46.10 -28.35 -21.72
C ALA A 263 44.66 -28.33 -22.24
N LEU A 264 43.95 -29.45 -22.03
CA LEU A 264 42.49 -29.49 -22.15
C LEU A 264 41.93 -29.16 -20.77
N GLU A 265 41.77 -27.89 -20.56
CA GLU A 265 41.65 -27.16 -19.32
C GLU A 265 41.18 -25.87 -19.98
N PRO A 266 41.25 -24.67 -19.41
CA PRO A 266 40.74 -23.49 -20.15
C PRO A 266 41.29 -23.22 -21.57
N LEU A 267 42.06 -24.13 -22.17
CA LEU A 267 42.57 -24.06 -23.54
C LEU A 267 43.70 -23.07 -23.60
N ARG A 268 44.47 -23.07 -22.53
CA ARG A 268 45.64 -22.25 -22.46
C ARG A 268 46.76 -22.86 -23.27
N ALA A 269 47.76 -22.04 -23.53
CA ALA A 269 49.00 -22.49 -24.14
C ALA A 269 50.11 -21.94 -23.24
N GLU A 270 50.52 -22.74 -22.25
CA GLU A 270 51.37 -22.25 -21.20
C GLU A 270 52.74 -21.84 -21.72
N ASN A 271 53.33 -20.88 -21.02
CA ASN A 271 54.78 -20.72 -20.94
C ASN A 271 55.40 -20.37 -22.29
N CYS A 272 54.64 -19.68 -23.13
CA CYS A 272 55.09 -19.32 -24.47
C CYS A 272 56.13 -18.21 -24.35
N ALA A 273 57.39 -18.61 -24.39
CA ALA A 273 58.51 -17.69 -24.26
C ALA A 273 58.76 -17.01 -25.59
N VAL A 274 58.28 -15.79 -25.75
CA VAL A 274 58.57 -15.03 -26.95
C VAL A 274 58.34 -13.55 -26.72
N GLY A 275 59.29 -12.74 -27.15
CA GLY A 275 59.18 -11.32 -27.09
C GLY A 275 59.30 -10.77 -25.68
N SER A 276 58.84 -9.53 -25.54
CA SER A 276 58.97 -8.77 -24.31
C SER A 276 57.61 -8.30 -23.84
N ILE A 277 57.57 -7.86 -22.59
CA ILE A 277 56.35 -7.40 -21.95
C ILE A 277 56.66 -6.08 -21.24
N PRO A 278 56.02 -4.97 -21.59
CA PRO A 278 56.27 -3.70 -20.89
C PRO A 278 55.61 -3.60 -19.54
N ILE A 279 56.30 -4.00 -18.50
CA ILE A 279 55.72 -4.16 -17.17
C ILE A 279 56.09 -2.98 -16.31
N SER A 280 55.14 -2.58 -15.47
CA SER A 280 55.25 -1.38 -14.65
C SER A 280 54.56 -1.64 -13.33
N ILE A 281 55.21 -1.27 -12.23
CA ILE A 281 54.72 -1.56 -10.90
C ILE A 281 54.68 -0.27 -10.09
N ASP A 282 53.68 -0.19 -9.22
CA ASP A 282 53.60 0.83 -8.18
C ASP A 282 53.83 0.13 -6.85
N ILE A 283 55.04 0.28 -6.32
CA ILE A 283 55.47 -0.34 -5.07
C ILE A 283 54.75 0.36 -3.92
N PRO A 284 54.54 -0.29 -2.78
CA PRO A 284 54.14 0.46 -1.59
C PRO A 284 55.32 1.25 -1.04
N ASP A 285 55.12 2.56 -0.91
CA ASP A 285 56.19 3.43 -0.42
C ASP A 285 56.63 3.03 0.98
N ALA A 286 55.76 2.41 1.76
CA ALA A 286 56.15 1.90 3.06
C ALA A 286 57.26 0.88 2.96
N ALA A 287 57.24 0.07 1.89
CA ALA A 287 58.28 -0.93 1.72
C ALA A 287 59.64 -0.31 1.43
N PHE A 288 59.68 0.92 0.94
CA PHE A 288 60.95 1.58 0.74
C PHE A 288 61.66 1.80 2.07
N THR A 289 62.97 1.75 2.02
CA THR A 289 63.83 2.24 3.07
C THR A 289 64.38 3.58 2.63
N ARG A 290 64.37 4.54 3.55
CA ARG A 290 64.91 5.84 3.22
C ARG A 290 66.42 5.73 3.01
N ILE A 291 66.95 6.68 2.24
CA ILE A 291 68.31 6.54 1.74
C ILE A 291 69.33 6.67 2.87
N SER A 292 68.98 7.38 3.93
CA SER A 292 69.94 7.69 4.98
C SER A 292 70.11 6.57 5.99
N GLU A 293 69.62 5.36 5.69
CA GLU A 293 69.66 4.24 6.60
C GLU A 293 70.39 3.04 6.03
N THR A 294 70.50 2.94 4.72
CA THR A 294 71.33 1.91 4.12
C THR A 294 72.78 2.39 4.07
N PRO A 295 73.76 1.50 4.23
CA PRO A 295 75.15 1.94 4.16
C PRO A 295 75.49 2.43 2.75
N THR A 296 76.23 3.53 2.71
CA THR A 296 76.85 3.98 1.47
C THR A 296 78.14 3.19 1.25
N VAL A 297 78.28 2.64 0.06
CA VAL A 297 79.23 1.56 -0.21
C VAL A 297 80.40 2.01 -1.06
N SER A 298 80.41 3.26 -1.52
CA SER A 298 81.40 3.73 -2.48
C SER A 298 82.82 3.65 -1.93
N ASP A 299 83.79 3.99 -2.78
CA ASP A 299 85.21 3.74 -2.52
C ASP A 299 85.47 2.24 -2.36
N LEU A 300 84.81 1.46 -3.22
CA LEU A 300 84.87 0.01 -3.22
C LEU A 300 85.79 -0.46 -4.33
N GLU A 301 85.78 -1.77 -4.58
CA GLU A 301 86.40 -2.34 -5.76
C GLU A 301 85.71 -3.66 -6.08
N CYS A 302 85.56 -3.95 -7.37
CA CYS A 302 84.97 -5.19 -7.85
C CYS A 302 85.91 -5.89 -8.81
N LYS A 303 85.92 -7.22 -8.76
CA LYS A 303 86.64 -7.99 -9.74
C LYS A 303 86.09 -9.40 -9.77
N ILE A 304 86.00 -9.96 -10.98
CA ILE A 304 85.76 -11.37 -11.11
C ILE A 304 86.91 -12.13 -10.47
N THR A 305 86.65 -13.37 -10.16
CA THR A 305 87.68 -14.30 -9.70
C THR A 305 87.66 -15.60 -10.48
N GLU A 306 86.48 -16.09 -10.85
CA GLU A 306 86.35 -17.22 -11.75
C GLU A 306 85.06 -17.00 -12.53
N CYS A 307 85.15 -16.31 -13.65
CA CYS A 307 83.98 -16.05 -14.47
C CYS A 307 83.76 -17.22 -15.41
N THR A 308 82.55 -17.74 -15.39
CA THR A 308 82.15 -18.86 -16.21
C THR A 308 81.25 -18.33 -17.32
N TYR A 309 81.69 -18.51 -18.56
CA TYR A 309 81.09 -17.91 -19.75
C TYR A 309 79.86 -18.72 -20.16
N ALA A 310 78.82 -18.63 -19.33
CA ALA A 310 77.84 -19.71 -19.29
C ALA A 310 76.46 -19.23 -18.87
N SER A 311 75.57 -20.20 -18.63
CA SER A 311 74.16 -20.04 -18.37
C SER A 311 73.86 -20.12 -16.88
N ASP A 312 74.19 -21.26 -16.28
CA ASP A 312 74.12 -21.38 -14.84
C ASP A 312 74.97 -20.30 -14.21
N PHE A 313 74.62 -19.91 -12.99
CA PHE A 313 75.29 -18.79 -12.36
C PHE A 313 76.70 -19.19 -11.98
N GLY A 314 77.57 -19.34 -12.96
CA GLY A 314 78.94 -19.75 -12.71
C GLY A 314 79.85 -18.57 -12.54
N GLY A 315 79.46 -17.42 -13.05
CA GLY A 315 80.28 -16.23 -12.89
C GLY A 315 80.26 -15.75 -11.46
N ILE A 316 81.43 -15.45 -10.92
CA ILE A 316 81.58 -14.94 -9.57
C ILE A 316 82.48 -13.73 -9.57
N ALA A 317 82.37 -12.94 -8.52
CA ALA A 317 83.21 -11.75 -8.39
C ALA A 317 83.19 -11.29 -6.96
N THR A 318 84.37 -11.24 -6.34
CA THR A 318 84.49 -10.55 -5.08
C THR A 318 84.29 -9.07 -5.29
N VAL A 319 83.88 -8.40 -4.22
CA VAL A 319 83.71 -6.95 -4.24
C VAL A 319 84.27 -6.42 -2.94
N ALA A 320 85.27 -5.55 -3.03
CA ALA A 320 85.86 -4.92 -1.87
C ALA A 320 84.88 -3.86 -1.37
N TYR A 321 83.89 -4.31 -0.60
CA TYR A 321 82.88 -3.40 -0.11
C TYR A 321 83.49 -2.41 0.86
N LYS A 322 83.14 -1.14 0.67
CA LYS A 322 83.63 -0.04 1.49
C LYS A 322 82.41 0.70 1.99
N SER A 323 81.85 0.22 3.10
CA SER A 323 80.58 0.71 3.59
C SER A 323 80.78 1.86 4.57
N SER A 324 79.67 2.47 4.95
CA SER A 324 79.61 3.48 5.98
C SER A 324 78.92 2.95 7.23
N LYS A 325 77.70 2.49 7.08
CA LYS A 325 77.03 1.70 8.10
C LYS A 325 77.28 0.23 7.79
N ALA A 326 76.54 -0.65 8.45
CA ALA A 326 76.59 -2.07 8.17
C ALA A 326 75.17 -2.60 8.06
N GLY A 327 74.91 -3.40 7.03
CA GLY A 327 73.59 -3.94 6.82
C GLY A 327 73.45 -4.53 5.45
N ASN A 328 72.23 -4.51 4.94
CA ASN A 328 71.93 -5.04 3.63
C ASN A 328 72.14 -3.98 2.55
N CYS A 329 72.26 -4.45 1.34
CA CYS A 329 72.55 -3.62 0.19
C CYS A 329 72.03 -4.32 -1.05
N PRO A 330 70.88 -3.92 -1.60
CA PRO A 330 70.41 -4.59 -2.81
C PRO A 330 71.32 -4.29 -3.98
N ILE A 331 71.40 -5.26 -4.89
CA ILE A 331 72.35 -5.24 -5.99
C ILE A 331 71.65 -5.59 -7.28
N HIS A 332 72.22 -5.09 -8.38
CA HIS A 332 71.72 -5.38 -9.71
C HIS A 332 72.72 -4.82 -10.71
N SER A 333 72.79 -5.46 -11.86
CA SER A 333 73.52 -4.95 -13.00
C SER A 333 72.53 -4.29 -13.92
N PRO A 334 72.45 -2.96 -13.97
CA PRO A 334 71.50 -2.32 -14.90
C PRO A 334 71.73 -2.72 -16.34
N SER A 335 72.96 -3.03 -16.70
CA SER A 335 73.21 -3.65 -17.99
C SER A 335 72.71 -5.08 -17.96
N GLY A 336 72.08 -5.49 -19.05
CA GLY A 336 71.57 -6.83 -19.16
C GLY A 336 72.62 -7.88 -19.46
N VAL A 337 73.89 -7.48 -19.51
CA VAL A 337 74.96 -8.42 -19.80
C VAL A 337 75.03 -9.49 -18.73
N ALA A 338 74.95 -9.06 -17.48
CA ALA A 338 75.15 -9.93 -16.33
C ALA A 338 73.83 -10.11 -15.61
N VAL A 339 73.51 -11.36 -15.29
CA VAL A 339 72.34 -11.72 -14.51
C VAL A 339 72.85 -12.34 -13.23
N ILE A 340 72.34 -11.85 -12.11
CA ILE A 340 72.90 -12.11 -10.80
C ILE A 340 71.93 -12.95 -9.99
N LYS A 341 72.46 -13.92 -9.25
CA LYS A 341 71.64 -14.78 -8.41
C LYS A 341 71.22 -14.07 -7.14
N GLU A 342 72.11 -13.26 -6.58
CA GLU A 342 71.83 -12.54 -5.35
C GLU A 342 71.14 -11.22 -5.66
N ASN A 343 69.99 -11.02 -5.06
CA ASN A 343 69.35 -9.71 -5.08
C ASN A 343 69.98 -8.77 -4.07
N ASP A 344 70.36 -9.31 -2.92
CA ASP A 344 70.76 -8.53 -1.77
C ASP A 344 72.01 -9.15 -1.18
N VAL A 345 72.90 -8.31 -0.68
CA VAL A 345 74.11 -8.74 -0.01
C VAL A 345 74.17 -8.07 1.34
N THR A 346 74.51 -8.85 2.36
CA THR A 346 74.72 -8.32 3.70
C THR A 346 76.12 -7.73 3.78
N LEU A 347 76.25 -6.69 4.59
CA LEU A 347 77.52 -5.98 4.72
C LEU A 347 77.81 -5.66 6.18
N ALA A 348 79.01 -6.03 6.59
CA ALA A 348 79.62 -5.48 7.79
C ALA A 348 80.26 -4.15 7.43
N GLU A 349 81.06 -3.61 8.32
CA GLU A 349 81.71 -2.34 8.06
C GLU A 349 82.84 -2.54 7.06
N SER A 350 82.51 -2.42 5.77
CA SER A 350 83.50 -2.40 4.70
C SER A 350 84.28 -3.72 4.64
N GLY A 351 83.54 -4.79 4.40
CA GLY A 351 84.11 -6.10 4.19
C GLY A 351 84.19 -6.45 2.72
N SER A 352 83.98 -7.72 2.42
CA SER A 352 83.99 -8.21 1.05
C SER A 352 83.09 -9.42 0.96
N PHE A 353 82.29 -9.49 -0.10
CA PHE A 353 81.36 -10.60 -0.28
C PHE A 353 81.21 -10.87 -1.77
N THR A 354 81.51 -12.11 -2.15
CA THR A 354 81.33 -12.54 -3.52
C THR A 354 79.87 -12.81 -3.79
N PHE A 355 79.47 -12.57 -5.03
CA PHE A 355 78.17 -12.98 -5.52
C PHE A 355 78.35 -13.89 -6.73
N HIS A 356 77.25 -14.42 -7.22
CA HIS A 356 77.22 -15.30 -8.37
C HIS A 356 76.51 -14.61 -9.52
N PHE A 357 76.86 -14.97 -10.75
CA PHE A 357 76.19 -14.39 -11.90
C PHE A 357 76.46 -15.26 -13.13
N SER A 358 75.98 -14.77 -14.27
CA SER A 358 76.17 -15.41 -15.56
C SER A 358 76.14 -14.34 -16.64
N THR A 359 76.94 -14.56 -17.68
CA THR A 359 77.12 -13.58 -18.75
C THR A 359 77.17 -14.30 -20.07
N ALA A 360 77.36 -13.51 -21.14
CA ALA A 360 77.46 -14.03 -22.50
C ALA A 360 78.57 -13.42 -23.30
N ASN A 361 79.26 -12.41 -22.79
CA ASN A 361 80.37 -11.79 -23.50
C ASN A 361 81.68 -12.10 -22.80
N ILE A 362 82.67 -12.44 -23.62
CA ILE A 362 83.95 -12.95 -23.11
C ILE A 362 84.55 -11.96 -22.13
N HIS A 363 84.39 -10.67 -22.39
CA HIS A 363 84.90 -9.61 -21.56
C HIS A 363 83.69 -8.92 -20.91
N PRO A 364 83.18 -9.46 -19.81
CA PRO A 364 81.99 -8.83 -19.23
C PRO A 364 82.31 -7.50 -18.58
N ALA A 365 81.97 -6.44 -19.29
CA ALA A 365 82.09 -5.08 -18.79
C ALA A 365 80.70 -4.59 -18.40
N PHE A 366 80.22 -5.10 -17.29
CA PHE A 366 78.89 -4.77 -16.79
C PHE A 366 79.01 -3.93 -15.53
N LYS A 367 78.19 -2.90 -15.45
CA LYS A 367 78.09 -2.13 -14.23
C LYS A 367 77.38 -2.95 -13.17
N LEU A 368 77.71 -2.67 -11.92
CA LEU A 368 77.03 -3.26 -10.77
C LEU A 368 76.66 -2.14 -9.82
N GLN A 369 75.38 -2.06 -9.50
CA GLN A 369 74.83 -0.98 -8.71
C GLN A 369 74.56 -1.53 -7.32
N VAL A 370 75.53 -1.36 -6.43
CA VAL A 370 75.43 -1.88 -5.07
C VAL A 370 74.81 -0.76 -4.24
N CYS A 371 73.48 -0.71 -4.27
CA CYS A 371 72.64 0.20 -3.49
C CYS A 371 73.17 1.64 -3.57
N THR A 372 73.08 2.17 -4.80
CA THR A 372 73.57 3.48 -5.18
C THR A 372 75.07 3.57 -5.08
N SER A 373 75.76 2.66 -5.78
CA SER A 373 77.18 2.82 -6.04
C SER A 373 77.51 1.93 -7.23
N ALA A 374 77.83 2.55 -8.35
CA ALA A 374 78.11 1.82 -9.56
C ALA A 374 79.55 1.33 -9.57
N VAL A 375 79.78 0.26 -10.33
CA VAL A 375 81.14 -0.24 -10.49
C VAL A 375 81.17 -1.18 -11.69
N THR A 376 82.25 -1.07 -12.45
CA THR A 376 82.52 -1.99 -13.55
C THR A 376 83.23 -3.22 -12.99
N CYS A 377 82.62 -4.38 -13.18
CA CYS A 377 83.25 -5.66 -12.83
C CYS A 377 83.86 -6.30 -14.06
N LYS A 378 84.77 -5.55 -14.68
CA LYS A 378 85.45 -6.01 -15.88
C LYS A 378 86.22 -7.29 -15.63
N GLY A 379 86.36 -8.10 -16.67
CA GLY A 379 87.21 -9.28 -16.56
C GLY A 379 87.13 -10.18 -17.78
N ASP A 380 87.29 -11.48 -17.55
CA ASP A 380 87.31 -12.46 -18.62
C ASP A 380 86.79 -13.78 -18.08
N CYS A 381 86.18 -14.56 -18.97
CA CYS A 381 85.39 -15.72 -18.57
C CYS A 381 85.85 -16.97 -19.32
N LYS A 382 85.39 -18.11 -18.81
CA LYS A 382 85.82 -19.42 -19.27
C LYS A 382 84.63 -20.24 -19.76
N PRO A 383 84.74 -20.94 -20.88
CA PRO A 383 83.63 -21.79 -21.34
C PRO A 383 83.50 -23.06 -20.52
N PRO A 384 82.26 -23.55 -20.27
CA PRO A 384 82.08 -24.86 -19.63
C PRO A 384 82.12 -26.07 -20.55
N LYS A 385 81.70 -27.21 -19.98
CA LYS A 385 81.91 -28.52 -20.57
C LYS A 385 80.67 -29.41 -20.65
N ASP A 386 79.56 -29.07 -19.99
CA ASP A 386 78.60 -30.06 -19.47
C ASP A 386 77.14 -29.71 -19.77
N HIS A 387 76.82 -29.50 -21.05
CA HIS A 387 75.60 -28.80 -21.47
C HIS A 387 74.45 -29.71 -21.91
N ILE A 388 73.85 -30.47 -20.98
CA ILE A 388 72.58 -31.13 -21.29
C ILE A 388 71.58 -31.17 -20.13
N VAL A 389 70.97 -30.03 -19.77
CA VAL A 389 70.00 -29.97 -18.66
C VAL A 389 69.15 -28.78 -19.07
N ASP A 390 68.09 -28.41 -18.32
CA ASP A 390 66.95 -27.56 -18.73
C ASP A 390 67.39 -26.14 -19.11
N TYR A 391 66.63 -25.06 -18.86
CA TYR A 391 66.91 -23.80 -19.58
C TYR A 391 67.62 -22.75 -18.74
N PRO A 392 68.24 -21.75 -19.39
CA PRO A 392 69.27 -20.95 -18.73
C PRO A 392 68.71 -19.81 -17.88
N ALA A 393 69.65 -19.16 -17.19
CA ALA A 393 69.43 -17.92 -16.46
C ALA A 393 70.08 -16.72 -17.13
N GLN A 394 70.76 -16.94 -18.24
CA GLN A 394 71.61 -15.95 -18.89
C GLN A 394 70.81 -15.07 -19.82
N HIS A 395 70.17 -15.70 -20.82
CA HIS A 395 69.18 -15.14 -21.73
C HIS A 395 69.51 -13.72 -22.17
N THR A 396 70.78 -13.47 -22.46
CA THR A 396 71.27 -12.13 -22.74
C THR A 396 72.23 -12.12 -23.91
N GLU A 397 72.10 -13.07 -24.82
CA GLU A 397 73.04 -13.19 -25.91
C GLU A 397 72.94 -11.99 -26.84
N SER A 398 74.09 -11.43 -27.20
CA SER A 398 74.16 -10.30 -28.10
C SER A 398 75.50 -10.38 -28.83
N PHE A 399 75.89 -9.28 -29.44
CA PHE A 399 77.16 -9.22 -30.14
C PHE A 399 78.31 -9.25 -29.14
N THR A 400 79.23 -10.19 -29.32
CA THR A 400 80.34 -10.41 -28.40
C THR A 400 81.65 -10.68 -29.15
N TYR B 1 19.65 -25.92 -61.65
CA TYR B 1 18.70 -24.79 -61.39
C TYR B 1 18.92 -24.16 -60.03
N GLU B 2 20.06 -24.43 -59.40
CA GLU B 2 20.30 -23.91 -58.06
C GLU B 2 20.49 -22.41 -58.16
N HIS B 3 19.40 -21.67 -57.93
CA HIS B 3 19.29 -20.29 -58.37
C HIS B 3 20.09 -19.38 -57.45
N THR B 4 21.37 -19.25 -57.74
CA THR B 4 22.19 -18.21 -57.12
C THR B 4 21.58 -16.85 -57.40
N ALA B 5 21.72 -15.95 -56.43
CA ALA B 5 21.23 -14.59 -56.60
C ALA B 5 21.87 -13.69 -55.57
N VAL B 6 22.62 -12.70 -56.03
CA VAL B 6 22.95 -11.59 -55.17
C VAL B 6 21.66 -10.88 -54.83
N MET B 7 21.61 -10.32 -53.63
CA MET B 7 20.33 -9.90 -53.07
C MET B 7 20.51 -8.79 -52.03
N PRO B 8 19.86 -7.64 -52.18
CA PRO B 8 20.09 -6.55 -51.23
C PRO B 8 19.58 -6.89 -49.85
N ASN B 9 20.38 -6.56 -48.84
CA ASN B 9 19.95 -6.71 -47.46
C ASN B 9 19.01 -5.56 -47.13
N LYS B 10 17.73 -5.87 -47.07
CA LYS B 10 16.71 -4.91 -46.71
C LYS B 10 15.47 -5.71 -46.33
N VAL B 11 14.82 -5.30 -45.26
CA VAL B 11 14.05 -6.26 -44.49
C VAL B 11 12.67 -6.48 -45.09
N GLY B 12 11.90 -5.41 -45.29
CA GLY B 12 10.46 -5.54 -45.31
C GLY B 12 9.87 -5.53 -46.69
N ILE B 13 10.48 -6.24 -47.63
CA ILE B 13 10.06 -6.14 -49.02
C ILE B 13 10.50 -7.39 -49.77
N PRO B 14 9.64 -8.04 -50.56
CA PRO B 14 10.08 -9.23 -51.28
C PRO B 14 10.97 -8.88 -52.47
N TYR B 15 11.57 -9.94 -53.01
CA TYR B 15 12.67 -9.85 -53.96
C TYR B 15 12.42 -10.81 -55.13
N LYS B 16 11.28 -10.65 -55.79
CA LYS B 16 10.68 -11.72 -56.57
C LYS B 16 11.50 -12.12 -57.77
N ALA B 17 12.63 -12.78 -57.53
CA ALA B 17 13.46 -13.28 -58.62
C ALA B 17 12.73 -14.35 -59.43
N LEU B 18 13.37 -14.84 -60.48
CA LEU B 18 12.75 -15.76 -61.43
C LEU B 18 13.70 -16.91 -61.72
N VAL B 19 13.20 -18.13 -61.60
CA VAL B 19 14.00 -19.32 -61.86
C VAL B 19 13.98 -19.58 -63.36
N GLU B 20 15.11 -19.39 -64.02
CA GLU B 20 15.26 -19.69 -65.44
C GLU B 20 15.95 -21.04 -65.62
N ARG B 21 15.25 -22.08 -65.22
CA ARG B 21 15.74 -23.43 -65.47
C ARG B 21 15.58 -23.75 -66.95
N PRO B 22 16.64 -24.08 -67.70
CA PRO B 22 16.44 -24.51 -69.09
C PRO B 22 15.74 -25.85 -69.14
N GLY B 23 14.53 -25.86 -69.69
CA GLY B 23 13.84 -27.09 -70.01
C GLY B 23 12.40 -27.16 -69.54
N TYR B 24 12.13 -26.62 -68.35
CA TYR B 24 10.79 -26.61 -67.79
C TYR B 24 10.37 -25.17 -67.56
N ALA B 25 9.12 -25.00 -67.16
CA ALA B 25 8.57 -23.68 -67.01
C ALA B 25 9.29 -22.93 -65.89
N PRO B 26 9.58 -21.64 -66.06
CA PRO B 26 10.20 -20.90 -64.98
C PRO B 26 9.24 -20.72 -63.81
N VAL B 27 9.80 -20.39 -62.67
CA VAL B 27 9.03 -20.12 -61.47
C VAL B 27 9.59 -18.88 -60.80
N HIS B 28 8.68 -18.05 -60.32
CA HIS B 28 9.03 -16.84 -59.60
C HIS B 28 9.49 -17.17 -58.20
N LEU B 29 10.27 -16.27 -57.64
CA LEU B 29 10.54 -16.24 -56.21
C LEU B 29 9.67 -15.20 -55.55
N GLN B 30 9.63 -15.25 -54.23
CA GLN B 30 9.21 -14.10 -53.43
C GLN B 30 9.99 -14.20 -52.14
N ILE B 31 11.16 -13.57 -52.11
CA ILE B 31 12.07 -13.69 -50.98
C ILE B 31 12.01 -12.38 -50.21
N GLN B 32 11.36 -12.44 -49.05
CA GLN B 32 11.21 -11.30 -48.16
C GLN B 32 12.01 -11.61 -46.90
N LEU B 33 13.13 -10.90 -46.74
CA LEU B 33 13.97 -11.03 -45.57
C LEU B 33 13.30 -10.32 -44.40
N VAL B 34 12.28 -10.97 -43.83
CA VAL B 34 11.44 -10.37 -42.80
C VAL B 34 12.24 -9.87 -41.61
N ASN B 35 13.41 -10.44 -41.37
CA ASN B 35 14.25 -10.01 -40.26
C ASN B 35 15.71 -10.21 -40.59
N THR B 36 16.55 -9.42 -39.92
CA THR B 36 18.00 -9.47 -40.01
C THR B 36 18.60 -9.43 -38.62
N ARG B 37 18.10 -10.28 -37.74
CA ARG B 37 18.60 -10.27 -36.37
C ARG B 37 19.95 -10.95 -36.32
N ILE B 38 20.86 -10.37 -35.53
CA ILE B 38 22.28 -10.51 -35.72
C ILE B 38 22.91 -11.45 -34.70
N ILE B 39 22.86 -11.09 -33.43
CA ILE B 39 23.34 -11.92 -32.33
C ILE B 39 24.84 -12.10 -32.55
N PRO B 40 25.63 -11.08 -32.30
CA PRO B 40 27.07 -11.26 -32.35
C PRO B 40 27.57 -12.10 -31.19
N SER B 41 28.82 -12.51 -31.32
CA SER B 41 29.51 -13.19 -30.23
C SER B 41 29.89 -12.18 -29.17
N THR B 42 29.60 -12.51 -27.92
CA THR B 42 29.74 -11.57 -26.82
C THR B 42 30.24 -12.28 -25.58
N ASN B 43 30.46 -11.49 -24.53
CA ASN B 43 30.90 -12.00 -23.24
C ASN B 43 30.38 -11.08 -22.16
N LEU B 44 29.70 -11.65 -21.17
CA LEU B 44 29.32 -10.87 -20.00
C LEU B 44 30.57 -10.59 -19.19
N GLU B 45 30.97 -9.32 -19.15
CA GLU B 45 32.21 -8.93 -18.50
C GLU B 45 31.98 -8.54 -17.06
N TYR B 46 31.00 -7.69 -16.82
CA TYR B 46 30.60 -7.39 -15.45
C TYR B 46 29.28 -6.65 -15.50
N ILE B 47 28.40 -7.02 -14.61
CA ILE B 47 27.26 -6.17 -14.32
C ILE B 47 27.77 -5.02 -13.47
N THR B 48 27.18 -3.86 -13.68
CA THR B 48 27.26 -2.80 -12.70
C THR B 48 25.86 -2.34 -12.36
N CYS B 49 25.81 -1.50 -11.35
CA CYS B 49 24.58 -1.05 -10.72
C CYS B 49 25.02 -0.04 -9.68
N LYS B 50 24.05 0.60 -9.06
CA LYS B 50 24.39 1.54 -8.00
C LYS B 50 24.66 0.77 -6.73
N TYR B 51 25.64 1.24 -5.99
CA TYR B 51 26.03 0.65 -4.73
C TYR B 51 24.89 0.69 -3.74
N LYS B 52 25.10 0.08 -2.59
CA LYS B 52 24.39 0.46 -1.37
C LYS B 52 25.36 0.36 -0.23
N THR B 53 25.63 1.50 0.40
CA THR B 53 26.53 1.55 1.55
C THR B 53 25.79 0.95 2.74
N LYS B 54 25.69 -0.38 2.72
CA LYS B 54 24.98 -1.11 3.77
C LYS B 54 25.93 -1.24 4.95
N VAL B 55 25.98 -0.17 5.72
CA VAL B 55 26.89 0.03 6.84
C VAL B 55 26.69 -1.08 7.88
N PRO B 56 27.73 -1.84 8.23
CA PRO B 56 27.65 -2.61 9.47
C PRO B 56 27.75 -1.69 10.67
N SER B 57 27.03 -2.07 11.69
CA SER B 57 26.80 -1.18 12.82
C SER B 57 28.08 -0.95 13.60
N PRO B 58 28.51 0.30 13.79
CA PRO B 58 29.85 0.55 14.33
C PRO B 58 30.00 0.07 15.76
N VAL B 59 31.25 -0.19 16.11
CA VAL B 59 31.61 -0.51 17.47
C VAL B 59 31.81 0.78 18.24
N VAL B 60 31.48 0.73 19.52
CA VAL B 60 31.72 1.83 20.43
C VAL B 60 32.30 1.24 21.70
N LYS B 61 33.62 1.26 21.80
CA LYS B 61 34.28 0.93 23.06
C LYS B 61 34.33 2.19 23.92
N CYS B 62 34.01 2.03 25.19
CA CYS B 62 33.74 3.17 26.04
C CYS B 62 34.99 3.79 26.62
N CYS B 63 36.02 3.01 26.91
CA CYS B 63 37.25 3.55 27.51
C CYS B 63 38.42 2.79 26.90
N GLY B 64 38.95 3.34 25.81
CA GLY B 64 40.14 2.85 25.15
C GLY B 64 39.85 2.45 23.73
N ALA B 65 40.92 2.07 23.04
CA ALA B 65 40.89 1.92 21.59
C ALA B 65 40.36 0.56 21.17
N THR B 66 39.84 0.52 19.95
CA THR B 66 39.45 -0.70 19.27
C THR B 66 40.06 -0.64 17.88
N GLN B 67 41.20 -1.30 17.71
CA GLN B 67 41.85 -1.33 16.41
C GLN B 67 40.96 -2.07 15.41
N CYS B 68 40.81 -1.48 14.23
CA CYS B 68 40.07 -2.10 13.15
C CYS B 68 41.01 -2.96 12.31
N THR B 69 40.42 -3.92 11.61
CA THR B 69 41.13 -4.74 10.64
C THR B 69 40.44 -4.62 9.29
N SER B 70 41.21 -4.91 8.24
CA SER B 70 40.72 -4.76 6.87
C SER B 70 39.99 -6.04 6.49
N LYS B 71 38.70 -6.09 6.81
CA LYS B 71 37.89 -7.23 6.46
C LYS B 71 37.79 -7.34 4.94
N PRO B 72 37.55 -8.53 4.41
CA PRO B 72 37.58 -8.71 2.96
C PRO B 72 36.32 -8.29 2.23
N HIS B 73 35.42 -7.55 2.87
CA HIS B 73 34.24 -7.09 2.16
C HIS B 73 34.66 -6.18 1.01
N PRO B 74 33.85 -6.08 -0.04
CA PRO B 74 34.23 -5.19 -1.15
C PRO B 74 34.28 -3.73 -0.72
N ASP B 75 35.45 -3.13 -0.91
CA ASP B 75 35.69 -1.74 -0.53
C ASP B 75 35.41 -1.56 0.95
N TYR B 76 35.96 -2.46 1.76
CA TYR B 76 35.70 -2.43 3.18
C TYR B 76 36.41 -1.24 3.79
N GLN B 77 35.73 -0.12 3.86
CA GLN B 77 36.27 1.06 4.49
C GLN B 77 35.97 1.02 5.98
N CYS B 78 37.00 1.14 6.79
CA CYS B 78 36.86 1.13 8.23
C CYS B 78 37.93 2.03 8.82
N GLN B 79 37.53 2.88 9.76
CA GLN B 79 38.44 3.81 10.39
C GLN B 79 38.04 3.96 11.84
N VAL B 80 38.99 3.69 12.73
CA VAL B 80 38.76 3.89 14.14
C VAL B 80 38.61 5.38 14.40
N PHE B 81 37.83 5.72 15.41
CA PHE B 81 37.69 7.10 15.84
C PHE B 81 37.58 7.16 17.34
N THR B 82 38.19 8.17 17.92
CA THR B 82 38.12 8.46 19.33
C THR B 82 37.45 9.81 19.53
N GLY B 83 37.44 10.27 20.77
CA GLY B 83 36.93 11.58 21.08
C GLY B 83 35.46 11.71 20.78
N VAL B 84 34.65 10.84 21.38
CA VAL B 84 33.22 10.89 21.26
C VAL B 84 32.60 10.85 22.66
N TYR B 85 31.29 10.88 22.70
CA TYR B 85 30.51 10.96 23.92
C TYR B 85 29.09 10.61 23.50
N PRO B 86 28.87 9.39 23.03
CA PRO B 86 27.75 9.10 22.15
C PRO B 86 26.37 9.17 22.80
N PHE B 87 25.63 10.23 22.51
CA PHE B 87 24.25 10.32 22.98
C PHE B 87 23.41 9.21 22.39
N MET B 88 22.98 8.28 23.24
CA MET B 88 22.14 7.16 22.81
C MET B 88 21.08 6.94 23.87
N TRP B 89 19.97 7.68 23.74
CA TRP B 89 18.71 7.42 24.45
C TRP B 89 18.74 7.74 25.95
N GLY B 90 19.91 8.00 26.51
CA GLY B 90 20.03 8.32 27.92
C GLY B 90 21.05 9.42 28.10
N GLY B 91 21.12 10.31 27.11
CA GLY B 91 22.32 11.09 26.96
C GLY B 91 23.42 10.17 26.50
N ALA B 92 24.66 10.52 26.79
CA ALA B 92 25.75 9.61 26.51
C ALA B 92 25.61 8.37 27.38
N TYR B 93 26.43 7.36 27.09
CA TYR B 93 26.44 6.16 27.91
C TYR B 93 27.83 5.71 28.30
N CYS B 94 28.83 6.00 27.49
CA CYS B 94 30.20 5.68 27.85
C CYS B 94 30.74 6.76 28.80
N PHE B 95 31.23 6.33 29.96
CA PHE B 95 31.50 7.25 31.05
C PHE B 95 32.80 8.02 30.87
N CYS B 96 33.75 7.52 30.09
CA CYS B 96 34.92 8.30 29.76
C CYS B 96 34.50 9.46 28.85
N ASP B 97 35.49 10.29 28.45
CA ASP B 97 35.22 11.48 27.65
C ASP B 97 36.14 11.65 26.46
N THR B 98 37.32 11.04 26.46
CA THR B 98 38.18 11.00 25.29
C THR B 98 38.54 9.57 24.91
N GLU B 99 38.66 8.70 25.91
CA GLU B 99 38.85 7.29 25.69
C GLU B 99 37.60 6.64 25.09
N ASN B 100 36.47 7.34 25.09
CA ASN B 100 35.32 6.91 24.30
C ASN B 100 35.75 6.73 22.87
N THR B 101 35.70 5.49 22.39
CA THR B 101 36.16 5.13 21.07
C THR B 101 34.98 4.66 20.24
N GLN B 102 35.05 4.97 18.95
CA GLN B 102 34.02 4.63 17.98
C GLN B 102 34.72 4.15 16.74
N MET B 103 34.41 2.92 16.34
CA MET B 103 35.01 2.30 15.15
C MET B 103 33.92 2.18 14.10
N SER B 104 34.01 3.01 13.08
CA SER B 104 33.07 2.97 11.97
C SER B 104 33.62 2.06 10.88
N GLU B 105 32.72 1.26 10.32
CA GLU B 105 33.06 0.37 9.23
C GLU B 105 31.92 0.38 8.23
N ALA B 106 32.28 0.41 6.95
CA ALA B 106 31.28 0.38 5.89
C ALA B 106 31.90 -0.26 4.67
N TYR B 107 31.16 -1.17 4.06
CA TYR B 107 31.55 -1.79 2.81
C TYR B 107 30.49 -1.57 1.77
N VAL B 108 30.88 -1.75 0.54
CA VAL B 108 30.00 -1.58 -0.60
C VAL B 108 29.34 -2.91 -0.89
N GLU B 109 28.08 -2.86 -1.32
CA GLU B 109 27.34 -4.05 -1.66
C GLU B 109 26.40 -3.74 -2.80
N ARG B 110 26.16 -4.75 -3.62
CA ARG B 110 25.17 -4.65 -4.68
C ARG B 110 23.83 -4.25 -4.11
N SER B 111 23.17 -3.31 -4.78
CA SER B 111 21.80 -3.00 -4.44
C SER B 111 20.91 -4.19 -4.70
N GLU B 112 19.69 -4.12 -4.18
CA GLU B 112 18.68 -5.07 -4.59
C GLU B 112 18.27 -4.82 -6.03
N GLU B 113 18.40 -3.58 -6.49
CA GLU B 113 18.15 -3.26 -7.88
C GLU B 113 19.22 -3.82 -8.81
N CYS B 114 20.40 -4.12 -8.27
CA CYS B 114 21.47 -4.68 -9.09
C CYS B 114 21.03 -5.94 -9.79
N SER B 115 20.17 -6.72 -9.14
CA SER B 115 19.68 -7.94 -9.76
C SER B 115 18.89 -7.66 -11.01
N ILE B 116 18.18 -6.53 -11.04
CA ILE B 116 17.09 -6.32 -11.97
C ILE B 116 17.29 -5.05 -12.80
N ASP B 117 17.68 -3.96 -12.15
CA ASP B 117 17.93 -2.69 -12.82
C ASP B 117 19.44 -2.49 -12.76
N HIS B 118 20.10 -2.81 -13.87
CA HIS B 118 21.54 -2.90 -13.85
C HIS B 118 22.05 -2.71 -15.27
N ALA B 119 23.07 -1.88 -15.40
CA ALA B 119 23.79 -1.85 -16.65
C ALA B 119 24.58 -3.13 -16.80
N LYS B 120 25.10 -3.35 -18.00
CA LYS B 120 25.70 -4.63 -18.30
C LYS B 120 26.69 -4.44 -19.43
N ALA B 121 27.97 -4.63 -19.13
CA ALA B 121 29.01 -4.46 -20.12
C ALA B 121 29.18 -5.73 -20.95
N TYR B 122 29.87 -5.58 -22.06
CA TYR B 122 30.15 -6.72 -22.93
C TYR B 122 31.38 -6.41 -23.77
N LYS B 123 32.19 -7.42 -24.00
CA LYS B 123 33.14 -7.43 -25.10
C LYS B 123 32.46 -8.13 -26.26
N VAL B 124 32.23 -7.41 -27.35
CA VAL B 124 31.36 -7.85 -28.43
C VAL B 124 32.20 -8.14 -29.66
N HIS B 125 32.13 -9.38 -30.11
CA HIS B 125 32.70 -9.85 -31.35
C HIS B 125 31.59 -9.89 -32.41
N THR B 126 31.83 -10.58 -33.52
CA THR B 126 30.97 -10.42 -34.70
C THR B 126 29.80 -11.40 -34.76
N GLY B 127 29.99 -12.67 -34.40
CA GLY B 127 28.94 -13.68 -34.48
C GLY B 127 28.35 -13.86 -35.87
N THR B 128 27.04 -14.17 -35.91
CA THR B 128 26.41 -14.77 -37.08
C THR B 128 24.96 -14.33 -37.19
N VAL B 129 24.57 -13.74 -38.33
CA VAL B 129 23.27 -13.09 -38.46
C VAL B 129 22.23 -14.08 -38.97
N GLN B 130 20.95 -13.77 -38.70
CA GLN B 130 19.81 -14.67 -38.88
C GLN B 130 18.65 -13.95 -39.56
N ALA B 131 17.56 -14.68 -39.81
CA ALA B 131 16.38 -14.16 -40.50
C ALA B 131 15.26 -15.19 -40.51
N MET B 132 14.00 -14.73 -40.38
CA MET B 132 12.83 -15.61 -40.49
C MET B 132 12.25 -15.60 -41.89
N VAL B 133 13.08 -15.86 -42.89
CA VAL B 133 12.75 -15.60 -44.29
C VAL B 133 11.43 -16.24 -44.66
N ASN B 134 10.43 -15.41 -45.01
CA ASN B 134 9.27 -15.96 -45.68
C ASN B 134 9.60 -16.08 -47.15
N ILE B 135 9.22 -17.21 -47.73
CA ILE B 135 9.00 -17.30 -49.15
C ILE B 135 7.62 -17.90 -49.35
N THR B 136 6.73 -17.11 -49.94
CA THR B 136 5.48 -17.64 -50.46
C THR B 136 5.75 -18.11 -51.89
N TYR B 137 6.44 -19.24 -51.96
CA TYR B 137 7.10 -19.65 -53.19
C TYR B 137 6.12 -20.13 -54.25
N GLY B 138 6.38 -19.73 -55.49
CA GLY B 138 5.86 -20.38 -56.68
C GLY B 138 4.38 -20.65 -56.65
N SER B 139 4.04 -21.93 -56.56
CA SER B 139 2.73 -22.38 -56.14
C SER B 139 2.74 -23.00 -54.76
N VAL B 140 3.91 -23.17 -54.15
CA VAL B 140 3.98 -23.64 -52.77
C VAL B 140 3.25 -22.66 -51.86
N SER B 141 3.48 -21.38 -52.08
CA SER B 141 2.79 -20.26 -51.44
C SER B 141 3.16 -20.05 -49.99
N TRP B 142 4.05 -20.86 -49.41
CA TRP B 142 4.40 -20.62 -48.02
C TRP B 142 5.63 -21.37 -47.51
N ARG B 143 6.51 -20.62 -46.84
CA ARG B 143 7.41 -21.15 -45.84
C ARG B 143 7.90 -19.93 -45.08
N SER B 144 7.85 -19.97 -43.75
CA SER B 144 8.38 -18.89 -42.92
C SER B 144 9.37 -19.51 -41.96
N ALA B 145 10.63 -19.55 -42.39
CA ALA B 145 11.67 -20.31 -41.73
C ALA B 145 12.78 -19.42 -41.22
N ASP B 146 13.35 -19.83 -40.09
CA ASP B 146 14.50 -19.15 -39.52
C ASP B 146 15.77 -19.74 -40.12
N VAL B 147 16.68 -18.87 -40.56
CA VAL B 147 17.84 -19.28 -41.32
C VAL B 147 19.07 -18.59 -40.73
N TYR B 148 20.19 -18.83 -41.38
CA TYR B 148 21.48 -18.22 -41.08
C TYR B 148 21.97 -17.45 -42.31
N VAL B 149 23.21 -16.99 -42.20
CA VAL B 149 23.88 -16.20 -43.22
C VAL B 149 25.11 -16.88 -43.76
N ASN B 150 25.70 -17.78 -43.00
CA ASN B 150 26.94 -18.39 -43.40
C ASN B 150 26.75 -19.25 -44.63
N GLY B 151 27.56 -19.01 -45.66
CA GLY B 151 27.22 -19.46 -46.99
C GLY B 151 27.42 -20.92 -47.27
N GLU B 152 27.07 -21.78 -46.32
CA GLU B 152 26.85 -23.19 -46.63
C GLU B 152 25.71 -23.78 -45.82
N THR B 153 24.96 -22.98 -45.07
CA THR B 153 23.89 -23.50 -44.24
C THR B 153 22.61 -23.59 -45.06
N PRO B 154 22.02 -24.76 -45.24
CA PRO B 154 20.64 -24.84 -45.69
C PRO B 154 19.66 -24.75 -44.53
N ALA B 155 18.39 -24.62 -44.89
CA ALA B 155 17.30 -24.75 -43.92
C ALA B 155 16.11 -25.35 -44.66
N LYS B 156 16.00 -26.67 -44.61
CA LYS B 156 14.94 -27.39 -45.31
C LYS B 156 13.68 -27.34 -44.45
N ILE B 157 13.08 -26.15 -44.43
CA ILE B 157 11.79 -25.93 -43.78
C ILE B 157 10.84 -25.48 -44.88
N GLY B 158 9.77 -26.25 -45.07
CA GLY B 158 8.95 -26.14 -46.26
C GLY B 158 9.28 -27.29 -47.18
N ASP B 159 9.76 -26.97 -48.38
CA ASP B 159 10.32 -27.96 -49.30
C ASP B 159 11.62 -27.52 -49.94
N ALA B 160 11.94 -26.24 -49.91
CA ALA B 160 13.10 -25.72 -50.61
C ALA B 160 14.30 -25.67 -49.70
N LYS B 161 15.46 -25.88 -50.30
CA LYS B 161 16.75 -25.81 -49.62
C LYS B 161 17.42 -24.52 -50.08
N LEU B 162 17.83 -23.70 -49.12
CA LEU B 162 18.24 -22.33 -49.39
C LEU B 162 19.52 -22.00 -48.63
N ILE B 163 20.48 -21.43 -49.33
CA ILE B 163 21.76 -21.08 -48.77
C ILE B 163 21.94 -19.58 -48.93
N ILE B 164 22.36 -18.95 -47.86
CA ILE B 164 22.33 -17.51 -47.72
C ILE B 164 23.74 -17.05 -47.40
N GLY B 165 24.08 -15.87 -47.92
CA GLY B 165 25.29 -15.18 -47.53
C GLY B 165 26.53 -15.99 -47.81
N PRO B 166 27.65 -15.64 -47.17
CA PRO B 166 27.83 -14.58 -46.18
C PRO B 166 27.69 -13.20 -46.77
N LEU B 167 27.04 -12.32 -46.02
CA LEU B 167 26.86 -10.96 -46.49
C LEU B 167 28.20 -10.24 -46.57
N SER B 168 28.26 -9.26 -47.46
CA SER B 168 29.47 -8.47 -47.63
C SER B 168 29.55 -7.30 -46.67
N SER B 169 28.44 -6.94 -46.03
CA SER B 169 28.34 -5.70 -45.28
C SER B 169 28.54 -6.01 -43.80
N ALA B 170 29.80 -6.18 -43.43
CA ALA B 170 30.14 -6.68 -42.11
C ALA B 170 30.08 -5.61 -41.02
N TRP B 171 29.39 -4.51 -41.24
CA TRP B 171 29.26 -3.50 -40.19
C TRP B 171 28.42 -4.08 -39.09
N SER B 172 29.07 -4.52 -38.03
CA SER B 172 28.36 -4.79 -36.80
C SER B 172 28.06 -3.44 -36.17
N PRO B 173 26.80 -3.03 -36.05
CA PRO B 173 26.53 -1.72 -35.44
C PRO B 173 26.98 -1.65 -34.01
N PHE B 174 26.98 -2.79 -33.31
CA PHE B 174 27.67 -2.85 -32.04
C PHE B 174 29.14 -2.56 -32.24
N ASP B 175 29.69 -1.75 -31.33
CA ASP B 175 31.13 -1.59 -31.26
C ASP B 175 31.74 -2.80 -30.55
N ASN B 176 33.05 -2.77 -30.36
CA ASN B 176 33.71 -3.83 -29.62
C ASN B 176 33.21 -3.87 -28.18
N LYS B 177 33.24 -2.73 -27.52
CA LYS B 177 32.80 -2.61 -26.13
C LYS B 177 31.40 -2.01 -26.10
N VAL B 178 30.53 -2.62 -25.32
CA VAL B 178 29.13 -2.24 -25.26
C VAL B 178 28.68 -2.29 -23.82
N VAL B 179 27.84 -1.34 -23.44
CA VAL B 179 27.07 -1.39 -22.21
C VAL B 179 25.62 -1.57 -22.62
N VAL B 180 24.88 -2.25 -21.75
CA VAL B 180 23.51 -2.64 -22.02
C VAL B 180 22.68 -2.36 -20.78
N TYR B 181 21.47 -1.87 -20.98
CA TYR B 181 20.62 -1.44 -19.86
C TYR B 181 19.17 -1.69 -20.23
N GLY B 182 18.65 -2.82 -19.80
CA GLY B 182 17.22 -3.07 -19.84
C GLY B 182 16.71 -3.27 -21.24
N HIS B 183 16.68 -2.19 -22.01
CA HIS B 183 16.53 -2.28 -23.46
C HIS B 183 17.42 -1.31 -24.22
N GLU B 184 17.86 -0.22 -23.59
CA GLU B 184 18.68 0.77 -24.26
C GLU B 184 20.11 0.29 -24.24
N VAL B 185 20.67 0.09 -25.43
CA VAL B 185 22.00 -0.47 -25.61
C VAL B 185 22.95 0.64 -26.01
N TYR B 186 24.08 0.70 -25.32
CA TYR B 186 25.03 1.78 -25.46
C TYR B 186 26.37 1.20 -25.87
N ASN B 187 26.86 1.62 -27.04
CA ASN B 187 28.13 1.16 -27.56
C ASN B 187 29.29 1.91 -26.90
N TYR B 188 29.34 1.75 -25.59
CA TYR B 188 30.17 2.57 -24.72
C TYR B 188 31.48 1.88 -24.42
N ASP B 189 32.55 2.66 -24.42
CA ASP B 189 33.86 2.20 -23.97
C ASP B 189 33.83 2.15 -22.46
N PHE B 190 33.16 1.14 -21.93
CA PHE B 190 33.18 0.94 -20.49
C PHE B 190 34.63 0.73 -20.05
N PRO B 191 35.04 1.27 -18.90
CA PRO B 191 36.47 1.25 -18.57
C PRO B 191 37.02 -0.15 -18.51
N GLU B 192 36.57 -0.95 -17.53
CA GLU B 192 36.80 -2.39 -17.45
C GLU B 192 36.21 -2.85 -16.13
N TYR B 193 36.04 -4.17 -15.97
CA TYR B 193 35.98 -4.74 -14.63
C TYR B 193 37.23 -4.37 -13.87
N GLY B 194 37.08 -4.15 -12.57
CA GLY B 194 38.22 -4.04 -11.70
C GLY B 194 38.88 -2.68 -11.62
N THR B 195 38.40 -1.68 -12.37
CA THR B 195 39.11 -0.41 -12.50
C THR B 195 38.27 0.83 -12.32
N GLY B 196 36.97 0.78 -12.52
CA GLY B 196 36.17 1.96 -12.78
C GLY B 196 36.26 3.03 -11.72
N LYS B 197 36.64 4.24 -12.14
CA LYS B 197 36.84 5.32 -11.21
C LYS B 197 35.53 5.67 -10.52
N ALA B 198 35.63 6.01 -9.24
CA ALA B 198 34.44 6.29 -8.46
C ALA B 198 33.71 7.49 -9.01
N GLY B 199 32.39 7.39 -9.04
CA GLY B 199 31.55 8.38 -9.68
C GLY B 199 31.38 8.07 -11.14
N SER B 200 32.48 7.74 -11.82
CA SER B 200 32.38 7.35 -13.21
C SER B 200 31.63 6.05 -13.32
N PHE B 201 31.24 5.72 -14.55
CA PHE B 201 30.53 4.49 -14.82
C PHE B 201 31.33 3.30 -14.33
N GLY B 202 30.62 2.33 -13.76
CA GLY B 202 31.30 1.18 -13.23
C GLY B 202 32.07 1.46 -11.96
N ASP B 203 31.51 2.26 -11.07
CA ASP B 203 32.12 2.35 -9.74
C ASP B 203 31.96 1.03 -9.02
N LEU B 204 30.78 0.43 -9.11
CA LEU B 204 30.56 -0.95 -8.74
C LEU B 204 30.73 -1.79 -9.98
N GLN B 205 31.45 -2.90 -9.84
CA GLN B 205 31.71 -3.79 -10.96
C GLN B 205 31.68 -5.21 -10.43
N SER B 206 30.53 -5.85 -10.58
CA SER B 206 30.35 -7.24 -10.24
C SER B 206 30.32 -8.05 -11.52
N ARG B 207 31.00 -9.20 -11.49
CA ARG B 207 31.03 -10.09 -12.64
C ARG B 207 29.61 -10.44 -13.08
N THR B 208 28.80 -10.92 -12.14
CA THR B 208 27.39 -11.14 -12.38
C THR B 208 26.64 -10.72 -11.13
N SER B 209 25.37 -11.07 -11.09
CA SER B 209 24.54 -10.70 -9.95
C SER B 209 24.86 -11.59 -8.75
N THR B 210 25.07 -12.87 -9.00
CA THR B 210 25.39 -13.80 -7.94
C THR B 210 26.76 -13.53 -7.35
N SER B 211 27.68 -12.96 -8.14
CA SER B 211 29.08 -12.86 -7.74
C SER B 211 29.25 -12.02 -6.49
N ASN B 212 29.59 -12.67 -5.38
CA ASN B 212 29.77 -11.95 -4.13
C ASN B 212 30.96 -11.00 -4.20
N ASP B 213 32.00 -11.39 -4.93
CA ASP B 213 33.13 -10.52 -5.14
C ASP B 213 32.80 -9.47 -6.20
N LEU B 214 33.48 -8.34 -6.12
CA LEU B 214 33.28 -7.27 -7.08
C LEU B 214 34.45 -6.31 -6.99
N TYR B 215 34.32 -5.18 -7.67
CA TYR B 215 35.24 -4.07 -7.55
C TYR B 215 34.43 -2.82 -7.28
N ALA B 216 34.65 -2.21 -6.12
CA ALA B 216 33.91 -1.04 -5.68
C ALA B 216 34.91 0.07 -5.39
N ASN B 217 35.31 0.78 -6.45
CA ASN B 217 35.96 2.07 -6.29
C ASN B 217 34.81 3.06 -6.22
N THR B 218 34.39 3.38 -4.99
CA THR B 218 33.42 4.42 -4.73
C THR B 218 34.01 5.60 -3.99
N ASN B 219 35.29 5.55 -3.64
CA ASN B 219 35.90 6.59 -2.83
C ASN B 219 35.15 6.75 -1.52
N LEU B 220 34.67 5.64 -0.99
CA LEU B 220 33.97 5.63 0.28
C LEU B 220 34.94 6.03 1.39
N LYS B 221 34.68 7.16 2.02
CA LYS B 221 35.52 7.68 3.08
C LYS B 221 34.66 7.99 4.28
N LEU B 222 34.83 7.22 5.34
CA LEU B 222 34.11 7.48 6.57
C LEU B 222 34.70 8.69 7.27
N GLN B 223 33.82 9.46 7.90
CA GLN B 223 34.21 10.57 8.74
C GLN B 223 33.66 10.35 10.15
N ARG B 224 34.24 11.05 11.10
CA ARG B 224 33.88 10.81 12.48
C ARG B 224 32.49 11.37 12.74
N PRO B 225 31.67 10.68 13.53
CA PRO B 225 30.37 11.25 13.87
C PRO B 225 30.54 12.47 14.76
N GLN B 226 29.54 13.34 14.70
CA GLN B 226 29.61 14.66 15.28
C GLN B 226 29.15 14.68 16.73
N ALA B 227 29.85 15.49 17.52
CA ALA B 227 29.38 15.99 18.83
C ALA B 227 28.84 14.88 19.72
N GLY B 228 29.52 13.75 19.76
CA GLY B 228 29.15 12.68 20.66
C GLY B 228 27.77 12.14 20.39
N ILE B 229 27.51 11.72 19.16
CA ILE B 229 26.26 11.06 18.81
C ILE B 229 26.57 9.86 17.93
N VAL B 230 25.78 8.81 18.09
CA VAL B 230 25.92 7.59 17.31
C VAL B 230 25.39 7.84 15.91
N HIS B 231 26.27 7.78 14.93
CA HIS B 231 25.90 7.61 13.53
C HIS B 231 27.18 7.37 12.77
N THR B 232 27.05 7.25 11.45
CA THR B 232 28.15 6.82 10.58
C THR B 232 28.20 7.76 9.39
N PRO B 233 29.00 8.79 9.45
CA PRO B 233 29.26 9.56 8.24
C PRO B 233 29.93 8.67 7.21
N PHE B 234 29.21 8.37 6.14
CA PHE B 234 29.82 7.77 4.97
C PHE B 234 29.77 8.80 3.87
N THR B 235 30.94 9.24 3.44
CA THR B 235 31.09 10.24 2.39
C THR B 235 31.50 9.50 1.14
N GLN B 236 30.68 9.62 0.11
CA GLN B 236 30.76 8.71 -1.01
C GLN B 236 30.19 9.38 -2.23
N ALA B 237 30.74 9.01 -3.37
CA ALA B 237 30.19 9.41 -4.63
C ALA B 237 28.91 8.64 -4.89
N PRO B 238 27.76 9.30 -5.13
CA PRO B 238 26.65 8.56 -5.70
C PRO B 238 27.07 7.93 -7.01
N SER B 239 26.40 6.86 -7.38
CA SER B 239 27.04 5.93 -8.30
C SER B 239 27.15 6.49 -9.70
N GLY B 240 28.14 5.96 -10.41
CA GLY B 240 28.19 6.04 -11.84
C GLY B 240 27.15 5.20 -12.55
N PHE B 241 26.30 4.51 -11.80
CA PHE B 241 25.05 4.00 -12.30
C PHE B 241 23.90 4.96 -12.05
N GLU B 242 24.04 5.87 -11.09
CA GLU B 242 23.03 6.91 -10.91
C GLU B 242 23.09 7.91 -12.04
N ARG B 243 24.23 8.61 -12.17
CA ARG B 243 24.57 9.12 -13.48
C ARG B 243 24.86 7.91 -14.35
N TRP B 244 24.81 8.11 -15.66
CA TRP B 244 24.63 7.09 -16.70
C TRP B 244 23.14 6.75 -16.83
N LYS B 245 22.28 7.31 -15.99
CA LYS B 245 20.84 7.28 -16.22
C LYS B 245 20.24 8.65 -16.45
N ARG B 246 20.98 9.73 -16.16
CA ARG B 246 20.51 11.07 -16.47
C ARG B 246 21.58 12.02 -16.96
N ASP B 247 22.82 11.57 -17.14
CA ASP B 247 23.83 12.31 -17.88
C ASP B 247 24.52 11.38 -18.88
N LYS B 248 23.76 10.44 -19.39
CA LYS B 248 24.25 9.36 -20.23
C LYS B 248 24.45 9.83 -21.66
N GLY B 249 24.64 8.84 -22.55
CA GLY B 249 24.53 9.02 -23.97
C GLY B 249 23.30 8.32 -24.51
N ALA B 250 23.04 8.54 -25.78
CA ALA B 250 21.82 8.07 -26.39
C ALA B 250 21.96 6.62 -26.86
N PRO B 251 20.85 5.93 -27.07
CA PRO B 251 20.94 4.50 -27.40
C PRO B 251 21.15 4.20 -28.85
N LEU B 252 21.82 3.06 -29.04
CA LEU B 252 22.19 2.60 -30.36
C LEU B 252 20.99 2.32 -31.22
N ASN B 253 19.85 2.01 -30.62
CA ASN B 253 18.60 1.98 -31.37
C ASN B 253 18.05 3.37 -31.63
N ASP B 254 18.80 4.41 -31.25
CA ASP B 254 18.51 5.78 -31.62
C ASP B 254 19.72 6.53 -32.20
N VAL B 255 20.90 5.89 -32.29
CA VAL B 255 22.05 6.55 -32.90
C VAL B 255 22.84 5.66 -33.86
N ALA B 256 22.41 4.41 -34.04
CA ALA B 256 23.18 3.53 -34.91
C ALA B 256 23.18 4.04 -36.34
N PRO B 257 24.11 3.57 -37.17
CA PRO B 257 23.96 3.71 -38.61
C PRO B 257 23.28 2.52 -39.29
N PHE B 258 23.08 2.69 -40.60
CA PHE B 258 22.59 1.69 -41.54
C PHE B 258 21.43 0.84 -41.05
N GLY B 259 20.57 1.44 -40.24
CA GLY B 259 19.22 0.99 -40.04
C GLY B 259 18.90 -0.26 -39.24
N CYS B 260 19.10 -0.19 -37.93
CA CYS B 260 19.03 -1.32 -37.04
C CYS B 260 18.09 -1.02 -35.91
N SER B 261 17.55 -2.08 -35.32
CA SER B 261 16.80 -2.03 -34.09
C SER B 261 17.39 -3.07 -33.15
N ILE B 262 17.05 -2.97 -31.87
CA ILE B 262 17.81 -3.60 -30.80
C ILE B 262 16.86 -4.27 -29.81
N ALA B 263 17.37 -5.27 -29.08
CA ALA B 263 16.62 -5.89 -28.00
C ALA B 263 17.54 -6.43 -26.92
N LEU B 264 17.09 -6.37 -25.66
CA LEU B 264 17.68 -7.13 -24.56
C LEU B 264 16.95 -8.46 -24.51
N GLU B 265 17.47 -9.37 -25.26
CA GLU B 265 16.90 -10.59 -25.80
C GLU B 265 18.24 -11.16 -26.26
N PRO B 266 18.35 -12.12 -27.18
CA PRO B 266 19.70 -12.60 -27.54
C PRO B 266 20.76 -11.58 -27.98
N LEU B 267 20.51 -10.27 -27.88
CA LEU B 267 21.45 -9.18 -28.15
C LEU B 267 21.58 -9.04 -29.64
N ARG B 268 20.46 -9.22 -30.31
CA ARG B 268 20.40 -9.03 -31.73
C ARG B 268 20.35 -7.55 -32.04
N ALA B 269 20.60 -7.25 -33.31
CA ALA B 269 20.41 -5.92 -33.86
C ALA B 269 19.58 -6.11 -35.12
N GLU B 270 18.27 -6.04 -34.97
CA GLU B 270 17.37 -6.45 -36.04
C GLU B 270 17.49 -5.55 -37.26
N ASN B 271 17.21 -6.15 -38.41
CA ASN B 271 16.72 -5.45 -39.59
C ASN B 271 17.74 -4.45 -40.13
N CYS B 272 19.01 -4.76 -39.96
CA CYS B 272 20.09 -3.89 -40.42
C CYS B 272 20.17 -3.96 -41.94
N ALA B 273 19.56 -2.98 -42.58
CA ALA B 273 19.52 -2.91 -44.04
C ALA B 273 20.82 -2.32 -44.53
N VAL B 274 21.73 -3.18 -44.99
CA VAL B 274 22.95 -2.69 -45.60
C VAL B 274 23.59 -3.76 -46.46
N GLY B 275 23.99 -3.38 -47.68
CA GLY B 275 24.68 -4.27 -48.56
C GLY B 275 23.80 -5.35 -49.15
N SER B 276 24.47 -6.37 -49.67
CA SER B 276 23.83 -7.44 -50.40
C SER B 276 24.17 -8.77 -49.76
N ILE B 277 23.41 -9.80 -50.17
CA ILE B 277 23.57 -11.16 -49.64
C ILE B 277 23.55 -12.11 -50.83
N PRO B 278 24.63 -12.88 -51.08
CA PRO B 278 24.61 -13.85 -52.19
C PRO B 278 23.83 -15.11 -51.91
N ILE B 279 22.54 -15.11 -52.25
CA ILE B 279 21.63 -16.15 -51.83
C ILE B 279 21.40 -17.11 -52.99
N SER B 280 21.28 -18.38 -52.65
CA SER B 280 21.19 -19.46 -53.62
C SER B 280 20.26 -20.53 -53.06
N ILE B 281 19.35 -21.01 -53.91
CA ILE B 281 18.30 -21.94 -53.48
C ILE B 281 18.34 -23.16 -54.39
N ASP B 282 18.04 -24.31 -53.81
CA ASP B 282 17.74 -25.53 -54.54
C ASP B 282 16.27 -25.82 -54.36
N ILE B 283 15.49 -25.51 -55.39
CA ILE B 283 14.04 -25.69 -55.42
C ILE B 283 13.73 -27.17 -55.47
N PRO B 284 12.58 -27.63 -54.99
CA PRO B 284 12.16 -29.00 -55.32
C PRO B 284 11.70 -29.07 -56.77
N ASP B 285 12.31 -29.97 -57.52
CA ASP B 285 11.98 -30.12 -58.93
C ASP B 285 10.52 -30.48 -59.13
N ALA B 286 9.90 -31.13 -58.14
CA ALA B 286 8.49 -31.43 -58.22
C ALA B 286 7.66 -30.14 -58.32
N ALA B 287 8.11 -29.08 -57.67
CA ALA B 287 7.38 -27.82 -57.72
C ALA B 287 7.42 -27.19 -59.10
N PHE B 288 8.42 -27.55 -59.92
CA PHE B 288 8.44 -27.04 -61.28
C PHE B 288 7.25 -27.56 -62.07
N THR B 289 6.81 -26.71 -62.99
CA THR B 289 5.90 -27.12 -64.06
C THR B 289 6.73 -27.28 -65.32
N ARG B 290 6.49 -28.35 -66.05
CA ARG B 290 7.20 -28.54 -67.29
C ARG B 290 6.78 -27.47 -68.29
N ILE B 291 7.67 -27.21 -69.24
CA ILE B 291 7.50 -26.04 -70.10
C ILE B 291 6.32 -26.20 -71.04
N SER B 292 5.95 -27.43 -71.38
CA SER B 292 4.94 -27.68 -72.38
C SER B 292 3.52 -27.57 -71.84
N GLU B 293 3.33 -27.02 -70.65
CA GLU B 293 2.04 -26.93 -70.00
C GLU B 293 1.63 -25.51 -69.68
N THR B 294 2.58 -24.59 -69.56
CA THR B 294 2.24 -23.20 -69.40
C THR B 294 2.00 -22.58 -70.78
N PRO B 295 1.07 -21.63 -70.91
CA PRO B 295 0.88 -21.01 -72.22
C PRO B 295 2.11 -20.23 -72.67
N THR B 296 2.43 -20.36 -73.95
CA THR B 296 3.41 -19.49 -74.58
C THR B 296 2.72 -18.19 -74.96
N VAL B 297 3.35 -17.08 -74.58
CA VAL B 297 2.69 -15.78 -74.50
C VAL B 297 3.17 -14.83 -75.59
N SER B 298 4.15 -15.24 -76.39
CA SER B 298 4.79 -14.33 -77.34
C SER B 298 3.82 -13.78 -78.38
N ASP B 299 4.31 -12.89 -79.24
CA ASP B 299 3.47 -12.08 -80.12
C ASP B 299 2.52 -11.21 -79.31
N LEU B 300 3.04 -10.66 -78.23
CA LEU B 300 2.30 -9.84 -77.28
C LEU B 300 2.61 -8.37 -77.53
N GLU B 301 2.16 -7.51 -76.62
CA GLU B 301 2.60 -6.13 -76.56
C GLU B 301 2.44 -5.63 -75.14
N CYS B 302 3.36 -4.77 -74.71
CA CYS B 302 3.34 -4.16 -73.39
C CYS B 302 3.42 -2.65 -73.51
N LYS B 303 2.72 -1.96 -72.63
CA LYS B 303 2.84 -0.52 -72.54
C LYS B 303 2.37 -0.06 -71.17
N ILE B 304 3.08 0.93 -70.62
CA ILE B 304 2.55 1.64 -69.47
C ILE B 304 1.27 2.33 -69.86
N THR B 305 0.50 2.67 -68.86
CA THR B 305 -0.69 3.49 -69.02
C THR B 305 -0.71 4.65 -68.06
N GLU B 306 -0.25 4.45 -66.83
CA GLU B 306 -0.05 5.54 -65.89
C GLU B 306 1.14 5.13 -65.00
N CYS B 307 2.34 5.49 -65.45
CA CYS B 307 3.52 5.16 -64.68
C CYS B 307 3.76 6.23 -63.63
N THR B 308 3.92 5.79 -62.40
CA THR B 308 4.16 6.67 -61.27
C THR B 308 5.62 6.52 -60.86
N TYR B 309 6.35 7.63 -60.95
CA TYR B 309 7.80 7.66 -60.81
C TYR B 309 8.16 7.63 -59.32
N ALA B 310 7.91 6.48 -58.70
CA ALA B 310 7.71 6.48 -57.25
C ALA B 310 8.10 5.15 -56.61
N SER B 311 7.74 5.02 -55.33
CA SER B 311 8.11 3.94 -54.43
C SER B 311 7.00 2.92 -54.30
N ASP B 312 5.84 3.37 -53.83
CA ASP B 312 4.67 2.52 -53.84
C ASP B 312 4.41 2.05 -55.27
N PHE B 313 3.78 0.90 -55.39
CA PHE B 313 3.59 0.31 -56.69
C PHE B 313 2.58 1.11 -57.49
N GLY B 314 2.97 2.29 -57.92
CA GLY B 314 2.10 3.17 -58.67
C GLY B 314 2.21 2.96 -60.15
N GLY B 315 3.33 2.41 -60.60
CA GLY B 315 3.51 2.14 -62.01
C GLY B 315 2.62 1.00 -62.46
N ILE B 316 1.93 1.20 -63.58
CA ILE B 316 1.06 0.19 -64.15
C ILE B 316 1.34 0.07 -65.64
N ALA B 317 0.94 -1.06 -66.19
CA ALA B 317 1.13 -1.29 -67.61
C ALA B 317 0.23 -2.43 -68.05
N THR B 318 -0.65 -2.14 -69.01
CA THR B 318 -1.36 -3.20 -69.68
C THR B 318 -0.37 -4.00 -70.53
N VAL B 319 -0.74 -5.24 -70.78
CA VAL B 319 0.06 -6.12 -71.63
C VAL B 319 -0.91 -6.86 -72.53
N ALA B 320 -0.76 -6.69 -73.84
CA ALA B 320 -1.58 -7.40 -74.80
C ALA B 320 -1.10 -8.85 -74.86
N TYR B 321 -1.58 -9.64 -73.91
CA TYR B 321 -1.16 -11.02 -73.84
C TYR B 321 -1.64 -11.78 -75.05
N LYS B 322 -0.74 -12.57 -75.63
CA LYS B 322 -1.01 -13.37 -76.82
C LYS B 322 -0.62 -14.80 -76.46
N SER B 323 -1.52 -15.53 -75.85
CA SER B 323 -1.22 -16.84 -75.30
C SER B 323 -1.50 -17.92 -76.31
N SER B 324 -1.10 -19.13 -75.94
CA SER B 324 -1.40 -20.34 -76.70
C SER B 324 -2.40 -21.21 -75.95
N LYS B 325 -2.08 -21.58 -74.73
CA LYS B 325 -3.04 -22.16 -73.80
C LYS B 325 -3.61 -21.04 -72.96
N ALA B 326 -4.31 -21.39 -71.89
CA ALA B 326 -4.81 -20.41 -70.94
C ALA B 326 -4.47 -20.89 -69.54
N GLY B 327 -3.97 -19.98 -68.72
CA GLY B 327 -3.60 -20.33 -67.36
C GLY B 327 -2.76 -19.26 -66.73
N ASN B 328 -1.92 -19.69 -65.79
CA ASN B 328 -1.03 -18.78 -65.09
C ASN B 328 0.27 -18.59 -65.86
N CYS B 329 0.96 -17.51 -65.51
CA CYS B 329 2.17 -17.11 -66.17
C CYS B 329 3.00 -16.29 -65.20
N PRO B 330 4.03 -16.84 -64.57
CA PRO B 330 4.82 -16.03 -63.67
C PRO B 330 5.57 -14.94 -64.42
N ILE B 331 5.78 -13.82 -63.72
CA ILE B 331 6.33 -12.61 -64.33
C ILE B 331 7.44 -12.06 -63.46
N HIS B 332 8.35 -11.34 -64.10
CA HIS B 332 9.43 -10.66 -63.42
C HIS B 332 10.14 -9.79 -64.43
N SER B 333 10.71 -8.70 -63.93
CA SER B 333 11.60 -7.85 -64.69
C SER B 333 13.02 -8.24 -64.33
N PRO B 334 13.74 -8.99 -65.17
CA PRO B 334 15.13 -9.32 -64.81
C PRO B 334 15.99 -8.10 -64.58
N SER B 335 15.68 -7.00 -65.23
CA SER B 335 16.31 -5.74 -64.87
C SER B 335 15.75 -5.27 -63.54
N GLY B 336 16.64 -4.76 -62.69
CA GLY B 336 16.23 -4.26 -61.42
C GLY B 336 15.58 -2.91 -61.44
N VAL B 337 15.37 -2.34 -62.63
CA VAL B 337 14.75 -1.02 -62.74
C VAL B 337 13.34 -1.06 -62.18
N ALA B 338 12.60 -2.09 -62.53
CA ALA B 338 11.19 -2.20 -62.19
C ALA B 338 10.99 -3.31 -61.18
N VAL B 339 10.24 -3.00 -60.13
CA VAL B 339 9.85 -3.96 -59.11
C VAL B 339 8.35 -4.10 -59.19
N ILE B 340 7.88 -5.34 -59.25
CA ILE B 340 6.52 -5.65 -59.62
C ILE B 340 5.80 -6.26 -58.41
N LYS B 341 4.55 -5.86 -58.23
CA LYS B 341 3.75 -6.38 -57.13
C LYS B 341 3.25 -7.79 -57.42
N GLU B 342 2.90 -8.05 -58.67
CA GLU B 342 2.37 -9.34 -59.08
C GLU B 342 3.51 -10.27 -59.44
N ASN B 343 3.55 -11.43 -58.78
CA ASN B 343 4.46 -12.49 -59.20
C ASN B 343 3.90 -13.25 -60.39
N ASP B 344 2.59 -13.42 -60.43
CA ASP B 344 1.91 -14.30 -61.35
C ASP B 344 0.69 -13.60 -61.90
N VAL B 345 0.41 -13.84 -63.17
CA VAL B 345 -0.78 -13.30 -63.83
C VAL B 345 -1.54 -14.44 -64.46
N THR B 346 -2.84 -14.44 -64.27
CA THR B 346 -3.71 -15.40 -64.92
C THR B 346 -3.98 -14.97 -66.35
N LEU B 347 -4.14 -15.95 -67.23
CA LEU B 347 -4.35 -15.67 -68.64
C LEU B 347 -5.45 -16.54 -69.22
N ALA B 348 -6.39 -15.90 -69.89
CA ALA B 348 -7.28 -16.56 -70.81
C ALA B 348 -6.56 -16.69 -72.14
N GLU B 349 -7.28 -17.06 -73.18
CA GLU B 349 -6.67 -17.21 -74.49
C GLU B 349 -6.38 -15.83 -75.07
N SER B 350 -5.20 -15.32 -74.81
CA SER B 350 -4.68 -14.10 -75.43
C SER B 350 -5.57 -12.90 -75.10
N GLY B 351 -5.65 -12.60 -73.82
CA GLY B 351 -6.34 -11.43 -73.31
C GLY B 351 -5.38 -10.31 -73.00
N SER B 352 -5.70 -9.56 -71.95
CA SER B 352 -4.86 -8.47 -71.50
C SER B 352 -5.07 -8.28 -70.01
N PHE B 353 -3.99 -8.06 -69.28
CA PHE B 353 -4.06 -7.90 -67.83
C PHE B 353 -2.96 -6.94 -67.39
N THR B 354 -3.37 -5.86 -66.74
CA THR B 354 -2.45 -4.90 -66.18
C THR B 354 -1.85 -5.46 -64.90
N PHE B 355 -0.61 -5.06 -64.65
CA PHE B 355 0.04 -5.30 -63.38
C PHE B 355 0.47 -3.96 -62.79
N HIS B 356 0.99 -4.03 -61.57
CA HIS B 356 1.48 -2.87 -60.84
C HIS B 356 2.99 -2.98 -60.68
N PHE B 357 3.65 -1.82 -60.59
CA PHE B 357 5.09 -1.84 -60.37
C PHE B 357 5.54 -0.47 -59.86
N SER B 358 6.86 -0.33 -59.73
CA SER B 358 7.48 0.91 -59.30
C SER B 358 8.88 0.97 -59.90
N THR B 359 9.32 2.18 -60.25
CA THR B 359 10.58 2.39 -60.93
C THR B 359 11.26 3.62 -60.35
N ALA B 360 12.41 3.95 -60.91
CA ALA B 360 13.20 5.10 -60.51
C ALA B 360 13.74 5.91 -61.66
N ASN B 361 13.59 5.46 -62.89
CA ASN B 361 14.08 6.18 -64.05
C ASN B 361 12.90 6.71 -64.86
N ILE B 362 13.03 7.96 -65.29
CA ILE B 362 11.92 8.67 -65.92
C ILE B 362 11.41 7.89 -67.12
N HIS B 363 12.32 7.27 -67.84
CA HIS B 363 12.01 6.48 -69.02
C HIS B 363 12.27 5.01 -68.67
N PRO B 364 11.33 4.33 -68.04
CA PRO B 364 11.58 2.95 -67.66
C PRO B 364 11.63 2.03 -68.85
N ALA B 365 12.84 1.68 -69.26
CA ALA B 365 13.07 0.69 -70.31
C ALA B 365 13.50 -0.61 -69.67
N PHE B 366 12.53 -1.28 -69.07
CA PHE B 366 12.78 -2.54 -68.38
C PHE B 366 12.15 -3.69 -69.14
N LYS B 367 12.90 -4.78 -69.26
CA LYS B 367 12.36 -5.98 -69.82
C LYS B 367 11.36 -6.59 -68.85
N LEU B 368 10.40 -7.31 -69.41
CA LEU B 368 9.44 -8.07 -68.62
C LEU B 368 9.37 -9.47 -69.20
N GLN B 369 9.60 -10.46 -68.35
CA GLN B 369 9.72 -11.84 -68.76
C GLN B 369 8.44 -12.54 -68.32
N VAL B 370 7.47 -12.59 -69.24
CA VAL B 370 6.17 -13.21 -68.94
C VAL B 370 6.30 -14.68 -69.32
N CYS B 371 6.81 -15.46 -68.38
CA CYS B 371 6.95 -16.91 -68.48
C CYS B 371 7.54 -17.33 -69.82
N THR B 372 8.81 -16.93 -69.98
CA THR B 372 9.59 -17.13 -71.20
C THR B 372 9.01 -16.36 -72.36
N SER B 373 8.88 -15.05 -72.18
CA SER B 373 8.65 -14.15 -73.29
C SER B 373 9.05 -12.76 -72.82
N ALA B 374 10.12 -12.22 -73.38
CA ALA B 374 10.62 -10.93 -72.97
C ALA B 374 9.87 -9.82 -73.68
N VAL B 375 9.85 -8.64 -73.07
CA VAL B 375 9.25 -7.48 -73.69
C VAL B 375 9.72 -6.23 -72.97
N THR B 376 9.98 -5.20 -73.75
CA THR B 376 10.31 -3.88 -73.22
C THR B 376 9.00 -3.13 -72.96
N CYS B 377 8.79 -2.75 -71.72
CA CYS B 377 7.65 -1.91 -71.33
C CYS B 377 8.10 -0.45 -71.23
N LYS B 378 8.62 0.04 -72.34
CA LYS B 378 9.12 1.42 -72.41
C LYS B 378 8.00 2.40 -72.13
N GLY B 379 8.38 3.55 -71.58
CA GLY B 379 7.41 4.62 -71.42
C GLY B 379 7.95 5.81 -70.64
N ASP B 380 7.06 6.46 -69.90
CA ASP B 380 7.41 7.66 -69.14
C ASP B 380 6.51 7.75 -67.92
N CYS B 381 7.04 8.35 -66.86
CA CYS B 381 6.43 8.28 -65.53
C CYS B 381 6.23 9.67 -64.96
N LYS B 382 5.44 9.72 -63.89
CA LYS B 382 5.00 10.96 -63.28
C LYS B 382 5.40 11.00 -61.81
N PRO B 383 5.89 12.13 -61.30
CA PRO B 383 6.23 12.22 -59.87
C PRO B 383 4.99 12.34 -59.00
N PRO B 384 5.00 11.73 -57.79
CA PRO B 384 3.90 11.96 -56.83
C PRO B 384 4.01 13.19 -55.96
N LYS B 385 3.15 13.22 -54.94
CA LYS B 385 2.89 14.41 -54.14
C LYS B 385 2.95 14.22 -52.62
N ASP B 386 2.99 12.98 -52.10
CA ASP B 386 2.42 12.64 -50.78
C ASP B 386 3.36 11.78 -49.93
N HIS B 387 4.58 12.26 -49.72
CA HIS B 387 5.71 11.42 -49.26
C HIS B 387 6.01 11.50 -47.76
N ILE B 388 5.11 11.01 -46.90
CA ILE B 388 5.47 10.82 -45.49
C ILE B 388 4.90 9.55 -44.85
N VAL B 389 5.40 8.36 -45.21
CA VAL B 389 4.90 7.09 -44.65
C VAL B 389 6.11 6.19 -44.79
N ASP B 390 6.08 4.91 -44.34
CA ASP B 390 7.24 4.04 -44.05
C ASP B 390 8.08 3.75 -45.30
N TYR B 391 8.68 2.58 -45.50
CA TYR B 391 9.78 2.49 -46.48
C TYR B 391 9.39 1.82 -47.80
N PRO B 392 10.18 2.05 -48.85
CA PRO B 392 9.71 1.80 -50.22
C PRO B 392 9.80 0.35 -50.67
N ALA B 393 9.24 0.12 -51.85
CA ALA B 393 9.35 -1.12 -52.60
C ALA B 393 10.24 -0.99 -53.82
N GLN B 394 10.78 0.20 -54.07
CA GLN B 394 11.48 0.55 -55.30
C GLN B 394 12.94 0.16 -55.21
N HIS B 395 13.63 0.75 -54.23
CA HIS B 395 14.98 0.40 -53.79
C HIS B 395 15.93 0.09 -54.94
N THR B 396 15.83 0.88 -56.02
CA THR B 396 16.54 0.60 -57.25
C THR B 396 17.14 1.87 -57.85
N GLU B 397 17.43 2.85 -57.02
CA GLU B 397 17.89 4.14 -57.53
C GLU B 397 19.26 3.98 -58.17
N SER B 398 19.40 4.56 -59.35
CA SER B 398 20.66 4.53 -60.08
C SER B 398 20.73 5.79 -60.92
N PHE B 399 21.62 5.80 -61.91
CA PHE B 399 21.75 6.94 -62.80
C PHE B 399 20.54 7.00 -63.72
N THR B 400 19.89 8.17 -63.74
CA THR B 400 18.65 8.38 -64.49
C THR B 400 18.65 9.74 -65.18
N TYR C 1 76.13 45.62 18.44
CA TYR C 1 75.57 44.35 17.93
C TYR C 1 74.07 44.44 17.66
N GLU C 2 73.54 45.65 17.59
CA GLU C 2 72.10 45.81 17.40
C GLU C 2 71.75 45.36 16.00
N HIS C 3 71.34 44.11 15.87
CA HIS C 3 71.35 43.42 14.59
C HIS C 3 70.18 43.88 13.72
N THR C 4 70.41 44.96 13.00
CA THR C 4 69.51 45.36 11.94
C THR C 4 69.38 44.23 10.93
N ALA C 5 68.18 44.11 10.36
CA ALA C 5 67.96 43.10 9.33
C ALA C 5 66.70 43.43 8.56
N VAL C 6 66.84 43.68 7.26
CA VAL C 6 65.69 43.63 6.39
C VAL C 6 65.16 42.21 6.39
N MET C 7 63.85 42.07 6.27
CA MET C 7 63.22 40.80 6.56
C MET C 7 61.91 40.63 5.82
N PRO C 8 61.71 39.56 5.05
CA PRO C 8 60.49 39.45 4.26
C PRO C 8 59.27 39.26 5.14
N ASN C 9 58.20 39.96 4.80
CA ASN C 9 56.93 39.78 5.48
C ASN C 9 56.30 38.51 4.97
N LYS C 10 56.35 37.47 5.79
CA LYS C 10 55.73 36.20 5.47
C LYS C 10 55.63 35.43 6.77
N VAL C 11 54.49 34.79 6.98
CA VAL C 11 54.05 34.55 8.34
C VAL C 11 54.71 33.31 8.94
N GLY C 12 54.60 32.17 8.27
CA GLY C 12 54.67 30.91 8.96
C GLY C 12 55.99 30.21 8.83
N ILE C 13 57.09 30.95 8.95
CA ILE C 13 58.40 30.39 8.65
C ILE C 13 59.48 31.20 9.35
N PRO C 14 60.44 30.59 10.04
CA PRO C 14 61.46 31.39 10.71
C PRO C 14 62.48 31.93 9.72
N TYR C 15 63.31 32.84 10.23
CA TYR C 15 64.19 33.71 9.45
C TYR C 15 65.58 33.73 10.07
N LYS C 16 66.18 32.56 10.21
CA LYS C 16 67.24 32.35 11.19
C LYS C 16 68.50 33.13 10.86
N ALA C 17 68.45 34.45 11.03
CA ALA C 17 69.62 35.29 10.83
C ALA C 17 70.71 34.96 11.84
N LEU C 18 71.85 35.64 11.73
CA LEU C 18 73.03 35.32 12.52
C LEU C 18 73.64 36.61 13.04
N VAL C 19 73.89 36.67 14.35
CA VAL C 19 74.48 37.84 14.98
C VAL C 19 75.99 37.76 14.81
N GLU C 20 76.55 38.64 13.98
CA GLU C 20 77.99 38.73 13.80
C GLU C 20 78.55 39.88 14.64
N ARG C 21 78.48 39.71 15.96
CA ARG C 21 79.11 40.66 16.85
C ARG C 21 80.62 40.49 16.79
N PRO C 22 81.42 41.51 16.43
CA PRO C 22 82.87 41.34 16.51
C PRO C 22 83.33 41.24 17.96
N GLY C 23 83.87 40.08 18.31
CA GLY C 23 84.55 39.91 19.58
C GLY C 23 84.14 38.67 20.35
N TYR C 24 82.85 38.34 20.33
CA TYR C 24 82.32 37.17 21.02
C TYR C 24 81.70 36.24 20.01
N ALA C 25 81.27 35.08 20.49
CA ALA C 25 80.76 34.06 19.60
C ALA C 25 79.46 34.54 18.96
N PRO C 26 79.24 34.27 17.67
CA PRO C 26 77.97 34.67 17.07
C PRO C 26 76.84 33.84 17.63
N VAL C 27 75.63 34.35 17.42
CA VAL C 27 74.41 33.67 17.84
C VAL C 27 73.40 33.76 16.70
N HIS C 28 72.71 32.66 16.49
CA HIS C 28 71.67 32.57 15.49
C HIS C 28 70.41 33.26 15.98
N LEU C 29 69.60 33.68 15.02
CA LEU C 29 68.23 34.07 15.27
C LEU C 29 67.30 32.92 14.90
N GLN C 30 66.06 33.06 15.33
CA GLN C 30 64.96 32.30 14.71
C GLN C 30 63.74 33.20 14.82
N ILE C 31 63.51 34.01 13.81
CA ILE C 31 62.46 35.01 13.84
C ILE C 31 61.34 34.51 12.95
N GLN C 32 60.26 34.07 13.58
CA GLN C 32 59.07 33.58 12.90
C GLN C 32 57.95 34.56 13.16
N LEU C 33 57.58 35.31 12.14
CA LEU C 33 56.47 36.27 12.23
C LEU C 33 55.16 35.50 12.20
N VAL C 34 54.82 34.89 13.34
CA VAL C 34 53.67 33.99 13.45
C VAL C 34 52.37 34.66 13.02
N ASN C 35 52.30 35.98 13.09
CA ASN C 35 51.10 36.68 12.67
C ASN C 35 51.45 38.06 12.15
N THR C 36 50.56 38.58 11.30
CA THR C 36 50.64 39.91 10.72
C THR C 36 49.30 40.59 10.82
N ARG C 37 48.71 40.58 12.01
CA ARG C 37 47.40 41.17 12.17
C ARG C 37 47.52 42.68 12.21
N ILE C 38 46.58 43.35 11.55
CA ILE C 38 46.79 44.69 11.03
C ILE C 38 46.07 45.75 11.87
N ILE C 39 44.75 45.69 11.91
CA ILE C 39 43.95 46.58 12.74
C ILE C 39 44.18 47.99 12.23
N PRO C 40 43.64 48.34 11.08
CA PRO C 40 43.70 49.73 10.62
C PRO C 40 42.85 50.63 11.47
N SER C 41 43.07 51.92 11.27
CA SER C 41 42.22 52.93 11.88
C SER C 41 40.90 52.99 11.13
N THR C 42 39.80 53.01 11.88
CA THR C 42 38.49 52.86 11.30
C THR C 42 37.50 53.74 12.05
N ASN C 43 36.26 53.74 11.56
CA ASN C 43 35.17 54.48 12.18
C ASN C 43 33.87 53.76 11.88
N LEU C 44 33.10 53.47 12.93
CA LEU C 44 31.76 52.94 12.73
C LEU C 44 30.89 54.05 12.18
N GLU C 45 30.47 53.91 10.93
CA GLU C 45 29.71 54.96 10.25
C GLU C 45 28.23 54.75 10.41
N TYR C 46 27.76 53.55 10.13
CA TYR C 46 26.37 53.21 10.41
C TYR C 46 26.22 51.71 10.31
N ILE C 47 25.49 51.15 11.23
CA ILE C 47 24.98 49.81 11.04
C ILE C 47 23.83 49.91 10.06
N THR C 48 23.69 48.88 9.24
CA THR C 48 22.44 48.64 8.55
C THR C 48 22.02 47.21 8.82
N CYS C 49 20.80 46.94 8.38
CA CYS C 49 20.08 45.72 8.68
C CYS C 49 18.79 45.82 7.89
N LYS C 50 18.02 44.76 7.91
CA LYS C 50 16.73 44.82 7.24
C LYS C 50 15.73 45.50 8.14
N TYR C 51 14.87 46.29 7.53
CA TYR C 51 13.84 47.02 8.23
C TYR C 51 12.89 46.07 8.93
N LYS C 52 11.96 46.61 9.70
CA LYS C 52 10.71 45.95 10.00
C LYS C 52 9.62 47.00 9.99
N THR C 53 8.68 46.86 9.06
CA THR C 53 7.56 47.78 8.96
C THR C 53 6.61 47.48 10.12
N LYS C 54 7.01 47.92 11.30
CA LYS C 54 6.24 47.68 12.52
C LYS C 54 5.13 48.71 12.56
N VAL C 55 4.08 48.42 11.81
CA VAL C 55 2.94 49.29 11.58
C VAL C 55 2.28 49.67 12.90
N PRO C 56 2.14 50.95 13.23
CA PRO C 56 1.19 51.32 14.27
C PRO C 56 -0.23 51.17 13.76
N SER C 57 -1.09 50.77 14.65
CA SER C 57 -2.42 50.33 14.29
C SER C 57 -3.25 51.50 13.77
N PRO C 58 -3.81 51.41 12.56
CA PRO C 58 -4.42 52.58 11.94
C PRO C 58 -5.64 53.07 12.68
N VAL C 59 -5.92 54.35 12.49
CA VAL C 59 -7.13 54.95 12.99
C VAL C 59 -8.24 54.71 11.99
N VAL C 60 -9.45 54.55 12.53
CA VAL C 60 -10.65 54.44 11.71
C VAL C 60 -11.70 55.34 12.34
N LYS C 61 -11.82 56.55 11.81
CA LYS C 61 -12.94 57.41 12.16
C LYS C 61 -14.12 57.05 11.28
N CYS C 62 -15.30 56.97 11.91
CA CYS C 62 -16.43 56.35 11.24
C CYS C 62 -17.20 57.31 10.35
N CYS C 63 -17.26 58.59 10.69
CA CYS C 63 -18.00 59.55 9.88
C CYS C 63 -17.21 60.86 9.87
N GLY C 64 -16.34 61.00 8.88
CA GLY C 64 -15.59 62.20 8.65
C GLY C 64 -14.10 61.95 8.73
N ALA C 65 -13.35 63.01 8.43
CA ALA C 65 -11.92 62.88 8.17
C ALA C 65 -11.11 62.89 9.46
N THR C 66 -9.92 62.31 9.37
CA THR C 66 -8.91 62.36 10.42
C THR C 66 -7.61 62.74 9.74
N GLN C 67 -7.27 64.03 9.78
CA GLN C 67 -6.03 64.48 9.19
C GLN C 67 -4.85 63.87 9.92
N CYS C 68 -3.89 63.36 9.16
CA CYS C 68 -2.67 62.83 9.71
C CYS C 68 -1.62 63.93 9.84
N THR C 69 -0.66 63.70 10.72
CA THR C 69 0.50 64.57 10.89
C THR C 69 1.76 63.75 10.70
N SER C 70 2.83 64.44 10.35
CA SER C 70 4.11 63.80 10.04
C SER C 70 4.86 63.60 11.35
N LYS C 71 4.58 62.48 12.00
CA LYS C 71 5.26 62.16 13.24
C LYS C 71 6.75 61.95 12.96
N PRO C 72 7.62 62.14 13.96
CA PRO C 72 9.05 62.09 13.71
C PRO C 72 9.64 60.69 13.66
N HIS C 73 8.83 59.65 13.55
CA HIS C 73 9.39 58.31 13.46
C HIS C 73 10.21 58.20 12.17
N PRO C 74 11.21 57.32 12.13
CA PRO C 74 12.01 57.19 10.90
C PRO C 74 11.17 56.71 9.74
N ASP C 75 11.16 57.51 8.68
CA ASP C 75 10.38 57.22 7.48
C ASP C 75 8.91 57.04 7.84
N TYR C 76 8.39 57.99 8.61
CA TYR C 76 7.03 57.89 9.08
C TYR C 76 6.09 58.15 7.91
N GLN C 77 5.69 57.08 7.25
CA GLN C 77 4.74 57.16 6.16
C GLN C 77 3.34 57.07 6.73
N CYS C 78 2.52 58.06 6.43
CA CYS C 78 1.14 58.09 6.87
C CYS C 78 0.31 58.77 5.81
N GLN C 79 -0.84 58.16 5.50
CA GLN C 79 -1.72 58.69 4.49
C GLN C 79 -3.15 58.42 4.92
N VAL C 80 -3.93 59.49 5.01
CA VAL C 80 -5.35 59.36 5.30
C VAL C 80 -6.03 58.65 4.14
N PHE C 81 -7.08 57.92 4.45
CA PHE C 81 -7.88 57.27 3.43
C PHE C 81 -9.35 57.32 3.83
N THR C 82 -10.20 57.54 2.85
CA THR C 82 -11.64 57.51 3.02
C THR C 82 -12.21 56.38 2.17
N GLY C 83 -13.53 56.32 2.12
CA GLY C 83 -14.20 55.37 1.27
C GLY C 83 -13.94 53.94 1.68
N VAL C 84 -14.24 53.63 2.94
CA VAL C 84 -14.12 52.29 3.45
C VAL C 84 -15.43 51.89 4.12
N TYR C 85 -15.45 50.68 4.64
CA TYR C 85 -16.64 50.08 5.23
C TYR C 85 -16.11 48.88 6.00
N PRO C 86 -15.32 49.12 7.03
CA PRO C 86 -14.37 48.11 7.50
C PRO C 86 -14.99 46.91 8.20
N PHE C 87 -15.02 45.77 7.50
CA PHE C 87 -15.46 44.53 8.11
C PHE C 87 -14.56 44.15 9.27
N MET C 88 -15.09 44.21 10.48
CA MET C 88 -14.34 43.85 11.68
C MET C 88 -15.27 43.07 12.61
N TRP C 89 -15.35 41.76 12.38
CA TRP C 89 -15.93 40.80 13.31
C TRP C 89 -17.46 40.85 13.44
N GLY C 90 -18.10 41.88 12.88
CA GLY C 90 -19.54 42.01 12.94
C GLY C 90 -20.04 42.53 11.61
N GLY C 91 -19.37 42.13 10.54
CA GLY C 91 -19.47 42.89 9.32
C GLY C 91 -18.77 44.21 9.55
N ALA C 92 -19.17 45.23 8.80
CA ALA C 92 -18.67 46.56 9.07
C ALA C 92 -19.12 47.02 10.45
N TYR C 93 -18.56 48.14 10.90
CA TYR C 93 -18.98 48.71 12.17
C TYR C 93 -19.26 50.20 12.10
N CYS C 94 -18.58 50.91 11.20
CA CYS C 94 -18.85 52.33 11.02
C CYS C 94 -20.08 52.49 10.13
N PHE C 95 -21.07 53.23 10.61
CA PHE C 95 -22.39 53.23 9.99
C PHE C 95 -22.47 54.09 8.74
N CYS C 96 -21.58 55.07 8.58
CA CYS C 96 -21.51 55.78 7.31
C CYS C 96 -20.97 54.85 6.23
N ASP C 97 -20.85 55.36 5.00
CA ASP C 97 -20.42 54.57 3.86
C ASP C 97 -19.35 55.21 3.00
N THR C 98 -19.19 56.52 3.04
CA THR C 98 -18.07 57.20 2.40
C THR C 98 -17.30 58.05 3.39
N GLU C 99 -18.01 58.61 4.38
CA GLU C 99 -17.38 59.33 5.47
C GLU C 99 -16.60 58.39 6.39
N ASN C 100 -16.78 57.08 6.24
CA ASN C 100 -15.90 56.11 6.87
C ASN C 100 -14.47 56.43 6.46
N THR C 101 -13.66 56.81 7.44
CA THR C 101 -12.29 57.24 7.20
C THR C 101 -11.34 56.27 7.86
N GLN C 102 -10.21 56.06 7.20
CA GLN C 102 -9.16 55.15 7.66
C GLN C 102 -7.83 55.84 7.47
N MET C 103 -7.09 56.02 8.54
CA MET C 103 -5.79 56.68 8.51
C MET C 103 -4.74 55.61 8.78
N SER C 104 -4.00 55.27 7.75
CA SER C 104 -2.92 54.30 7.86
C SER C 104 -1.62 55.05 8.13
N GLU C 105 -0.83 54.49 9.05
CA GLU C 105 0.47 55.03 9.38
C GLU C 105 1.44 53.89 9.57
N ALA C 106 2.64 54.05 9.05
CA ALA C 106 3.67 53.05 9.19
C ALA C 106 5.03 53.73 9.17
N TYR C 107 5.89 53.36 10.10
CA TYR C 107 7.26 53.84 10.13
C TYR C 107 8.20 52.65 10.09
N VAL C 108 9.42 52.95 9.75
CA VAL C 108 10.48 51.97 9.67
C VAL C 108 11.15 51.86 11.02
N GLU C 109 11.57 50.65 11.36
CA GLU C 109 12.26 50.41 12.62
C GLU C 109 13.27 49.30 12.42
N ARG C 110 14.35 49.39 13.18
CA ARG C 110 15.36 48.34 13.21
C ARG C 110 14.71 47.01 13.56
N SER C 111 15.09 45.97 12.84
CA SER C 111 14.69 44.64 13.23
C SER C 111 15.30 44.27 14.57
N GLU C 112 14.80 43.19 15.14
CA GLU C 112 15.48 42.60 16.28
C GLU C 112 16.79 41.98 15.83
N GLU C 113 16.87 41.56 14.58
CA GLU C 113 18.12 41.05 14.03
C GLU C 113 19.13 42.14 13.81
N CYS C 114 18.70 43.40 13.74
CA CYS C 114 19.62 44.50 13.55
C CYS C 114 20.67 44.53 14.65
N SER C 115 20.30 44.13 15.85
CA SER C 115 21.25 44.11 16.95
C SER C 115 22.38 43.13 16.70
N ILE C 116 22.09 42.04 15.99
CA ILE C 116 22.93 40.86 16.00
C ILE C 116 23.34 40.45 14.60
N ASP C 117 22.41 40.44 13.66
CA ASP C 117 22.66 40.10 12.27
C ASP C 117 22.53 41.39 11.49
N HIS C 118 23.67 41.99 11.20
CA HIS C 118 23.67 43.34 10.68
C HIS C 118 24.95 43.59 9.93
N ALA C 119 24.82 44.17 8.75
CA ALA C 119 26.00 44.67 8.08
C ALA C 119 26.50 45.89 8.83
N LYS C 120 27.71 46.32 8.47
CA LYS C 120 28.35 47.35 9.26
C LYS C 120 29.37 48.05 8.38
N ALA C 121 29.12 49.32 8.10
CA ALA C 121 30.01 50.10 7.25
C ALA C 121 31.15 50.65 8.06
N TYR C 122 32.17 51.12 7.34
CA TYR C 122 33.32 51.74 7.97
C TYR C 122 34.03 52.64 6.97
N LYS C 123 34.53 53.76 7.46
CA LYS C 123 35.57 54.49 6.76
C LYS C 123 36.90 54.04 7.34
N VAL C 124 37.73 53.43 6.51
CA VAL C 124 38.89 52.69 6.96
C VAL C 124 40.14 53.44 6.54
N HIS C 125 40.94 53.82 7.52
CA HIS C 125 42.26 54.38 7.35
C HIS C 125 43.31 53.28 7.55
N THR C 126 44.57 53.66 7.76
CA THR C 126 45.65 52.68 7.65
C THR C 126 46.02 52.00 8.97
N GLY C 127 46.04 52.71 10.08
CA GLY C 127 46.43 52.15 11.37
C GLY C 127 47.82 51.53 11.40
N THR C 128 47.96 50.47 12.20
CA THR C 128 49.27 50.01 12.65
C THR C 128 49.28 48.49 12.85
N VAL C 129 50.20 47.78 12.17
CA VAL C 129 50.14 46.33 12.12
C VAL C 129 50.94 45.71 13.28
N GLN C 130 50.61 44.45 13.61
CA GLN C 130 51.07 43.76 14.81
C GLN C 130 51.51 42.34 14.48
N ALA C 131 51.99 41.61 15.50
CA ALA C 131 52.51 40.25 15.32
C ALA C 131 52.84 39.64 16.69
N MET C 132 52.60 38.33 16.85
CA MET C 132 52.98 37.59 18.07
C MET C 132 54.32 36.91 17.91
N VAL C 133 55.34 37.67 17.52
CA VAL C 133 56.60 37.11 17.05
C VAL C 133 57.17 36.11 18.05
N ASN C 134 57.28 34.85 17.65
CA ASN C 134 58.10 33.93 18.42
C ASN C 134 59.53 34.12 17.99
N ILE C 135 60.42 34.16 18.97
CA ILE C 135 61.81 33.85 18.75
C ILE C 135 62.19 32.81 19.78
N THR C 136 62.54 31.62 19.30
CA THR C 136 63.21 30.62 20.14
C THR C 136 64.71 30.91 20.05
N TYR C 137 65.10 31.99 20.72
CA TYR C 137 66.39 32.61 20.48
C TYR C 137 67.55 31.79 21.01
N GLY C 138 68.62 31.75 20.21
CA GLY C 138 69.96 31.40 20.67
C GLY C 138 70.02 30.16 21.52
N SER C 139 70.31 30.37 22.79
CA SER C 139 70.08 29.41 23.84
C SER C 139 68.92 29.81 24.76
N VAL C 140 68.38 31.01 24.60
CA VAL C 140 67.19 31.40 25.34
C VAL C 140 66.06 30.45 25.04
N SER C 141 65.88 30.13 23.77
CA SER C 141 64.97 29.12 23.26
C SER C 141 63.51 29.53 23.32
N TRP C 142 63.18 30.72 23.81
CA TRP C 142 61.77 31.10 23.84
C TRP C 142 61.49 32.58 24.11
N ARG C 143 60.62 33.14 23.29
CA ARG C 143 59.79 34.30 23.64
C ARG C 143 58.70 34.34 22.61
N SER C 144 57.45 34.44 23.02
CA SER C 144 56.32 34.58 22.09
C SER C 144 55.58 35.85 22.47
N ALA C 145 55.98 36.96 21.87
CA ALA C 145 55.56 38.28 22.30
C ALA C 145 54.79 38.99 21.19
N ASP C 146 53.83 39.81 21.62
CA ASP C 146 53.06 40.64 20.71
C ASP C 146 53.78 41.97 20.54
N VAL C 147 53.95 42.39 19.30
CA VAL C 147 54.77 43.53 18.96
C VAL C 147 54.00 44.44 18.01
N TYR C 148 54.67 45.50 17.58
CA TYR C 148 54.18 46.45 16.61
C TYR C 148 55.12 46.46 15.40
N VAL C 149 54.86 47.42 14.52
CA VAL C 149 55.60 47.59 13.27
C VAL C 149 56.29 48.93 13.22
N ASN C 150 55.83 49.91 13.95
CA ASN C 150 56.36 51.24 13.87
C ASN C 150 57.80 51.27 14.36
N GLY C 151 58.69 51.80 13.54
CA GLY C 151 60.11 51.53 13.70
C GLY C 151 60.80 52.28 14.82
N GLU C 152 60.15 52.40 15.96
CA GLU C 152 60.86 52.72 17.20
C GLU C 152 60.27 52.01 18.40
N THR C 153 59.34 51.09 18.21
CA THR C 153 58.71 50.40 19.33
C THR C 153 59.54 49.19 19.71
N PRO C 154 60.06 49.11 20.93
CA PRO C 154 60.54 47.83 21.45
C PRO C 154 59.42 47.02 22.08
N ALA C 155 59.74 45.78 22.39
CA ALA C 155 58.87 44.95 23.24
C ALA C 155 59.78 44.01 24.03
N LYS C 156 60.12 44.45 25.24
CA LYS C 156 61.00 43.69 26.12
C LYS C 156 60.19 42.61 26.83
N ILE C 157 59.82 41.60 26.06
CA ILE C 157 59.16 40.40 26.57
C ILE C 157 60.10 39.25 26.27
N GLY C 158 60.52 38.55 27.32
CA GLY C 158 61.64 37.64 27.24
C GLY C 158 62.85 38.30 27.85
N ASP C 159 63.90 38.48 27.05
CA ASP C 159 65.05 39.28 27.43
C ASP C 159 65.52 40.22 26.34
N ALA C 160 65.11 40.01 25.10
CA ALA C 160 65.61 40.77 23.97
C ALA C 160 64.71 41.95 23.69
N LYS C 161 65.33 43.04 23.24
CA LYS C 161 64.64 44.24 22.82
C LYS C 161 64.69 44.30 21.30
N LEU C 162 63.52 44.44 20.69
CA LEU C 162 63.37 44.25 19.25
C LEU C 162 62.53 45.35 18.65
N ILE C 163 63.03 45.93 17.56
CA ILE C 163 62.36 47.02 16.87
C ILE C 163 62.08 46.57 15.46
N ILE C 164 60.86 46.81 15.03
CA ILE C 164 60.30 46.23 13.82
C ILE C 164 59.84 47.36 12.93
N GLY C 165 59.99 47.15 11.63
CA GLY C 165 59.41 48.01 10.63
C GLY C 165 59.89 49.45 10.75
N PRO C 166 59.15 50.39 10.15
CA PRO C 166 57.90 50.24 9.43
C PRO C 166 58.06 49.50 8.13
N LEU C 167 57.10 48.62 7.83
CA LEU C 167 57.15 47.87 6.60
C LEU C 167 57.00 48.80 5.40
N SER C 168 57.56 48.38 4.27
CA SER C 168 57.48 49.14 3.05
C SER C 168 56.22 48.85 2.26
N SER C 169 55.52 47.77 2.58
CA SER C 169 54.42 47.26 1.75
C SER C 169 53.10 47.72 2.34
N ALA C 170 52.77 48.98 2.06
CA ALA C 170 51.65 49.63 2.71
C ALA C 170 50.31 49.27 2.12
N TRP C 171 50.20 48.18 1.38
CA TRP C 171 48.91 47.77 0.84
C TRP C 171 48.03 47.35 1.99
N SER C 172 47.14 48.23 2.39
CA SER C 172 46.06 47.83 3.26
C SER C 172 45.05 47.09 2.38
N PRO C 173 44.85 45.79 2.57
CA PRO C 173 43.88 45.10 1.71
C PRO C 173 42.49 45.64 1.86
N PHE C 174 42.15 46.16 3.03
CA PHE C 174 40.95 46.95 3.16
C PHE C 174 41.02 48.16 2.23
N ASP C 175 39.92 48.43 1.55
CA ASP C 175 39.78 49.69 0.84
C ASP C 175 39.44 50.79 1.84
N ASN C 176 39.24 52.00 1.32
CA ASN C 176 38.83 53.10 2.18
C ASN C 176 37.48 52.82 2.82
N LYS C 177 36.50 52.46 2.00
CA LYS C 177 35.15 52.16 2.44
C LYS C 177 34.97 50.65 2.51
N VAL C 178 34.41 50.18 3.61
CA VAL C 178 34.27 48.76 3.87
C VAL C 178 32.91 48.53 4.49
N VAL C 179 32.28 47.43 4.11
CA VAL C 179 31.14 46.88 4.82
C VAL C 179 31.59 45.59 5.46
N VAL C 180 30.98 45.28 6.58
CA VAL C 180 31.36 44.15 7.42
C VAL C 180 30.11 43.43 7.85
N TYR C 181 30.17 42.10 7.87
CA TYR C 181 29.00 41.28 8.16
C TYR C 181 29.43 40.02 8.87
N GLY C 182 29.37 40.04 10.19
CA GLY C 182 29.50 38.83 10.97
C GLY C 182 30.90 38.29 10.98
N HIS C 183 31.33 37.75 9.85
CA HIS C 183 32.74 37.50 9.58
C HIS C 183 33.16 37.83 8.17
N GLU C 184 32.24 37.87 7.23
CA GLU C 184 32.58 38.16 5.83
C GLU C 184 32.69 39.66 5.66
N VAL C 185 33.86 40.11 5.28
CA VAL C 185 34.18 41.52 5.18
C VAL C 185 34.22 41.91 3.72
N TYR C 186 33.54 42.99 3.37
CA TYR C 186 33.34 43.41 2.00
C TYR C 186 33.88 44.82 1.84
N ASN C 187 34.86 44.97 0.96
CA ASN C 187 35.49 46.26 0.70
C ASN C 187 34.61 47.07 -0.25
N TYR C 188 33.41 47.34 0.23
CA TYR C 188 32.33 47.86 -0.60
C TYR C 188 32.21 49.36 -0.46
N ASP C 189 31.98 50.02 -1.57
CA ASP C 189 31.67 51.44 -1.59
C ASP C 189 30.23 51.61 -1.13
N PHE C 190 30.03 51.45 0.18
CA PHE C 190 28.72 51.70 0.73
C PHE C 190 28.34 53.15 0.43
N PRO C 191 27.06 53.43 0.11
CA PRO C 191 26.74 54.78 -0.36
C PRO C 191 27.08 55.85 0.65
N GLU C 192 26.39 55.86 1.79
CA GLU C 192 26.73 56.65 2.96
C GLU C 192 25.61 56.46 3.98
N TYR C 193 25.85 56.84 5.23
CA TYR C 193 24.74 57.15 6.12
C TYR C 193 23.87 58.23 5.49
N GLY C 194 22.57 58.13 5.71
CA GLY C 194 21.70 59.23 5.38
C GLY C 194 21.22 59.30 3.96
N THR C 195 21.64 58.38 3.08
CA THR C 195 21.39 58.51 1.64
C THR C 195 20.86 57.27 0.95
N GLY C 196 21.09 56.08 1.49
CA GLY C 196 21.00 54.86 0.72
C GLY C 196 19.68 54.62 0.04
N LYS C 197 19.72 54.45 -1.29
CA LYS C 197 18.50 54.29 -2.06
C LYS C 197 17.76 53.04 -1.63
N ALA C 198 16.44 53.13 -1.61
CA ALA C 198 15.62 52.02 -1.15
C ALA C 198 15.81 50.82 -2.04
N GLY C 199 15.89 49.66 -1.43
CA GLY C 199 16.22 48.43 -2.12
C GLY C 199 17.71 48.24 -2.18
N SER C 200 18.44 49.29 -2.52
CA SER C 200 19.88 49.21 -2.52
C SER C 200 20.39 49.03 -1.11
N PHE C 201 21.66 48.67 -1.01
CA PHE C 201 22.29 48.49 0.29
C PHE C 201 22.16 49.74 1.13
N GLY C 202 21.90 49.55 2.41
CA GLY C 202 21.73 50.68 3.28
C GLY C 202 20.43 51.41 3.07
N ASP C 203 19.34 50.68 2.85
CA ASP C 203 18.04 51.33 2.88
C ASP C 203 17.73 51.79 4.29
N LEU C 204 18.02 50.94 5.27
CA LEU C 204 18.07 51.34 6.66
C LEU C 204 19.50 51.70 6.98
N GLN C 205 19.68 52.80 7.68
CA GLN C 205 21.01 53.28 8.04
C GLN C 205 20.91 53.87 9.44
N SER C 206 21.26 53.06 10.42
CA SER C 206 21.35 53.50 11.81
C SER C 206 22.81 53.65 12.19
N ARG C 207 23.11 54.73 12.91
CA ARG C 207 24.47 54.98 13.36
C ARG C 207 25.01 53.79 14.12
N THR C 208 24.27 53.35 15.13
CA THR C 208 24.58 52.12 15.83
C THR C 208 23.27 51.42 16.12
N SER C 209 23.36 50.38 16.96
CA SER C 209 22.17 49.61 17.29
C SER C 209 21.28 50.38 18.25
N THR C 210 21.89 51.05 19.22
CA THR C 210 21.14 51.84 20.18
C THR C 210 20.47 53.04 19.54
N SER C 211 21.05 53.56 18.45
CA SER C 211 20.63 54.85 17.91
C SER C 211 19.18 54.79 17.44
N ASN C 212 18.30 55.48 18.16
CA ASN C 212 16.90 55.50 17.80
C ASN C 212 16.67 56.20 16.48
N ASP C 213 17.46 57.22 16.19
CA ASP C 213 17.40 57.89 14.90
C ASP C 213 18.10 57.04 13.84
N LEU C 214 17.69 57.23 12.59
CA LEU C 214 18.29 56.51 11.49
C LEU C 214 17.91 57.21 10.20
N TYR C 215 18.23 56.57 9.08
CA TYR C 215 17.77 56.97 7.76
C TYR C 215 17.16 55.76 7.09
N ALA C 216 15.87 55.85 6.79
CA ALA C 216 15.12 54.76 6.19
C ALA C 216 14.51 55.26 4.89
N ASN C 217 15.30 55.23 3.82
CA ASN C 217 14.76 55.31 2.48
C ASN C 217 14.42 53.88 2.10
N THR C 218 13.17 53.51 2.34
CA THR C 218 12.62 52.24 1.91
C THR C 218 11.57 52.38 0.84
N ASN C 219 11.22 53.61 0.46
CA ASN C 219 10.14 53.84 -0.48
C ASN C 219 8.84 53.24 0.04
N LEU C 220 8.67 53.31 1.36
CA LEU C 220 7.47 52.80 1.99
C LEU C 220 6.28 53.65 1.55
N LYS C 221 5.35 53.02 0.84
CA LYS C 221 4.16 53.70 0.33
C LYS C 221 2.95 52.92 0.75
N LEU C 222 2.15 53.50 1.63
CA LEU C 222 0.92 52.87 2.04
C LEU C 222 -0.11 52.99 0.94
N GLN C 223 -0.94 51.96 0.80
CA GLN C 223 -2.07 51.97 -0.09
C GLN C 223 -3.34 51.71 0.71
N ARG C 224 -4.46 52.06 0.11
CA ARG C 224 -5.70 51.97 0.86
C ARG C 224 -6.10 50.51 1.02
N PRO C 225 -6.65 50.12 2.17
CA PRO C 225 -7.12 48.75 2.29
C PRO C 225 -8.33 48.51 1.41
N GLN C 226 -8.50 47.25 1.05
CA GLN C 226 -9.45 46.86 0.03
C GLN C 226 -10.84 46.58 0.60
N ALA C 227 -11.85 46.98 -0.18
CA ALA C 227 -13.23 46.50 -0.05
C ALA C 227 -13.75 46.53 1.38
N GLY C 228 -13.47 47.62 2.07
CA GLY C 228 -14.00 47.81 3.41
C GLY C 228 -13.58 46.73 4.38
N ILE C 229 -12.26 46.53 4.51
CA ILE C 229 -11.72 45.61 5.51
C ILE C 229 -10.53 46.29 6.18
N VAL C 230 -10.37 45.99 7.46
CA VAL C 230 -9.27 46.52 8.25
C VAL C 230 -8.00 45.79 7.88
N HIS C 231 -7.05 46.52 7.30
CA HIS C 231 -5.66 46.08 7.21
C HIS C 231 -4.88 47.27 6.68
N THR C 232 -3.58 47.06 6.49
CA THR C 232 -2.65 48.13 6.17
C THR C 232 -1.78 47.68 5.01
N PRO C 233 -2.15 48.00 3.80
CA PRO C 233 -1.22 47.81 2.69
C PRO C 233 0.00 48.65 2.90
N PHE C 234 1.14 48.01 3.16
CA PHE C 234 2.42 48.67 3.12
C PHE C 234 3.18 48.09 1.94
N THR C 235 3.43 48.94 0.97
CA THR C 235 4.14 48.57 -0.25
C THR C 235 5.55 49.10 -0.11
N GLN C 236 6.51 48.19 -0.16
CA GLN C 236 7.84 48.51 0.29
C GLN C 236 8.83 47.60 -0.40
N ALA C 237 10.01 48.12 -0.61
CA ALA C 237 11.11 47.32 -1.07
C ALA C 237 11.61 46.43 0.05
N PRO C 238 11.66 45.11 -0.11
CA PRO C 238 12.44 44.31 0.84
C PRO C 238 13.87 44.80 0.85
N SER C 239 14.55 44.59 1.97
CA SER C 239 15.69 45.44 2.26
C SER C 239 16.86 45.17 1.34
N GLY C 240 17.68 46.20 1.20
CA GLY C 240 19.04 46.06 0.72
C GLY C 240 19.97 45.37 1.68
N PHE C 241 19.45 44.95 2.83
CA PHE C 241 20.11 43.96 3.67
C PHE C 241 19.60 42.56 3.37
N GLU C 242 18.42 42.43 2.78
CA GLU C 242 17.95 41.12 2.35
C GLU C 242 18.74 40.66 1.14
N ARG C 243 18.64 41.39 0.03
CA ARG C 243 19.74 41.37 -0.90
C ARG C 243 20.92 42.01 -0.22
N TRP C 244 22.11 41.74 -0.73
CA TRP C 244 23.41 41.87 -0.06
C TRP C 244 23.67 40.64 0.82
N LYS C 245 22.71 39.72 0.92
CA LYS C 245 22.96 38.40 1.48
C LYS C 245 22.78 37.29 0.47
N ARG C 246 22.18 37.56 -0.70
CA ARG C 246 22.10 36.55 -1.75
C ARG C 246 22.26 37.10 -3.16
N ASP C 247 22.54 38.40 -3.32
CA ASP C 247 23.02 38.95 -4.59
C ASP C 247 24.24 39.83 -4.33
N LYS C 248 25.01 39.46 -3.34
CA LYS C 248 26.12 40.25 -2.83
C LYS C 248 27.36 40.08 -3.71
N GLY C 249 28.49 40.56 -3.18
CA GLY C 249 29.80 40.22 -3.67
C GLY C 249 30.54 39.34 -2.70
N ALA C 250 31.69 38.88 -3.14
CA ALA C 250 32.43 37.88 -2.38
C ALA C 250 33.30 38.53 -1.32
N PRO C 251 33.72 37.78 -0.30
CA PRO C 251 34.45 38.40 0.80
C PRO C 251 35.93 38.55 0.59
N LEU C 252 36.43 39.58 1.25
CA LEU C 252 37.82 39.98 1.13
C LEU C 252 38.75 38.89 1.64
N ASN C 253 38.28 38.04 2.54
CA ASN C 253 39.03 36.84 2.88
C ASN C 253 38.87 35.75 1.82
N ASP C 254 38.20 36.07 0.71
CA ASP C 254 38.15 35.21 -0.47
C ASP C 254 38.47 35.95 -1.76
N VAL C 255 38.72 37.26 -1.72
CA VAL C 255 39.09 38.00 -2.93
C VAL C 255 40.27 38.95 -2.74
N ALA C 256 40.81 39.05 -1.53
CA ALA C 256 41.89 40.00 -1.32
C ALA C 256 43.11 39.65 -2.16
N PRO C 257 44.01 40.60 -2.36
CA PRO C 257 45.36 40.24 -2.81
C PRO C 257 46.36 40.02 -1.69
N PHE C 258 47.57 39.64 -2.09
CA PHE C 258 48.78 39.49 -1.29
C PHE C 258 48.57 38.81 0.07
N GLY C 259 47.63 37.89 0.11
CA GLY C 259 47.60 36.86 1.12
C GLY C 259 47.20 37.15 2.55
N CYS C 260 45.93 37.44 2.77
CA CYS C 260 45.40 37.94 4.02
C CYS C 260 44.24 37.07 4.46
N SER C 261 44.00 37.08 5.77
CA SER C 261 42.82 36.50 6.36
C SER C 261 42.23 37.55 7.28
N ILE C 262 40.98 37.33 7.68
CA ILE C 262 40.13 38.39 8.22
C ILE C 262 39.39 37.91 9.45
N ALA C 263 38.97 38.84 10.31
CA ALA C 263 38.14 38.53 11.46
C ALA C 263 37.25 39.71 11.84
N LEU C 264 36.04 39.39 12.31
CA LEU C 264 35.20 40.36 13.03
C LEU C 264 35.55 40.23 14.49
N GLU C 265 36.52 40.98 14.87
CA GLU C 265 37.41 40.89 16.02
C GLU C 265 37.99 42.29 15.84
N PRO C 266 39.15 42.68 16.38
CA PRO C 266 39.61 44.06 16.14
C PRO C 266 39.72 44.57 14.70
N LEU C 267 39.24 43.83 13.69
CA LEU C 267 39.17 44.23 12.28
C LEU C 267 40.56 44.12 11.69
N ARG C 268 41.26 43.11 12.14
CA ARG C 268 42.56 42.83 11.61
C ARG C 268 42.44 42.15 10.26
N ALA C 269 43.55 42.13 9.55
CA ALA C 269 43.69 41.36 8.32
C ALA C 269 44.97 40.54 8.48
N GLU C 270 44.82 39.33 9.00
CA GLU C 270 45.97 38.56 9.44
C GLU C 270 46.88 38.19 8.28
N ASN C 271 48.16 38.05 8.60
CA ASN C 271 49.08 37.18 7.87
C ASN C 271 49.30 37.66 6.44
N CYS C 272 49.21 38.97 6.22
CA CYS C 272 49.38 39.56 4.90
C CYS C 272 50.83 39.49 4.51
N ALA C 273 51.18 38.47 3.74
CA ALA C 273 52.55 38.25 3.29
C ALA C 273 52.84 39.15 2.11
N VAL C 274 53.52 40.26 2.36
CA VAL C 274 53.94 41.12 1.26
C VAL C 274 55.06 42.03 1.70
N GLY C 275 56.09 42.12 0.88
CA GLY C 275 57.20 43.02 1.12
C GLY C 275 58.09 42.57 2.26
N SER C 276 58.87 43.52 2.73
CA SER C 276 59.91 43.30 3.72
C SER C 276 59.68 44.20 4.92
N ILE C 277 60.37 43.88 6.01
CA ILE C 277 60.27 44.62 7.26
C ILE C 277 61.68 44.85 7.78
N PRO C 278 62.14 46.11 7.94
CA PRO C 278 63.47 46.36 8.48
C PRO C 278 63.59 46.18 9.98
N ILE C 279 63.93 44.98 10.41
CA ILE C 279 63.86 44.60 11.81
C ILE C 279 65.24 44.64 12.42
N SER C 280 65.29 45.08 13.67
CA SER C 280 66.53 45.32 14.38
C SER C 280 66.33 44.97 15.84
N ILE C 281 67.29 44.23 16.42
CA ILE C 281 67.17 43.71 17.77
C ILE C 281 68.39 44.12 18.56
N ASP C 282 68.18 44.36 19.84
CA ASP C 282 69.25 44.52 20.84
C ASP C 282 69.18 43.30 21.74
N ILE C 283 70.09 42.36 21.51
CA ILE C 283 70.18 41.11 22.25
C ILE C 283 70.67 41.41 23.66
N PRO C 284 70.36 40.59 24.67
CA PRO C 284 71.09 40.71 25.94
C PRO C 284 72.50 40.17 25.79
N ASP C 285 73.48 41.01 26.11
CA ASP C 285 74.88 40.60 25.99
C ASP C 285 75.19 39.40 26.86
N ALA C 286 74.44 39.21 27.95
CA ALA C 286 74.62 38.02 28.76
C ALA C 286 74.36 36.75 27.97
N ALA C 287 73.40 36.81 27.04
CA ALA C 287 73.11 35.63 26.23
C ALA C 287 74.24 35.28 25.28
N PHE C 288 75.11 36.23 24.96
CA PHE C 288 76.26 35.90 24.14
C PHE C 288 77.19 34.94 24.86
N THR C 289 77.84 34.10 24.07
CA THR C 289 78.98 33.33 24.50
C THR C 289 80.22 34.00 23.95
N ARG C 290 81.23 34.13 24.78
CA ARG C 290 82.47 34.72 24.32
C ARG C 290 83.13 33.80 23.29
N ILE C 291 83.94 34.40 22.44
CA ILE C 291 84.42 33.70 21.26
C ILE C 291 85.38 32.59 21.63
N SER C 292 86.07 32.71 22.75
CA SER C 292 87.12 31.76 23.11
C SER C 292 86.60 30.49 23.76
N GLU C 293 85.30 30.23 23.67
CA GLU C 293 84.67 29.10 24.31
C GLU C 293 83.95 28.19 23.33
N THR C 294 83.55 28.70 22.18
CA THR C 294 82.99 27.85 21.14
C THR C 294 84.14 27.24 20.33
N PRO C 295 83.99 26.01 19.85
CA PRO C 295 85.07 25.43 19.03
C PRO C 295 85.25 26.19 17.72
N THR C 296 86.51 26.41 17.36
CA THR C 296 86.84 26.88 16.03
C THR C 296 86.84 25.70 15.07
N VAL C 297 86.14 25.86 13.95
CA VAL C 297 85.70 24.75 13.12
C VAL C 297 86.45 24.70 11.80
N SER C 298 87.32 25.66 11.52
CA SER C 298 87.95 25.78 10.22
C SER C 298 88.80 24.56 9.86
N ASP C 299 89.35 24.56 8.65
CA ASP C 299 89.98 23.38 8.05
C ASP C 299 88.96 22.26 7.91
N LEU C 300 87.75 22.62 7.51
CA LEU C 300 86.63 21.73 7.36
C LEU C 300 86.43 21.40 5.88
N GLU C 301 85.31 20.75 5.58
CA GLU C 301 84.84 20.60 4.21
C GLU C 301 83.34 20.41 4.22
N CYS C 302 82.66 20.96 3.21
CA CYS C 302 81.22 20.83 3.05
C CYS C 302 80.89 20.30 1.67
N LYS C 303 79.85 19.48 1.60
CA LYS C 303 79.34 19.03 0.32
C LYS C 303 77.92 18.56 0.48
N ILE C 304 77.09 18.88 -0.51
CA ILE C 304 75.78 18.25 -0.59
C ILE C 304 75.97 16.75 -0.77
N THR C 305 74.93 16.02 -0.47
CA THR C 305 74.86 14.59 -0.75
C THR C 305 73.60 14.22 -1.48
N GLU C 306 72.48 14.85 -1.16
CA GLU C 306 71.25 14.71 -1.93
C GLU C 306 70.51 16.04 -1.83
N CYS C 307 70.81 16.94 -2.75
CA CYS C 307 70.15 18.24 -2.75
C CYS C 307 68.84 18.14 -3.50
N THR C 308 67.79 18.60 -2.84
CA THR C 308 66.45 18.58 -3.39
C THR C 308 66.08 20.01 -3.76
N TYR C 309 65.82 20.23 -5.05
CA TYR C 309 65.66 21.55 -5.64
C TYR C 309 64.25 22.06 -5.36
N ALA C 310 63.98 22.36 -4.08
CA ALA C 310 62.62 22.33 -3.60
C ALA C 310 62.38 23.29 -2.43
N SER C 311 61.19 23.14 -1.82
CA SER C 311 60.66 24.01 -0.79
C SER C 311 60.84 23.42 0.59
N ASP C 312 60.29 22.24 0.81
CA ASP C 312 60.56 21.50 2.03
C ASP C 312 62.05 21.31 2.15
N PHE C 313 62.51 21.17 3.38
CA PHE C 313 63.94 21.09 3.62
C PHE C 313 64.48 19.76 3.12
N GLY C 314 64.55 19.61 1.81
CA GLY C 314 65.01 18.38 1.21
C GLY C 314 66.50 18.41 0.95
N GLY C 315 67.06 19.61 0.83
CA GLY C 315 68.49 19.72 0.61
C GLY C 315 69.27 19.31 1.84
N ILE C 316 70.28 18.47 1.65
CA ILE C 316 71.15 18.02 2.72
C ILE C 316 72.59 18.18 2.32
N ALA C 317 73.47 18.20 3.32
CA ALA C 317 74.89 18.31 3.05
C ALA C 317 75.65 17.88 4.28
N THR C 318 76.50 16.87 4.13
CA THR C 318 77.46 16.58 5.17
C THR C 318 78.48 17.70 5.23
N VAL C 319 79.11 17.84 6.39
CA VAL C 319 80.16 18.82 6.59
C VAL C 319 81.25 18.13 7.39
N ALA C 320 82.45 18.07 6.82
CA ALA C 320 83.59 17.49 7.51
C ALA C 320 84.06 18.50 8.55
N TYR C 321 83.39 18.48 9.71
CA TYR C 321 83.71 19.42 10.75
C TYR C 321 85.11 19.16 11.28
N LYS C 322 85.88 20.23 11.44
CA LYS C 322 87.25 20.17 11.93
C LYS C 322 87.33 21.14 13.09
N SER C 323 86.97 20.67 14.27
CA SER C 323 86.82 21.52 15.43
C SER C 323 88.11 21.59 16.22
N SER C 324 88.11 22.49 17.21
CA SER C 324 89.19 22.62 18.17
C SER C 324 88.75 22.12 19.54
N LYS C 325 87.69 22.70 20.07
CA LYS C 325 86.99 22.16 21.22
C LYS C 325 85.86 21.28 20.71
N ALA C 326 84.94 20.89 21.58
CA ALA C 326 83.75 20.16 21.21
C ALA C 326 82.55 20.80 21.87
N GLY C 327 81.49 20.99 21.10
CA GLY C 327 80.29 21.61 21.62
C GLY C 327 79.36 22.03 20.51
N ASN C 328 78.58 23.05 20.79
CA ASN C 328 77.62 23.58 19.83
C ASN C 328 78.29 24.60 18.90
N CYS C 329 77.63 24.84 17.80
CA CYS C 329 78.13 25.71 16.76
C CYS C 329 76.94 26.24 15.98
N PRO C 330 76.49 27.47 16.20
CA PRO C 330 75.38 27.97 15.41
C PRO C 330 75.76 28.13 13.95
N ILE C 331 74.78 27.95 13.08
CA ILE C 331 74.99 27.91 11.65
C ILE C 331 73.98 28.79 10.94
N HIS C 332 74.37 29.27 9.77
CA HIS C 332 73.50 30.05 8.92
C HIS C 332 74.19 30.24 7.58
N SER C 333 73.39 30.38 6.54
CA SER C 333 73.87 30.77 5.23
C SER C 333 73.61 32.26 5.08
N PRO C 334 74.63 33.13 5.19
CA PRO C 334 74.36 34.56 5.01
C PRO C 334 73.77 34.89 3.67
N SER C 335 74.07 34.10 2.66
CA SER C 335 73.36 34.20 1.40
C SER C 335 71.95 33.65 1.59
N GLY C 336 70.98 34.35 1.01
CA GLY C 336 69.61 33.91 1.09
C GLY C 336 69.24 32.78 0.17
N VAL C 337 70.22 32.24 -0.56
CA VAL C 337 69.95 31.14 -1.47
C VAL C 337 69.44 29.94 -0.71
N ALA C 338 70.09 29.62 0.40
CA ALA C 338 69.82 28.41 1.16
C ALA C 338 69.18 28.79 2.49
N VAL C 339 68.10 28.10 2.81
CA VAL C 339 67.42 28.23 4.09
C VAL C 339 67.56 26.91 4.81
N ILE C 340 67.98 26.98 6.06
CA ILE C 340 68.44 25.82 6.79
C ILE C 340 67.48 25.55 7.94
N LYS C 341 67.21 24.26 8.17
CA LYS C 341 66.31 23.86 9.25
C LYS C 341 67.02 23.93 10.60
N GLU C 342 68.29 23.57 10.63
CA GLU C 342 69.07 23.57 11.86
C GLU C 342 69.66 24.94 12.09
N ASN C 343 69.38 25.50 13.26
CA ASN C 343 70.07 26.70 13.71
C ASN C 343 71.44 26.38 14.27
N ASP C 344 71.54 25.24 14.95
CA ASP C 344 72.70 24.88 15.73
C ASP C 344 73.03 23.42 15.48
N VAL C 345 74.33 23.13 15.46
CA VAL C 345 74.81 21.77 15.30
C VAL C 345 75.76 21.46 16.44
N THR C 346 75.61 20.28 17.03
CA THR C 346 76.51 19.81 18.05
C THR C 346 77.75 19.23 17.39
N LEU C 347 78.89 19.38 18.07
CA LEU C 347 80.16 18.93 17.53
C LEU C 347 80.98 18.22 18.58
N ALA C 348 81.44 17.02 18.22
CA ALA C 348 82.54 16.38 18.92
C ALA C 348 83.85 16.95 18.37
N GLU C 349 84.95 16.32 18.70
CA GLU C 349 86.24 16.80 18.23
C GLU C 349 86.39 16.44 16.76
N SER C 350 85.96 17.36 15.89
CA SER C 350 86.19 17.27 14.45
C SER C 350 85.55 16.01 13.86
N GLY C 351 84.23 15.97 13.98
CA GLY C 351 83.42 14.93 13.39
C GLY C 351 82.77 15.39 12.09
N SER C 352 81.56 14.91 11.87
CA SER C 352 80.79 15.29 10.69
C SER C 352 79.31 15.18 11.03
N PHE C 353 78.54 16.17 10.58
CA PHE C 353 77.11 16.19 10.86
C PHE C 353 76.38 16.85 9.70
N THR C 354 75.46 16.12 9.11
CA THR C 354 74.63 16.64 8.05
C THR C 354 73.56 17.54 8.63
N PHE C 355 73.18 18.55 7.85
CA PHE C 355 72.03 19.38 8.13
C PHE C 355 71.07 19.30 6.96
N HIS C 356 69.91 19.93 7.13
CA HIS C 356 68.88 19.99 6.12
C HIS C 356 68.73 21.42 5.63
N PHE C 357 68.29 21.57 4.39
CA PHE C 357 68.06 22.91 3.87
C PHE C 357 67.17 22.84 2.63
N SER C 358 66.98 23.99 2.00
CA SER C 358 66.21 24.12 0.78
C SER C 358 66.74 25.30 -0.01
N THR C 359 66.70 25.18 -1.34
CA THR C 359 67.28 26.17 -2.24
C THR C 359 66.35 26.36 -3.42
N ALA C 360 66.79 27.22 -4.33
CA ALA C 360 66.04 27.53 -5.55
C ALA C 360 66.90 27.57 -6.79
N ASN C 361 68.21 27.48 -6.67
CA ASN C 361 69.11 27.51 -7.81
C ASN C 361 69.74 26.14 -8.01
N ILE C 362 69.78 25.71 -9.27
CA ILE C 362 70.19 24.35 -9.61
C ILE C 362 71.58 24.08 -9.05
N HIS C 363 72.44 25.07 -9.07
CA HIS C 363 73.80 24.97 -8.58
C HIS C 363 73.89 25.83 -7.32
N PRO C 364 73.50 25.30 -6.17
CA PRO C 364 73.53 26.14 -4.97
C PRO C 364 74.94 26.41 -4.50
N ALA C 365 75.41 27.61 -4.82
CA ALA C 365 76.71 28.09 -4.34
C ALA C 365 76.47 29.09 -3.21
N PHE C 366 76.11 28.54 -2.06
CA PHE C 366 75.81 29.33 -0.88
C PHE C 366 76.89 29.13 0.16
N LYS C 367 77.31 30.24 0.77
CA LYS C 367 78.21 30.17 1.90
C LYS C 367 77.48 29.60 3.09
N LEU C 368 78.23 28.95 3.97
CA LEU C 368 77.72 28.47 5.24
C LEU C 368 78.68 28.89 6.32
N GLN C 369 78.16 29.60 7.32
CA GLN C 369 78.95 30.21 8.37
C GLN C 369 78.76 29.36 9.62
N VAL C 370 79.66 28.41 9.82
CA VAL C 370 79.57 27.51 10.96
C VAL C 370 80.37 28.16 12.08
N CYS C 371 79.69 29.05 12.81
CA CYS C 371 80.20 29.73 13.99
C CYS C 371 81.60 30.30 13.74
N THR C 372 81.62 31.27 12.84
CA THR C 372 82.83 31.94 12.36
C THR C 372 83.72 30.98 11.59
N SER C 373 83.17 30.36 10.56
CA SER C 373 83.97 29.67 9.57
C SER C 373 83.11 29.51 8.33
N ALA C 374 83.47 30.23 7.27
CA ALA C 374 82.69 30.21 6.06
C ALA C 374 83.06 29.02 5.20
N VAL C 375 82.12 28.59 4.36
CA VAL C 375 82.39 27.52 3.42
C VAL C 375 81.33 27.52 2.34
N THR C 376 81.77 27.27 1.12
CA THR C 376 80.87 27.09 -0.02
C THR C 376 80.43 25.64 -0.05
N CYS C 377 79.12 25.42 0.04
CA CYS C 377 78.53 24.10 -0.12
C CYS C 377 78.00 23.94 -1.54
N LYS C 378 78.91 24.09 -2.50
CA LYS C 378 78.56 23.99 -3.91
C LYS C 378 78.02 22.61 -4.23
N GLY C 379 77.16 22.55 -5.24
CA GLY C 379 76.70 21.26 -5.72
C GLY C 379 75.59 21.37 -6.76
N ASP C 380 74.71 20.37 -6.76
CA ASP C 380 73.64 20.30 -7.73
C ASP C 380 72.45 19.58 -7.12
N CYS C 381 71.25 19.94 -7.57
CA CYS C 381 70.02 19.55 -6.90
C CYS C 381 69.07 18.88 -7.86
N LYS C 382 68.04 18.25 -7.29
CA LYS C 382 67.10 17.42 -8.02
C LYS C 382 65.66 17.93 -7.82
N PRO C 383 64.85 17.99 -8.87
CA PRO C 383 63.45 18.41 -8.69
C PRO C 383 62.60 17.33 -8.06
N PRO C 384 61.62 17.71 -7.19
CA PRO C 384 60.66 16.73 -6.67
C PRO C 384 59.46 16.43 -7.55
N LYS C 385 58.49 15.74 -6.95
CA LYS C 385 57.38 15.11 -7.66
C LYS C 385 55.99 15.40 -7.09
N ASP C 386 55.85 15.99 -5.90
CA ASP C 386 54.70 15.75 -5.02
C ASP C 386 54.11 17.04 -4.42
N HIS C 387 53.76 17.99 -5.28
CA HIS C 387 53.55 19.40 -4.89
C HIS C 387 52.09 19.80 -4.68
N ILE C 388 51.43 19.27 -3.64
CA ILE C 388 50.13 19.83 -3.24
C ILE C 388 49.90 19.88 -1.72
N VAL C 389 50.58 20.78 -1.00
CA VAL C 389 50.42 20.88 0.46
C VAL C 389 50.81 22.33 0.71
N ASP C 390 50.75 22.87 1.96
CA ASP C 390 50.71 24.29 2.32
C ASP C 390 51.97 25.04 1.88
N TYR C 391 52.50 26.04 2.60
CA TYR C 391 53.45 26.97 1.95
C TYR C 391 54.90 26.73 2.34
N PRO C 392 55.84 27.26 1.52
CA PRO C 392 57.22 26.76 1.56
C PRO C 392 58.07 27.38 2.67
N ALA C 393 59.28 26.83 2.77
CA ALA C 393 60.36 27.35 3.60
C ALA C 393 61.48 27.97 2.78
N GLN C 394 61.36 27.96 1.47
CA GLN C 394 62.42 28.33 0.54
C GLN C 394 62.42 29.83 0.29
N HIS C 395 61.31 30.33 -0.23
CA HIS C 395 60.97 31.75 -0.38
C HIS C 395 62.15 32.61 -0.80
N THR C 396 62.95 32.09 -1.74
CA THR C 396 64.20 32.71 -2.13
C THR C 396 64.39 32.69 -3.64
N GLU C 397 63.31 32.65 -4.39
CA GLU C 397 63.41 32.50 -5.84
C GLU C 397 64.05 33.74 -6.44
N SER C 398 65.00 33.52 -7.33
CA SER C 398 65.69 34.60 -8.02
C SER C 398 66.14 34.06 -9.38
N PHE C 399 67.05 34.76 -10.01
CA PHE C 399 67.58 34.33 -11.29
C PHE C 399 68.45 33.10 -11.11
N THR C 400 68.13 32.05 -11.86
CA THR C 400 68.81 30.75 -11.74
C THR C 400 69.08 30.13 -13.11
N TYR D 1 -18.30 82.71 -44.55
CA TYR D 1 -17.49 82.51 -43.32
C TYR D 1 -17.34 81.04 -42.96
N GLU D 2 -17.65 80.15 -43.90
CA GLU D 2 -17.61 78.72 -43.58
C GLU D 2 -16.16 78.32 -43.40
N HIS D 3 -15.72 78.31 -42.15
CA HIS D 3 -14.29 78.33 -41.82
C HIS D 3 -13.67 76.97 -42.06
N THR D 4 -13.26 76.73 -43.29
CA THR D 4 -12.41 75.60 -43.60
C THR D 4 -11.13 75.68 -42.77
N ALA D 5 -10.63 74.52 -42.38
CA ALA D 5 -9.37 74.47 -41.63
C ALA D 5 -8.81 73.07 -41.68
N VAL D 6 -7.62 72.92 -42.27
CA VAL D 6 -6.84 71.72 -42.03
C VAL D 6 -6.49 71.69 -40.55
N MET D 7 -6.41 70.49 -40.01
CA MET D 7 -6.39 70.34 -38.57
C MET D 7 -5.71 69.04 -38.15
N PRO D 8 -4.69 69.08 -37.29
CA PRO D 8 -3.98 67.84 -36.95
C PRO D 8 -4.85 66.90 -36.15
N ASN D 9 -4.79 65.63 -36.51
CA ASN D 9 -5.46 64.59 -35.74
C ASN D 9 -4.66 64.32 -34.49
N LYS D 10 -5.15 64.82 -33.37
CA LYS D 10 -4.54 64.59 -32.08
C LYS D 10 -5.58 64.94 -31.03
N VAL D 11 -5.68 64.10 -30.01
CA VAL D 11 -6.95 63.98 -29.31
C VAL D 11 -7.13 65.07 -28.27
N GLY D 12 -6.19 65.23 -27.37
CA GLY D 12 -6.51 65.80 -26.08
C GLY D 12 -6.09 67.24 -25.93
N ILE D 13 -6.34 68.05 -26.95
CA ILE D 13 -5.82 69.41 -26.95
C ILE D 13 -6.64 70.27 -27.91
N PRO D 14 -7.09 71.46 -27.51
CA PRO D 14 -7.88 72.29 -28.43
C PRO D 14 -7.01 72.91 -29.51
N TYR D 15 -7.70 73.48 -30.49
CA TYR D 15 -7.14 73.90 -31.77
C TYR D 15 -7.65 75.29 -32.13
N LYS D 16 -7.43 76.25 -31.23
CA LYS D 16 -8.24 77.46 -31.17
C LYS D 16 -8.06 78.34 -32.39
N ALA D 17 -8.59 77.91 -33.53
CA ALA D 17 -8.56 78.71 -34.74
C ALA D 17 -9.37 79.99 -34.58
N LEU D 18 -9.37 80.83 -35.61
CA LEU D 18 -9.97 82.16 -35.55
C LEU D 18 -10.80 82.39 -36.80
N VAL D 19 -12.04 82.82 -36.63
CA VAL D 19 -12.94 83.10 -37.74
C VAL D 19 -12.66 84.51 -38.23
N GLU D 20 -12.08 84.63 -39.42
CA GLU D 20 -11.84 85.93 -40.05
C GLU D 20 -12.92 86.21 -41.08
N ARG D 21 -14.13 86.40 -40.59
CA ARG D 21 -15.22 86.82 -41.46
C ARG D 21 -15.02 88.29 -41.83
N PRO D 22 -14.91 88.65 -43.11
CA PRO D 22 -14.84 90.09 -43.44
C PRO D 22 -16.18 90.76 -43.16
N GLY D 23 -16.16 91.70 -42.21
CA GLY D 23 -17.29 92.57 -41.98
C GLY D 23 -17.71 92.69 -40.53
N TYR D 24 -17.68 91.59 -39.81
CA TYR D 24 -18.05 91.57 -38.40
C TYR D 24 -16.86 91.12 -37.57
N ALA D 25 -17.04 91.16 -36.25
CA ALA D 25 -15.94 90.86 -35.37
C ALA D 25 -15.53 89.40 -35.51
N PRO D 26 -14.24 89.08 -35.50
CA PRO D 26 -13.84 87.68 -35.56
C PRO D 26 -14.23 86.96 -34.29
N VAL D 27 -14.25 85.63 -34.39
CA VAL D 27 -14.53 84.77 -33.26
C VAL D 27 -13.54 83.63 -33.25
N HIS D 28 -13.07 83.30 -32.07
CA HIS D 28 -12.15 82.19 -31.87
C HIS D 28 -12.88 80.87 -31.95
N LEU D 29 -12.13 79.84 -32.28
CA LEU D 29 -12.57 78.47 -32.11
C LEU D 29 -11.95 77.90 -30.83
N GLN D 30 -12.48 76.76 -30.42
CA GLN D 30 -11.76 75.88 -29.51
C GLN D 30 -12.19 74.47 -29.88
N ILE D 31 -11.44 73.84 -30.78
CA ILE D 31 -11.81 72.55 -31.32
C ILE D 31 -10.90 71.52 -30.68
N GLN D 32 -11.45 70.74 -29.77
CA GLN D 32 -10.74 69.69 -29.08
C GLN D 32 -11.34 68.36 -29.52
N LEU D 33 -10.58 67.61 -30.32
CA LEU D 33 -10.99 66.30 -30.78
C LEU D 33 -10.84 65.30 -29.63
N VAL D 34 -11.78 65.36 -28.70
CA VAL D 34 -11.72 64.57 -27.46
C VAL D 34 -11.57 63.08 -27.72
N ASN D 35 -12.01 62.61 -28.88
CA ASN D 35 -11.87 61.19 -29.20
C ASN D 35 -11.72 61.01 -30.70
N THR D 36 -11.11 59.89 -31.06
CA THR D 36 -10.92 59.46 -32.45
C THR D 36 -11.29 58.00 -32.57
N ARG D 37 -12.46 57.64 -32.08
CA ARG D 37 -12.86 56.23 -32.12
C ARG D 37 -13.31 55.89 -33.53
N ILE D 38 -12.92 54.69 -33.98
CA ILE D 38 -12.78 54.39 -35.39
C ILE D 38 -13.91 53.52 -35.91
N ILE D 39 -14.02 52.30 -35.39
CA ILE D 39 -15.11 51.39 -35.72
C ILE D 39 -15.00 51.09 -37.21
N PRO D 40 -14.03 50.29 -37.60
CA PRO D 40 -13.96 49.86 -39.00
C PRO D 40 -15.07 48.89 -39.33
N SER D 41 -15.23 48.66 -40.62
CA SER D 41 -16.15 47.65 -41.09
C SER D 41 -15.53 46.28 -40.88
N THR D 42 -16.32 45.36 -40.34
CA THR D 42 -15.81 44.07 -39.90
C THR D 42 -16.83 42.98 -40.18
N ASN D 43 -16.44 41.75 -39.86
CA ASN D 43 -17.31 40.59 -40.01
C ASN D 43 -16.91 39.56 -38.98
N LEU D 44 -17.88 39.09 -38.21
CA LEU D 44 -17.62 37.97 -37.31
C LEU D 44 -17.46 36.71 -38.15
N GLU D 45 -16.25 36.18 -38.18
CA GLU D 45 -15.93 35.04 -39.04
C GLU D 45 -16.11 33.73 -38.31
N TYR D 46 -15.55 33.64 -37.11
CA TYR D 46 -15.81 32.48 -36.26
C TYR D 46 -15.30 32.80 -34.87
N ILE D 47 -16.08 32.43 -33.89
CA ILE D 47 -15.57 32.35 -32.53
C ILE D 47 -14.72 31.10 -32.46
N THR D 48 -13.66 31.16 -31.68
CA THR D 48 -13.02 29.97 -31.20
C THR D 48 -12.91 30.04 -29.70
N CYS D 49 -12.49 28.92 -29.13
CA CYS D 49 -12.48 28.69 -27.70
C CYS D 49 -11.84 27.33 -27.54
N LYS D 50 -11.61 26.93 -26.30
CA LYS D 50 -11.06 25.61 -26.07
C LYS D 50 -12.18 24.59 -26.13
N TYR D 51 -11.86 23.45 -26.70
CA TYR D 51 -12.81 22.36 -26.85
C TYR D 51 -13.27 21.88 -25.48
N LYS D 52 -14.21 20.94 -25.48
CA LYS D 52 -14.39 20.03 -24.37
C LYS D 52 -14.74 18.68 -24.95
N THR D 53 -13.88 17.70 -24.73
CA THR D 53 -14.10 16.35 -25.20
C THR D 53 -15.19 15.73 -24.33
N LYS D 54 -16.42 16.15 -24.58
CA LYS D 54 -17.56 15.68 -23.81
C LYS D 54 -17.96 14.33 -24.36
N VAL D 55 -17.24 13.32 -23.90
CA VAL D 55 -17.32 11.94 -24.36
C VAL D 55 -18.73 11.40 -24.16
N PRO D 56 -19.41 10.93 -25.20
CA PRO D 56 -20.57 10.07 -24.96
C PRO D 56 -20.13 8.71 -24.46
N SER D 57 -20.94 8.16 -23.59
CA SER D 57 -20.55 7.01 -22.83
C SER D 57 -20.41 5.77 -23.71
N PRO D 58 -19.28 5.10 -23.73
CA PRO D 58 -19.04 4.07 -24.73
C PRO D 58 -19.97 2.88 -24.58
N VAL D 59 -20.14 2.19 -25.69
CA VAL D 59 -20.88 0.93 -25.71
C VAL D 59 -19.91 -0.18 -25.34
N VAL D 60 -20.46 -1.18 -24.66
CA VAL D 60 -19.73 -2.39 -24.33
C VAL D 60 -20.63 -3.57 -24.64
N LYS D 61 -20.47 -4.14 -25.83
CA LYS D 61 -21.12 -5.40 -26.14
C LYS D 61 -20.25 -6.53 -25.61
N CYS D 62 -20.89 -7.51 -24.98
CA CYS D 62 -20.16 -8.48 -24.19
C CYS D 62 -19.62 -9.64 -25.01
N CYS D 63 -20.30 -10.04 -26.07
CA CYS D 63 -19.83 -11.16 -26.89
C CYS D 63 -20.15 -10.84 -28.35
N GLY D 64 -19.18 -10.23 -29.01
CA GLY D 64 -19.24 -9.93 -30.42
C GLY D 64 -19.15 -8.44 -30.69
N ALA D 65 -19.10 -8.12 -31.97
CA ALA D 65 -18.73 -6.78 -32.40
C ALA D 65 -19.92 -5.83 -32.40
N THR D 66 -19.60 -4.55 -32.29
CA THR D 66 -20.56 -3.46 -32.44
C THR D 66 -19.92 -2.46 -33.40
N GLN D 67 -20.31 -2.54 -34.66
CA GLN D 67 -19.78 -1.61 -35.64
C GLN D 67 -20.24 -0.20 -35.32
N CYS D 68 -19.31 0.75 -35.37
CA CYS D 68 -19.61 2.16 -35.18
C CYS D 68 -19.97 2.79 -36.50
N THR D 69 -20.70 3.90 -36.42
CA THR D 69 -21.02 4.73 -37.57
C THR D 69 -20.53 6.15 -37.30
N SER D 70 -20.32 6.88 -38.38
CA SER D 70 -19.78 8.23 -38.31
C SER D 70 -20.93 9.20 -38.07
N LYS D 71 -21.26 9.39 -36.80
CA LYS D 71 -22.32 10.32 -36.46
C LYS D 71 -21.89 11.74 -36.84
N PRO D 72 -22.85 12.63 -37.07
CA PRO D 72 -22.51 13.96 -37.59
C PRO D 72 -22.04 14.95 -36.53
N HIS D 73 -21.71 14.50 -35.32
CA HIS D 73 -21.20 15.43 -34.33
C HIS D 73 -19.89 16.05 -34.82
N PRO D 74 -19.55 17.25 -34.37
CA PRO D 74 -18.28 17.85 -34.82
C PRO D 74 -17.08 17.03 -34.36
N ASP D 75 -16.28 16.61 -35.34
CA ASP D 75 -15.11 15.80 -35.09
C ASP D 75 -15.50 14.53 -34.35
N TYR D 76 -16.53 13.87 -34.85
CA TYR D 76 -17.03 12.69 -34.18
C TYR D 76 -16.05 11.55 -34.36
N GLN D 77 -15.14 11.41 -33.42
CA GLN D 77 -14.18 10.33 -33.43
C GLN D 77 -14.79 9.14 -32.72
N CYS D 78 -14.81 8.01 -33.41
CA CYS D 78 -15.35 6.77 -32.86
C CYS D 78 -14.57 5.61 -33.43
N GLN D 79 -14.18 4.69 -32.57
CA GLN D 79 -13.40 3.54 -32.99
C GLN D 79 -13.83 2.34 -32.15
N VAL D 80 -14.26 1.29 -32.82
CA VAL D 80 -14.60 0.06 -32.15
C VAL D 80 -13.33 -0.53 -31.56
N PHE D 81 -13.49 -1.24 -30.45
CA PHE D 81 -12.38 -1.96 -29.83
C PHE D 81 -12.88 -3.28 -29.28
N THR D 82 -12.05 -4.29 -29.42
CA THR D 82 -12.29 -5.60 -28.85
C THR D 82 -11.20 -5.91 -27.84
N GLY D 83 -11.23 -7.14 -27.34
CA GLY D 83 -10.19 -7.61 -26.45
C GLY D 83 -10.17 -6.85 -25.15
N VAL D 84 -11.31 -6.83 -24.46
CA VAL D 84 -11.42 -6.22 -23.15
C VAL D 84 -12.04 -7.22 -22.18
N TYR D 85 -12.21 -6.78 -20.95
CA TYR D 85 -12.68 -7.61 -19.86
C TYR D 85 -13.06 -6.63 -18.76
N PRO D 86 -14.06 -5.80 -19.01
CA PRO D 86 -14.18 -4.52 -18.30
C PRO D 86 -14.54 -4.61 -16.84
N PHE D 87 -13.57 -4.39 -15.97
CA PHE D 87 -13.84 -4.33 -14.53
C PHE D 87 -14.79 -3.19 -14.22
N MET D 88 -16.01 -3.52 -13.81
CA MET D 88 -17.01 -2.52 -13.46
C MET D 88 -17.74 -3.01 -12.21
N TRP D 89 -17.17 -2.71 -11.04
CA TRP D 89 -17.83 -2.80 -9.74
C TRP D 89 -18.06 -4.24 -9.24
N GLY D 90 -17.85 -5.24 -10.08
CA GLY D 90 -18.03 -6.62 -9.70
C GLY D 90 -16.93 -7.46 -10.30
N GLY D 91 -15.75 -6.86 -10.43
CA GLY D 91 -14.80 -7.39 -11.39
C GLY D 91 -15.34 -7.10 -12.77
N ALA D 92 -14.93 -7.92 -13.74
CA ALA D 92 -15.51 -7.81 -15.05
C ALA D 92 -16.99 -8.19 -14.98
N TYR D 93 -17.70 -7.95 -16.08
CA TYR D 93 -19.11 -8.33 -16.15
C TYR D 93 -19.46 -9.06 -17.43
N CYS D 94 -18.76 -8.79 -18.52
CA CYS D 94 -18.99 -9.51 -19.76
C CYS D 94 -18.25 -10.86 -19.70
N PHE D 95 -18.99 -11.94 -19.91
CA PHE D 95 -18.47 -13.27 -19.60
C PHE D 95 -17.51 -13.81 -20.66
N CYS D 96 -17.57 -13.31 -21.89
CA CYS D 96 -16.56 -13.66 -22.87
C CYS D 96 -15.22 -13.03 -22.45
N ASP D 97 -14.19 -13.27 -23.26
CA ASP D 97 -12.84 -12.78 -22.96
C ASP D 97 -12.13 -12.11 -24.12
N THR D 98 -12.51 -12.37 -25.36
CA THR D 98 -12.02 -11.62 -26.50
C THR D 98 -13.16 -11.04 -27.31
N GLU D 99 -14.30 -11.71 -27.34
CA GLU D 99 -15.50 -11.18 -27.95
C GLU D 99 -16.07 -10.02 -27.15
N ASN D 100 -15.58 -9.80 -25.93
CA ASN D 100 -15.87 -8.57 -25.21
C ASN D 100 -15.48 -7.39 -26.08
N THR D 101 -16.46 -6.60 -26.48
CA THR D 101 -16.27 -5.49 -27.39
C THR D 101 -16.57 -4.19 -26.67
N GLN D 102 -15.82 -3.17 -27.03
CA GLN D 102 -15.95 -1.84 -26.45
C GLN D 102 -15.85 -0.84 -27.59
N MET D 103 -16.90 -0.03 -27.75
CA MET D 103 -16.97 0.98 -28.80
C MET D 103 -16.86 2.33 -28.14
N SER D 104 -15.73 2.98 -28.31
CA SER D 104 -15.51 4.31 -27.79
C SER D 104 -15.89 5.34 -28.84
N GLU D 105 -16.56 6.38 -28.39
CA GLU D 105 -16.96 7.49 -29.25
C GLU D 105 -16.76 8.79 -28.50
N ALA D 106 -16.24 9.78 -29.19
CA ALA D 106 -16.03 11.09 -28.60
C ALA D 106 -16.10 12.13 -29.69
N TYR D 107 -16.84 13.20 -29.42
CA TYR D 107 -16.92 14.33 -30.31
C TYR D 107 -16.49 15.58 -29.57
N VAL D 108 -16.17 16.59 -30.34
CA VAL D 108 -15.75 17.88 -29.84
C VAL D 108 -16.97 18.74 -29.65
N GLU D 109 -16.95 19.56 -28.61
CA GLU D 109 -18.04 20.48 -28.34
C GLU D 109 -17.49 21.75 -27.72
N ARG D 110 -18.18 22.84 -28.00
CA ARG D 110 -17.85 24.12 -27.39
C ARG D 110 -17.87 23.99 -25.87
N SER D 111 -16.85 24.56 -25.22
CA SER D 111 -16.88 24.66 -23.78
C SER D 111 -18.03 25.55 -23.34
N GLU D 112 -18.31 25.50 -22.05
CA GLU D 112 -19.19 26.51 -21.48
C GLU D 112 -18.53 27.86 -21.47
N GLU D 113 -17.19 27.88 -21.41
CA GLU D 113 -16.45 29.12 -21.51
C GLU D 113 -16.47 29.70 -22.90
N CYS D 114 -16.79 28.89 -23.91
CA CYS D 114 -16.85 29.38 -25.28
C CYS D 114 -17.84 30.52 -25.40
N SER D 115 -18.92 30.48 -24.62
CA SER D 115 -19.90 31.55 -24.67
C SER D 115 -19.31 32.86 -24.23
N ILE D 116 -18.36 32.83 -23.30
CA ILE D 116 -17.98 33.99 -22.52
C ILE D 116 -16.50 34.30 -22.62
N ASP D 117 -15.66 33.29 -22.52
CA ASP D 117 -14.21 33.42 -22.63
C ASP D 117 -13.82 32.78 -23.93
N HIS D 118 -13.64 33.61 -24.95
CA HIS D 118 -13.52 33.10 -26.30
C HIS D 118 -12.78 34.11 -27.14
N ALA D 119 -11.82 33.62 -27.90
CA ALA D 119 -11.25 34.47 -28.93
C ALA D 119 -12.26 34.66 -30.03
N LYS D 120 -11.97 35.61 -30.92
CA LYS D 120 -12.97 36.02 -31.88
C LYS D 120 -12.25 36.60 -33.09
N ALA D 121 -12.35 35.93 -34.22
CA ALA D 121 -11.69 36.39 -35.43
C ALA D 121 -12.55 37.42 -36.15
N TYR D 122 -11.92 38.11 -37.08
CA TYR D 122 -12.63 39.09 -37.89
C TYR D 122 -11.87 39.31 -39.18
N LYS D 123 -12.62 39.51 -40.26
CA LYS D 123 -12.09 40.15 -41.46
C LYS D 123 -12.44 41.63 -41.36
N VAL D 124 -11.42 42.47 -41.29
CA VAL D 124 -11.57 43.86 -40.91
C VAL D 124 -11.28 44.73 -42.12
N HIS D 125 -12.29 45.51 -42.51
CA HIS D 125 -12.20 46.53 -43.52
C HIS D 125 -12.02 47.89 -42.83
N THR D 126 -12.25 48.98 -43.55
CA THR D 126 -11.81 50.29 -43.06
C THR D 126 -12.85 51.05 -42.25
N GLY D 127 -14.13 51.02 -42.65
CA GLY D 127 -15.19 51.75 -41.96
C GLY D 127 -14.95 53.26 -41.87
N THR D 128 -15.41 53.85 -40.76
CA THR D 128 -15.63 55.29 -40.68
C THR D 128 -15.42 55.79 -39.27
N VAL D 129 -14.51 56.79 -39.09
CA VAL D 129 -14.06 57.19 -37.76
C VAL D 129 -14.95 58.30 -37.21
N GLN D 130 -14.94 58.43 -35.88
CA GLN D 130 -15.88 59.26 -35.12
C GLN D 130 -15.14 60.08 -34.05
N ALA D 131 -15.88 60.91 -33.31
CA ALA D 131 -15.32 61.80 -32.30
C ALA D 131 -16.43 62.51 -31.53
N MET D 132 -16.24 62.72 -30.22
CA MET D 132 -17.18 63.49 -29.39
C MET D 132 -16.75 64.94 -29.28
N VAL D 133 -16.52 65.60 -30.40
CA VAL D 133 -15.84 66.88 -30.45
C VAL D 133 -16.49 67.87 -29.49
N ASN D 134 -15.75 68.32 -28.48
CA ASN D 134 -16.19 69.49 -27.74
C ASN D 134 -15.73 70.71 -28.51
N ILE D 135 -16.63 71.68 -28.62
CA ILE D 135 -16.24 73.05 -28.86
C ILE D 135 -16.92 73.89 -27.80
N THR D 136 -16.12 74.53 -26.96
CA THR D 136 -16.61 75.58 -26.09
C THR D 136 -16.50 76.89 -26.88
N TYR D 137 -17.42 77.02 -27.84
CA TYR D 137 -17.28 77.99 -28.90
C TYR D 137 -17.48 79.42 -28.44
N GLY D 138 -16.64 80.32 -28.95
CA GLY D 138 -16.90 81.74 -28.99
C GLY D 138 -17.37 82.33 -27.68
N SER D 139 -18.64 82.73 -27.66
CA SER D 139 -19.39 82.96 -26.45
C SER D 139 -20.44 81.90 -26.21
N VAL D 140 -20.66 80.98 -27.16
CA VAL D 140 -21.56 79.86 -26.92
C VAL D 140 -21.08 79.05 -25.74
N SER D 141 -19.78 78.80 -25.69
CA SER D 141 -19.07 78.18 -24.58
C SER D 141 -19.34 76.70 -24.44
N TRP D 142 -20.16 76.08 -25.29
CA TRP D 142 -20.38 74.64 -25.14
C TRP D 142 -21.06 73.96 -26.31
N ARG D 143 -20.49 72.84 -26.74
CA ARG D 143 -21.20 71.76 -27.40
C ARG D 143 -20.27 70.57 -27.32
N SER D 144 -20.78 69.41 -26.89
CA SER D 144 -20.00 68.19 -26.85
C SER D 144 -20.77 67.14 -27.65
N ALA D 145 -20.47 67.08 -28.94
CA ALA D 145 -21.26 66.33 -29.89
C ALA D 145 -20.45 65.23 -30.54
N ASP D 146 -21.14 64.13 -30.85
CA ASP D 146 -20.55 63.01 -31.56
C ASP D 146 -20.71 63.25 -33.05
N VAL D 147 -19.63 63.07 -33.79
CA VAL D 147 -19.56 63.43 -35.19
C VAL D 147 -18.96 62.28 -35.97
N TYR D 148 -18.79 62.51 -37.27
CA TYR D 148 -18.15 61.61 -38.20
C TYR D 148 -16.93 62.30 -38.82
N VAL D 149 -16.36 61.63 -39.81
CA VAL D 149 -15.18 62.07 -40.52
C VAL D 149 -15.44 62.30 -41.99
N ASN D 150 -16.45 61.66 -42.54
CA ASN D 150 -16.70 61.73 -43.96
C ASN D 150 -17.09 63.14 -44.36
N GLY D 151 -16.39 63.69 -45.35
CA GLY D 151 -16.39 65.12 -45.55
C GLY D 151 -17.62 65.71 -46.20
N GLU D 152 -18.80 65.23 -45.81
CA GLU D 152 -20.01 65.98 -46.05
C GLU D 152 -21.02 65.84 -44.91
N THR D 153 -20.64 65.22 -43.80
CA THR D 153 -21.57 65.02 -42.69
C THR D 153 -21.54 66.24 -41.79
N PRO D 154 -22.65 66.95 -41.60
CA PRO D 154 -22.77 67.86 -40.48
C PRO D 154 -23.22 67.16 -39.22
N ALA D 155 -23.16 67.91 -38.11
CA ALA D 155 -23.80 67.48 -36.86
C ALA D 155 -24.24 68.75 -36.14
N LYS D 156 -25.50 69.11 -36.36
CA LYS D 156 -26.07 70.31 -35.77
C LYS D 156 -26.52 69.99 -34.34
N ILE D 157 -25.51 69.86 -33.48
CA ILE D 157 -25.71 69.69 -32.05
C ILE D 157 -25.05 70.88 -31.39
N GLY D 158 -25.85 71.67 -30.66
CA GLY D 158 -25.44 72.98 -30.22
C GLY D 158 -26.14 74.00 -31.10
N ASP D 159 -25.36 74.80 -31.80
CA ASP D 159 -25.87 75.69 -32.84
C ASP D 159 -25.05 75.66 -34.11
N ALA D 160 -23.83 75.17 -34.08
CA ALA D 160 -22.94 75.22 -35.22
C ALA D 160 -23.04 73.96 -36.04
N LYS D 161 -22.87 74.13 -37.35
CA LYS D 161 -22.83 73.05 -38.31
C LYS D 161 -21.40 72.84 -38.73
N LEU D 162 -20.91 71.60 -38.62
CA LEU D 162 -19.50 71.32 -38.73
C LEU D 162 -19.27 70.09 -39.59
N ILE D 163 -18.36 70.20 -40.55
CA ILE D 163 -18.05 69.13 -41.47
C ILE D 163 -16.59 68.80 -41.29
N ILE D 164 -16.31 67.51 -41.20
CA ILE D 164 -15.03 66.99 -40.77
C ILE D 164 -14.51 66.07 -41.84
N GLY D 165 -13.19 66.07 -42.02
CA GLY D 165 -12.52 65.10 -42.84
C GLY D 165 -13.00 65.13 -44.27
N PRO D 166 -12.73 64.05 -45.03
CA PRO D 166 -12.07 62.80 -44.63
C PRO D 166 -10.61 63.00 -44.32
N LEU D 167 -10.14 62.33 -43.28
CA LEU D 167 -8.75 62.43 -42.90
C LEU D 167 -7.87 61.81 -43.97
N SER D 168 -6.64 62.30 -44.05
CA SER D 168 -5.67 61.79 -45.01
C SER D 168 -4.91 60.58 -44.50
N SER D 169 -4.97 60.32 -43.20
CA SER D 169 -4.10 59.33 -42.56
C SER D 169 -4.88 58.03 -42.39
N ALA D 170 -4.98 57.29 -43.48
CA ALA D 170 -5.86 56.13 -43.53
C ALA D 170 -5.27 54.89 -42.88
N TRP D 171 -4.26 55.02 -42.03
CA TRP D 171 -3.71 53.86 -41.35
C TRP D 171 -4.77 53.34 -40.38
N SER D 172 -5.44 52.30 -40.79
CA SER D 172 -6.23 51.53 -39.84
C SER D 172 -5.25 50.70 -39.04
N PRO D 173 -5.08 50.94 -37.73
CA PRO D 173 -4.13 50.14 -36.98
C PRO D 173 -4.51 48.68 -36.95
N PHE D 174 -5.80 48.37 -37.04
CA PHE D 174 -6.22 47.01 -37.31
C PHE D 174 -5.65 46.57 -38.65
N ASP D 175 -5.15 45.34 -38.68
CA ASP D 175 -4.82 44.71 -39.95
C ASP D 175 -6.10 44.19 -40.59
N ASN D 176 -5.96 43.54 -41.74
CA ASN D 176 -7.11 42.94 -42.40
C ASN D 176 -7.71 41.86 -41.52
N LYS D 177 -6.89 40.93 -41.06
CA LYS D 177 -7.32 39.83 -40.22
C LYS D 177 -6.98 40.14 -38.77
N VAL D 178 -7.95 39.94 -37.89
CA VAL D 178 -7.81 40.29 -36.49
C VAL D 178 -8.43 39.19 -35.65
N VAL D 179 -7.80 38.88 -34.54
CA VAL D 179 -8.40 38.09 -33.48
C VAL D 179 -8.64 39.03 -32.31
N VAL D 180 -9.67 38.72 -31.54
CA VAL D 180 -10.13 39.56 -30.46
C VAL D 180 -10.42 38.67 -29.27
N TYR D 181 -10.07 39.15 -28.08
CA TYR D 181 -10.19 38.36 -26.86
C TYR D 181 -10.50 39.28 -25.69
N GLY D 182 -11.78 39.40 -25.37
CA GLY D 182 -12.19 40.02 -24.13
C GLY D 182 -11.97 41.51 -24.13
N HIS D 183 -10.70 41.91 -24.05
CA HIS D 183 -10.29 43.27 -24.37
C HIS D 183 -9.00 43.35 -25.16
N GLU D 184 -8.16 42.33 -25.10
CA GLU D 184 -6.89 42.34 -25.80
C GLU D 184 -7.13 41.94 -27.25
N VAL D 185 -6.81 42.85 -28.16
CA VAL D 185 -7.08 42.69 -29.57
C VAL D 185 -5.78 42.38 -30.28
N TYR D 186 -5.80 41.35 -31.11
CA TYR D 186 -4.61 40.82 -31.76
C TYR D 186 -4.81 40.87 -33.26
N ASN D 187 -3.94 41.60 -33.95
CA ASN D 187 -4.00 41.74 -35.39
C ASN D 187 -3.38 40.51 -36.05
N TYR D 188 -3.98 39.37 -35.78
CA TYR D 188 -3.41 38.08 -36.06
C TYR D 188 -3.96 37.52 -37.35
N ASP D 189 -3.08 36.92 -38.14
CA ASP D 189 -3.48 36.18 -39.34
C ASP D 189 -4.06 34.86 -38.87
N PHE D 190 -5.28 34.91 -38.35
CA PHE D 190 -5.97 33.69 -38.00
C PHE D 190 -6.10 32.83 -39.25
N PRO D 191 -5.95 31.50 -39.15
CA PRO D 191 -5.88 30.70 -40.38
C PRO D 191 -7.13 30.83 -41.22
N GLU D 192 -8.27 30.35 -40.72
CA GLU D 192 -9.59 30.60 -41.27
C GLU D 192 -10.58 29.77 -40.47
N TYR D 193 -11.87 30.05 -40.60
CA TYR D 193 -12.88 29.06 -40.30
C TYR D 193 -12.62 27.82 -41.13
N GLY D 194 -12.89 26.66 -40.54
CA GLY D 194 -12.94 25.45 -41.31
C GLY D 194 -11.61 24.76 -41.55
N THR D 195 -10.50 25.31 -41.07
CA THR D 195 -9.17 24.82 -41.45
C THR D 195 -8.21 24.60 -40.31
N GLY D 196 -8.38 25.28 -39.17
CA GLY D 196 -7.30 25.46 -38.21
C GLY D 196 -6.66 24.19 -37.70
N LYS D 197 -5.35 24.08 -37.88
CA LYS D 197 -4.64 22.88 -37.51
C LYS D 197 -4.75 22.64 -36.01
N ALA D 198 -4.87 21.38 -35.63
CA ALA D 198 -5.07 21.03 -34.24
C ALA D 198 -3.86 21.45 -33.42
N GLY D 199 -4.13 21.98 -32.24
CA GLY D 199 -3.12 22.58 -31.41
C GLY D 199 -2.91 24.02 -31.76
N SER D 200 -2.82 24.32 -33.04
CA SER D 200 -2.71 25.70 -33.47
C SER D 200 -3.99 26.45 -33.15
N PHE D 201 -3.90 27.76 -33.23
CA PHE D 201 -5.06 28.61 -32.97
C PHE D 201 -6.21 28.23 -33.87
N GLY D 202 -7.41 28.23 -33.30
CA GLY D 202 -8.57 27.85 -34.06
C GLY D 202 -8.65 26.36 -34.32
N ASP D 203 -8.29 25.55 -33.34
CA ASP D 203 -8.59 24.12 -33.49
C ASP D 203 -10.08 23.90 -33.46
N LEU D 204 -10.78 24.60 -32.55
CA LEU D 204 -12.22 24.72 -32.59
C LEU D 204 -12.54 26.00 -33.33
N GLN D 205 -13.50 25.93 -34.24
CA GLN D 205 -13.89 27.08 -35.04
C GLN D 205 -15.40 27.02 -35.21
N SER D 206 -16.11 27.74 -34.36
CA SER D 206 -17.55 27.90 -34.45
C SER D 206 -17.86 29.28 -35.00
N ARG D 207 -18.82 29.32 -35.92
CA ARG D 207 -19.25 30.59 -36.51
C ARG D 207 -19.62 31.59 -35.42
N THR D 208 -20.51 31.20 -34.53
CA THR D 208 -20.83 31.97 -33.36
C THR D 208 -20.98 31.01 -32.19
N SER D 209 -21.50 31.54 -31.09
CA SER D 209 -21.68 30.72 -29.90
C SER D 209 -22.88 29.79 -30.06
N THR D 210 -23.95 30.30 -30.65
CA THR D 210 -25.13 29.50 -30.88
C THR D 210 -24.89 28.40 -31.90
N SER D 211 -23.95 28.61 -32.83
CA SER D 211 -23.82 27.72 -33.98
C SER D 211 -23.44 26.31 -33.54
N ASN D 212 -24.38 25.39 -33.70
CA ASN D 212 -24.12 24.01 -33.31
C ASN D 212 -23.06 23.37 -34.19
N ASP D 213 -23.01 23.76 -35.46
CA ASP D 213 -21.97 23.28 -36.34
C ASP D 213 -20.68 24.04 -36.08
N LEU D 214 -19.57 23.41 -36.40
CA LEU D 214 -18.26 24.05 -36.22
C LEU D 214 -17.24 23.26 -37.02
N TYR D 215 -15.97 23.60 -36.82
CA TYR D 215 -14.85 22.84 -37.35
C TYR D 215 -13.90 22.55 -36.20
N ALA D 216 -13.73 21.27 -35.91
CA ALA D 216 -12.90 20.82 -34.80
C ALA D 216 -11.82 19.89 -35.35
N ASN D 217 -10.75 20.48 -35.85
CA ASN D 217 -9.52 19.73 -36.06
C ASN D 217 -8.78 19.82 -34.74
N THR D 218 -8.98 18.80 -33.93
CA THR D 218 -8.25 18.62 -32.67
C THR D 218 -7.33 17.42 -32.69
N ASN D 219 -7.32 16.65 -33.77
CA ASN D 219 -6.55 15.42 -33.84
C ASN D 219 -6.97 14.48 -32.72
N LEU D 220 -8.26 14.49 -32.42
CA LEU D 220 -8.80 13.62 -31.39
C LEU D 220 -8.69 12.18 -31.86
N LYS D 221 -7.90 11.40 -31.14
CA LYS D 221 -7.67 9.99 -31.47
C LYS D 221 -7.93 9.16 -30.24
N LEU D 222 -8.99 8.37 -30.28
CA LEU D 222 -9.29 7.47 -29.19
C LEU D 222 -8.33 6.30 -29.21
N GLN D 223 -7.96 5.84 -28.02
CA GLN D 223 -7.17 4.63 -27.85
C GLN D 223 -7.95 3.64 -26.99
N ARG D 224 -7.56 2.39 -27.06
CA ARG D 224 -8.32 1.36 -26.38
C ARG D 224 -8.09 1.48 -24.88
N PRO D 225 -9.12 1.27 -24.06
CA PRO D 225 -8.90 1.28 -22.62
C PRO D 225 -8.06 0.09 -22.21
N GLN D 226 -7.38 0.26 -21.08
CA GLN D 226 -6.34 -0.66 -20.64
C GLN D 226 -6.91 -1.78 -19.78
N ALA D 227 -6.34 -2.97 -19.98
CA ALA D 227 -6.41 -4.09 -19.04
C ALA D 227 -7.82 -4.38 -18.55
N GLY D 228 -8.78 -4.36 -19.47
CA GLY D 228 -10.14 -4.71 -19.13
C GLY D 228 -10.75 -3.82 -18.07
N ILE D 229 -10.73 -2.51 -18.31
CA ILE D 229 -11.41 -1.56 -17.43
C ILE D 229 -12.16 -0.56 -18.29
N VAL D 230 -13.30 -0.11 -17.77
CA VAL D 230 -14.14 0.87 -18.45
C VAL D 230 -13.49 2.24 -18.30
N HIS D 231 -13.08 2.81 -19.42
CA HIS D 231 -12.79 4.23 -19.54
C HIS D 231 -12.56 4.51 -21.01
N THR D 232 -12.23 5.76 -21.31
CA THR D 232 -12.16 6.25 -22.68
C THR D 232 -10.88 7.03 -22.85
N PRO D 233 -9.82 6.40 -23.30
CA PRO D 233 -8.65 7.16 -23.70
C PRO D 233 -9.00 8.08 -24.84
N PHE D 234 -9.01 9.37 -24.59
CA PHE D 234 -9.08 10.37 -25.64
C PHE D 234 -7.73 11.08 -25.65
N THR D 235 -7.01 10.90 -26.75
CA THR D 235 -5.71 11.49 -26.94
C THR D 235 -5.89 12.67 -27.87
N GLN D 236 -5.53 13.85 -27.39
CA GLN D 236 -5.97 15.07 -28.03
C GLN D 236 -5.00 16.18 -27.71
N ALA D 237 -4.87 17.09 -28.63
CA ALA D 237 -4.13 18.30 -28.40
C ALA D 237 -4.93 19.21 -27.49
N PRO D 238 -4.41 19.66 -26.35
CA PRO D 238 -5.05 20.78 -25.67
C PRO D 238 -5.11 21.97 -26.61
N SER D 239 -6.08 22.84 -26.37
CA SER D 239 -6.51 23.67 -27.47
C SER D 239 -5.49 24.72 -27.85
N GLY D 240 -5.59 25.15 -29.10
CA GLY D 240 -5.00 26.38 -29.54
C GLY D 240 -5.68 27.62 -29.02
N PHE D 241 -6.70 27.45 -28.19
CA PHE D 241 -7.19 28.50 -27.31
C PHE D 241 -6.55 28.43 -25.93
N GLU D 242 -6.03 27.26 -25.55
CA GLU D 242 -5.27 27.17 -24.30
C GLU D 242 -3.93 27.88 -24.44
N ARG D 243 -3.08 27.38 -25.33
CA ARG D 243 -2.10 28.27 -25.92
C ARG D 243 -2.87 29.28 -26.74
N TRP D 244 -2.23 30.41 -27.03
CA TRP D 244 -2.84 31.68 -27.43
C TRP D 244 -3.31 32.44 -26.20
N LYS D 245 -3.22 31.86 -25.00
CA LYS D 245 -3.38 32.58 -23.76
C LYS D 245 -2.11 32.62 -22.93
N ARG D 246 -1.10 31.80 -23.24
CA ARG D 246 0.17 31.87 -22.55
C ARG D 246 1.38 31.64 -23.45
N ASP D 247 1.20 31.47 -24.76
CA ASP D 247 2.30 31.56 -25.72
C ASP D 247 1.88 32.45 -26.88
N LYS D 248 1.08 33.46 -26.58
CA LYS D 248 0.45 34.32 -27.55
C LYS D 248 1.41 35.40 -28.04
N GLY D 249 0.84 36.39 -28.73
CA GLY D 249 1.49 37.64 -29.01
C GLY D 249 0.85 38.76 -28.21
N ALA D 250 1.47 39.92 -28.30
CA ALA D 250 1.07 41.04 -27.46
C ALA D 250 -0.08 41.82 -28.10
N PRO D 251 -0.82 42.60 -27.32
CA PRO D 251 -2.00 43.26 -27.87
C PRO D 251 -1.74 44.56 -28.57
N LEU D 252 -2.64 44.81 -29.52
CA LEU D 252 -2.54 45.97 -30.39
C LEU D 252 -2.67 47.26 -29.60
N ASN D 253 -3.34 47.22 -28.45
CA ASN D 253 -3.28 48.35 -27.53
C ASN D 253 -1.98 48.39 -26.74
N ASP D 254 -1.03 47.49 -27.06
CA ASP D 254 0.32 47.53 -26.55
C ASP D 254 1.37 47.41 -27.64
N VAL D 255 1.00 47.24 -28.92
CA VAL D 255 1.99 47.17 -29.99
C VAL D 255 1.60 47.99 -31.22
N ALA D 256 0.46 48.65 -31.21
CA ALA D 256 0.06 49.40 -32.39
C ALA D 256 1.03 50.53 -32.69
N PRO D 257 1.03 51.04 -33.91
CA PRO D 257 1.64 52.36 -34.15
C PRO D 257 0.68 53.53 -34.04
N PHE D 258 1.26 54.73 -34.20
CA PHE D 258 0.61 56.02 -34.29
C PHE D 258 -0.52 56.24 -33.28
N GLY D 259 -0.38 55.67 -32.10
CA GLY D 259 -1.06 56.11 -30.91
C GLY D 259 -2.53 55.86 -30.71
N CYS D 260 -2.90 54.60 -30.47
CA CYS D 260 -4.28 54.15 -30.45
C CYS D 260 -4.53 53.41 -29.16
N SER D 261 -5.80 53.38 -28.77
CA SER D 261 -6.29 52.54 -27.70
C SER D 261 -7.49 51.79 -28.23
N ILE D 262 -7.90 50.74 -27.51
CA ILE D 262 -8.76 49.70 -28.06
C ILE D 262 -9.86 49.36 -27.06
N ALA D 263 -10.96 48.80 -27.56
CA ALA D 263 -12.03 48.29 -26.71
C ALA D 263 -12.77 47.14 -27.39
N LEU D 264 -13.22 46.18 -26.57
CA LEU D 264 -14.23 45.19 -26.99
C LEU D 264 -15.58 45.79 -26.65
N GLU D 265 -16.09 46.53 -27.58
CA GLU D 265 -17.11 47.54 -27.52
C GLU D 265 -17.28 47.63 -29.04
N PRO D 266 -17.83 48.68 -29.66
CA PRO D 266 -17.96 48.63 -31.12
C PRO D 266 -16.71 48.36 -31.97
N LEU D 267 -15.57 47.99 -31.38
CA LEU D 267 -14.33 47.60 -32.05
C LEU D 267 -13.64 48.83 -32.57
N ARG D 268 -13.75 49.87 -31.78
CA ARG D 268 -13.08 51.10 -32.11
C ARG D 268 -11.61 50.99 -31.77
N ALA D 269 -10.85 51.94 -32.30
CA ALA D 269 -9.46 52.12 -31.94
C ALA D 269 -9.30 53.60 -31.60
N GLU D 270 -9.48 53.92 -30.33
CA GLU D 270 -9.61 55.31 -29.92
C GLU D 270 -8.34 56.10 -30.17
N ASN D 271 -8.53 57.40 -30.40
CA ASN D 271 -7.53 58.42 -30.11
C ASN D 271 -6.28 58.26 -30.96
N CYS D 272 -6.44 57.73 -32.16
CA CYS D 272 -5.32 57.49 -33.07
C CYS D 272 -4.84 58.83 -33.61
N ALA D 273 -3.79 59.36 -32.99
CA ALA D 273 -3.22 60.64 -33.36
C ALA D 273 -2.31 60.45 -34.56
N VAL D 274 -2.81 60.77 -35.74
CA VAL D 274 -1.96 60.73 -36.93
C VAL D 274 -2.57 61.56 -38.05
N GLY D 275 -1.74 62.38 -38.67
CA GLY D 275 -2.15 63.16 -39.80
C GLY D 275 -3.06 64.32 -39.44
N SER D 276 -3.73 64.82 -40.46
CA SER D 276 -4.56 66.01 -40.38
C SER D 276 -5.97 65.69 -40.84
N ILE D 277 -6.88 66.61 -40.52
CA ILE D 277 -8.30 66.47 -40.86
C ILE D 277 -8.77 67.80 -41.43
N PRO D 278 -9.24 67.84 -42.69
CA PRO D 278 -9.74 69.11 -43.25
C PRO D 278 -11.12 69.49 -42.77
N ILE D 279 -11.18 70.27 -41.69
CA ILE D 279 -12.43 70.53 -40.99
C ILE D 279 -12.94 71.91 -41.36
N SER D 280 -14.26 72.00 -41.47
CA SER D 280 -14.93 73.20 -41.95
C SER D 280 -16.24 73.35 -41.21
N ILE D 281 -16.53 74.55 -40.74
CA ILE D 281 -17.68 74.82 -39.90
C ILE D 281 -18.48 75.96 -40.50
N ASP D 282 -19.80 75.88 -40.35
CA ASP D 282 -20.72 76.97 -40.61
C ASP D 282 -21.26 77.44 -39.26
N ILE D 283 -20.72 78.54 -38.78
CA ILE D 283 -21.09 79.14 -37.50
C ILE D 283 -22.49 79.72 -37.62
N PRO D 284 -23.24 79.84 -36.51
CA PRO D 284 -24.45 80.67 -36.58
C PRO D 284 -24.07 82.14 -36.60
N ASP D 285 -24.55 82.85 -37.62
CA ASP D 285 -24.24 84.26 -37.77
C ASP D 285 -24.72 85.08 -36.57
N ALA D 286 -25.76 84.59 -35.89
CA ALA D 286 -26.21 85.26 -34.67
C ALA D 286 -25.11 85.29 -33.62
N ALA D 287 -24.28 84.24 -33.56
CA ALA D 287 -23.21 84.20 -32.59
C ALA D 287 -22.13 85.24 -32.87
N PHE D 288 -22.03 85.71 -34.11
CA PHE D 288 -21.08 86.76 -34.41
C PHE D 288 -21.45 88.05 -33.69
N THR D 289 -20.42 88.79 -33.33
CA THR D 289 -20.55 90.17 -32.92
C THR D 289 -20.12 91.04 -34.10
N ARG D 290 -20.90 92.08 -34.36
CA ARG D 290 -20.53 92.97 -35.43
C ARG D 290 -19.25 93.72 -35.07
N ILE D 291 -18.55 94.17 -36.10
CA ILE D 291 -17.19 94.66 -35.91
C ILE D 291 -17.18 95.97 -35.13
N SER D 292 -18.24 96.75 -35.21
CA SER D 292 -18.27 98.08 -34.63
C SER D 292 -18.57 98.08 -33.14
N GLU D 293 -18.50 96.94 -32.48
CA GLU D 293 -18.84 96.81 -31.08
C GLU D 293 -17.70 96.26 -30.24
N THR D 294 -16.76 95.56 -30.85
CA THR D 294 -15.56 95.15 -30.14
C THR D 294 -14.53 96.28 -30.17
N PRO D 295 -13.75 96.47 -29.11
CA PRO D 295 -12.74 97.53 -29.15
C PRO D 295 -11.69 97.26 -30.21
N THR D 296 -11.32 98.32 -30.93
CA THR D 296 -10.15 98.29 -31.79
C THR D 296 -8.91 98.50 -30.94
N VAL D 297 -7.92 97.63 -31.12
CA VAL D 297 -6.85 97.44 -30.16
C VAL D 297 -5.51 97.97 -30.68
N SER D 298 -5.46 98.44 -31.93
CA SER D 298 -4.20 98.79 -32.56
C SER D 298 -3.47 99.91 -31.83
N ASP D 299 -2.27 100.24 -32.31
CA ASP D 299 -1.33 101.11 -31.60
C ASP D 299 -0.96 100.49 -30.26
N LEU D 300 -0.75 99.19 -30.27
CA LEU D 300 -0.42 98.38 -29.11
C LEU D 300 1.07 98.07 -29.09
N GLU D 301 1.47 97.19 -28.18
CA GLU D 301 2.80 96.59 -28.22
C GLU D 301 2.74 95.24 -27.52
N CYS D 302 3.52 94.28 -28.03
CA CYS D 302 3.61 92.94 -27.46
C CYS D 302 5.07 92.60 -27.20
N LYS D 303 5.30 91.88 -26.11
CA LYS D 303 6.61 91.35 -25.83
C LYS D 303 6.49 90.18 -24.87
N ILE D 304 7.30 89.16 -25.11
CA ILE D 304 7.48 88.12 -24.11
C ILE D 304 8.08 88.74 -22.86
N THR D 305 7.93 88.04 -21.77
CA THR D 305 8.58 88.38 -20.51
C THR D 305 9.31 87.20 -19.91
N GLU D 306 8.76 86.00 -20.02
CA GLU D 306 9.46 84.79 -19.66
C GLU D 306 8.95 83.69 -20.58
N CYS D 307 9.60 83.54 -21.73
CA CYS D 307 9.21 82.52 -22.68
C CYS D 307 9.86 81.21 -22.32
N THR D 308 9.04 80.18 -22.21
CA THR D 308 9.49 78.84 -21.88
C THR D 308 9.43 77.99 -23.13
N TYR D 309 10.58 77.48 -23.55
CA TYR D 309 10.77 76.82 -24.84
C TYR D 309 10.28 75.38 -24.74
N ALA D 310 8.96 75.23 -24.62
CA ALA D 310 8.42 74.03 -24.01
C ALA D 310 7.01 73.69 -24.52
N SER D 311 6.39 72.72 -23.83
CA SER D 311 5.14 72.09 -24.19
C SER D 311 3.98 72.67 -23.39
N ASP D 312 4.06 72.55 -22.07
CA ASP D 312 3.12 73.22 -21.21
C ASP D 312 3.15 74.71 -21.51
N PHE D 313 2.03 75.37 -21.25
CA PHE D 313 1.92 76.76 -21.62
C PHE D 313 2.79 77.61 -20.72
N GLY D 314 4.09 77.52 -20.91
CA GLY D 314 5.04 78.25 -20.09
C GLY D 314 5.38 79.60 -20.70
N GLY D 315 5.19 79.73 -22.01
CA GLY D 315 5.47 81.00 -22.65
C GLY D 315 4.45 82.04 -22.25
N ILE D 316 4.92 83.23 -21.90
CA ILE D 316 4.07 84.35 -21.52
C ILE D 316 4.51 85.59 -22.25
N ALA D 317 3.60 86.55 -22.34
CA ALA D 317 3.92 87.81 -22.99
C ALA D 317 2.90 88.85 -22.57
N THR D 318 3.38 89.93 -21.98
CA THR D 318 2.52 91.08 -21.80
C THR D 318 2.22 91.70 -23.16
N VAL D 319 1.11 92.41 -23.21
CA VAL D 319 0.70 93.13 -24.42
C VAL D 319 0.20 94.48 -23.98
N ALA D 320 0.83 95.54 -24.47
CA ALA D 320 0.40 96.89 -24.18
C ALA D 320 -0.84 97.18 -25.00
N TYR D 321 -1.98 96.73 -24.49
CA TYR D 321 -3.23 96.90 -25.20
C TYR D 321 -3.57 98.36 -25.31
N LYS D 322 -3.97 98.78 -26.51
CA LYS D 322 -4.33 100.16 -26.82
C LYS D 322 -5.72 100.10 -27.45
N SER D 323 -6.74 100.09 -26.61
CA SER D 323 -8.10 99.85 -27.05
C SER D 323 -8.79 101.17 -27.38
N SER D 324 -9.99 101.03 -27.96
CA SER D 324 -10.88 102.15 -28.22
C SER D 324 -12.08 102.10 -27.29
N LYS D 325 -12.82 101.00 -27.32
CA LYS D 325 -13.82 100.69 -26.32
C LYS D 325 -13.14 99.83 -25.25
N ALA D 326 -13.95 99.23 -24.38
CA ALA D 326 -13.46 98.29 -23.38
C ALA D 326 -14.34 97.06 -23.40
N GLY D 327 -13.72 95.90 -23.39
CA GLY D 327 -14.47 94.66 -23.42
C GLY D 327 -13.57 93.48 -23.74
N ASN D 328 -14.18 92.46 -24.34
CA ASN D 328 -13.45 91.27 -24.72
C ASN D 328 -12.82 91.42 -26.09
N CYS D 329 -11.86 90.56 -26.35
CA CYS D 329 -11.07 90.60 -27.56
C CYS D 329 -10.54 89.19 -27.82
N PRO D 330 -11.12 88.43 -28.73
CA PRO D 330 -10.58 87.10 -28.99
C PRO D 330 -9.19 87.19 -29.61
N ILE D 331 -8.37 86.18 -29.32
CA ILE D 331 -6.97 86.19 -29.69
C ILE D 331 -6.60 84.86 -30.32
N HIS D 332 -5.58 84.89 -31.16
CA HIS D 332 -5.04 83.70 -31.78
C HIS D 332 -3.77 84.09 -32.51
N SER D 333 -2.86 83.14 -32.61
CA SER D 333 -1.67 83.26 -33.44
C SER D 333 -1.96 82.53 -34.74
N PRO D 334 -2.24 83.22 -35.84
CA PRO D 334 -2.49 82.50 -37.10
C PRO D 334 -1.32 81.63 -37.52
N SER D 335 -0.10 82.02 -37.14
CA SER D 335 1.02 81.12 -37.29
C SER D 335 0.91 80.01 -36.26
N GLY D 336 1.20 78.80 -36.70
CA GLY D 336 1.16 77.65 -35.82
C GLY D 336 2.34 77.53 -34.87
N VAL D 337 3.25 78.50 -34.90
CA VAL D 337 4.41 78.46 -34.02
C VAL D 337 3.97 78.48 -32.57
N ALA D 338 3.04 79.35 -32.24
CA ALA D 338 2.62 79.60 -30.87
C ALA D 338 1.21 79.08 -30.67
N VAL D 339 1.01 78.34 -29.60
CA VAL D 339 -0.28 77.84 -29.19
C VAL D 339 -0.61 78.50 -27.87
N ILE D 340 -1.79 79.06 -27.77
CA ILE D 340 -2.16 79.98 -26.70
C ILE D 340 -3.24 79.34 -25.85
N LYS D 341 -3.12 79.52 -24.53
CA LYS D 341 -4.10 78.97 -23.60
C LYS D 341 -5.36 79.81 -23.58
N GLU D 342 -5.22 81.13 -23.70
CA GLU D 342 -6.34 82.03 -23.67
C GLU D 342 -6.92 82.19 -25.06
N ASN D 343 -8.21 81.94 -25.19
CA ASN D 343 -8.93 82.27 -26.42
C ASN D 343 -9.28 83.74 -26.46
N ASP D 344 -9.62 84.30 -25.30
CA ASP D 344 -10.20 85.62 -25.18
C ASP D 344 -9.54 86.35 -24.04
N VAL D 345 -9.36 87.66 -24.21
CA VAL D 345 -8.79 88.51 -23.18
C VAL D 345 -9.74 89.67 -22.96
N THR D 346 -9.99 89.98 -21.70
CA THR D 346 -10.79 91.14 -21.33
C THR D 346 -9.92 92.38 -21.40
N LEU D 347 -10.53 93.50 -21.76
CA LEU D 347 -9.82 94.75 -21.91
C LEU D 347 -10.58 95.91 -21.30
N ALA D 348 -9.87 96.66 -20.46
CA ALA D 348 -10.30 98.00 -20.09
C ALA D 348 -9.84 98.95 -21.18
N GLU D 349 -9.92 100.25 -20.92
CA GLU D 349 -9.51 101.23 -21.90
C GLU D 349 -7.99 101.26 -21.99
N SER D 350 -7.44 100.43 -22.87
CA SER D 350 -6.02 100.46 -23.22
C SER D 350 -5.15 100.16 -22.00
N GLY D 351 -5.34 98.96 -21.46
CA GLY D 351 -4.53 98.43 -20.39
C GLY D 351 -3.46 97.49 -20.89
N SER D 352 -3.19 96.46 -20.10
CA SER D 352 -2.21 95.45 -20.46
C SER D 352 -2.59 94.16 -19.77
N PHE D 353 -2.50 93.05 -20.51
CA PHE D 353 -2.86 91.74 -19.97
C PHE D 353 -1.97 90.69 -20.59
N THR D 354 -1.26 89.96 -19.75
CA THR D 354 -0.44 88.85 -20.19
C THR D 354 -1.31 87.65 -20.51
N PHE D 355 -0.85 86.86 -21.48
CA PHE D 355 -1.43 85.57 -21.76
C PHE D 355 -0.35 84.51 -21.65
N HIS D 356 -0.76 83.26 -21.79
CA HIS D 356 0.13 82.11 -21.72
C HIS D 356 0.19 81.45 -23.09
N PHE D 357 1.32 80.80 -23.37
CA PHE D 357 1.44 80.09 -24.62
C PHE D 357 2.59 79.09 -24.55
N SER D 358 2.87 78.45 -25.69
CA SER D 358 3.95 77.50 -25.82
C SER D 358 4.41 77.51 -27.27
N THR D 359 5.71 77.32 -27.46
CA THR D 359 6.34 77.40 -28.77
C THR D 359 7.37 76.30 -28.91
N ALA D 360 8.03 76.28 -30.06
CA ALA D 360 9.07 75.32 -30.36
C ALA D 360 10.29 75.92 -31.01
N ASN D 361 10.29 77.19 -31.35
CA ASN D 361 11.44 77.84 -31.95
C ASN D 361 12.04 78.85 -30.97
N ILE D 362 13.37 78.83 -30.89
CA ILE D 362 14.10 79.59 -29.89
C ILE D 362 13.72 81.05 -29.97
N HIS D 363 13.53 81.55 -31.18
CA HIS D 363 13.16 82.93 -31.44
C HIS D 363 11.72 82.93 -31.95
N PRO D 364 10.73 82.91 -31.07
CA PRO D 364 9.36 82.86 -31.55
C PRO D 364 8.93 84.16 -32.17
N ALA D 365 8.92 84.18 -33.49
CA ALA D 365 8.43 85.31 -34.27
C ALA D 365 7.05 84.96 -34.81
N PHE D 366 6.07 84.96 -33.92
CA PHE D 366 4.70 84.62 -34.26
C PHE D 366 3.83 85.84 -34.20
N LYS D 367 2.96 85.97 -35.20
CA LYS D 367 1.96 87.01 -35.18
C LYS D 367 0.92 86.69 -34.12
N LEU D 368 0.31 87.74 -33.58
CA LEU D 368 -0.80 87.60 -32.67
C LEU D 368 -1.91 88.53 -33.12
N GLN D 369 -3.08 87.96 -33.34
CA GLN D 369 -4.21 88.67 -33.93
C GLN D 369 -5.18 88.95 -32.80
N VAL D 370 -5.06 90.13 -32.20
CA VAL D 370 -5.91 90.51 -31.07
C VAL D 370 -7.13 91.22 -31.67
N CYS D 371 -8.10 90.41 -32.07
CA CYS D 371 -9.39 90.85 -32.58
C CYS D 371 -9.23 91.95 -33.64
N THR D 372 -8.62 91.53 -34.75
CA THR D 372 -8.27 92.37 -35.88
C THR D 372 -7.22 93.39 -35.50
N SER D 373 -6.09 92.92 -34.99
CA SER D 373 -4.90 93.74 -34.88
C SER D 373 -3.72 92.79 -34.74
N ALA D 374 -2.88 92.74 -35.76
CA ALA D 374 -1.76 91.82 -35.77
C ALA D 374 -0.59 92.42 -35.00
N VAL D 375 0.28 91.55 -34.50
CA VAL D 375 1.50 92.00 -33.84
C VAL D 375 2.46 90.84 -33.74
N THR D 376 3.74 91.14 -33.96
CA THR D 376 4.81 90.19 -33.76
C THR D 376 5.22 90.22 -32.29
N CYS D 377 5.11 89.08 -31.62
CA CYS D 377 5.59 88.92 -30.25
C CYS D 377 6.97 88.25 -30.26
N LYS D 378 7.89 88.91 -30.95
CA LYS D 378 9.26 88.41 -31.07
C LYS D 378 9.91 88.29 -29.71
N GLY D 379 10.84 87.35 -29.59
CA GLY D 379 11.63 87.25 -28.38
C GLY D 379 12.53 86.03 -28.35
N ASP D 380 12.74 85.51 -27.15
CA ASP D 380 13.63 84.37 -26.95
C ASP D 380 13.17 83.58 -25.72
N CYS D 381 13.43 82.28 -25.75
CA CYS D 381 12.81 81.35 -24.82
C CYS D 381 13.86 80.52 -24.10
N LYS D 382 13.42 79.85 -23.05
CA LYS D 382 14.29 79.12 -22.14
C LYS D 382 13.87 77.64 -22.07
N PRO D 383 14.80 76.69 -22.09
CA PRO D 383 14.43 75.29 -21.95
C PRO D 383 14.06 74.93 -20.53
N PRO D 384 13.07 74.02 -20.33
CA PRO D 384 12.78 73.50 -18.97
C PRO D 384 13.64 72.34 -18.51
N LYS D 385 13.18 71.73 -17.40
CA LYS D 385 13.96 70.79 -16.63
C LYS D 385 13.26 69.47 -16.27
N ASP D 386 11.94 69.35 -16.48
CA ASP D 386 11.09 68.48 -15.65
C ASP D 386 10.13 67.61 -16.48
N HIS D 387 10.66 66.86 -17.43
CA HIS D 387 9.88 66.27 -18.54
C HIS D 387 9.48 64.81 -18.36
N ILE D 388 8.60 64.51 -17.39
CA ILE D 388 7.98 63.18 -17.36
C ILE D 388 6.49 63.18 -16.97
N VAL D 389 5.59 63.65 -17.84
CA VAL D 389 4.15 63.68 -17.53
C VAL D 389 3.54 63.62 -18.92
N ASP D 390 2.19 63.60 -19.09
CA ASP D 390 1.45 63.16 -20.29
C ASP D 390 1.74 64.04 -21.51
N TYR D 391 0.82 64.34 -22.43
CA TYR D 391 1.23 64.83 -23.75
C TYR D 391 1.03 66.33 -23.94
N PRO D 392 1.72 66.92 -24.93
CA PRO D 392 1.91 68.37 -24.95
C PRO D 392 0.73 69.14 -25.53
N ALA D 393 0.85 70.47 -25.43
CA ALA D 393 -0.02 71.43 -26.08
C ALA D 393 0.66 72.17 -27.22
N GLN D 394 1.93 71.85 -27.48
CA GLN D 394 2.78 72.60 -28.40
C GLN D 394 2.60 72.10 -29.82
N HIS D 395 2.90 70.80 -30.02
CA HIS D 395 2.62 70.02 -31.23
C HIS D 395 2.88 70.79 -32.52
N THR D 396 3.97 71.56 -32.55
CA THR D 396 4.25 72.48 -33.63
C THR D 396 5.71 72.44 -34.04
N GLU D 397 6.37 71.31 -33.81
CA GLU D 397 7.80 71.24 -34.05
C GLU D 397 8.08 71.36 -35.54
N SER D 398 9.06 72.18 -35.88
CA SER D 398 9.46 72.39 -37.26
C SER D 398 10.94 72.77 -37.25
N PHE D 399 11.41 73.31 -38.36
CA PHE D 399 12.80 73.74 -38.44
C PHE D 399 13.02 74.98 -37.58
N THR D 400 14.00 74.90 -36.69
CA THR D 400 14.29 75.95 -35.73
C THR D 400 15.79 76.19 -35.58
N UNK E 1 -43.68 77.99 33.55
CA UNK E 1 -42.82 77.60 34.70
C UNK E 1 -42.62 76.11 34.76
N UNK E 2 -41.36 75.61 34.76
CA UNK E 2 -41.05 74.21 34.93
C UNK E 2 -41.32 73.75 36.35
N UNK E 3 -41.99 72.59 36.54
CA UNK E 3 -42.33 72.11 37.85
C UNK E 3 -42.43 70.59 37.86
N UNK E 4 -42.12 69.97 39.02
CA UNK E 4 -42.40 68.58 39.31
C UNK E 4 -43.09 68.55 40.66
N UNK E 5 -44.22 67.82 40.79
CA UNK E 5 -44.92 67.69 42.07
C UNK E 5 -45.16 66.23 42.40
N UNK E 6 -44.57 65.73 43.51
CA UNK E 6 -44.85 64.43 44.05
C UNK E 6 -46.14 64.34 44.87
N UNK E 7 -46.82 63.18 44.80
CA UNK E 7 -48.05 62.92 45.53
C UNK E 7 -48.09 61.47 45.99
N UNK E 8 -48.98 61.17 46.96
CA UNK E 8 -49.29 59.80 47.37
C UNK E 8 -48.54 59.27 48.56
N UNK E 9 -47.67 60.08 49.20
CA UNK E 9 -47.05 59.73 50.49
C UNK E 9 -48.03 59.59 51.64
N UNK E 10 -47.55 59.08 52.79
CA UNK E 10 -48.43 58.86 53.94
C UNK E 10 -47.85 57.88 54.92
N UNK E 11 -48.70 57.41 55.85
CA UNK E 11 -48.31 56.49 56.90
C UNK E 11 -48.81 55.10 56.55
N UNK E 12 -47.91 54.09 56.56
CA UNK E 12 -48.20 52.76 56.07
C UNK E 12 -47.79 51.73 57.10
N UNK E 13 -48.45 50.56 57.14
CA UNK E 13 -48.02 49.44 57.96
C UNK E 13 -46.98 48.62 57.20
N UNK E 14 -46.00 47.96 57.83
CA UNK E 14 -45.11 47.00 57.16
C UNK E 14 -45.78 45.99 56.26
N UNK E 15 -45.16 45.66 55.11
CA UNK E 15 -45.62 44.63 54.19
C UNK E 15 -46.73 45.06 53.28
N UNK E 16 -47.23 46.30 53.42
CA UNK E 16 -48.27 46.83 52.57
C UNK E 16 -47.71 47.54 51.35
N UNK E 17 -48.62 48.06 50.52
CA UNK E 17 -48.30 48.65 49.24
C UNK E 17 -48.72 50.09 49.24
N UNK E 18 -47.98 50.95 48.51
CA UNK E 18 -48.33 52.35 48.35
C UNK E 18 -47.91 52.73 46.95
N UNK E 19 -48.57 53.70 46.30
CA UNK E 19 -48.17 54.12 44.97
C UNK E 19 -48.02 55.61 44.93
N UNK E 20 -46.77 56.08 44.79
CA UNK E 20 -46.45 57.47 44.64
C UNK E 20 -46.66 57.90 43.21
N UNK E 21 -46.95 59.18 42.98
CA UNK E 21 -46.98 59.74 41.64
C UNK E 21 -46.15 60.99 41.62
N UNK E 22 -45.66 61.35 40.44
CA UNK E 22 -44.98 62.60 40.20
C UNK E 22 -45.54 63.14 38.92
N UNK E 23 -46.03 64.39 38.97
CA UNK E 23 -46.63 65.05 37.83
C UNK E 23 -45.74 66.17 37.37
N UNK E 24 -45.57 66.31 36.04
CA UNK E 24 -44.74 67.32 35.44
C UNK E 24 -45.57 68.41 34.80
N UNK E 25 -45.06 69.66 34.80
CA UNK E 25 -45.72 70.71 34.05
C UNK E 25 -44.72 71.75 33.60
N UNK E 26 -45.06 72.50 32.53
CA UNK E 26 -44.22 73.58 32.01
C UNK E 26 -43.08 73.16 31.12
N UNK E 27 -43.03 71.89 30.72
CA UNK E 27 -42.06 71.39 29.77
C UNK E 27 -42.65 70.14 29.14
N UNK E 28 -42.06 69.67 28.03
CA UNK E 28 -42.51 68.45 27.37
C UNK E 28 -42.04 67.21 28.11
N UNK E 29 -42.87 66.62 28.98
CA UNK E 29 -42.52 65.47 29.81
C UNK E 29 -42.02 64.26 29.05
N UNK E 30 -42.65 63.95 27.90
CA UNK E 30 -42.31 62.81 27.07
C UNK E 30 -40.89 62.83 26.54
N UNK E 31 -40.27 64.01 26.35
CA UNK E 31 -38.93 64.06 25.84
C UNK E 31 -37.92 63.71 26.88
N UNK E 32 -38.20 63.86 28.20
CA UNK E 32 -37.25 63.69 29.30
C UNK E 32 -37.35 62.37 30.07
N UNK E 33 -36.19 61.83 30.49
CA UNK E 33 -36.08 60.81 31.53
C UNK E 33 -36.23 61.40 32.93
N UNK E 34 -36.63 60.57 33.91
CA UNK E 34 -36.85 61.02 35.29
C UNK E 34 -36.40 59.93 36.24
N UNK E 35 -35.90 60.34 37.41
CA UNK E 35 -35.39 59.46 38.44
C UNK E 35 -36.14 59.69 39.72
N UNK E 36 -36.04 58.73 40.66
CA UNK E 36 -36.49 58.88 42.01
C UNK E 36 -35.33 58.71 42.97
N UNK E 37 -35.28 59.60 43.96
CA UNK E 37 -34.22 59.71 44.95
C UNK E 37 -34.92 59.76 46.28
N UNK E 38 -34.35 59.17 47.35
CA UNK E 38 -34.95 59.26 48.66
C UNK E 38 -33.94 59.66 49.71
N UNK E 39 -34.43 60.18 50.84
CA UNK E 39 -33.61 60.48 52.01
C UNK E 39 -34.29 59.95 53.26
N UNK E 40 -33.64 58.97 53.93
CA UNK E 40 -34.12 58.45 55.20
C UNK E 40 -33.77 59.39 56.35
N UNK E 41 -34.52 59.52 57.44
CA UNK E 41 -34.19 60.42 58.54
C UNK E 41 -32.80 60.21 59.13
N UNK E 42 -31.95 61.26 59.16
CA UNK E 42 -30.59 61.18 59.69
C UNK E 42 -29.60 60.54 58.75
N UNK E 43 -29.99 60.31 57.50
CA UNK E 43 -29.10 59.85 56.45
C UNK E 43 -29.21 60.82 55.28
N UNK E 44 -28.26 60.74 54.34
CA UNK E 44 -28.24 61.52 53.12
C UNK E 44 -29.11 60.96 52.02
N UNK E 45 -28.94 61.50 50.80
CA UNK E 45 -29.62 61.04 49.61
C UNK E 45 -29.21 59.65 49.10
N UNK E 46 -30.19 58.77 48.83
CA UNK E 46 -30.01 57.46 48.23
C UNK E 46 -30.75 57.44 46.90
N UNK E 47 -30.10 57.02 45.80
CA UNK E 47 -30.77 56.79 44.54
C UNK E 47 -31.71 55.58 44.61
N UNK E 48 -32.90 55.65 44.01
CA UNK E 48 -33.86 54.55 44.06
C UNK E 48 -34.09 53.94 42.69
N UNK E 49 -34.42 54.75 41.67
CA UNK E 49 -34.76 54.21 40.37
C UNK E 49 -34.74 55.26 39.26
N UNK E 50 -34.74 54.81 37.99
CA UNK E 50 -34.81 55.68 36.82
C UNK E 50 -35.65 55.03 35.76
N UNK E 51 -36.36 55.83 34.94
CA UNK E 51 -37.03 55.37 33.75
C UNK E 51 -36.63 56.27 32.58
N UNK E 52 -36.37 55.69 31.39
CA UNK E 52 -36.07 56.41 30.16
C UNK E 52 -37.20 57.29 29.67
N UNK E 53 -36.94 58.15 28.65
CA UNK E 53 -37.90 59.13 28.14
C UNK E 53 -39.19 58.52 27.61
N UNK E 54 -39.04 57.44 26.82
CA UNK E 54 -40.06 56.67 26.16
C UNK E 54 -40.66 55.58 27.05
N UNK E 55 -39.98 55.26 28.16
CA UNK E 55 -40.37 54.19 29.08
C UNK E 55 -39.88 52.82 28.71
N UNK E 56 -39.06 52.69 27.65
CA UNK E 56 -38.47 51.42 27.24
C UNK E 56 -37.51 50.80 28.24
N UNK E 57 -36.67 51.61 28.88
CA UNK E 57 -35.61 51.17 29.76
C UNK E 57 -35.85 51.73 31.15
N UNK E 58 -35.45 50.96 32.17
CA UNK E 58 -35.55 51.42 33.54
C UNK E 58 -34.57 50.64 34.39
N UNK E 59 -34.21 51.18 35.56
CA UNK E 59 -33.25 50.53 36.42
C UNK E 59 -33.50 50.92 37.86
N UNK E 60 -32.93 50.15 38.81
CA UNK E 60 -33.29 50.21 40.22
C UNK E 60 -32.07 50.01 41.08
N UNK E 61 -32.02 50.64 42.26
CA UNK E 61 -31.11 50.29 43.34
C UNK E 61 -31.37 48.91 43.93
N UNK E 62 -30.32 48.23 44.42
CA UNK E 62 -30.37 46.88 44.94
C UNK E 62 -31.12 46.75 46.27
N UNK E 63 -31.32 47.86 46.99
CA UNK E 63 -32.14 47.97 48.18
C UNK E 63 -33.64 47.87 47.91
N UNK E 64 -34.09 48.16 46.68
CA UNK E 64 -35.50 48.17 46.31
C UNK E 64 -35.82 47.17 45.21
N UNK E 65 -34.80 46.43 44.73
CA UNK E 65 -34.91 45.53 43.60
C UNK E 65 -35.88 44.37 43.83
N UNK E 66 -36.89 44.23 42.95
CA UNK E 66 -37.95 43.23 43.11
C UNK E 66 -39.07 43.62 44.05
N UNK E 67 -39.03 44.82 44.64
CA UNK E 67 -40.11 45.30 45.49
C UNK E 67 -40.75 46.56 44.96
N UNK E 68 -40.00 47.39 44.21
CA UNK E 68 -40.51 48.65 43.70
C UNK E 68 -40.57 48.59 42.20
N UNK E 69 -41.66 49.10 41.60
CA UNK E 69 -41.85 49.16 40.16
C UNK E 69 -42.08 50.58 39.71
N UNK E 70 -41.17 51.11 38.86
CA UNK E 70 -41.31 52.42 38.25
C UNK E 70 -42.01 52.29 36.89
N UNK E 71 -42.90 53.24 36.55
CA UNK E 71 -43.62 53.26 35.29
C UNK E 71 -43.99 54.69 34.97
N UNK E 72 -44.39 55.00 33.72
CA UNK E 72 -44.74 56.36 33.36
C UNK E 72 -45.82 56.35 32.32
N UNK E 73 -46.68 57.39 32.35
CA UNK E 73 -47.72 57.56 31.36
C UNK E 73 -47.36 58.76 30.49
N UNK E 74 -47.23 58.53 29.18
CA UNK E 74 -46.84 59.55 28.23
C UNK E 74 -48.06 60.23 27.62
N UNK E 75 -49.29 59.88 28.06
CA UNK E 75 -50.51 60.55 27.67
C UNK E 75 -50.91 61.59 28.70
N UNK E 76 -50.28 61.58 29.90
CA UNK E 76 -50.76 62.37 31.03
C UNK E 76 -49.73 63.23 31.74
N UNK E 77 -48.43 63.16 31.38
CA UNK E 77 -47.36 63.93 32.03
C UNK E 77 -47.08 63.49 33.46
N UNK E 78 -47.16 62.17 33.72
CA UNK E 78 -47.11 61.64 35.09
C UNK E 78 -46.31 60.36 35.11
N UNK E 79 -45.48 60.15 36.13
CA UNK E 79 -44.85 58.87 36.39
C UNK E 79 -45.16 58.39 37.78
N UNK E 80 -44.98 57.07 38.00
CA UNK E 80 -45.44 56.39 39.19
C UNK E 80 -44.32 55.58 39.81
N UNK E 81 -44.34 55.46 41.16
CA UNK E 81 -43.55 54.46 41.84
C UNK E 81 -44.55 53.57 42.55
N UNK E 82 -44.66 52.31 42.11
CA UNK E 82 -45.40 51.31 42.84
C UNK E 82 -44.46 50.71 43.86
N UNK E 83 -44.81 50.79 45.15
CA UNK E 83 -44.01 50.25 46.22
C UNK E 83 -44.79 49.09 46.78
N UNK E 84 -44.19 47.88 46.81
CA UNK E 84 -44.81 46.71 47.40
C UNK E 84 -43.88 46.19 48.46
N UNK E 85 -44.40 45.59 49.56
CA UNK E 85 -43.56 45.00 50.61
C UNK E 85 -42.69 46.04 51.31
N UNK E 86 -43.34 47.15 51.73
CA UNK E 86 -42.72 48.23 52.48
C UNK E 86 -42.20 47.82 53.84
N UNK E 87 -41.02 48.36 54.23
CA UNK E 87 -40.32 47.96 55.43
C UNK E 87 -40.08 49.20 56.27
N UNK E 88 -39.90 49.16 57.60
CA UNK E 88 -39.48 50.30 58.41
C UNK E 88 -38.28 51.08 57.86
N UNK E 89 -37.31 50.39 57.24
CA UNK E 89 -36.14 50.96 56.64
C UNK E 89 -36.37 51.47 55.21
N UNK E 90 -37.62 51.52 54.73
CA UNK E 90 -37.97 52.33 53.58
C UNK E 90 -38.54 53.70 53.97
N UNK E 91 -38.66 54.01 55.29
CA UNK E 91 -39.12 55.31 55.78
C UNK E 91 -38.25 56.47 55.32
N UNK E 92 -38.79 57.37 54.47
CA UNK E 92 -37.98 58.39 53.85
C UNK E 92 -38.82 59.50 53.24
N UNK E 93 -38.17 60.62 52.88
CA UNK E 93 -38.72 61.61 51.96
C UNK E 93 -38.32 61.17 50.56
N UNK E 94 -39.28 61.10 49.63
CA UNK E 94 -39.05 60.63 48.26
C UNK E 94 -39.21 61.78 47.31
N UNK E 95 -38.20 62.02 46.46
CA UNK E 95 -38.18 63.09 45.48
C UNK E 95 -38.24 62.49 44.08
N UNK E 96 -38.96 63.13 43.15
CA UNK E 96 -38.82 62.86 41.74
C UNK E 96 -38.05 63.97 41.10
N UNK E 97 -37.23 63.63 40.10
CA UNK E 97 -36.28 64.60 39.60
C UNK E 97 -36.06 64.38 38.11
N UNK E 98 -35.85 65.48 37.36
CA UNK E 98 -35.70 65.51 35.92
C UNK E 98 -34.26 65.75 35.49
N UNK E 99 -33.84 65.11 34.38
CA UNK E 99 -32.54 65.30 33.79
C UNK E 99 -32.36 66.63 33.04
N UNK E 100 -31.11 67.16 32.98
CA UNK E 100 -30.77 68.42 32.34
C UNK E 100 -30.94 68.44 30.82
N UNK E 101 -31.32 69.58 30.21
CA UNK E 101 -31.44 69.71 28.77
C UNK E 101 -30.33 70.59 28.22
N UNK E 102 -29.68 70.11 27.16
CA UNK E 102 -28.59 70.79 26.49
C UNK E 102 -28.52 70.32 25.03
N UNK E 103 -29.59 69.68 24.49
CA UNK E 103 -29.55 69.14 23.13
C UNK E 103 -30.43 67.94 22.90
N UNK E 104 -30.37 67.36 21.68
CA UNK E 104 -31.27 66.32 21.16
C UNK E 104 -31.45 65.11 22.05
N UNK E 105 -30.34 64.58 22.59
CA UNK E 105 -30.35 63.38 23.39
C UNK E 105 -30.33 63.69 24.88
N UNK E 106 -30.11 64.95 25.29
CA UNK E 106 -30.11 65.31 26.71
C UNK E 106 -31.45 65.08 27.33
N UNK E 107 -32.51 65.49 26.61
CA UNK E 107 -33.85 65.07 26.92
C UNK E 107 -34.02 63.55 26.78
N UNK E 108 -33.65 63.02 25.63
CA UNK E 108 -33.77 61.58 25.40
C UNK E 108 -32.89 60.75 26.33
N UNK E 109 -31.65 60.48 25.90
CA UNK E 109 -30.75 59.66 26.71
C UNK E 109 -29.29 60.10 26.70
N UNK E 110 -29.05 61.40 26.84
CA UNK E 110 -27.68 61.89 26.92
C UNK E 110 -27.19 61.29 28.21
N UNK E 111 -26.58 60.12 28.13
CA UNK E 111 -26.19 59.42 29.35
C UNK E 111 -25.55 60.34 30.38
N UNK E 112 -24.57 61.21 30.03
CA UNK E 112 -23.88 62.04 31.02
C UNK E 112 -24.77 63.02 31.81
N UNK E 113 -25.61 63.80 31.10
CA UNK E 113 -26.59 64.68 31.74
C UNK E 113 -27.86 64.00 32.18
N UNK E 114 -28.00 62.70 31.85
CA UNK E 114 -29.19 61.90 32.12
C UNK E 114 -29.06 61.15 33.42
N UNK E 115 -27.84 60.84 33.87
CA UNK E 115 -27.61 60.21 35.15
C UNK E 115 -28.10 61.08 36.30
N UNK E 116 -28.50 60.51 37.48
CA UNK E 116 -29.11 61.30 38.57
C UNK E 116 -28.22 62.44 38.95
N UNK E 117 -26.90 62.21 39.08
CA UNK E 117 -25.97 63.25 39.44
C UNK E 117 -26.00 64.47 38.50
N UNK E 118 -26.34 64.30 37.20
CA UNK E 118 -26.50 65.39 36.24
C UNK E 118 -27.83 66.13 36.25
N UNK E 119 -28.80 65.73 37.09
CA UNK E 119 -30.13 66.33 37.13
C UNK E 119 -30.27 67.77 37.59
N UNK E 120 -31.24 68.50 36.98
CA UNK E 120 -31.48 69.92 37.22
C UNK E 120 -32.73 70.23 38.04
N UNK E 121 -33.90 69.69 37.65
CA UNK E 121 -35.18 70.07 38.24
C UNK E 121 -35.66 69.00 39.18
N UNK E 122 -35.86 69.36 40.45
CA UNK E 122 -36.33 68.48 41.51
C UNK E 122 -37.71 68.91 41.94
N UNK E 123 -38.59 67.96 42.32
CA UNK E 123 -39.77 68.30 43.11
C UNK E 123 -39.43 68.62 44.55
N UNK E 124 -40.46 68.89 45.38
CA UNK E 124 -40.24 69.23 46.78
C UNK E 124 -40.32 68.00 47.67
N UNK E 125 -40.60 66.83 47.06
CA UNK E 125 -40.66 65.56 47.73
C UNK E 125 -41.95 65.25 48.45
N UNK E 126 -42.07 63.98 48.87
CA UNK E 126 -43.24 63.50 49.60
C UNK E 126 -42.81 62.47 50.62
N UNK E 127 -43.42 62.49 51.82
CA UNK E 127 -42.98 61.72 52.97
C UNK E 127 -43.67 60.38 53.04
N UNK E 128 -42.91 59.28 53.17
CA UNK E 128 -43.45 57.94 53.38
C UNK E 128 -42.95 57.45 54.72
N UNK E 129 -43.88 57.12 55.64
CA UNK E 129 -43.54 56.65 56.98
C UNK E 129 -44.08 55.26 57.15
N UNK E 130 -43.19 54.26 57.33
CA UNK E 130 -43.62 52.88 57.52
C UNK E 130 -43.49 52.55 58.99
N UNK E 131 -44.61 52.24 59.67
CA UNK E 131 -44.60 52.02 61.10
C UNK E 131 -45.72 51.09 61.49
N UNK E 132 -45.56 50.34 62.59
CA UNK E 132 -46.59 49.50 63.16
C UNK E 132 -47.34 50.23 64.26
N UNK E 133 -47.01 51.51 64.51
CA UNK E 133 -47.77 52.35 65.40
C UNK E 133 -49.10 52.80 64.81
N UNK E 134 -50.18 52.76 65.62
CA UNK E 134 -51.50 53.20 65.21
C UNK E 134 -51.73 54.65 65.57
N UNK E 135 -52.55 55.36 64.75
CA UNK E 135 -53.03 56.72 64.99
C UNK E 135 -53.58 56.96 66.39
N UNK E 136 -53.00 57.93 67.14
CA UNK E 136 -53.42 58.18 68.51
C UNK E 136 -53.34 59.66 68.82
N UNK E 137 -54.41 60.22 69.46
CA UNK E 137 -54.40 61.57 70.02
C UNK E 137 -53.50 61.73 71.23
N UNK E 138 -52.96 62.91 71.51
CA UNK E 138 -52.04 63.11 72.60
C UNK E 138 -52.73 63.19 73.95
N UNK E 139 -52.02 62.79 75.03
CA UNK E 139 -52.45 63.07 76.38
C UNK E 139 -51.77 64.37 76.80
N UNK E 140 -52.54 65.38 77.28
CA UNK E 140 -52.00 66.72 77.49
C UNK E 140 -52.02 67.13 78.95
N UNK E 141 -50.83 67.36 79.53
CA UNK E 141 -50.65 67.61 80.95
C UNK E 141 -50.07 69.00 81.17
N UNK E 142 -50.51 69.76 82.16
CA UNK E 142 -49.94 71.08 82.45
C UNK E 142 -48.59 70.96 83.13
N UNK E 143 -47.60 71.80 82.75
CA UNK E 143 -46.34 71.88 83.43
C UNK E 143 -46.35 73.18 84.21
N UNK E 144 -46.60 73.08 85.53
CA UNK E 144 -46.97 74.24 86.32
C UNK E 144 -45.80 75.11 86.81
N UNK E 145 -45.95 76.45 86.92
CA UNK E 145 -44.88 77.32 87.39
C UNK E 145 -44.68 77.20 88.90
N UNK E 146 -43.43 77.25 89.37
CA UNK E 146 -43.10 77.00 90.76
C UNK E 146 -41.79 77.64 91.07
N UNK E 147 -41.46 77.85 92.37
CA UNK E 147 -40.28 78.58 92.85
C UNK E 147 -38.95 78.05 92.32
N UNK E 148 -38.94 76.75 92.07
CA UNK E 148 -37.95 75.96 91.38
C UNK E 148 -37.59 76.44 89.95
N UNK E 149 -38.51 77.09 89.22
CA UNK E 149 -38.23 77.75 87.94
C UNK E 149 -38.96 79.09 87.90
N UNK E 150 -38.99 79.81 89.03
CA UNK E 150 -39.66 81.12 89.10
C UNK E 150 -38.64 82.24 89.05
N UNK E 151 -39.16 83.46 88.96
CA UNK E 151 -38.50 84.75 89.11
C UNK E 151 -37.03 84.93 88.82
N UNK E 152 -36.70 84.90 87.52
CA UNK E 152 -35.61 85.70 86.95
C UNK E 152 -36.14 87.08 86.61
N UNK E 153 -37.19 87.50 87.35
CA UNK E 153 -38.19 88.50 86.96
C UNK E 153 -39.36 87.83 86.27
N UNK E 154 -39.10 86.64 85.71
CA UNK E 154 -40.01 85.88 84.88
C UNK E 154 -40.06 84.46 85.37
N UNK E 155 -41.13 83.73 85.03
CA UNK E 155 -41.33 82.35 85.40
C UNK E 155 -41.62 81.53 84.15
N UNK E 156 -41.35 80.21 84.20
CA UNK E 156 -41.57 79.33 83.07
C UNK E 156 -42.68 78.32 83.36
N UNK E 157 -43.65 78.19 82.45
CA UNK E 157 -44.71 77.21 82.54
C UNK E 157 -44.95 76.62 81.17
N UNK E 158 -45.61 75.46 81.09
CA UNK E 158 -45.79 74.86 79.79
C UNK E 158 -46.87 73.82 79.73
N UNK E 159 -46.91 73.09 78.61
CA UNK E 159 -47.78 71.96 78.42
C UNK E 159 -47.00 70.82 77.82
N UNK E 160 -47.14 69.63 78.41
CA UNK E 160 -46.56 68.40 77.95
C UNK E 160 -47.58 67.71 77.06
N UNK E 161 -47.20 67.37 75.82
CA UNK E 161 -48.07 66.76 74.84
C UNK E 161 -47.52 65.38 74.60
N UNK E 162 -48.19 64.35 75.14
CA UNK E 162 -47.56 63.06 75.35
C UNK E 162 -48.19 61.90 74.59
N UNK E 163 -47.33 61.03 74.01
CA UNK E 163 -47.67 59.75 73.41
C UNK E 163 -48.67 59.82 72.25
N UNK E 164 -48.35 60.52 71.15
CA UNK E 164 -49.21 60.65 69.98
C UNK E 164 -48.56 60.06 68.74
N UNK E 165 -49.36 59.82 67.68
CA UNK E 165 -48.83 59.33 66.43
C UNK E 165 -49.80 59.69 65.31
N UNK E 166 -49.35 59.90 64.07
CA UNK E 166 -48.02 60.34 63.66
C UNK E 166 -47.82 61.82 63.96
N UNK E 167 -46.70 62.44 63.54
CA UNK E 167 -46.56 63.88 63.44
C UNK E 167 -47.50 64.51 62.39
N UNK E 168 -48.00 65.74 62.53
CA UNK E 168 -47.52 66.74 63.47
C UNK E 168 -48.64 67.21 64.39
N UNK E 169 -48.25 67.82 65.53
CA UNK E 169 -49.17 68.48 66.44
C UNK E 169 -48.92 69.96 66.37
N UNK E 170 -50.00 70.75 66.47
CA UNK E 170 -49.94 72.21 66.42
C UNK E 170 -50.29 72.70 67.81
N UNK E 171 -49.44 73.56 68.41
CA UNK E 171 -49.70 74.11 69.73
C UNK E 171 -49.75 75.61 69.62
N UNK E 172 -50.77 76.26 70.20
CA UNK E 172 -50.82 77.71 70.34
C UNK E 172 -51.21 78.05 71.75
N UNK E 173 -51.05 79.31 72.16
CA UNK E 173 -51.33 79.72 73.52
C UNK E 173 -52.32 80.86 73.54
N UNK E 174 -53.34 80.77 74.42
CA UNK E 174 -54.44 81.72 74.56
C UNK E 174 -55.13 82.02 73.23
N UNK E 175 -55.39 80.97 72.44
CA UNK E 175 -56.01 81.00 71.11
C UNK E 175 -55.30 81.89 70.12
N UNK E 176 -53.96 81.91 70.18
CA UNK E 176 -53.10 82.69 69.28
C UNK E 176 -52.85 84.11 69.72
N UNK E 177 -53.39 84.53 70.87
CA UNK E 177 -53.16 85.88 71.39
C UNK E 177 -51.87 85.99 72.20
N UNK E 178 -51.25 84.85 72.58
CA UNK E 178 -49.99 84.84 73.27
C UNK E 178 -48.96 84.19 72.35
N UNK E 179 -48.08 85.00 71.74
CA UNK E 179 -47.11 84.50 70.77
C UNK E 179 -45.70 84.89 71.11
N UNK E 180 -45.48 85.71 72.16
CA UNK E 180 -44.15 86.14 72.57
C UNK E 180 -43.72 85.35 73.79
N UNK E 181 -42.45 84.89 73.82
CA UNK E 181 -41.96 84.06 74.91
C UNK E 181 -42.34 82.60 74.81
N UNK E 182 -43.05 82.22 73.72
CA UNK E 182 -43.42 80.86 73.40
C UNK E 182 -42.26 80.11 72.77
N UNK E 183 -41.92 78.92 73.30
CA UNK E 183 -40.98 78.01 72.68
C UNK E 183 -41.62 76.64 72.62
N UNK E 184 -41.79 76.08 71.40
CA UNK E 184 -42.36 74.75 71.20
C UNK E 184 -41.24 73.88 70.73
N UNK E 185 -40.84 72.89 71.55
CA UNK E 185 -39.69 72.06 71.27
C UNK E 185 -40.01 70.98 70.25
N UNK E 186 -39.09 70.57 69.37
CA UNK E 186 -39.19 69.35 68.58
C UNK E 186 -39.64 68.11 69.33
N UNK E 187 -40.41 67.23 68.67
CA UNK E 187 -40.80 65.97 69.24
C UNK E 187 -39.66 64.99 69.49
N UNK E 188 -39.79 64.18 70.55
CA UNK E 188 -38.96 63.00 70.73
C UNK E 188 -39.75 61.83 70.20
N UNK E 189 -39.11 60.96 69.38
CA UNK E 189 -39.69 59.71 68.96
C UNK E 189 -39.25 58.69 69.96
N UNK E 190 -40.19 58.17 70.75
CA UNK E 190 -39.89 57.23 71.80
C UNK E 190 -39.76 55.83 71.22
N UNK E 191 -39.06 54.93 71.94
CA UNK E 191 -38.86 53.53 71.63
C UNK E 191 -40.15 52.71 71.55
N UNK E 192 -41.28 53.28 72.01
CA UNK E 192 -42.62 52.75 71.81
C UNK E 192 -43.20 53.02 70.43
N UNK E 193 -42.55 53.88 69.63
CA UNK E 193 -43.04 54.29 68.31
C UNK E 193 -44.00 55.45 68.35
N UNK E 194 -44.21 56.03 69.54
CA UNK E 194 -45.08 57.18 69.74
C UNK E 194 -44.25 58.41 70.05
N UNK E 195 -44.75 59.60 69.68
CA UNK E 195 -44.06 60.85 69.85
C UNK E 195 -44.51 61.60 71.08
N UNK E 196 -43.64 62.46 71.63
CA UNK E 196 -43.99 63.34 72.74
C UNK E 196 -43.27 64.67 72.56
N UNK E 197 -43.90 65.81 72.93
CA UNK E 197 -43.23 67.11 72.89
C UNK E 197 -43.68 67.99 74.05
N UNK E 198 -43.00 69.14 74.25
CA UNK E 198 -43.37 70.11 75.27
C UNK E 198 -43.36 71.49 74.67
N UNK E 199 -44.32 72.35 75.07
CA UNK E 199 -44.34 73.76 74.69
C UNK E 199 -44.28 74.58 75.95
N UNK E 200 -43.41 75.61 75.98
CA UNK E 200 -43.12 76.41 77.16
C UNK E 200 -43.38 77.87 76.88
N UNK E 201 -43.91 78.62 77.86
CA UNK E 201 -44.03 80.06 77.78
C UNK E 201 -43.34 80.70 78.97
N UNK E 202 -42.50 81.72 78.72
CA UNK E 202 -41.85 82.50 79.76
C UNK E 202 -42.65 83.76 80.04
N UNK E 203 -43.14 83.94 81.28
CA UNK E 203 -44.13 84.97 81.60
C UNK E 203 -43.68 85.80 82.80
N UNK E 204 -44.17 87.02 83.07
CA UNK E 204 -43.92 87.71 84.33
C UNK E 204 -44.34 86.94 85.57
N UNK E 205 -43.44 86.81 86.57
CA UNK E 205 -43.73 86.04 87.77
C UNK E 205 -44.68 86.78 88.70
N UNK E 206 -44.78 88.11 88.57
CA UNK E 206 -45.57 88.95 89.44
C UNK E 206 -47.02 89.08 89.01
N UNK E 207 -47.42 88.45 87.89
CA UNK E 207 -48.81 88.46 87.45
C UNK E 207 -49.41 87.08 87.37
N UNK E 208 -48.71 86.04 87.89
CA UNK E 208 -49.25 84.69 87.97
C UNK E 208 -50.54 84.61 88.81
N UNK E 209 -51.55 83.85 88.36
CA UNK E 209 -52.86 83.77 89.03
C UNK E 209 -53.80 84.86 88.61
N UNK E 210 -53.30 86.10 88.49
CA UNK E 210 -54.01 87.22 87.87
C UNK E 210 -54.21 86.99 86.38
N UNK E 211 -53.17 86.49 85.68
CA UNK E 211 -53.28 86.11 84.29
C UNK E 211 -53.55 84.62 84.16
N UNK E 212 -54.24 84.25 83.06
CA UNK E 212 -54.74 82.90 82.83
C UNK E 212 -54.15 82.40 81.53
N UNK E 213 -53.48 81.23 81.59
CA UNK E 213 -52.67 80.73 80.49
C UNK E 213 -53.20 79.39 80.04
N UNK E 214 -53.63 79.29 78.77
CA UNK E 214 -54.26 78.12 78.22
C UNK E 214 -53.48 77.70 76.99
N UNK E 215 -53.03 76.42 76.94
CA UNK E 215 -52.43 75.88 75.75
C UNK E 215 -53.50 75.19 74.93
N UNK E 216 -53.47 75.43 73.61
CA UNK E 216 -54.44 74.92 72.68
C UNK E 216 -53.71 73.94 71.80
N UNK E 217 -54.01 72.63 71.93
CA UNK E 217 -53.26 71.58 71.26
C UNK E 217 -54.13 70.95 70.20
N UNK E 218 -53.66 70.93 68.95
CA UNK E 218 -54.39 70.41 67.82
C UNK E 218 -53.59 69.27 67.25
N UNK E 219 -54.17 68.05 67.24
CA UNK E 219 -53.61 66.93 66.51
C UNK E 219 -54.47 66.67 65.30
N UNK E 220 -54.00 67.04 64.10
CA UNK E 220 -54.74 66.81 62.88
C UNK E 220 -54.95 65.34 62.51
N UNK E 221 -54.03 64.40 62.59
CA UNK E 221 -54.27 63.03 62.13
C UNK E 221 -55.39 62.26 62.82
N UNK E 222 -55.68 62.51 64.11
CA UNK E 222 -56.79 61.83 64.78
C UNK E 222 -57.96 62.74 65.01
N UNK E 223 -57.87 63.98 64.47
CA UNK E 223 -58.85 65.05 64.55
C UNK E 223 -59.00 65.70 65.92
N UNK E 224 -58.25 65.24 66.94
CA UNK E 224 -58.28 65.65 68.34
C UNK E 224 -57.86 67.10 68.60
N UNK E 225 -58.64 67.83 69.44
CA UNK E 225 -58.32 69.17 69.89
C UNK E 225 -58.34 69.10 71.40
N UNK E 226 -57.33 69.66 72.09
CA UNK E 226 -57.30 69.72 73.54
C UNK E 226 -56.92 71.11 73.99
N UNK E 227 -57.82 71.80 74.70
CA UNK E 227 -57.48 73.02 75.41
C UNK E 227 -57.15 72.64 76.85
N UNK E 228 -55.98 73.03 77.37
CA UNK E 228 -55.64 72.79 78.76
C UNK E 228 -55.10 74.06 79.38
N UNK E 229 -55.82 74.61 80.37
CA UNK E 229 -55.30 75.64 81.24
C UNK E 229 -54.21 75.13 82.19
N UNK E 230 -53.14 75.92 82.40
CA UNK E 230 -52.07 75.59 83.32
C UNK E 230 -52.00 76.69 84.37
N UNK E 231 -52.13 76.33 85.66
CA UNK E 231 -52.11 77.28 86.76
C UNK E 231 -50.94 76.99 87.69
N UNK E 232 -50.40 77.94 88.45
CA UNK E 232 -49.68 77.59 89.67
C UNK E 232 -50.51 76.84 90.70
N UNK E 233 -50.12 75.61 91.04
CA UNK E 233 -50.54 74.95 92.25
C UNK E 233 -50.08 75.62 93.55
N UNK E 234 -50.65 75.22 94.68
CA UNK E 234 -50.13 75.50 96.00
C UNK E 234 -49.95 74.15 96.68
N UNK E 235 -48.72 73.84 97.15
CA UNK E 235 -48.42 72.59 97.83
C UNK E 235 -48.27 72.78 99.34
N UNK F 1 -20.43 47.83 40.82
CA UNK F 1 -20.71 48.58 42.08
C UNK F 1 -19.46 49.05 42.81
N UNK F 2 -19.53 50.22 43.47
CA UNK F 2 -18.44 50.81 44.23
C UNK F 2 -19.05 51.83 45.18
N UNK F 3 -18.24 52.61 45.90
CA UNK F 3 -18.70 53.65 46.79
C UNK F 3 -17.96 54.95 46.51
N UNK F 4 -18.46 56.08 47.05
CA UNK F 4 -17.80 57.37 47.04
C UNK F 4 -17.68 57.77 48.49
N UNK F 5 -16.53 58.34 48.90
CA UNK F 5 -16.29 58.74 50.28
C UNK F 5 -16.09 60.23 50.31
N UNK F 6 -16.87 60.94 51.15
CA UNK F 6 -16.72 62.35 51.42
C UNK F 6 -16.37 62.51 52.90
N UNK F 7 -15.71 63.57 53.36
CA UNK F 7 -15.56 63.82 54.79
C UNK F 7 -16.92 64.23 55.38
N UNK F 8 -17.35 63.76 56.58
CA UNK F 8 -18.70 63.98 57.08
C UNK F 8 -19.02 65.44 57.33
N UNK F 9 -18.02 66.22 57.74
CA UNK F 9 -18.22 67.64 57.95
C UNK F 9 -16.93 68.37 57.65
N UNK F 10 -17.03 69.66 57.29
CA UNK F 10 -15.89 70.54 57.12
C UNK F 10 -16.28 71.87 57.73
N UNK F 11 -15.31 72.72 58.10
CA UNK F 11 -15.63 73.91 58.87
C UNK F 11 -14.70 75.05 58.53
N UNK F 12 -15.21 76.29 58.46
CA UNK F 12 -14.42 77.43 58.04
C UNK F 12 -15.07 78.77 58.37
N UNK F 13 -14.28 79.85 58.42
CA UNK F 13 -14.75 81.18 58.77
C UNK F 13 -15.30 81.99 57.58
N UNK F 14 -16.13 83.04 57.75
CA UNK F 14 -16.62 83.86 56.65
C UNK F 14 -15.51 84.50 55.84
N UNK F 15 -15.64 84.51 54.50
CA UNK F 15 -14.66 85.14 53.62
C UNK F 15 -13.54 84.22 53.20
N UNK F 16 -13.30 83.11 53.93
CA UNK F 16 -12.26 82.16 53.57
C UNK F 16 -12.70 81.21 52.47
N UNK F 17 -11.80 80.29 52.08
CA UNK F 17 -12.03 79.30 51.05
C UNK F 17 -11.99 77.91 51.66
N UNK F 18 -12.81 76.96 51.13
CA UNK F 18 -12.78 75.57 51.55
C UNK F 18 -12.81 74.64 50.37
N UNK F 19 -12.40 73.38 50.61
CA UNK F 19 -12.35 72.32 49.63
C UNK F 19 -13.10 71.13 50.19
N UNK F 20 -14.06 70.57 49.44
CA UNK F 20 -14.81 69.39 49.85
C UNK F 20 -14.44 68.27 48.89
N UNK F 21 -13.77 67.22 49.38
CA UNK F 21 -13.32 66.12 48.55
C UNK F 21 -14.35 65.02 48.38
N UNK F 22 -14.30 64.35 47.21
CA UNK F 22 -15.07 63.17 46.90
C UNK F 22 -14.08 62.14 46.42
N UNK F 23 -13.93 61.02 47.13
CA UNK F 23 -12.92 60.01 46.81
C UNK F 23 -13.64 58.75 46.37
N UNK F 24 -13.37 58.26 45.15
CA UNK F 24 -14.01 57.07 44.60
C UNK F 24 -13.02 56.01 44.27
N UNK F 25 -13.19 55.35 43.11
CA UNK F 25 -12.34 54.25 42.73
C UNK F 25 -12.17 54.19 41.23
N UNK F 26 -11.45 53.15 40.77
CA UNK F 26 -11.23 52.82 39.37
C UNK F 26 -12.52 52.52 38.63
N UNK F 27 -13.57 52.04 39.32
CA UNK F 27 -14.81 51.59 38.70
C UNK F 27 -15.92 52.61 38.68
N UNK F 28 -15.66 53.87 39.09
CA UNK F 28 -16.62 54.95 38.92
C UNK F 28 -15.96 56.23 38.41
N UNK F 29 -15.14 56.91 39.23
CA UNK F 29 -14.50 58.18 38.89
C UNK F 29 -13.43 57.98 37.81
N UNK F 30 -13.02 56.72 37.56
CA UNK F 30 -12.16 56.26 36.47
C UNK F 30 -12.42 56.81 35.08
N UNK F 31 -13.69 56.93 34.64
CA UNK F 31 -14.02 57.49 33.33
C UNK F 31 -14.19 59.02 33.40
N UNK F 32 -13.90 59.67 34.56
CA UNK F 32 -13.78 61.12 34.70
C UNK F 32 -15.06 61.89 34.73
N UNK F 33 -16.05 61.48 35.53
CA UNK F 33 -17.25 62.27 35.67
C UNK F 33 -17.80 62.31 37.08
N UNK F 34 -18.30 63.48 37.48
CA UNK F 34 -18.92 63.72 38.77
C UNK F 34 -19.78 64.99 38.66
N UNK F 35 -20.79 65.15 39.53
CA UNK F 35 -21.49 66.42 39.70
C UNK F 35 -21.66 66.68 41.17
N UNK F 36 -22.00 67.92 41.53
CA UNK F 36 -22.16 68.35 42.90
C UNK F 36 -23.51 68.97 43.16
N UNK F 37 -24.07 68.71 44.36
CA UNK F 37 -25.31 69.30 44.84
C UNK F 37 -25.06 70.06 46.13
N UNK F 38 -25.94 71.05 46.38
CA UNK F 38 -26.07 71.68 47.67
C UNK F 38 -27.48 71.49 48.17
N UNK F 39 -27.65 71.07 49.43
CA UNK F 39 -28.96 70.78 49.98
C UNK F 39 -29.10 71.34 51.37
N UNK F 40 -30.30 71.85 51.68
CA UNK F 40 -30.74 72.07 53.03
C UNK F 40 -32.00 71.21 53.14
N UNK F 41 -32.26 70.38 54.16
CA UNK F 41 -33.37 69.41 54.08
C UNK F 41 -34.77 69.98 54.09
N UNK F 42 -34.95 71.30 54.27
CA UNK F 42 -36.24 71.97 54.13
C UNK F 42 -36.52 72.39 52.71
N UNK F 43 -35.62 72.04 51.79
CA UNK F 43 -35.64 72.48 50.42
C UNK F 43 -35.25 71.31 49.57
N UNK F 44 -35.62 71.27 48.29
CA UNK F 44 -35.05 70.31 47.38
C UNK F 44 -33.54 70.51 47.15
N UNK F 45 -32.71 69.48 46.91
CA UNK F 45 -31.36 69.64 46.38
C UNK F 45 -31.22 70.60 45.22
N UNK F 46 -30.14 71.41 45.22
CA UNK F 46 -29.90 72.36 44.16
C UNK F 46 -28.61 72.00 43.47
N UNK F 47 -28.68 71.86 42.13
CA UNK F 47 -27.57 71.58 41.26
C UNK F 47 -26.51 72.67 41.31
N UNK F 48 -25.22 72.29 41.33
CA UNK F 48 -24.13 73.22 41.59
C UNK F 48 -23.06 73.19 40.52
N UNK F 49 -22.57 71.98 40.18
CA UNK F 49 -21.46 71.79 39.26
C UNK F 49 -21.78 70.51 38.52
N UNK F 50 -21.51 70.42 37.20
CA UNK F 50 -21.76 69.24 36.40
C UNK F 50 -20.57 68.84 35.57
N UNK F 51 -20.46 67.53 35.26
CA UNK F 51 -19.41 66.91 34.46
C UNK F 51 -18.00 67.37 34.81
N UNK F 52 -17.68 67.33 36.12
CA UNK F 52 -16.46 67.76 36.76
C UNK F 52 -16.40 69.26 37.01
N UNK F 53 -16.39 70.11 35.95
CA UNK F 53 -16.01 71.50 36.06
C UNK F 53 -17.10 72.49 35.72
N UNK F 54 -18.16 72.06 35.02
CA UNK F 54 -19.14 72.94 34.44
C UNK F 54 -20.14 73.46 35.44
N UNK F 55 -20.68 74.66 35.18
CA UNK F 55 -21.49 75.36 36.14
C UNK F 55 -22.72 75.89 35.44
N UNK F 56 -23.95 75.56 35.84
CA UNK F 56 -25.13 76.16 35.24
C UNK F 56 -25.23 77.65 35.55
N UNK F 57 -25.90 78.42 34.68
CA UNK F 57 -26.21 79.81 34.94
C UNK F 57 -27.11 80.00 36.16
N UNK F 58 -26.84 81.03 36.98
CA UNK F 58 -27.50 81.21 38.27
C UNK F 58 -26.74 80.57 39.43
N UNK F 59 -25.64 79.87 39.15
CA UNK F 59 -24.71 79.39 40.17
C UNK F 59 -23.52 80.35 40.22
N UNK F 60 -23.23 81.02 41.35
CA UNK F 60 -22.25 82.11 41.37
C UNK F 60 -20.81 81.69 41.14
N UNK F 61 -19.94 82.71 41.00
CA UNK F 61 -18.53 82.64 40.71
C UNK F 61 -17.72 81.75 41.67
N UNK F 62 -18.17 81.73 42.92
CA UNK F 62 -17.53 81.20 44.08
C UNK F 62 -17.43 79.68 44.15
N UNK F 63 -18.25 78.94 43.37
CA UNK F 63 -18.29 77.49 43.42
C UNK F 63 -17.54 76.91 42.24
N UNK F 64 -16.54 76.04 42.45
CA UNK F 64 -15.80 75.47 41.33
C UNK F 64 -15.48 74.02 41.61
N UNK F 65 -15.35 73.20 40.54
CA UNK F 65 -15.04 71.79 40.69
C UNK F 65 -13.75 71.49 40.01
N UNK F 66 -13.03 70.48 40.49
CA UNK F 66 -11.89 69.94 39.78
C UNK F 66 -11.76 68.47 40.08
N UNK F 67 -11.01 67.73 39.26
CA UNK F 67 -11.02 66.30 39.32
C UNK F 67 -9.65 65.77 38.93
N UNK F 68 -9.12 64.78 39.66
CA UNK F 68 -7.86 64.14 39.30
C UNK F 68 -7.85 62.67 39.72
N UNK F 69 -7.30 61.77 38.88
CA UNK F 69 -7.26 60.32 39.12
C UNK F 69 -8.59 59.68 39.50
N UNK F 70 -8.71 59.15 40.73
CA UNK F 70 -9.90 58.51 41.26
C UNK F 70 -10.64 59.43 42.22
N UNK F 71 -10.29 60.73 42.26
CA UNK F 71 -10.86 61.69 43.19
C UNK F 71 -11.43 62.90 42.47
N UNK F 72 -12.36 63.59 43.14
CA UNK F 72 -12.91 64.84 42.71
C UNK F 72 -13.00 65.78 43.89
N UNK F 73 -13.15 67.09 43.65
CA UNK F 73 -13.18 68.07 44.72
C UNK F 73 -14.02 69.25 44.32
N UNK F 74 -14.68 69.88 45.30
CA UNK F 74 -15.49 71.07 45.14
C UNK F 74 -14.86 72.17 45.96
N UNK F 75 -14.49 73.30 45.33
CA UNK F 75 -13.97 74.47 46.01
C UNK F 75 -15.06 75.48 46.21
N UNK F 76 -15.10 76.12 47.39
CA UNK F 76 -16.03 77.20 47.67
C UNK F 76 -15.23 78.39 48.16
N UNK F 77 -15.35 79.56 47.51
CA UNK F 77 -14.63 80.76 47.90
C UNK F 77 -15.54 81.82 48.49
N UNK F 78 -14.96 82.71 49.34
CA UNK F 78 -15.67 83.82 49.97
C UNK F 78 -16.88 83.39 50.76
N UNK F 79 -16.67 82.49 51.75
CA UNK F 79 -17.75 81.87 52.51
C UNK F 79 -18.73 82.84 53.16
N UNK F 80 -20.01 82.49 53.10
CA UNK F 80 -21.11 83.25 53.62
C UNK F 80 -21.96 82.36 54.50
N UNK F 81 -22.80 82.98 55.34
CA UNK F 81 -23.78 82.31 56.20
C UNK F 81 -24.72 81.42 55.43
N UNK F 82 -25.13 81.83 54.21
CA UNK F 82 -26.07 81.08 53.40
C UNK F 82 -25.50 79.88 52.69
N UNK F 83 -24.18 79.63 52.81
CA UNK F 83 -23.55 78.43 52.30
C UNK F 83 -23.70 77.28 53.28
N UNK F 84 -24.07 77.52 54.56
CA UNK F 84 -24.22 76.49 55.58
C UNK F 84 -25.27 75.44 55.23
N UNK F 85 -24.81 74.26 54.78
CA UNK F 85 -25.64 73.30 54.09
C UNK F 85 -24.93 71.97 53.97
N UNK F 86 -25.68 70.94 53.52
CA UNK F 86 -25.17 69.62 53.24
C UNK F 86 -24.78 69.55 51.75
N UNK F 87 -23.60 69.02 51.43
CA UNK F 87 -23.07 68.97 50.08
C UNK F 87 -22.88 67.54 49.65
N UNK F 88 -23.26 67.19 48.42
CA UNK F 88 -23.20 65.83 47.92
C UNK F 88 -22.46 65.76 46.61
N UNK F 89 -21.53 64.81 46.44
CA UNK F 89 -21.03 64.43 45.14
C UNK F 89 -21.80 63.23 44.62
N UNK F 90 -21.93 63.13 43.29
CA UNK F 90 -22.54 61.97 42.68
C UNK F 90 -21.85 61.57 41.43
N UNK F 91 -21.87 60.26 41.14
CA UNK F 91 -21.33 59.70 39.91
C UNK F 91 -22.14 58.48 39.52
N UNK F 92 -21.62 57.60 38.65
CA UNK F 92 -22.25 56.42 38.10
C UNK F 92 -21.28 55.26 38.18
N UNK F 93 -21.77 54.01 38.03
CA UNK F 93 -20.91 52.90 37.68
C UNK F 93 -21.51 52.14 36.51
N UNK F 94 -20.84 51.09 36.02
CA UNK F 94 -21.13 50.47 34.74
C UNK F 94 -22.41 49.64 34.69
N UNK F 95 -23.30 49.77 35.69
CA UNK F 95 -24.66 49.23 35.65
C UNK F 95 -25.65 50.28 35.21
N UNK F 96 -25.21 51.56 35.12
CA UNK F 96 -26.04 52.75 34.90
C UNK F 96 -26.95 53.02 36.08
N UNK F 97 -26.58 52.48 37.25
CA UNK F 97 -27.01 52.93 38.56
C UNK F 97 -26.28 54.21 38.88
N UNK F 98 -26.94 55.10 39.63
CA UNK F 98 -26.38 56.37 39.98
C UNK F 98 -26.00 56.29 41.42
N UNK F 99 -24.79 56.73 41.77
CA UNK F 99 -24.27 56.59 43.09
C UNK F 99 -23.97 57.96 43.68
N UNK F 100 -24.52 58.22 44.88
CA UNK F 100 -24.41 59.48 45.60
C UNK F 100 -24.11 59.10 47.03
N UNK F 101 -23.24 59.85 47.72
CA UNK F 101 -22.85 59.53 49.08
C UNK F 101 -23.97 59.68 50.13
N UNK F 102 -24.24 58.62 50.92
CA UNK F 102 -25.32 58.54 51.89
C UNK F 102 -25.13 59.28 53.19
N UNK F 103 -23.97 59.92 53.40
CA UNK F 103 -23.72 60.82 54.53
C UNK F 103 -23.77 62.27 54.16
N UNK F 104 -23.29 62.61 52.95
CA UNK F 104 -22.94 63.98 52.56
C UNK F 104 -21.73 64.57 53.27
N UNK F 105 -21.41 65.83 52.94
CA UNK F 105 -20.46 66.66 53.70
C UNK F 105 -21.24 67.81 54.24
N UNK F 106 -21.40 67.92 55.57
CA UNK F 106 -22.01 69.11 56.12
C UNK F 106 -20.99 70.23 56.31
N UNK F 107 -21.23 71.40 55.71
CA UNK F 107 -20.38 72.57 55.89
C UNK F 107 -20.90 73.41 57.03
N UNK F 108 -20.06 73.68 58.04
CA UNK F 108 -20.37 74.62 59.11
C UNK F 108 -19.62 75.90 58.86
N UNK F 109 -20.30 77.05 58.99
CA UNK F 109 -19.64 78.34 58.89
C UNK F 109 -19.34 78.79 60.31
N UNK F 110 -18.11 79.20 60.63
CA UNK F 110 -17.73 79.72 61.94
C UNK F 110 -18.01 81.20 62.03
N UNK F 111 -18.00 81.75 63.26
CA UNK F 111 -18.08 83.19 63.47
C UNK F 111 -19.13 83.54 64.47
N UNK F 112 -19.89 82.56 64.95
CA UNK F 112 -20.91 82.75 65.94
C UNK F 112 -20.33 82.57 67.33
N UNK F 113 -20.65 83.39 68.32
CA UNK F 113 -20.13 83.20 69.68
C UNK F 113 -20.75 82.01 70.37
N UNK F 114 -19.96 81.34 71.24
CA UNK F 114 -20.42 80.29 72.13
C UNK F 114 -21.51 80.78 73.08
N UNK F 115 -22.59 80.00 73.21
CA UNK F 115 -23.74 80.35 74.01
C UNK F 115 -24.03 79.22 74.97
N UNK F 116 -24.08 79.52 76.29
CA UNK F 116 -24.43 78.58 77.32
C UNK F 116 -25.92 78.17 77.28
N UNK F 117 -26.32 76.93 77.58
CA UNK F 117 -27.73 76.56 77.55
C UNK F 117 -28.53 77.07 78.73
N UNK F 118 -29.78 77.51 78.48
CA UNK F 118 -30.78 77.67 79.51
C UNK F 118 -31.43 76.33 79.78
N UNK F 119 -31.49 75.90 81.06
CA UNK F 119 -32.02 74.58 81.42
C UNK F 119 -33.18 74.72 82.39
N UNK F 120 -34.32 74.11 82.01
CA UNK F 120 -35.56 74.10 82.77
C UNK F 120 -35.96 72.65 83.01
N UNK F 121 -36.25 72.27 84.26
CA UNK F 121 -36.65 70.91 84.61
C UNK F 121 -38.02 70.93 85.25
N UNK F 122 -38.95 70.07 84.81
CA UNK F 122 -40.28 69.95 85.37
C UNK F 122 -40.45 68.58 86.02
N UNK F 123 -41.00 68.48 87.24
CA UNK F 123 -41.45 67.22 87.82
C UNK F 123 -42.75 66.73 87.15
N UNK F 124 -43.22 65.49 87.36
CA UNK F 124 -44.57 65.06 87.01
C UNK F 124 -45.70 65.99 87.48
N UNK F 125 -46.84 66.01 86.75
CA UNK F 125 -48.04 66.73 87.20
C UNK F 125 -48.94 65.85 88.04
N UNK F 126 -49.84 66.46 88.85
CA UNK F 126 -50.82 65.73 89.64
C UNK F 126 -51.75 64.88 88.80
N UNK F 127 -52.15 65.39 87.62
CA UNK F 127 -52.92 64.66 86.63
C UNK F 127 -52.22 63.41 86.11
N UNK F 128 -50.92 63.49 85.74
CA UNK F 128 -50.18 62.33 85.29
C UNK F 128 -49.98 61.28 86.38
N UNK F 129 -49.67 61.73 87.62
CA UNK F 129 -49.56 60.86 88.78
C UNK F 129 -50.86 60.13 89.11
N UNK F 130 -52.03 60.79 89.01
CA UNK F 130 -53.30 60.14 89.22
C UNK F 130 -53.72 59.22 88.05
N UNK F 131 -53.08 59.38 86.87
CA UNK F 131 -53.20 58.45 85.76
C UNK F 131 -52.11 57.37 85.82
N UNK F 132 -51.45 57.27 87.00
CA UNK F 132 -50.53 56.24 87.45
C UNK F 132 -49.23 56.21 86.68
N UNK F 133 -48.74 57.38 86.24
CA UNK F 133 -47.49 57.47 85.50
C UNK F 133 -46.73 58.70 85.95
N UNK F 134 -45.43 58.80 85.61
CA UNK F 134 -44.66 59.97 85.95
C UNK F 134 -43.61 60.27 84.88
N UNK F 135 -43.70 61.45 84.24
CA UNK F 135 -42.74 61.91 83.24
C UNK F 135 -42.02 63.13 83.74
N UNK F 136 -40.68 63.05 83.91
CA UNK F 136 -39.89 64.25 84.15
C UNK F 136 -39.44 64.84 82.83
N UNK F 137 -39.47 66.17 82.71
CA UNK F 137 -39.20 66.86 81.46
C UNK F 137 -38.05 67.82 81.65
N UNK F 138 -36.92 67.60 80.94
CA UNK F 138 -35.76 68.48 81.00
C UNK F 138 -35.58 69.14 79.64
N UNK F 139 -35.61 70.48 79.61
CA UNK F 139 -35.63 71.26 78.38
C UNK F 139 -34.43 72.18 78.35
N UNK F 140 -33.69 72.16 77.23
CA UNK F 140 -32.40 72.77 77.09
C UNK F 140 -32.43 73.65 75.86
N UNK F 141 -32.20 74.98 75.95
CA UNK F 141 -32.33 75.85 74.79
C UNK F 141 -31.30 76.96 74.75
N UNK F 142 -31.16 77.56 73.54
CA UNK F 142 -30.31 78.70 73.23
C UNK F 142 -28.81 78.47 73.38
N UNK F 143 -28.32 77.25 73.03
CA UNK F 143 -26.90 76.95 73.10
C UNK F 143 -26.23 76.89 71.73
N UNK F 144 -24.92 77.20 71.70
CA UNK F 144 -24.12 77.07 70.50
C UNK F 144 -22.69 76.79 70.96
N UNK F 145 -21.85 75.98 70.31
CA UNK F 145 -22.16 74.95 69.32
C UNK F 145 -23.24 73.95 69.73
N UNK F 146 -23.78 73.19 68.76
CA UNK F 146 -24.88 72.26 68.96
C UNK F 146 -24.47 70.88 69.41
N UNK F 147 -23.60 70.79 70.42
CA UNK F 147 -23.18 69.53 70.99
C UNK F 147 -23.39 69.60 72.49
N UNK F 148 -24.11 68.63 73.08
CA UNK F 148 -24.45 68.69 74.49
C UNK F 148 -24.57 67.29 75.03
N UNK F 149 -24.20 67.08 76.31
CA UNK F 149 -24.32 65.80 76.99
C UNK F 149 -25.34 65.98 78.09
N UNK F 150 -26.30 65.05 78.21
CA UNK F 150 -27.34 65.11 79.23
C UNK F 150 -27.25 63.87 80.09
N UNK F 151 -27.35 64.01 81.42
CA UNK F 151 -27.30 62.91 82.36
C UNK F 151 -28.37 63.08 83.41
N UNK F 152 -28.96 61.96 83.86
CA UNK F 152 -30.00 61.96 84.87
C UNK F 152 -29.52 61.24 86.12
N UNK F 153 -29.94 61.72 87.29
CA UNK F 153 -29.63 61.06 88.55
C UNK F 153 -30.87 60.96 89.40
N UNK F 154 -30.94 59.93 90.24
CA UNK F 154 -31.94 59.73 91.26
C UNK F 154 -31.18 59.71 92.58
N UNK F 155 -31.45 60.68 93.49
CA UNK F 155 -30.53 61.10 94.53
C UNK F 155 -29.10 61.27 93.99
N UNK F 156 -28.14 60.44 94.43
CA UNK F 156 -26.76 60.50 93.93
C UNK F 156 -26.46 59.49 92.85
N UNK F 157 -27.42 58.61 92.45
CA UNK F 157 -27.14 57.49 91.56
C UNK F 157 -27.45 57.80 90.11
N UNK F 158 -26.55 57.69 89.12
CA UNK F 158 -26.89 57.74 87.69
C UNK F 158 -28.04 56.83 87.28
N UNK F 159 -29.07 57.35 86.59
CA UNK F 159 -30.14 56.56 85.99
C UNK F 159 -29.93 56.49 84.48
N UNK F 160 -30.18 55.29 83.89
CA UNK F 160 -29.93 55.05 82.48
C UNK F 160 -31.15 54.48 81.75
N UNK F 161 -32.07 53.81 82.45
CA UNK F 161 -33.26 53.27 81.83
C UNK F 161 -34.41 54.27 81.89
N UNK F 162 -35.29 54.27 80.87
CA UNK F 162 -36.44 55.17 80.81
C UNK F 162 -36.14 56.56 80.32
N UNK F 163 -34.91 56.82 79.86
CA UNK F 163 -34.48 58.09 79.32
C UNK F 163 -34.64 58.14 77.81
N UNK F 164 -35.37 59.14 77.28
CA UNK F 164 -35.49 59.39 75.85
C UNK F 164 -35.00 60.82 75.60
N UNK F 165 -33.93 61.00 74.79
CA UNK F 165 -33.27 62.31 74.60
C UNK F 165 -33.23 62.66 73.13
N UNK F 166 -33.63 63.89 72.74
CA UNK F 166 -33.54 64.34 71.35
C UNK F 166 -32.12 64.67 70.92
N UNK F 167 -31.79 64.49 69.62
CA UNK F 167 -30.65 65.16 69.04
C UNK F 167 -30.90 66.66 68.96
N UNK F 168 -29.93 67.55 69.11
CA UNK F 168 -30.22 68.97 69.10
C UNK F 168 -30.47 69.49 67.71
N UNK F 169 -31.49 70.36 67.54
CA UNK F 169 -31.81 70.95 66.24
C UNK F 169 -31.68 72.46 66.31
N UNK F 170 -31.36 73.09 65.16
CA UNK F 170 -31.10 74.51 65.08
C UNK F 170 -32.41 75.30 65.00
N UNK F 171 -32.61 76.24 65.94
CA UNK F 171 -33.73 77.15 66.01
C UNK F 171 -33.58 78.26 64.97
N UNK F 172 -34.62 79.09 64.76
CA UNK F 172 -34.60 80.17 63.78
C UNK F 172 -33.65 81.31 64.13
N UNK F 173 -33.17 81.38 65.40
CA UNK F 173 -32.21 82.38 65.85
C UNK F 173 -30.77 81.88 65.75
N UNK F 174 -30.56 80.69 65.16
CA UNK F 174 -29.28 80.04 64.88
C UNK F 174 -28.65 79.35 66.08
N UNK F 175 -29.39 79.22 67.19
CA UNK F 175 -28.95 78.47 68.35
C UNK F 175 -29.70 77.16 68.43
N UNK F 176 -29.27 76.24 69.31
CA UNK F 176 -29.83 74.91 69.34
C UNK F 176 -30.79 74.68 70.51
N UNK F 177 -31.74 73.74 70.32
CA UNK F 177 -32.63 73.26 71.34
C UNK F 177 -32.52 71.75 71.48
N UNK F 178 -32.73 71.22 72.70
CA UNK F 178 -32.78 69.80 72.93
C UNK F 178 -33.67 69.50 74.11
N UNK F 179 -34.22 68.27 74.17
CA UNK F 179 -35.15 67.85 75.20
C UNK F 179 -34.73 66.50 75.72
N UNK F 180 -34.91 66.23 77.01
CA UNK F 180 -34.71 64.89 77.57
C UNK F 180 -35.84 64.58 78.50
N UNK F 181 -36.37 63.37 78.38
CA UNK F 181 -37.52 62.91 79.13
C UNK F 181 -37.13 61.69 79.93
N UNK F 182 -37.55 61.64 81.20
CA UNK F 182 -37.35 60.47 82.04
C UNK F 182 -38.70 59.94 82.49
N UNK F 183 -39.03 58.71 82.07
CA UNK F 183 -40.27 58.03 82.41
C UNK F 183 -40.06 57.17 83.64
N UNK F 184 -40.88 57.37 84.68
CA UNK F 184 -40.80 56.66 85.95
C UNK F 184 -42.14 56.08 86.31
N UNK F 185 -42.16 55.14 87.28
CA UNK F 185 -43.38 54.79 88.02
C UNK F 185 -43.68 55.86 89.07
N UNK F 186 -44.92 56.09 89.55
CA UNK F 186 -45.17 56.99 90.67
C UNK F 186 -44.43 56.61 91.93
N UNK F 187 -44.31 55.30 92.22
CA UNK F 187 -43.63 54.74 93.36
C UNK F 187 -42.15 55.09 93.36
N UNK F 188 -41.47 54.99 92.19
CA UNK F 188 -40.10 55.45 92.00
C UNK F 188 -39.93 56.95 92.15
N UNK F 189 -40.93 57.75 91.74
CA UNK F 189 -40.95 59.17 92.01
C UNK F 189 -40.96 59.47 93.51
N UNK F 190 -41.79 58.80 94.35
CA UNK F 190 -41.90 59.17 95.76
C UNK F 190 -40.94 58.43 96.69
N UNK F 191 -40.07 57.57 96.15
CA UNK F 191 -39.12 56.77 96.93
C UNK F 191 -37.78 57.45 97.11
N UNK F 192 -37.39 58.36 96.21
CA UNK F 192 -36.10 59.04 96.29
C UNK F 192 -36.33 60.45 96.76
N UNK F 193 -35.31 61.08 97.37
CA UNK F 193 -35.42 62.45 97.84
C UNK F 193 -35.45 63.44 96.69
N UNK F 194 -34.61 63.25 95.66
CA UNK F 194 -34.60 64.15 94.53
C UNK F 194 -34.24 63.49 93.21
N UNK F 195 -34.56 64.16 92.10
CA UNK F 195 -34.14 63.77 90.77
C UNK F 195 -33.46 64.96 90.15
N UNK F 196 -32.29 64.74 89.52
CA UNK F 196 -31.52 65.81 88.89
C UNK F 196 -31.39 65.57 87.41
N UNK F 197 -31.45 66.66 86.63
CA UNK F 197 -31.06 66.68 85.23
C UNK F 197 -29.76 67.48 85.18
N UNK F 198 -28.69 66.88 84.65
CA UNK F 198 -27.38 67.50 84.56
C UNK F 198 -27.03 67.62 83.10
N UNK F 199 -26.60 68.82 82.63
CA UNK F 199 -26.21 69.00 81.24
C UNK F 199 -24.82 69.58 81.15
N UNK F 200 -24.02 69.06 80.22
CA UNK F 200 -22.64 69.49 80.02
C UNK F 200 -22.49 70.04 78.63
N UNK F 201 -22.02 71.29 78.52
CA UNK F 201 -21.80 71.97 77.25
C UNK F 201 -20.48 72.69 77.34
N UNK F 202 -19.49 72.39 76.46
CA UNK F 202 -18.30 73.22 76.29
C UNK F 202 -17.44 73.52 77.52
N UNK F 203 -17.33 72.56 78.46
CA UNK F 203 -16.64 72.75 79.73
C UNK F 203 -17.48 73.39 80.82
N UNK F 204 -18.75 73.71 80.52
CA UNK F 204 -19.71 74.21 81.49
C UNK F 204 -20.68 73.11 81.85
N UNK F 205 -20.92 72.91 83.16
CA UNK F 205 -21.87 71.92 83.65
C UNK F 205 -22.89 72.63 84.48
N UNK F 206 -24.20 72.46 84.19
CA UNK F 206 -25.26 72.99 85.02
C UNK F 206 -26.20 71.88 85.39
N UNK F 207 -26.65 71.85 86.66
CA UNK F 207 -27.54 70.84 87.18
C UNK F 207 -28.81 71.49 87.68
N UNK F 208 -29.98 70.89 87.39
CA UNK F 208 -31.25 71.36 87.91
C UNK F 208 -31.91 70.21 88.65
N UNK F 209 -32.53 70.47 89.80
CA UNK F 209 -33.01 69.42 90.70
C UNK F 209 -34.49 69.58 90.98
N UNK F 210 -35.23 68.46 91.12
CA UNK F 210 -36.62 68.46 91.58
C UNK F 210 -36.79 67.38 92.64
N UNK F 211 -37.82 67.52 93.49
CA UNK F 211 -38.09 66.58 94.56
C UNK F 211 -39.61 66.38 94.63
N UNK F 212 -40.15 65.22 94.96
CA UNK F 212 -41.56 65.08 95.34
C UNK F 212 -41.94 65.92 96.54
N UNK F 213 -42.91 66.85 96.41
CA UNK F 213 -43.51 67.66 97.47
C UNK F 213 -42.69 67.87 98.75
N UNK F 214 -41.58 68.63 98.62
CA UNK F 214 -40.64 68.95 99.68
C UNK F 214 -41.06 70.24 100.38
N UNK F 215 -42.20 70.80 99.91
CA UNK F 215 -42.95 71.96 100.38
C UNK F 215 -42.83 72.28 101.86
N UNK F 216 -42.47 73.53 102.19
CA UNK F 216 -42.18 74.03 103.52
C UNK F 216 -41.84 75.54 103.35
N UNK G 1 44.46 -16.22 60.74
CA UNK G 1 43.69 -17.36 60.17
C UNK G 1 42.29 -16.95 59.82
N UNK G 2 41.85 -17.14 58.57
CA UNK G 2 40.48 -16.90 58.14
C UNK G 2 39.53 -17.93 58.72
N UNK G 3 38.37 -17.50 59.26
CA UNK G 3 37.44 -18.42 59.88
C UNK G 3 36.01 -17.88 59.80
N UNK G 4 35.02 -18.79 59.72
CA UNK G 4 33.62 -18.50 59.89
C UNK G 4 33.09 -19.49 60.91
N UNK G 5 32.34 -19.03 61.94
CA UNK G 5 31.74 -19.94 62.92
C UNK G 5 30.26 -19.65 63.06
N UNK G 6 29.40 -20.64 62.73
CA UNK G 6 27.97 -20.60 62.97
C UNK G 6 27.57 -20.93 64.41
N UNK G 7 26.52 -20.28 64.92
CA UNK G 7 25.99 -20.49 66.24
C UNK G 7 24.48 -20.39 66.24
N UNK G 8 23.83 -20.89 67.30
CA UNK G 8 22.39 -20.71 67.54
C UNK G 8 21.48 -21.81 67.07
N UNK G 9 22.01 -22.91 66.50
CA UNK G 9 21.23 -24.11 66.20
C UNK G 9 20.67 -24.82 67.42
N UNK G 10 19.77 -25.80 67.21
CA UNK G 10 19.14 -26.51 68.31
C UNK G 10 17.87 -27.21 67.91
N UNK G 11 17.08 -27.63 68.90
CA UNK G 11 15.84 -28.37 68.70
C UNK G 11 14.68 -27.43 68.91
N UNK G 12 13.76 -27.35 67.93
CA UNK G 12 12.68 -26.38 67.93
C UNK G 12 11.36 -27.06 67.67
N UNK G 13 10.24 -26.50 68.18
CA UNK G 13 8.91 -26.97 67.85
C UNK G 13 8.44 -26.31 66.55
N UNK G 14 7.61 -26.93 65.70
CA UNK G 14 6.98 -26.26 64.56
C UNK G 14 6.34 -24.90 64.84
N UNK G 15 6.47 -23.95 63.91
CA UNK G 15 5.84 -22.64 63.99
C UNK G 15 6.55 -21.65 64.87
N UNK G 16 7.64 -22.06 65.52
CA UNK G 16 8.43 -21.19 66.36
C UNK G 16 9.54 -20.50 65.59
N UNK G 17 10.32 -19.68 66.31
CA UNK G 17 11.34 -18.81 65.74
C UNK G 17 12.68 -19.20 66.32
N UNK G 18 13.75 -19.05 65.52
CA UNK G 18 15.10 -19.29 65.98
C UNK G 18 15.98 -18.29 65.26
N UNK G 19 17.11 -17.85 65.85
CA UNK G 19 17.99 -16.93 65.17
C UNK G 19 19.40 -17.44 65.19
N UNK G 20 19.91 -17.84 64.01
CA UNK G 20 21.26 -18.28 63.83
C UNK G 20 22.18 -17.08 63.71
N UNK G 21 23.46 -17.24 64.08
CA UNK G 21 24.46 -16.23 63.83
C UNK G 21 25.63 -16.87 63.18
N UNK G 22 26.42 -16.07 62.44
CA UNK G 22 27.68 -16.49 61.88
C UNK G 22 28.64 -15.38 62.16
N UNK G 23 29.78 -15.70 62.79
CA UNK G 23 30.79 -14.74 63.14
C UNK G 23 32.03 -14.97 62.31
N UNK G 24 32.63 -13.88 61.81
CA UNK G 24 33.81 -13.93 60.98
C UNK G 24 35.05 -13.50 61.74
N UNK G 25 36.22 -14.06 61.40
CA UNK G 25 37.46 -13.58 61.96
C UNK G 25 38.61 -13.82 61.01
N UNK G 26 39.69 -13.01 61.14
CA UNK G 26 40.89 -13.17 60.34
C UNK G 26 40.86 -12.55 58.97
N UNK G 27 39.81 -11.77 58.65
CA UNK G 27 39.71 -11.03 57.42
C UNK G 27 38.78 -9.86 57.66
N UNK G 28 38.74 -8.88 56.76
CA UNK G 28 37.84 -7.75 56.87
C UNK G 28 36.42 -8.11 56.46
N UNK G 29 35.55 -8.45 57.42
CA UNK G 29 34.18 -8.90 57.16
C UNK G 29 33.34 -7.93 56.33
N UNK G 30 33.45 -6.63 56.61
CA UNK G 30 32.70 -5.59 55.92
C UNK G 30 32.94 -5.53 54.42
N UNK G 31 34.12 -5.94 53.93
CA UNK G 31 34.37 -5.88 52.52
C UNK G 31 33.68 -6.99 51.77
N UNK G 32 33.34 -8.13 52.41
CA UNK G 32 32.79 -9.34 51.76
C UNK G 32 31.29 -9.54 51.90
N UNK G 33 30.64 -10.07 50.83
CA UNK G 33 29.33 -10.68 50.88
C UNK G 33 29.36 -12.09 51.46
N UNK G 34 28.22 -12.56 52.00
CA UNK G 34 28.14 -13.87 52.62
C UNK G 34 26.79 -14.48 52.31
N UNK G 35 26.75 -15.82 52.19
CA UNK G 35 25.57 -16.59 51.86
C UNK G 35 25.30 -17.59 52.94
N UNK G 36 24.06 -18.12 52.96
CA UNK G 36 23.70 -19.26 53.79
C UNK G 36 23.23 -20.38 52.89
N UNK G 37 23.69 -21.60 53.21
CA UNK G 37 23.46 -22.83 52.47
C UNK G 37 22.99 -23.83 53.49
N UNK G 38 22.07 -24.75 53.15
CA UNK G 38 21.66 -25.78 54.07
C UNK G 38 21.68 -27.15 53.44
N UNK G 39 21.74 -28.20 54.26
CA UNK G 39 21.61 -29.57 53.83
C UNK G 39 20.65 -30.31 54.72
N UNK G 40 19.50 -30.77 54.17
CA UNK G 40 18.54 -31.58 54.89
C UNK G 40 19.02 -33.04 54.96
N UNK G 41 18.73 -33.84 55.99
CA UNK G 41 19.16 -35.23 56.07
C UNK G 41 18.78 -36.08 54.86
N UNK G 42 19.77 -36.72 54.19
CA UNK G 42 19.52 -37.55 53.01
C UNK G 42 19.29 -36.79 51.74
N UNK G 43 19.52 -35.45 51.76
CA UNK G 43 19.49 -34.63 50.58
C UNK G 43 20.81 -33.88 50.49
N UNK G 44 21.10 -33.29 49.33
CA UNK G 44 22.27 -32.46 49.08
C UNK G 44 22.13 -31.04 49.56
N UNK G 45 23.08 -30.19 49.15
CA UNK G 45 23.07 -28.77 49.43
C UNK G 45 21.97 -27.96 48.74
N UNK G 46 21.23 -27.13 49.50
CA UNK G 46 20.23 -26.19 49.02
C UNK G 46 20.69 -24.79 49.38
N UNK G 47 20.71 -23.84 48.41
CA UNK G 47 20.94 -22.45 48.71
C UNK G 47 19.78 -21.82 49.47
N UNK G 48 20.03 -20.96 50.47
CA UNK G 48 18.97 -20.36 51.25
C UNK G 48 18.90 -18.86 51.05
N UNK G 49 20.02 -18.13 51.21
CA UNK G 49 19.99 -16.67 51.12
C UNK G 49 21.36 -16.07 50.95
N UNK G 50 21.41 -14.77 50.56
CA UNK G 50 22.65 -14.01 50.43
C UNK G 50 22.41 -12.58 50.88
N UNK G 51 23.44 -11.93 51.44
CA UNK G 51 23.44 -10.51 51.72
C UNK G 51 24.71 -9.89 51.14
N UNK G 52 24.60 -8.70 50.51
CA UNK G 52 25.73 -7.94 49.98
C UNK G 52 26.71 -7.47 51.04
N UNK G 53 27.88 -6.93 50.63
CA UNK G 53 28.96 -6.54 51.53
C UNK G 53 28.57 -5.49 52.56
N UNK G 54 27.86 -4.46 52.08
CA UNK G 54 27.35 -3.31 52.79
C UNK G 54 26.01 -3.55 53.47
N UNK G 55 25.31 -4.63 53.07
CA UNK G 55 23.98 -4.97 53.55
C UNK G 55 22.84 -4.31 52.83
N UNK G 56 23.12 -3.56 51.75
CA UNK G 56 22.10 -2.92 50.93
C UNK G 56 21.17 -3.87 50.19
N UNK G 57 21.72 -4.97 49.65
CA UNK G 57 21.00 -5.91 48.82
C UNK G 57 21.01 -7.27 49.47
N UNK G 58 19.93 -8.04 49.27
CA UNK G 58 19.86 -9.38 49.77
C UNK G 58 18.85 -10.16 48.96
N UNK G 59 18.92 -11.50 48.99
CA UNK G 59 18.03 -12.32 48.21
C UNK G 59 17.86 -13.66 48.87
N UNK G 60 16.81 -14.41 48.48
CA UNK G 60 16.34 -15.59 49.21
C UNK G 60 15.87 -16.64 48.23
N UNK G 61 16.02 -17.93 48.57
CA UNK G 61 15.32 -19.03 47.94
C UNK G 61 13.81 -19.02 48.18
N UNK G 62 13.02 -19.53 47.22
CA UNK G 62 11.58 -19.51 47.24
C UNK G 62 10.96 -20.43 48.29
N UNK G 63 11.73 -21.41 48.79
CA UNK G 63 11.38 -22.28 49.91
C UNK G 63 11.35 -21.56 51.26
N UNK G 64 12.07 -20.43 51.40
CA UNK G 64 12.19 -19.70 52.66
C UNK G 64 11.66 -18.28 52.55
N UNK G 65 11.15 -17.89 51.37
CA UNK G 65 10.73 -16.54 51.07
C UNK G 65 9.55 -16.08 51.93
N UNK G 66 9.71 -14.96 52.66
CA UNK G 66 8.71 -14.45 53.58
C UNK G 66 8.70 -15.10 54.95
N UNK G 67 9.62 -16.05 55.21
CA UNK G 67 9.73 -16.67 56.52
C UNK G 67 11.08 -16.43 57.15
N UNK G 68 12.14 -16.26 56.34
CA UNK G 68 13.48 -16.11 56.84
C UNK G 68 13.98 -14.72 56.50
N UNK G 69 14.67 -14.06 57.45
CA UNK G 69 15.23 -12.72 57.26
C UNK G 69 16.72 -12.76 57.53
N UNK G 70 17.54 -12.43 56.50
CA UNK G 70 18.98 -12.30 56.63
C UNK G 70 19.34 -10.83 56.94
N UNK G 71 20.33 -10.61 57.81
CA UNK G 71 20.80 -9.27 58.17
C UNK G 71 22.23 -9.38 58.62
N UNK G 72 22.97 -8.25 58.72
CA UNK G 72 24.36 -8.30 59.12
C UNK G 72 24.71 -7.06 59.89
N UNK G 73 25.66 -7.19 60.84
CA UNK G 73 26.16 -6.07 61.60
C UNK G 73 27.60 -5.81 61.17
N UNK G 74 27.87 -4.59 60.68
CA UNK G 74 29.16 -4.21 60.18
C UNK G 74 30.00 -3.55 61.27
N UNK G 75 29.49 -3.47 62.51
CA UNK G 75 30.23 -3.00 63.67
C UNK G 75 30.82 -4.17 64.44
N UNK G 76 30.39 -5.41 64.15
CA UNK G 76 30.70 -6.56 64.99
C UNK G 76 31.26 -7.79 64.31
N UNK G 77 31.35 -7.81 62.96
CA UNK G 77 31.85 -8.95 62.19
C UNK G 77 30.92 -10.17 62.25
N UNK G 78 29.60 -9.92 62.23
CA UNK G 78 28.61 -10.98 62.48
C UNK G 78 27.43 -10.78 61.56
N UNK G 79 26.87 -11.88 61.00
CA UNK G 79 25.60 -11.84 60.31
C UNK G 79 24.63 -12.83 60.91
N UNK G 80 23.34 -12.62 60.64
CA UNK G 80 22.26 -13.32 61.32
C UNK G 80 21.30 -13.92 60.30
N UNK G 81 20.69 -15.07 60.66
CA UNK G 81 19.53 -15.57 59.97
C UNK G 81 18.43 -15.61 61.00
N UNK G 82 17.41 -14.75 60.84
CA UNK G 82 16.19 -14.84 61.61
C UNK G 82 15.28 -15.82 60.91
N UNK G 83 14.89 -16.90 61.59
CA UNK G 83 14.01 -17.90 61.04
C UNK G 83 12.71 -17.77 61.79
N UNK G 84 11.59 -17.57 61.09
CA UNK G 84 10.27 -17.51 61.69
C UNK G 84 9.41 -18.55 61.01
N UNK G 85 8.44 -19.18 61.73
CA UNK G 85 7.53 -20.15 61.12
C UNK G 85 8.25 -21.38 60.60
N UNK G 86 9.12 -21.95 61.46
CA UNK G 86 9.87 -23.17 61.20
C UNK G 86 9.00 -24.40 60.99
N UNK G 87 9.38 -25.26 60.04
CA UNK G 87 8.59 -26.40 59.63
C UNK G 87 9.45 -27.66 59.77
N UNK G 88 8.92 -28.88 59.94
CA UNK G 88 9.70 -30.13 59.88
C UNK G 88 10.64 -30.24 58.69
N UNK G 89 10.24 -29.73 57.51
CA UNK G 89 11.02 -29.72 56.29
C UNK G 89 12.01 -28.55 56.20
N UNK G 90 12.21 -27.78 57.30
CA UNK G 90 13.37 -26.92 57.42
C UNK G 90 14.49 -27.59 58.25
N UNK G 91 14.31 -28.84 58.72
CA UNK G 91 15.33 -29.60 59.46
C UNK G 91 16.59 -29.83 58.64
N UNK G 92 17.73 -29.22 59.04
CA UNK G 92 18.92 -29.25 58.23
C UNK G 92 20.17 -28.84 59.01
N UNK G 93 21.35 -29.11 58.42
CA UNK G 93 22.59 -28.46 58.82
C UNK G 93 22.69 -27.17 58.04
N UNK G 94 22.95 -26.04 58.70
CA UNK G 94 23.01 -24.73 58.07
C UNK G 94 24.43 -24.22 58.11
N UNK G 95 24.98 -23.83 56.95
CA UNK G 95 26.34 -23.33 56.79
C UNK G 95 26.29 -21.86 56.43
N UNK G 96 27.21 -21.04 56.95
CA UNK G 96 27.47 -19.72 56.42
C UNK G 96 28.76 -19.75 55.65
N UNK G 97 28.81 -18.97 54.56
CA UNK G 97 29.91 -19.13 53.63
C UNK G 97 30.25 -17.80 53.00
N UNK G 98 31.55 -17.56 52.74
CA UNK G 98 32.12 -16.32 52.23
C UNK G 98 32.52 -16.43 50.76
N UNK G 99 32.33 -15.35 49.99
CA UNK G 99 32.75 -15.26 48.61
C UNK G 99 34.26 -15.09 48.41
N UNK G 100 34.80 -15.58 47.26
CA UNK G 100 36.22 -15.53 46.92
C UNK G 100 36.78 -14.13 46.69
N UNK G 101 38.06 -13.87 47.03
CA UNK G 101 38.69 -12.59 46.78
C UNK G 101 39.74 -12.73 45.68
N UNK G 102 39.69 -11.80 44.72
CA UNK G 102 40.58 -11.75 43.58
C UNK G 102 40.68 -10.30 43.08
N UNK G 103 40.26 -9.29 43.90
CA UNK G 103 40.25 -7.90 43.43
C UNK G 103 39.20 -7.03 44.08
N UNK G 104 39.10 -5.75 43.62
CA UNK G 104 38.31 -4.67 44.23
C UNK G 104 36.86 -5.01 44.49
N UNK G 105 36.18 -5.62 43.50
CA UNK G 105 34.78 -5.91 43.58
C UNK G 105 34.53 -7.36 43.99
N UNK G 106 35.56 -8.23 44.03
CA UNK G 106 35.38 -9.62 44.44
C UNK G 106 34.92 -9.72 45.87
N UNK G 107 35.54 -8.91 46.74
CA UNK G 107 35.01 -8.65 48.05
C UNK G 107 33.64 -7.96 48.00
N UNK G 108 33.57 -6.85 47.28
CA UNK G 108 32.31 -6.11 47.16
C UNK G 108 31.22 -6.92 46.45
N UNK G 109 31.15 -6.80 45.13
CA UNK G 109 30.11 -7.49 44.38
C UNK G 109 30.55 -8.06 43.04
N UNK G 110 31.71 -8.70 43.00
CA UNK G 110 32.17 -9.33 41.76
C UNK G 110 31.14 -10.43 41.56
N UNK G 111 30.08 -10.12 40.81
CA UNK G 111 29.00 -11.08 40.68
C UNK G 111 29.50 -12.51 40.44
N UNK G 112 30.46 -12.77 39.52
CA UNK G 112 30.87 -14.14 39.21
C UNK G 112 31.47 -14.92 40.38
N UNK G 113 32.44 -14.32 41.10
CA UNK G 113 33.03 -14.91 42.30
C UNK G 113 32.20 -14.70 43.55
N UNK G 114 31.11 -13.92 43.45
CA UNK G 114 30.25 -13.55 44.56
C UNK G 114 29.08 -14.49 44.70
N UNK G 115 28.65 -15.14 43.60
CA UNK G 115 27.60 -16.13 43.63
C UNK G 115 27.98 -17.32 44.52
N UNK G 116 27.02 -18.06 45.14
CA UNK G 116 27.34 -19.13 46.10
C UNK G 116 28.29 -20.11 45.48
N UNK G 117 28.05 -20.53 44.23
CA UNK G 117 28.90 -21.48 43.55
C UNK G 117 30.38 -21.06 43.48
N UNK G 118 30.68 -19.74 43.45
CA UNK G 118 32.04 -19.21 43.48
C UNK G 118 32.70 -19.09 44.84
N UNK G 119 32.01 -19.43 45.95
CA UNK G 119 32.53 -19.28 47.30
C UNK G 119 33.70 -20.15 47.73
N UNK G 120 34.60 -19.58 48.59
CA UNK G 120 35.81 -20.21 49.04
C UNK G 120 35.79 -20.69 50.50
N UNK G 121 35.41 -19.82 51.45
CA UNK G 121 35.52 -20.12 52.88
C UNK G 121 34.17 -20.45 53.46
N UNK G 122 34.04 -21.66 54.03
CA UNK G 122 32.84 -22.17 54.64
C UNK G 122 33.06 -22.30 56.13
N UNK G 123 32.02 -22.07 56.96
CA UNK G 123 32.02 -22.55 58.34
C UNK G 123 31.80 -24.04 58.42
N UNK G 124 31.74 -24.59 59.65
CA UNK G 124 31.55 -26.02 59.85
C UNK G 124 30.08 -26.37 60.02
N UNK G 125 29.21 -25.34 59.99
CA UNK G 125 27.77 -25.47 60.06
C UNK G 125 27.20 -25.64 61.45
N UNK G 126 25.86 -25.55 61.52
CA UNK G 126 25.13 -25.70 62.77
C UNK G 126 23.81 -26.39 62.50
N UNK G 127 23.39 -27.29 63.40
CA UNK G 127 22.24 -28.18 63.19
C UNK G 127 20.97 -27.58 63.71
N UNK G 128 19.91 -27.54 62.89
CA UNK G 128 18.58 -27.11 63.29
C UNK G 128 17.63 -28.28 63.11
N UNK G 129 16.98 -28.73 64.20
CA UNK G 129 16.06 -29.86 64.17
C UNK G 129 14.69 -29.39 64.56
N UNK G 130 13.71 -29.45 63.64
CA UNK G 130 12.35 -29.03 63.92
C UNK G 130 11.51 -30.27 64.15
N UNK G 131 10.95 -30.43 65.36
CA UNK G 131 10.22 -31.66 65.70
C UNK G 131 9.20 -31.35 66.77
N UNK G 132 8.11 -32.13 66.80
CA UNK G 132 7.09 -32.05 67.85
C UNK G 132 7.36 -33.08 68.93
N UNK G 133 8.46 -33.83 68.83
CA UNK G 133 8.91 -34.70 69.89
C UNK G 133 9.52 -33.94 71.07
N UNK G 134 9.17 -34.35 72.31
CA UNK G 134 9.70 -33.76 73.53
C UNK G 134 10.93 -34.51 74.00
N UNK G 135 11.87 -33.79 74.66
CA UNK G 135 13.04 -34.33 75.36
C UNK G 135 12.75 -35.51 76.27
N UNK G 136 13.38 -36.68 76.03
CA UNK G 136 13.10 -37.86 76.82
C UNK G 136 14.38 -38.68 77.01
N UNK G 137 14.65 -39.13 78.26
CA UNK G 137 15.70 -40.10 78.56
C UNK G 137 15.43 -41.50 78.02
N UNK G 138 16.43 -42.30 77.73
CA UNK G 138 16.23 -43.63 77.16
C UNK G 138 15.81 -44.66 78.17
N UNK G 139 15.06 -45.68 77.73
CA UNK G 139 14.82 -46.87 78.52
C UNK G 139 15.89 -47.88 78.16
N UNK G 140 16.64 -48.44 79.12
CA UNK G 140 17.82 -49.25 78.82
C UNK G 140 17.67 -50.68 79.28
N UNK G 141 17.69 -51.62 78.31
CA UNK G 141 17.41 -53.02 78.54
C UNK G 141 18.64 -53.87 78.21
N UNK G 142 18.98 -54.90 78.99
CA UNK G 142 20.11 -55.76 78.66
C UNK G 142 19.78 -56.72 77.53
N UNK G 143 20.71 -56.95 76.60
CA UNK G 143 20.56 -57.95 75.56
C UNK G 143 21.48 -59.10 75.93
N UNK G 144 20.93 -60.17 76.51
CA UNK G 144 21.70 -61.17 77.22
C UNK G 144 22.36 -62.24 76.32
N UNK G 145 23.55 -62.76 76.65
CA UNK G 145 24.22 -63.79 75.86
C UNK G 145 23.55 -65.15 76.05
N UNK G 146 23.46 -65.94 74.97
CA UNK G 146 22.72 -67.20 75.00
C UNK G 146 23.23 -68.07 73.89
N UNK G 147 22.96 -69.40 73.94
CA UNK G 147 23.48 -70.41 73.03
C UNK G 147 23.21 -70.13 71.55
N UNK G 148 22.08 -69.47 71.32
CA UNK G 148 21.62 -68.86 70.09
C UNK G 148 22.59 -67.86 69.43
N UNK G 149 23.45 -67.16 70.21
CA UNK G 149 24.54 -66.33 69.68
C UNK G 149 25.78 -66.55 70.53
N UNK G 150 26.05 -67.79 70.95
CA UNK G 150 27.22 -68.11 71.75
C UNK G 150 28.30 -68.74 70.91
N UNK G 151 29.47 -68.94 71.53
CA UNK G 151 30.62 -69.71 71.10
C UNK G 151 30.91 -69.93 69.62
N UNK G 152 31.37 -68.85 68.96
CA UNK G 152 32.34 -68.93 67.87
C UNK G 152 33.74 -68.94 68.45
N UNK G 153 33.86 -69.45 69.70
CA UNK G 153 34.90 -69.16 70.68
C UNK G 153 34.50 -67.98 71.54
N UNK G 154 33.61 -67.14 71.00
CA UNK G 154 33.19 -65.88 71.56
C UNK G 154 31.68 -65.82 71.57
N UNK G 155 31.11 -64.95 72.42
CA UNK G 155 29.69 -64.75 72.54
C UNK G 155 29.38 -63.28 72.40
N UNK G 156 28.13 -62.93 71.99
CA UNK G 156 27.72 -61.55 71.81
C UNK G 156 26.65 -61.15 72.81
N UNK G 157 26.84 -60.01 73.50
CA UNK G 157 25.88 -59.45 74.42
C UNK G 157 25.82 -57.97 74.23
N UNK G 158 24.76 -57.30 74.70
CA UNK G 158 24.67 -55.87 74.45
C UNK G 158 23.70 -55.16 75.35
N UNK G 159 23.44 -53.89 75.01
CA UNK G 159 22.44 -53.09 75.66
C UNK G 159 21.61 -52.38 74.61
N UNK G 160 20.27 -52.46 74.76
CA UNK G 160 19.31 -51.79 73.93
C UNK G 160 18.97 -50.47 74.60
N UNK G 161 19.12 -49.36 73.87
CA UNK G 161 18.90 -48.01 74.37
C UNK G 161 17.70 -47.48 73.62
N UNK G 162 16.53 -47.40 74.27
CA UNK G 162 15.27 -47.34 73.57
C UNK G 162 14.46 -46.07 73.84
N UNK G 163 13.87 -45.51 72.76
CA UNK G 163 12.89 -44.44 72.77
C UNK G 163 13.36 -43.13 73.44
N UNK G 164 14.42 -42.49 72.93
CA UNK G 164 14.95 -41.24 73.46
C UNK G 164 14.86 -40.12 72.45
N UNK G 165 15.00 -38.86 72.91
CA UNK G 165 15.02 -37.72 72.02
C UNK G 165 15.75 -36.57 72.70
N UNK G 166 16.41 -35.65 71.97
CA UNK G 166 16.98 -35.83 70.63
C UNK G 166 18.26 -36.66 70.70
N UNK G 167 19.00 -36.81 69.59
CA UNK G 167 20.39 -37.27 69.62
C UNK G 167 21.34 -36.27 70.31
N UNK G 168 22.43 -36.67 70.97
CA UNK G 168 23.03 -38.00 70.88
C UNK G 168 23.11 -38.66 72.24
N UNK G 169 23.27 -40.01 72.25
CA UNK G 169 23.52 -40.78 73.44
C UNK G 169 24.95 -41.29 73.37
N UNK G 170 25.62 -41.35 74.52
CA UNK G 170 27.00 -41.83 74.62
C UNK G 170 26.94 -43.13 75.37
N UNK G 171 27.55 -44.21 74.83
CA UNK G 171 27.57 -45.50 75.49
C UNK G 171 29.01 -45.91 75.68
N UNK G 172 29.39 -46.36 76.89
CA UNK G 172 30.68 -46.96 77.15
C UNK G 172 30.48 -48.23 77.93
N UNK G 173 31.51 -49.09 78.04
CA UNK G 173 31.38 -50.36 78.71
C UNK G 173 32.43 -50.49 79.79
N UNK G 174 32.01 -50.95 80.99
CA UNK G 174 32.81 -51.08 82.20
C UNK G 174 33.56 -49.80 82.55
N UNK G 175 32.87 -48.66 82.48
CA UNK G 175 33.37 -47.30 82.72
C UNK G 175 34.58 -46.92 81.89
N UNK G 176 34.59 -47.36 80.61
CA UNK G 176 35.65 -47.08 79.66
C UNK G 176 36.83 -48.03 79.70
N UNK G 177 36.80 -49.06 80.57
CA UNK G 177 37.86 -50.04 80.65
C UNK G 177 37.69 -51.17 79.64
N UNK G 178 36.51 -51.30 79.01
CA UNK G 178 36.27 -52.28 77.98
C UNK G 178 36.02 -51.53 76.67
N UNK G 179 37.01 -51.52 75.77
CA UNK G 179 36.91 -50.75 74.52
C UNK G 179 37.18 -51.61 73.30
N UNK G 180 37.57 -52.88 73.47
CA UNK G 180 37.83 -53.78 72.36
C UNK G 180 36.67 -54.72 72.16
N UNK G 181 36.25 -54.94 70.91
CA UNK G 181 35.08 -55.78 70.62
C UNK G 181 33.76 -55.07 70.78
N UNK G 182 33.78 -53.77 71.13
CA UNK G 182 32.62 -52.91 71.24
C UNK G 182 32.18 -52.42 69.87
N UNK G 183 30.88 -52.58 69.54
CA UNK G 183 30.29 -51.98 68.37
C UNK G 183 29.01 -51.27 68.80
N UNK G 184 28.93 -49.94 68.59
CA UNK G 184 27.76 -49.15 68.91
C UNK G 184 27.13 -48.74 67.60
N UNK G 185 25.92 -49.25 67.33
CA UNK G 185 25.27 -49.06 66.05
C UNK G 185 24.64 -47.66 65.97
N UNK G 186 24.59 -47.01 64.81
CA UNK G 186 23.74 -45.85 64.55
C UNK G 186 22.31 -45.96 65.03
N UNK G 187 21.71 -44.85 65.48
CA UNK G 187 20.32 -44.81 65.86
C UNK G 187 19.34 -45.03 64.71
N UNK G 188 18.19 -45.66 65.01
CA UNK G 188 17.05 -45.65 64.12
C UNK G 188 16.13 -44.55 64.59
N UNK G 189 15.64 -43.71 63.67
CA UNK G 189 14.62 -42.73 63.97
C UNK G 189 13.31 -43.39 63.68
N UNK G 190 12.52 -43.65 64.73
CA UNK G 190 11.27 -44.35 64.60
C UNK G 190 10.17 -43.40 64.15
N UNK G 191 9.10 -43.93 63.57
CA UNK G 191 7.89 -43.23 63.13
C UNK G 191 7.15 -42.50 64.24
N UNK G 192 7.48 -42.79 65.51
CA UNK G 192 7.05 -42.05 66.68
C UNK G 192 7.79 -40.75 66.91
N UNK G 193 8.90 -40.50 66.18
CA UNK G 193 9.74 -39.32 66.35
C UNK G 193 10.80 -39.49 67.42
N UNK G 194 10.90 -40.69 68.01
CA UNK G 194 11.88 -41.01 69.03
C UNK G 194 12.93 -41.96 68.46
N UNK G 195 14.15 -41.89 68.99
CA UNK G 195 15.28 -42.66 68.52
C UNK G 195 15.52 -43.89 69.36
N UNK G 196 16.13 -44.93 68.78
CA UNK G 196 16.55 -46.13 69.50
C UNK G 196 17.86 -46.63 68.93
N UNK G 197 18.77 -47.17 69.76
CA UNK G 197 20.01 -47.78 69.28
C UNK G 197 20.41 -48.98 70.11
N UNK G 198 21.41 -49.75 69.65
CA UNK G 198 21.94 -50.90 70.39
C UNK G 198 23.45 -50.85 70.38
N UNK G 199 24.09 -51.21 71.51
CA UNK G 199 25.54 -51.35 71.60
C UNK G 199 25.84 -52.78 71.97
N UNK G 200 26.81 -53.41 71.28
CA UNK G 200 27.12 -54.83 71.39
C UNK G 200 28.58 -55.00 71.74
N UNK G 201 28.91 -55.98 72.60
CA UNK G 201 30.28 -56.37 72.86
C UNK G 201 30.45 -57.86 72.60
N UNK G 202 31.51 -58.22 71.85
CA UNK G 202 31.87 -59.61 71.58
C UNK G 202 32.92 -60.05 72.58
N UNK G 203 32.64 -61.10 73.39
CA UNK G 203 33.47 -61.46 74.55
C UNK G 203 33.80 -62.94 74.52
N UNK G 204 34.82 -63.46 75.22
CA UNK G 204 35.03 -64.89 75.40
C UNK G 204 33.84 -65.61 76.02
N UNK G 205 33.38 -66.72 75.40
CA UNK G 205 32.21 -67.46 75.90
C UNK G 205 32.54 -68.27 77.14
N UNK G 206 33.83 -68.57 77.36
CA UNK G 206 34.28 -69.42 78.45
C UNK G 206 34.54 -68.66 79.75
N UNK G 207 34.35 -67.32 79.76
CA UNK G 207 34.50 -66.54 80.98
C UNK G 207 33.22 -65.82 81.37
N UNK G 208 32.09 -66.12 80.70
CA UNK G 208 30.79 -65.58 81.09
C UNK G 208 30.39 -65.94 82.52
N UNK G 209 29.83 -64.97 83.29
CA UNK G 209 29.48 -65.18 84.69
C UNK G 209 30.64 -64.91 85.62
N UNK G 210 31.85 -65.38 85.26
CA UNK G 210 33.10 -65.00 85.92
C UNK G 210 33.43 -63.54 85.69
N UNK G 211 33.24 -63.03 84.45
CA UNK G 211 33.38 -61.63 84.15
C UNK G 211 32.03 -60.91 84.20
N UNK G 212 32.08 -59.61 84.54
CA UNK G 212 30.90 -58.80 84.79
C UNK G 212 30.91 -57.63 83.81
N UNK G 213 29.82 -57.47 83.05
CA UNK G 213 29.77 -56.55 81.93
C UNK G 213 28.67 -55.54 82.16
N UNK G 214 29.04 -54.24 82.23
CA UNK G 214 28.13 -53.16 82.55
C UNK G 214 28.20 -52.15 81.43
N UNK G 215 27.05 -51.81 80.83
CA UNK G 215 26.97 -50.71 79.88
C UNK G 215 26.62 -49.43 80.60
N UNK G 216 27.32 -48.35 80.27
CA UNK G 216 27.16 -47.06 80.90
C UNK G 216 26.59 -46.14 79.84
N UNK G 217 25.31 -45.73 80.01
CA UNK G 217 24.58 -44.98 78.99
C UNK G 217 24.37 -43.57 79.47
N UNK G 218 24.83 -42.58 78.70
CA UNK G 218 24.74 -41.18 79.04
C UNK G 218 23.89 -40.51 77.98
N UNK G 219 22.75 -39.91 78.39
CA UNK G 219 21.98 -39.04 77.53
C UNK G 219 22.16 -37.62 78.01
N UNK G 220 22.95 -36.81 77.29
CA UNK G 220 23.17 -35.42 77.66
C UNK G 220 21.94 -34.52 77.58
N UNK G 221 21.04 -34.54 76.60
CA UNK G 221 19.94 -33.59 76.55
C UNK G 221 18.95 -33.62 77.70
N UNK G 222 18.70 -34.78 78.36
CA UNK G 222 17.81 -34.83 79.51
C UNK G 222 18.56 -35.01 80.81
N UNK G 223 19.90 -34.98 80.73
CA UNK G 223 20.85 -35.13 81.81
C UNK G 223 20.96 -36.54 82.39
N UNK G 224 20.17 -37.51 81.88
CA UNK G 224 20.05 -38.90 82.32
C UNK G 224 21.30 -39.75 82.17
N UNK G 225 21.67 -40.52 83.22
CA UNK G 225 22.77 -41.49 83.19
C UNK G 225 22.14 -42.80 83.59
N UNK G 226 22.43 -43.89 82.87
CA UNK G 226 21.95 -45.22 83.23
C UNK G 226 23.10 -46.21 83.15
N UNK G 227 23.47 -46.83 84.28
CA UNK G 227 24.34 -47.99 84.28
C UNK G 227 23.48 -49.23 84.30
N UNK G 228 23.67 -50.17 83.36
CA UNK G 228 22.95 -51.42 83.38
C UNK G 228 23.92 -52.56 83.16
N UNK G 229 24.05 -53.44 84.18
CA UNK G 229 24.71 -54.71 84.02
C UNK G 229 23.91 -55.70 83.18
N UNK G 230 24.58 -56.47 82.30
CA UNK G 230 23.95 -57.48 81.47
C UNK G 230 24.60 -58.83 81.81
N UNK G 231 23.79 -59.82 82.23
CA UNK G 231 24.28 -61.14 82.61
C UNK G 231 23.68 -62.20 81.69
N UNK G 232 24.30 -63.36 81.49
CA UNK G 232 23.56 -64.53 81.08
C UNK G 232 22.47 -64.97 82.05
N UNK G 233 21.20 -64.95 81.62
CA UNK G 233 20.14 -65.70 82.27
C UNK G 233 20.30 -67.21 82.23
N UNK G 234 19.50 -67.92 83.03
CA UNK G 234 19.30 -69.35 82.91
C UNK G 234 17.80 -69.55 82.76
N UNK G 235 17.36 -70.21 81.66
CA UNK G 235 15.95 -70.47 81.41
C UNK G 235 15.57 -71.94 81.68
N UNK H 1 14.13 -19.00 36.75
CA UNK H 1 14.36 -20.30 37.43
C UNK H 1 14.57 -21.47 36.49
N UNK H 2 15.42 -22.45 36.87
CA UNK H 2 15.70 -23.64 36.10
C UNK H 2 16.30 -24.66 37.05
N UNK H 3 16.77 -25.81 36.55
CA UNK H 3 17.41 -26.84 37.35
C UNK H 3 18.74 -27.24 36.72
N UNK H 4 19.59 -27.97 37.48
CA UNK H 4 20.79 -28.59 37.00
C UNK H 4 20.65 -30.07 37.31
N UNK H 5 21.05 -30.95 36.39
CA UNK H 5 20.92 -32.39 36.56
C UNK H 5 22.30 -33.00 36.55
N UNK H 6 22.64 -33.77 37.61
CA UNK H 6 23.87 -34.53 37.70
C UNK H 6 23.48 -36.01 37.78
N UNK H 7 24.31 -36.97 37.39
CA UNK H 7 24.03 -38.38 37.66
C UNK H 7 24.17 -38.67 39.16
N UNK H 8 23.29 -39.45 39.83
CA UNK H 8 23.29 -39.59 41.28
C UNK H 8 24.54 -40.23 41.82
N UNK H 9 25.16 -41.15 41.07
CA UNK H 9 26.38 -41.77 41.48
C UNK H 9 27.20 -42.12 40.25
N UNK H 10 28.53 -42.21 40.41
CA UNK H 10 29.44 -42.68 39.37
C UNK H 10 30.43 -43.58 40.07
N UNK H 11 31.12 -44.48 39.34
CA UNK H 11 31.93 -45.50 40.00
C UNK H 11 33.14 -45.84 39.15
N UNK H 12 34.31 -46.07 39.77
CA UNK H 12 35.54 -46.29 39.04
C UNK H 12 36.65 -46.86 39.91
N UNK H 13 37.65 -47.51 39.30
CA UNK H 13 38.76 -48.14 39.99
C UNK H 13 39.94 -47.20 40.31
N UNK H 14 40.83 -47.49 41.27
CA UNK H 14 41.99 -46.64 41.56
C UNK H 14 42.90 -46.45 40.36
N UNK H 15 43.40 -45.22 40.14
CA UNK H 15 44.32 -44.93 39.05
C UNK H 15 43.64 -44.57 37.75
N UNK H 16 42.34 -44.89 37.58
CA UNK H 16 41.60 -44.55 36.38
C UNK H 16 41.11 -43.11 36.40
N UNK H 17 40.41 -42.71 35.31
CA UNK H 17 39.87 -41.38 35.15
C UNK H 17 38.35 -41.46 35.11
N UNK H 18 37.65 -40.43 35.63
CA UNK H 18 36.19 -40.33 35.56
C UNK H 18 35.76 -38.94 35.17
N UNK H 19 34.50 -38.85 34.69
CA UNK H 19 33.87 -37.61 34.26
C UNK H 19 32.54 -37.49 34.97
N UNK H 20 32.28 -36.35 35.63
CA UNK H 20 31.02 -36.09 36.31
C UNK H 20 30.34 -34.96 35.57
N UNK H 21 29.18 -35.23 34.93
CA UNK H 21 28.48 -34.24 34.16
C UNK H 21 27.50 -33.40 34.96
N UNK H 22 27.30 -32.16 34.53
CA UNK H 22 26.30 -31.25 35.05
C UNK H 22 25.53 -30.74 33.84
N UNK H 23 24.23 -31.04 33.75
CA UNK H 23 23.43 -30.68 32.59
C UNK H 23 22.40 -29.66 33.01
N UNK H 24 22.40 -28.48 32.36
CA UNK H 24 21.48 -27.40 32.70
C UNK H 24 20.62 -27.02 31.53
N UNK H 25 20.42 -25.71 31.32
CA UNK H 25 19.56 -25.23 30.27
C UNK H 25 20.05 -23.92 29.71
N UNK H 26 19.26 -23.36 28.77
CA UNK H 26 19.48 -22.06 28.16
C UNK H 26 19.44 -20.91 29.16
N UNK H 27 18.73 -21.07 30.30
CA UNK H 27 18.49 -20.01 31.26
C UNK H 27 19.44 -20.02 32.46
N UNK H 28 20.48 -20.89 32.45
CA UNK H 28 21.52 -20.84 33.47
C UNK H 28 22.91 -21.00 32.85
N UNK H 29 23.26 -22.21 32.36
CA UNK H 29 24.58 -22.52 31.81
C UNK H 29 24.80 -21.80 30.48
N UNK H 30 23.73 -21.26 29.87
CA UNK H 30 23.71 -20.38 28.70
C UNK H 30 24.72 -19.26 28.66
N UNK H 31 24.97 -18.53 29.78
CA UNK H 31 25.97 -17.46 29.82
C UNK H 31 27.37 -18.00 30.18
N UNK H 32 27.55 -19.35 30.29
CA UNK H 32 28.85 -20.00 30.38
C UNK H 32 29.53 -19.92 31.71
N UNK H 33 28.84 -20.22 32.81
CA UNK H 33 29.52 -20.27 34.10
C UNK H 33 29.02 -21.38 34.99
N UNK H 34 29.96 -22.01 35.72
CA UNK H 34 29.70 -23.07 36.68
C UNK H 34 30.91 -23.15 37.62
N UNK H 35 30.73 -23.70 38.83
CA UNK H 35 31.84 -24.08 39.71
C UNK H 35 31.54 -25.44 40.29
N UNK H 36 32.56 -26.09 40.86
CA UNK H 36 32.46 -27.42 41.41
C UNK H 36 32.92 -27.49 42.86
N UNK H 37 32.23 -28.30 43.67
CA UNK H 37 32.58 -28.59 45.05
C UNK H 37 32.83 -30.06 45.24
N UNK H 38 33.63 -30.39 46.27
CA UNK H 38 33.76 -31.71 46.81
C UNK H 38 33.36 -31.68 48.25
N UNK H 39 32.51 -32.63 48.70
CA UNK H 39 32.02 -32.64 50.07
C UNK H 39 32.03 -34.04 50.63
N UNK H 40 32.38 -34.14 51.93
CA UNK H 40 32.09 -35.30 52.73
C UNK H 40 31.21 -34.75 53.85
N UNK H 41 30.07 -35.29 54.28
CA UNK H 41 29.17 -34.58 55.20
C UNK H 41 29.67 -34.37 56.61
N UNK H 42 30.83 -34.94 56.98
CA UNK H 42 31.49 -34.67 58.26
C UNK H 42 32.40 -33.47 58.21
N UNK H 43 32.42 -32.78 57.06
CA UNK H 43 33.34 -31.71 56.79
C UNK H 43 32.54 -30.65 56.05
N UNK H 44 32.98 -29.38 56.07
CA UNK H 44 32.43 -28.40 55.16
C UNK H 44 32.71 -28.72 53.68
N UNK H 45 31.86 -28.37 52.71
CA UNK H 45 32.22 -28.35 51.29
C UNK H 45 33.55 -27.67 50.97
N UNK H 46 34.33 -28.25 50.03
CA UNK H 46 35.60 -27.70 49.64
C UNK H 46 35.53 -27.34 48.19
N UNK H 47 35.88 -26.07 47.89
CA UNK H 47 35.97 -25.51 46.56
C UNK H 47 36.99 -26.24 45.68
N UNK H 48 36.63 -26.50 44.41
CA UNK H 48 37.43 -27.36 43.56
C UNK H 48 37.81 -26.71 42.24
N UNK H 49 36.82 -26.12 41.53
CA UNK H 49 37.00 -25.54 40.21
C UNK H 49 36.07 -24.35 40.18
N UNK H 50 36.47 -23.22 39.55
CA UNK H 50 35.65 -22.03 39.44
C UNK H 50 35.61 -21.49 38.03
N UNK H 51 34.50 -20.80 37.70
CA UNK H 51 34.24 -20.18 36.41
C UNK H 51 34.56 -21.04 35.20
N UNK H 52 34.05 -22.28 35.24
CA UNK H 52 34.25 -23.36 34.28
C UNK H 52 35.55 -24.11 34.48
N UNK H 53 36.71 -23.46 34.29
CA UNK H 53 37.99 -24.15 34.12
C UNK H 53 39.02 -23.88 35.20
N UNK H 54 38.84 -22.80 35.97
CA UNK H 54 39.86 -22.30 36.87
C UNK H 54 39.96 -23.09 38.15
N UNK H 55 41.17 -23.11 38.75
CA UNK H 55 41.46 -23.99 39.85
C UNK H 55 42.17 -23.18 40.92
N UNK H 56 41.71 -23.07 42.15
CA UNK H 56 42.47 -22.41 43.20
C UNK H 56 43.74 -23.17 43.56
N UNK H 57 44.76 -22.47 44.06
CA UNK H 57 45.96 -23.09 44.59
C UNK H 57 45.67 -23.97 45.81
N UNK H 58 46.34 -25.15 45.88
CA UNK H 58 46.01 -26.18 46.86
C UNK H 58 45.02 -27.20 46.37
N UNK H 59 44.48 -27.04 45.15
CA UNK H 59 43.68 -28.05 44.48
C UNK H 59 44.57 -28.76 43.47
N UNK H 60 44.79 -30.08 43.55
CA UNK H 60 45.82 -30.76 42.77
C UNK H 60 45.54 -30.83 41.26
N UNK H 61 46.56 -31.30 40.52
CA UNK H 61 46.62 -31.42 39.08
C UNK H 61 45.46 -32.19 38.44
N UNK H 62 44.99 -33.18 39.21
CA UNK H 62 44.07 -34.22 38.83
C UNK H 62 42.63 -33.80 38.57
N UNK H 63 42.21 -32.61 39.06
CA UNK H 63 40.84 -32.14 38.94
C UNK H 63 40.75 -31.10 37.85
N UNK H 64 39.88 -31.27 36.84
CA UNK H 64 39.76 -30.29 35.78
C UNK H 64 38.33 -30.13 35.36
N UNK H 65 37.95 -28.94 34.87
CA UNK H 65 36.59 -28.67 34.43
C UNK H 65 36.58 -28.32 32.99
N UNK H 66 35.47 -28.61 32.30
CA UNK H 66 35.26 -28.12 30.95
C UNK H 66 33.78 -27.92 30.74
N UNK H 67 33.40 -27.15 29.71
CA UNK H 67 32.04 -26.71 29.56
C UNK H 67 31.72 -26.56 28.09
N UNK H 68 30.54 -27.02 27.65
CA UNK H 68 30.09 -26.85 26.27
C UNK H 68 28.58 -26.73 26.20
N UNK H 69 28.05 -25.82 25.35
CA UNK H 69 26.61 -25.55 25.20
C UNK H 69 25.85 -25.29 26.49
N UNK H 70 24.91 -26.17 26.85
CA UNK H 70 24.11 -26.09 28.07
C UNK H 70 24.60 -27.04 29.13
N UNK H 71 25.80 -27.62 28.96
CA UNK H 71 26.34 -28.62 29.87
C UNK H 71 27.72 -28.25 30.37
N UNK H 72 28.11 -28.80 31.52
CA UNK H 72 29.43 -28.69 32.09
C UNK H 72 29.86 -30.05 32.59
N UNK H 73 31.17 -30.24 32.82
CA UNK H 73 31.68 -31.53 33.26
C UNK H 73 32.93 -31.33 34.11
N UNK H 74 33.15 -32.24 35.06
CA UNK H 74 34.29 -32.26 35.94
C UNK H 74 35.03 -33.56 35.68
N UNK H 75 36.32 -33.49 35.30
CA UNK H 75 37.16 -34.65 35.12
C UNK H 75 38.02 -34.87 36.34
N UNK H 76 38.18 -36.13 36.76
CA UNK H 76 39.07 -36.49 37.84
C UNK H 76 40.01 -37.56 37.34
N UNK H 77 41.34 -37.35 37.44
CA UNK H 77 42.33 -38.32 36.99
C UNK H 77 43.08 -38.96 38.14
N UNK H 78 43.61 -40.18 37.91
CA UNK H 78 44.40 -40.92 38.90
C UNK H 78 43.69 -41.13 40.21
N UNK H 79 42.50 -41.77 40.17
CA UNK H 79 41.63 -41.93 41.32
C UNK H 79 42.27 -42.57 42.55
N UNK H 80 41.94 -42.02 43.72
CA UNK H 80 42.45 -42.43 45.00
C UNK H 80 41.29 -42.67 45.93
N UNK H 81 41.54 -43.39 47.03
CA UNK H 81 40.58 -43.66 48.11
C UNK H 81 40.01 -42.38 48.71
N UNK H 82 40.84 -41.33 48.83
CA UNK H 82 40.41 -40.06 49.43
C UNK H 82 39.56 -39.19 48.55
N UNK H 83 39.32 -39.58 47.28
CA UNK H 83 38.40 -38.90 46.41
C UNK H 83 36.96 -39.34 46.67
N UNK H 84 36.72 -40.45 47.39
CA UNK H 84 35.39 -40.98 47.67
C UNK H 84 34.52 -40.00 48.46
N UNK H 85 33.59 -39.32 47.76
CA UNK H 85 32.94 -38.14 48.26
C UNK H 85 31.74 -37.77 47.39
N UNK H 86 30.93 -36.81 47.87
CA UNK H 86 29.82 -36.24 47.14
C UNK H 86 30.30 -35.01 46.39
N UNK H 87 29.94 -34.87 45.10
CA UNK H 87 30.41 -33.79 44.24
C UNK H 87 29.23 -32.98 43.77
N UNK H 88 29.35 -31.64 43.77
CA UNK H 88 28.25 -30.75 43.42
C UNK H 88 28.70 -29.77 42.36
N UNK H 89 27.88 -29.56 41.30
CA UNK H 89 28.01 -28.41 40.45
C UNK H 89 27.07 -27.30 40.91
N UNK H 90 27.46 -26.05 40.67
CA UNK H 90 26.59 -24.92 40.96
C UNK H 90 26.68 -23.87 39.92
N UNK H 91 25.57 -23.15 39.71
CA UNK H 91 25.50 -22.01 38.80
C UNK H 91 24.49 -21.00 39.33
N UNK H 92 24.00 -20.08 38.50
CA UNK H 92 23.09 -19.00 38.82
C UNK H 92 21.99 -18.95 37.77
N UNK H 93 20.89 -18.24 38.05
CA UNK H 93 19.99 -17.79 37.00
C UNK H 93 19.71 -16.31 37.18
N UNK H 94 18.91 -15.71 36.28
CA UNK H 94 18.79 -14.26 36.16
C UNK H 94 18.02 -13.58 37.27
N UNK H 95 17.76 -14.26 38.39
CA UNK H 95 17.25 -13.65 39.62
C UNK H 95 18.36 -13.34 40.59
N UNK H 96 19.59 -13.80 40.30
CA UNK H 96 20.77 -13.79 41.17
C UNK H 96 20.58 -14.68 42.39
N UNK H 97 19.66 -15.64 42.28
CA UNK H 97 19.60 -16.85 43.08
C UNK H 97 20.69 -17.79 42.61
N UNK H 98 21.22 -18.57 43.55
CA UNK H 98 22.29 -19.48 43.25
C UNK H 98 21.69 -20.85 43.27
N UNK H 99 22.00 -21.66 42.25
CA UNK H 99 21.40 -22.95 42.08
C UNK H 99 22.46 -24.03 42.11
N UNK H 100 22.26 -25.03 42.97
CA UNK H 100 23.17 -26.14 43.21
C UNK H 100 22.31 -27.37 43.25
N UNK H 101 22.77 -28.50 42.68
CA UNK H 101 21.97 -29.72 42.63
C UNK H 101 21.72 -30.38 44.00
N UNK H 102 20.43 -30.65 44.32
CA UNK H 102 19.99 -31.17 45.62
C UNK H 102 20.21 -32.66 45.84
N UNK H 103 20.76 -33.39 44.87
CA UNK H 103 21.17 -34.78 45.04
C UNK H 103 22.66 -34.93 45.16
N UNK H 104 23.44 -34.10 44.43
CA UNK H 104 24.86 -34.34 44.17
C UNK H 104 25.17 -35.51 43.26
N UNK H 105 26.48 -35.75 43.01
CA UNK H 105 26.97 -36.98 42.40
C UNK H 105 27.84 -37.64 43.43
N UNK H 106 27.46 -38.83 43.93
CA UNK H 106 28.36 -39.56 44.81
C UNK H 106 29.35 -40.40 44.02
N UNK H 107 30.65 -40.19 44.23
CA UNK H 107 31.68 -40.99 43.61
C UNK H 107 32.04 -42.15 44.51
N UNK H 108 31.94 -43.39 44.00
CA UNK H 108 32.42 -44.59 44.69
C UNK H 108 33.71 -45.01 44.06
N UNK H 109 34.73 -45.33 44.88
CA UNK H 109 35.98 -45.89 44.37
C UNK H 109 35.90 -47.39 44.51
N UNK H 110 36.18 -48.17 43.45
CA UNK H 110 36.19 -49.62 43.49
C UNK H 110 37.54 -50.13 43.97
N UNK H 111 37.60 -51.42 44.35
CA UNK H 111 38.86 -52.10 44.65
C UNK H 111 38.81 -52.81 45.96
N UNK H 112 37.69 -52.67 46.69
CA UNK H 112 37.51 -53.33 47.96
C UNK H 112 36.83 -54.69 47.74
N UNK H 113 37.23 -55.76 48.40
CA UNK H 113 36.58 -57.05 48.24
C UNK H 113 35.20 -57.10 48.87
N UNK H 114 34.28 -57.86 48.26
CA UNK H 114 32.97 -58.16 48.80
C UNK H 114 33.06 -58.87 50.15
N UNK H 115 32.27 -58.40 51.14
CA UNK H 115 32.29 -58.92 52.48
C UNK H 115 30.87 -59.30 52.88
N UNK H 116 30.67 -60.57 53.30
CA UNK H 116 29.41 -61.07 53.80
C UNK H 116 29.02 -60.46 55.16
N UNK H 117 27.76 -60.19 55.47
CA UNK H 117 27.40 -59.63 56.77
C UNK H 117 27.42 -60.63 57.91
N UNK H 118 27.91 -60.21 59.08
CA UNK H 118 27.66 -60.91 60.34
C UNK H 118 26.30 -60.50 60.88
N UNK H 119 25.43 -61.47 61.21
CA UNK H 119 24.06 -61.19 61.65
C UNK H 119 23.82 -61.77 63.03
N UNK H 120 23.37 -60.89 63.95
CA UNK H 120 23.05 -61.21 65.34
C UNK H 120 21.62 -60.81 65.61
N UNK H 121 20.80 -61.72 66.17
CA UNK H 121 19.40 -61.44 66.48
C UNK H 121 19.16 -61.63 67.97
N UNK H 122 18.51 -60.66 68.63
CA UNK H 122 18.17 -60.75 70.04
C UNK H 122 16.65 -60.82 70.21
N UNK H 123 16.11 -61.72 71.05
CA UNK H 123 14.72 -61.66 71.46
C UNK H 123 14.48 -60.54 72.48
N UNK H 124 13.24 -60.16 72.84
CA UNK H 124 12.94 -59.31 74.00
C UNK H 124 13.62 -59.72 75.31
N UNK H 125 13.88 -58.76 76.22
CA UNK H 125 14.37 -59.05 77.56
C UNK H 125 13.22 -59.25 78.53
N UNK H 126 13.48 -59.93 79.68
CA UNK H 126 12.50 -60.11 80.75
C UNK H 126 11.99 -58.80 81.32
N UNK H 127 12.89 -57.80 81.44
CA UNK H 127 12.56 -56.44 81.84
C UNK H 127 11.59 -55.76 80.88
N UNK H 128 11.83 -55.82 79.56
CA UNK H 128 10.92 -55.23 78.58
C UNK H 128 9.56 -55.89 78.56
N UNK H 129 9.53 -57.24 78.63
CA UNK H 129 8.30 -58.02 78.73
C UNK H 129 7.48 -57.69 79.97
N UNK H 130 8.12 -57.49 81.15
CA UNK H 130 7.40 -57.08 82.34
C UNK H 130 6.96 -55.61 82.32
N UNK H 131 7.55 -54.79 81.43
CA UNK H 131 7.09 -53.45 81.13
C UNK H 131 6.08 -53.44 79.99
N UNK H 132 5.56 -54.65 79.64
CA UNK H 132 4.46 -54.97 78.77
C UNK H 132 4.74 -54.63 77.31
N UNK H 133 5.99 -54.79 76.85
CA UNK H 133 6.37 -54.51 75.49
C UNK H 133 7.37 -55.55 75.01
N UNK H 134 7.60 -55.65 73.70
CA UNK H 134 8.58 -56.59 73.18
C UNK H 134 9.27 -56.04 71.94
N UNK H 135 10.60 -55.84 72.01
CA UNK H 135 11.41 -55.38 70.88
C UNK H 135 12.38 -56.46 70.46
N UNK H 136 12.28 -56.97 69.22
CA UNK H 136 13.31 -57.82 68.66
C UNK H 136 14.34 -56.97 67.95
N UNK H 137 15.63 -57.32 68.12
CA UNK H 137 16.73 -56.51 67.63
C UNK H 137 17.58 -57.34 66.67
N UNK H 138 17.66 -56.95 65.38
CA UNK H 138 18.47 -57.64 64.39
C UNK H 138 19.58 -56.70 63.96
N UNK H 139 20.84 -57.13 64.13
CA UNK H 139 22.01 -56.30 63.92
C UNK H 139 22.90 -56.92 62.87
N UNK H 140 23.30 -56.12 61.88
CA UNK H 140 23.95 -56.59 60.67
C UNK H 140 25.22 -55.78 60.48
N UNK H 141 26.42 -56.38 60.45
CA UNK H 141 27.66 -55.60 60.37
C UNK H 141 28.73 -56.24 59.51
N UNK H 142 29.72 -55.41 59.13
CA UNK H 142 30.91 -55.77 58.38
C UNK H 142 30.66 -56.26 56.95
N UNK H 143 29.67 -55.66 56.25
CA UNK H 143 29.39 -56.02 54.87
C UNK H 143 29.84 -54.98 53.87
N UNK H 144 30.16 -55.42 52.63
CA UNK H 144 30.50 -54.54 51.54
C UNK H 144 30.09 -55.26 50.25
N UNK H 145 29.58 -54.65 49.18
CA UNK H 145 28.99 -53.31 49.10
C UNK H 145 27.89 -53.03 50.11
N UNK H 146 27.52 -51.73 50.29
CA UNK H 146 26.55 -51.29 51.28
C UNK H 146 25.12 -51.33 50.85
N UNK H 147 24.68 -52.45 50.26
CA UNK H 147 23.31 -52.65 49.86
C UNK H 147 22.84 -53.95 50.45
N UNK H 148 21.70 -53.95 51.19
CA UNK H 148 21.24 -55.13 51.89
C UNK H 148 19.72 -55.10 51.97
N UNK H 149 19.08 -56.28 51.93
CA UNK H 149 17.63 -56.41 52.06
C UNK H 149 17.39 -57.15 53.35
N UNK H 150 16.46 -56.67 54.19
CA UNK H 150 16.12 -57.31 55.47
C UNK H 150 14.65 -57.68 55.45
N UNK H 151 14.31 -58.89 55.91
CA UNK H 151 12.94 -59.36 55.97
C UNK H 151 12.69 -60.06 57.30
N UNK H 152 11.48 -59.91 57.85
CA UNK H 152 11.09 -60.51 59.10
C UNK H 152 9.98 -61.51 58.88
N UNK H 153 9.98 -62.60 59.65
CA UNK H 153 8.92 -63.59 59.60
C UNK H 153 8.50 -63.95 61.00
N UNK H 154 7.23 -64.35 61.16
CA UNK H 154 6.65 -64.90 62.36
C UNK H 154 6.16 -66.28 61.98
N UNK H 155 6.73 -67.35 62.59
CA UNK H 155 6.76 -68.70 62.03
C UNK H 155 7.14 -68.68 60.53
N UNK H 156 6.22 -69.07 59.63
CA UNK H 156 6.49 -69.04 58.19
C UNK H 156 5.95 -67.80 57.49
N UNK H 157 5.26 -66.87 58.20
CA UNK H 157 4.54 -65.77 57.56
C UNK H 157 5.36 -64.48 57.53
N UNK H 158 5.63 -63.82 56.40
CA UNK H 158 6.19 -62.47 56.35
C UNK H 158 5.47 -61.45 57.24
N UNK H 159 6.19 -60.73 58.11
CA UNK H 159 5.65 -59.60 58.88
C UNK H 159 6.13 -58.30 58.28
N UNK H 160 5.24 -57.28 58.22
CA UNK H 160 5.53 -56.01 57.59
C UNK H 160 5.24 -54.81 58.48
N UNK H 161 4.35 -54.93 59.48
CA UNK H 161 4.04 -53.85 60.39
C UNK H 161 4.93 -53.93 61.62
N UNK H 162 5.30 -52.76 62.20
CA UNK H 162 6.14 -52.70 63.40
C UNK H 162 7.61 -52.81 63.15
N UNK H 163 8.04 -52.85 61.88
CA UNK H 163 9.43 -52.93 61.48
C UNK H 163 10.03 -51.55 61.24
N UNK H 164 11.13 -51.21 61.92
CA UNK H 164 11.88 -49.99 61.71
C UNK H 164 13.31 -50.39 61.34
N UNK H 165 13.80 -50.04 60.12
CA UNK H 165 15.09 -50.50 59.60
C UNK H 165 15.95 -49.32 59.22
N UNK H 166 17.24 -49.28 59.65
CA UNK H 166 18.17 -48.22 59.25
C UNK H 166 18.65 -48.36 57.82
N UNK H 167 18.96 -47.23 57.15
CA UNK H 167 19.82 -47.26 55.97
C UNK H 167 21.24 -47.64 56.38
N UNK H 168 22.03 -48.36 55.60
CA UNK H 168 23.35 -48.75 56.05
C UNK H 168 24.35 -47.62 55.98
N UNK H 169 25.20 -47.47 57.01
CA UNK H 169 26.21 -46.43 57.06
C UNK H 169 27.59 -47.03 57.12
N UNK H 170 28.61 -46.31 56.60
CA UNK H 170 29.96 -46.81 56.50
C UNK H 170 30.71 -46.64 57.83
N UNK H 171 31.24 -47.75 58.38
CA UNK H 171 32.03 -47.80 59.57
C UNK H 171 33.45 -47.29 59.30
N UNK H 172 34.28 -47.09 60.35
CA UNK H 172 35.65 -46.60 60.19
C UNK H 172 36.60 -47.58 59.51
N UNK H 173 36.20 -48.86 59.40
CA UNK H 173 36.98 -49.89 58.72
C UNK H 173 36.58 -50.05 57.24
N UNK H 174 35.69 -49.16 56.75
CA UNK H 174 35.22 -49.05 55.37
C UNK H 174 34.15 -50.07 54.99
N UNK H 175 33.61 -50.81 55.98
CA UNK H 175 32.49 -51.71 55.77
C UNK H 175 31.23 -51.13 56.35
N UNK H 176 30.06 -51.71 56.06
CA UNK H 176 28.80 -51.13 56.44
C UNK H 176 28.16 -51.81 57.64
N UNK H 177 27.34 -51.05 58.39
CA UNK H 177 26.49 -51.54 59.45
C UNK H 177 25.03 -51.18 59.20
N UNK H 178 24.09 -52.03 59.65
CA UNK H 178 22.68 -51.73 59.59
C UNK H 178 21.96 -52.43 60.72
N UNK H 179 20.79 -51.90 61.11
CA UNK H 179 20.01 -52.41 62.22
C UNK H 179 18.57 -52.52 61.79
N UNK H 180 17.85 -53.55 62.27
CA UNK H 180 16.40 -53.63 62.06
C UNK H 180 15.75 -54.04 63.35
N UNK H 181 14.65 -53.36 63.69
CA UNK H 181 13.93 -53.54 64.92
C UNK H 181 12.52 -53.96 64.61
N UNK H 182 11.99 -54.95 65.34
CA UNK H 182 10.61 -55.37 65.23
C UNK H 182 9.93 -55.19 66.57
N UNK H 183 8.93 -54.29 66.63
CA UNK H 183 8.15 -54.01 67.83
C UNK H 183 6.90 -54.87 67.85
N UNK H 184 6.70 -55.65 68.93
CA UNK H 184 5.57 -56.56 69.09
C UNK H 184 4.87 -56.29 70.41
N UNK H 185 3.64 -56.83 70.57
CA UNK H 185 3.03 -57.02 71.88
C UNK H 185 3.64 -58.25 72.57
N UNK H 186 3.65 -58.39 73.91
CA UNK H 186 4.09 -59.63 74.55
C UNK H 186 3.28 -60.84 74.12
N UNK H 187 1.96 -60.68 73.93
CA UNK H 187 1.03 -61.71 73.51
C UNK H 187 1.39 -62.26 72.13
N UNK H 188 1.74 -61.37 71.16
CA UNK H 188 2.26 -61.75 69.86
C UNK H 188 3.60 -62.46 69.92
N UNK H 189 4.48 -62.07 70.86
CA UNK H 189 5.70 -62.80 71.12
C UNK H 189 5.42 -64.24 71.55
N UNK H 190 4.49 -64.52 72.49
CA UNK H 190 4.32 -65.88 73.01
C UNK H 190 3.31 -66.72 72.25
N UNK H 191 2.72 -66.19 71.16
CA UNK H 191 1.71 -66.88 70.36
C UNK H 191 2.30 -67.67 69.20
N UNK H 192 3.48 -67.29 68.71
CA UNK H 192 4.11 -67.96 67.57
C UNK H 192 5.24 -68.80 68.08
N UNK H 193 5.64 -69.85 67.34
CA UNK H 193 6.73 -70.71 67.74
C UNK H 193 8.08 -70.02 67.59
N UNK H 194 8.29 -69.28 66.50
CA UNK H 194 9.53 -68.58 66.29
C UNK H 194 9.40 -67.28 65.52
N UNK H 195 10.43 -66.42 65.62
CA UNK H 195 10.55 -65.22 64.83
C UNK H 195 11.91 -65.27 64.15
N UNK H 196 11.95 -64.96 62.84
CA UNK H 196 13.18 -65.00 62.07
C UNK H 196 13.50 -63.63 61.53
N UNK H 197 14.80 -63.29 61.52
CA UNK H 197 15.34 -62.16 60.77
C UNK H 197 16.12 -62.75 59.62
N UNK H 198 15.78 -62.38 58.38
CA UNK H 198 16.41 -62.88 57.18
C UNK H 198 17.06 -61.72 56.47
N UNK H 199 18.35 -61.84 56.09
CA UNK H 199 19.03 -60.77 55.37
C UNK H 199 19.63 -61.29 54.09
N UNK H 200 19.50 -60.50 53.01
CA UNK H 200 19.99 -60.87 51.69
C UNK H 200 21.02 -59.86 51.26
N UNK H 201 22.24 -60.32 50.93
CA UNK H 201 23.33 -59.48 50.47
C UNK H 201 23.99 -60.20 49.30
N UNK H 202 24.05 -59.59 48.10
CA UNK H 202 24.90 -60.06 47.01
C UNK H 202 24.74 -61.51 46.54
N UNK H 203 23.52 -62.05 46.56
CA UNK H 203 23.24 -63.45 46.26
C UNK H 203 23.43 -64.40 47.43
N UNK H 204 23.82 -63.89 48.60
CA UNK H 204 23.92 -64.64 49.84
C UNK H 204 22.74 -64.31 50.72
N UNK H 205 22.07 -65.34 51.27
CA UNK H 205 20.95 -65.16 52.19
C UNK H 205 21.29 -65.86 53.48
N UNK H 206 21.22 -65.17 54.63
CA UNK H 206 21.40 -65.80 55.93
C UNK H 206 20.20 -65.47 56.80
N UNK H 207 19.71 -66.48 57.55
CA UNK H 207 18.57 -66.33 58.41
C UNK H 207 18.97 -66.63 59.84
N UNK H 208 18.49 -65.85 60.81
CA UNK H 208 18.72 -66.10 62.22
C UNK H 208 17.37 -66.17 62.90
N UNK H 209 17.17 -67.12 63.84
CA UNK H 209 15.86 -67.42 64.40
C UNK H 209 15.88 -67.31 65.91
N UNK H 210 14.78 -66.82 66.53
CA UNK H 210 14.58 -66.85 67.97
C UNK H 210 13.20 -67.38 68.27
N UNK H 211 12.99 -67.89 69.51
CA UNK H 211 11.73 -68.44 69.94
C UNK H 211 11.49 -68.01 71.38
N UNK H 212 10.28 -67.74 71.86
CA UNK H 212 9.98 -67.62 73.28
C UNK H 212 10.32 -68.88 74.05
N UNK H 213 11.22 -68.81 75.06
CA UNK H 213 11.57 -69.87 76.01
C UNK H 213 11.32 -71.31 75.59
N UNK H 214 12.09 -71.77 74.59
CA UNK H 214 12.02 -73.10 73.99
C UNK H 214 12.97 -74.05 74.73
N UNK H 215 13.63 -73.49 75.77
CA UNK H 215 14.53 -74.10 76.75
C UNK H 215 14.29 -75.57 77.07
N UNK H 216 15.35 -76.40 76.95
CA UNK H 216 15.33 -77.84 77.08
C UNK H 216 16.80 -78.32 76.89
N UNK I 1 -35.28 -67.87 -44.71
CA UNK I 1 -35.20 -67.31 -43.32
C UNK I 1 -34.17 -68.05 -42.50
N UNK I 2 -33.18 -67.36 -41.92
CA UNK I 2 -32.20 -67.94 -41.01
C UNK I 2 -32.85 -68.31 -39.67
N UNK I 3 -32.57 -69.52 -39.15
CA UNK I 3 -33.17 -69.98 -37.92
C UNK I 3 -32.26 -70.96 -37.20
N UNK I 4 -32.33 -70.99 -35.86
CA UNK I 4 -31.76 -72.02 -35.02
C UNK I 4 -32.86 -72.47 -34.08
N UNK I 5 -33.08 -73.79 -33.92
CA UNK I 5 -34.08 -74.31 -32.99
C UNK I 5 -33.46 -75.35 -32.08
N UNK I 6 -33.44 -75.10 -30.76
CA UNK I 6 -33.05 -76.05 -29.75
C UNK I 6 -34.14 -77.06 -29.38
N UNK I 7 -33.74 -78.30 -29.07
CA UNK I 7 -34.64 -79.37 -28.67
C UNK I 7 -34.00 -80.22 -27.61
N UNK I 8 -34.82 -81.04 -26.91
CA UNK I 8 -34.34 -82.07 -25.98
C UNK I 8 -34.25 -81.69 -24.53
N UNK I 9 -34.65 -80.45 -24.15
CA UNK I 9 -34.80 -80.07 -22.74
C UNK I 9 -35.88 -80.83 -21.98
N UNK I 10 -35.93 -80.66 -20.65
CA UNK I 10 -36.89 -81.38 -19.84
C UNK I 10 -36.50 -81.43 -18.39
N UNK I 11 -37.17 -82.31 -17.61
CA UNK I 11 -36.95 -82.47 -16.19
C UNK I 11 -36.14 -83.72 -15.94
N UNK I 12 -35.02 -83.62 -15.21
CA UNK I 12 -34.06 -84.69 -15.04
C UNK I 12 -33.75 -84.89 -13.58
N UNK I 13 -33.38 -86.13 -13.17
CA UNK I 13 -32.90 -86.38 -11.83
C UNK I 13 -31.39 -86.11 -11.76
N UNK I 14 -30.78 -85.67 -10.66
CA UNK I 14 -29.33 -85.59 -10.50
C UNK I 14 -28.55 -86.82 -10.94
N UNK I 15 -27.37 -86.61 -11.56
CA UNK I 15 -26.46 -87.69 -11.95
C UNK I 15 -26.82 -88.39 -13.23
N UNK I 16 -27.95 -88.02 -13.85
CA UNK I 16 -28.39 -88.60 -15.10
C UNK I 16 -27.87 -87.84 -16.30
N UNK I 17 -28.25 -88.32 -17.50
CA UNK I 17 -27.74 -87.83 -18.76
C UNK I 17 -28.88 -87.29 -19.57
N UNK I 18 -28.63 -86.25 -20.39
CA UNK I 18 -29.61 -85.70 -21.29
C UNK I 18 -28.86 -85.26 -22.52
N UNK I 19 -29.48 -85.26 -23.71
CA UNK I 19 -28.80 -84.81 -24.90
C UNK I 19 -29.64 -83.79 -25.64
N UNK I 20 -29.18 -82.52 -25.62
CA UNK I 20 -29.82 -81.45 -26.33
C UNK I 20 -29.42 -81.48 -27.79
N UNK I 21 -30.27 -80.96 -28.68
CA UNK I 21 -29.89 -80.76 -30.07
C UNK I 21 -30.23 -79.35 -30.46
N UNK I 22 -29.54 -78.86 -31.48
CA UNK I 22 -29.84 -77.58 -32.10
C UNK I 22 -29.79 -77.82 -33.58
N UNK I 23 -30.87 -77.45 -34.28
CA UNK I 23 -30.99 -77.63 -35.70
C UNK I 23 -30.97 -76.28 -36.39
N UNK I 24 -30.23 -76.18 -37.51
CA UNK I 24 -30.10 -74.96 -38.27
C UNK I 24 -30.89 -75.03 -39.55
N UNK I 25 -31.40 -73.87 -40.03
CA UNK I 25 -32.02 -73.81 -41.33
C UNK I 25 -31.89 -72.44 -41.93
N UNK I 26 -31.96 -72.35 -43.28
CA UNK I 26 -31.91 -71.09 -44.00
C UNK I 26 -30.54 -70.51 -44.23
N UNK I 27 -29.48 -71.26 -43.93
CA UNK I 27 -28.12 -70.88 -44.20
C UNK I 27 -27.29 -72.14 -44.29
N UNK I 28 -26.07 -72.06 -44.82
CA UNK I 28 -25.17 -73.20 -44.89
C UNK I 28 -24.53 -73.51 -43.56
N UNK I 29 -25.08 -74.45 -42.77
CA UNK I 29 -24.63 -74.79 -41.43
C UNK I 29 -23.16 -75.18 -41.35
N UNK I 30 -22.67 -75.97 -42.32
CA UNK I 30 -21.31 -76.46 -42.37
C UNK I 30 -20.26 -75.36 -42.42
N UNK I 31 -20.58 -74.18 -42.98
CA UNK I 31 -19.59 -73.13 -43.06
C UNK I 31 -19.40 -72.44 -41.74
N UNK I 32 -20.37 -72.46 -40.80
CA UNK I 32 -20.36 -71.72 -39.53
C UNK I 32 -19.99 -72.53 -38.29
N UNK I 33 -19.25 -71.89 -37.35
CA UNK I 33 -19.12 -72.32 -35.97
C UNK I 33 -20.35 -71.97 -35.13
N UNK I 34 -20.58 -72.71 -34.03
CA UNK I 34 -21.73 -72.50 -33.18
C UNK I 34 -21.33 -72.70 -31.73
N UNK I 35 -21.97 -71.96 -30.81
CA UNK I 35 -21.70 -72.00 -29.39
C UNK I 35 -22.96 -72.34 -28.64
N UNK I 36 -22.80 -72.76 -27.38
CA UNK I 36 -23.89 -72.92 -26.45
C UNK I 36 -23.68 -72.01 -25.26
N UNK I 37 -24.77 -71.34 -24.85
CA UNK I 37 -24.80 -70.36 -23.79
C UNK I 37 -25.94 -70.76 -22.89
N UNK I 38 -25.85 -70.58 -21.57
CA UNK I 38 -26.96 -70.89 -20.68
C UNK I 38 -27.25 -69.75 -19.73
N UNK I 39 -28.47 -69.73 -19.18
CA UNK I 39 -28.85 -68.81 -18.13
C UNK I 39 -29.57 -69.56 -17.03
N UNK I 40 -28.97 -69.57 -15.81
CA UNK I 40 -29.59 -70.15 -14.63
C UNK I 40 -30.64 -69.20 -14.04
N UNK I 41 -31.72 -69.64 -13.40
CA UNK I 41 -32.73 -68.74 -12.84
C UNK I 41 -32.17 -67.71 -11.85
N UNK I 42 -32.40 -66.41 -12.11
CA UNK I 42 -31.90 -65.33 -11.26
C UNK I 42 -30.45 -64.99 -11.45
N UNK I 43 -29.81 -65.56 -12.49
CA UNK I 43 -28.46 -65.21 -12.89
C UNK I 43 -28.49 -64.82 -14.35
N UNK I 44 -27.41 -64.19 -14.84
CA UNK I 44 -27.22 -63.81 -16.23
C UNK I 44 -26.73 -64.93 -17.10
N UNK I 45 -26.31 -64.58 -18.33
CA UNK I 45 -25.73 -65.49 -19.29
C UNK I 45 -24.35 -66.05 -18.93
N UNK I 46 -24.16 -67.39 -18.99
CA UNK I 46 -22.90 -68.08 -18.81
C UNK I 46 -22.55 -68.79 -20.11
N UNK I 47 -21.33 -68.61 -20.64
CA UNK I 47 -20.86 -69.41 -21.76
C UNK I 47 -20.63 -70.87 -21.37
N UNK I 48 -20.99 -71.83 -22.25
CA UNK I 48 -20.83 -73.24 -21.92
C UNK I 48 -19.81 -73.91 -22.83
N UNK I 49 -19.94 -73.78 -24.17
CA UNK I 49 -19.06 -74.48 -25.08
C UNK I 49 -19.13 -73.93 -26.49
N UNK I 50 -18.14 -74.31 -27.34
CA UNK I 50 -18.09 -73.94 -28.74
C UNK I 50 -17.54 -75.10 -29.54
N UNK I 51 -17.98 -75.25 -30.81
CA UNK I 51 -17.39 -76.16 -31.77
C UNK I 51 -17.10 -75.40 -33.05
N UNK I 52 -15.94 -75.65 -33.69
CA UNK I 52 -15.55 -75.08 -34.98
C UNK I 52 -16.46 -75.49 -36.13
N UNK I 53 -16.31 -74.86 -37.32
CA UNK I 53 -17.16 -75.07 -38.47
C UNK I 53 -17.19 -76.51 -38.98
N UNK I 54 -15.99 -77.10 -39.07
CA UNK I 54 -15.68 -78.43 -39.52
C UNK I 54 -15.80 -79.49 -38.43
N UNK I 55 -15.84 -79.06 -37.15
CA UNK I 55 -15.87 -79.92 -35.99
C UNK I 55 -14.54 -80.39 -35.49
N UNK I 56 -13.43 -79.91 -36.08
CA UNK I 56 -12.08 -80.24 -35.65
C UNK I 56 -11.71 -79.76 -34.25
N UNK I 57 -12.13 -78.54 -33.88
CA UNK I 57 -11.76 -77.90 -32.65
C UNK I 57 -13.00 -77.63 -31.82
N UNK I 58 -12.87 -77.69 -30.49
CA UNK I 58 -13.96 -77.38 -29.61
C UNK I 58 -13.41 -77.00 -28.26
N UNK I 59 -14.20 -76.28 -27.44
CA UNK I 59 -13.73 -75.82 -26.16
C UNK I 59 -14.91 -75.67 -25.22
N UNK I 60 -14.65 -75.60 -23.90
CA UNK I 60 -15.65 -75.73 -22.86
C UNK I 60 -15.33 -74.81 -21.71
N UNK I 61 -16.36 -74.29 -21.02
CA UNK I 61 -16.24 -73.68 -19.71
C UNK I 61 -15.84 -74.66 -18.61
N UNK I 62 -15.11 -74.19 -17.59
CA UNK I 62 -14.55 -75.00 -16.52
C UNK I 62 -15.61 -75.57 -15.57
N UNK I 63 -16.83 -74.99 -15.56
CA UNK I 63 -18.00 -75.48 -14.85
C UNK I 63 -18.59 -76.76 -15.43
N UNK I 64 -18.35 -77.04 -16.73
CA UNK I 64 -18.90 -78.19 -17.43
C UNK I 64 -17.84 -79.13 -17.94
N UNK I 65 -16.55 -78.82 -17.70
CA UNK I 65 -15.41 -79.53 -18.24
C UNK I 65 -15.33 -80.98 -17.75
N UNK I 66 -15.31 -81.96 -18.69
CA UNK I 66 -15.33 -83.38 -18.36
C UNK I 66 -16.69 -83.96 -18.08
N UNK I 67 -17.76 -83.15 -18.17
CA UNK I 67 -19.12 -83.65 -17.99
C UNK I 67 -19.97 -83.45 -19.22
N UNK I 68 -19.68 -82.42 -20.04
CA UNK I 68 -20.48 -82.11 -21.20
C UNK I 68 -19.63 -82.32 -22.44
N UNK I 69 -20.23 -82.92 -23.49
CA UNK I 69 -19.58 -83.18 -24.76
C UNK I 69 -20.35 -82.53 -25.88
N UNK I 70 -19.73 -81.56 -26.60
CA UNK I 70 -20.32 -80.94 -27.78
C UNK I 70 -19.86 -81.70 -29.03
N UNK I 71 -20.75 -81.86 -30.02
CA UNK I 71 -20.45 -82.53 -31.29
C UNK I 71 -21.40 -82.00 -32.33
N UNK I 72 -21.12 -82.23 -33.63
CA UNK I 72 -21.98 -81.72 -34.69
C UNK I 72 -21.99 -82.67 -35.85
N UNK I 73 -23.12 -82.74 -36.57
CA UNK I 73 -23.25 -83.54 -37.75
C UNK I 73 -23.35 -82.61 -38.95
N UNK I 74 -22.41 -82.76 -39.90
CA UNK I 74 -22.32 -81.92 -41.06
C UNK I 74 -23.08 -82.52 -42.24
N UNK I 75 -23.75 -83.68 -42.04
CA UNK I 75 -24.63 -84.28 -43.03
C UNK I 75 -26.08 -83.88 -42.80
N UNK I 76 -26.39 -83.29 -41.62
CA UNK I 76 -27.77 -83.10 -41.20
C UNK I 76 -28.16 -81.70 -40.73
N UNK I 77 -27.20 -80.75 -40.65
CA UNK I 77 -27.47 -79.38 -40.19
C UNK I 77 -27.83 -79.30 -38.71
N UNK I 78 -27.18 -80.13 -37.87
CA UNK I 78 -27.57 -80.29 -36.47
C UNK I 78 -26.33 -80.42 -35.61
N UNK I 79 -26.32 -79.79 -34.42
CA UNK I 79 -25.30 -80.03 -33.42
C UNK I 79 -25.92 -80.47 -32.11
N UNK I 80 -25.11 -81.08 -31.25
CA UNK I 80 -25.58 -81.76 -30.06
C UNK I 80 -24.81 -81.30 -28.84
N UNK I 81 -25.48 -81.27 -27.68
CA UNK I 81 -24.80 -81.20 -26.40
C UNK I 81 -25.15 -82.45 -25.66
N UNK I 82 -24.17 -83.35 -25.46
CA UNK I 82 -24.33 -84.47 -24.55
C UNK I 82 -24.00 -83.99 -23.16
N UNK I 83 -24.96 -84.10 -22.23
CA UNK I 83 -24.77 -83.71 -20.86
C UNK I 83 -24.76 -84.98 -20.04
N UNK I 84 -23.69 -85.23 -19.26
CA UNK I 84 -23.60 -86.37 -18.39
C UNK I 84 -23.36 -85.85 -16.99
N UNK I 85 -23.86 -86.54 -15.94
CA UNK I 85 -23.60 -86.13 -14.55
C UNK I 85 -24.18 -84.75 -14.23
N UNK I 86 -25.47 -84.57 -14.59
CA UNK I 86 -26.23 -83.37 -14.32
C UNK I 86 -26.44 -83.08 -12.85
N UNK I 87 -26.36 -81.79 -12.47
CA UNK I 87 -26.39 -81.36 -11.08
C UNK I 87 -27.51 -80.35 -10.91
N UNK I 88 -28.12 -80.11 -9.74
CA UNK I 88 -29.07 -79.03 -9.51
C UNK I 88 -28.62 -77.66 -10.01
N UNK I 89 -27.32 -77.36 -9.92
CA UNK I 89 -26.71 -76.13 -10.37
C UNK I 89 -26.37 -76.13 -11.86
N UNK I 90 -26.82 -77.14 -12.65
CA UNK I 90 -26.88 -77.04 -14.09
C UNK I 90 -28.29 -76.63 -14.58
N UNK I 91 -29.26 -76.41 -13.66
CA UNK I 91 -30.63 -75.96 -14.02
C UNK I 91 -30.63 -74.61 -14.71
N UNK I 92 -31.02 -74.57 -16.00
CA UNK I 92 -30.89 -73.37 -16.80
C UNK I 92 -31.72 -73.42 -18.07
N UNK I 93 -31.88 -72.26 -18.73
CA UNK I 93 -32.30 -72.19 -20.12
C UNK I 93 -31.03 -72.26 -20.96
N UNK I 94 -31.00 -73.14 -21.97
CA UNK I 94 -29.83 -73.36 -22.80
C UNK I 94 -30.12 -72.88 -24.21
N UNK I 95 -29.25 -72.00 -24.76
CA UNK I 95 -29.37 -71.42 -26.08
C UNK I 95 -28.27 -71.96 -26.96
N UNK I 96 -28.56 -72.22 -28.24
CA UNK I 96 -27.53 -72.40 -29.24
C UNK I 96 -27.47 -71.18 -30.10
N UNK I 97 -26.26 -70.81 -30.54
CA UNK I 97 -26.09 -69.51 -31.16
C UNK I 97 -25.00 -69.60 -32.23
N UNK I 98 -25.18 -68.84 -33.33
CA UNK I 98 -24.33 -68.82 -34.50
C UNK I 98 -23.46 -67.57 -34.58
N UNK I 99 -22.22 -67.71 -35.06
CA UNK I 99 -21.31 -66.61 -35.30
C UNK I 99 -21.65 -65.74 -36.51
N UNK I 100 -21.28 -64.44 -36.46
CA UNK I 100 -21.54 -63.46 -37.53
C UNK I 100 -20.80 -63.72 -38.83
N UNK I 101 -21.41 -63.38 -40.00
CA UNK I 101 -20.75 -63.53 -41.29
C UNK I 101 -20.41 -62.16 -41.86
N UNK I 102 -19.17 -62.02 -42.33
CA UNK I 102 -18.65 -60.81 -42.92
C UNK I 102 -17.50 -61.16 -43.88
N UNK I 103 -17.38 -62.44 -44.33
CA UNK I 103 -16.26 -62.84 -45.17
C UNK I 103 -15.86 -64.29 -45.03
N UNK I 104 -14.77 -64.70 -45.75
CA UNK I 104 -14.32 -66.09 -45.93
C UNK I 104 -14.13 -66.87 -44.64
N UNK I 105 -13.49 -66.26 -43.63
CA UNK I 105 -13.18 -66.92 -42.39
C UNK I 105 -14.18 -66.59 -41.30
N UNK I 106 -15.10 -65.62 -41.51
CA UNK I 106 -16.10 -65.29 -40.51
C UNK I 106 -17.03 -66.44 -40.24
N UNK I 107 -17.47 -67.09 -41.33
CA UNK I 107 -18.08 -68.39 -41.24
C UNK I 107 -17.14 -69.44 -40.67
N UNK I 108 -15.96 -69.57 -41.27
CA UNK I 108 -14.97 -70.56 -40.80
C UNK I 108 -14.49 -70.26 -39.38
N UNK I 109 -13.42 -69.48 -39.27
CA UNK I 109 -12.85 -69.19 -37.95
C UNK I 109 -12.34 -67.77 -37.78
N UNK I 110 -13.12 -66.78 -38.21
CA UNK I 110 -12.74 -65.39 -38.00
C UNK I 110 -12.79 -65.25 -36.51
N UNK I 111 -11.68 -65.48 -35.84
CA UNK I 111 -11.70 -65.49 -34.38
C UNK I 111 -12.50 -64.34 -33.80
N UNK I 112 -12.33 -63.07 -34.24
CA UNK I 112 -13.03 -61.93 -33.63
C UNK I 112 -14.56 -61.98 -33.68
N UNK I 113 -15.13 -62.25 -34.88
CA UNK I 113 -16.57 -62.43 -35.06
C UNK I 113 -17.06 -63.82 -34.71
N UNK I 114 -16.13 -64.74 -34.39
CA UNK I 114 -16.41 -66.14 -34.12
C UNK I 114 -16.59 -66.38 -32.64
N UNK I 115 -15.99 -65.56 -31.77
CA UNK I 115 -16.15 -65.64 -30.34
C UNK I 115 -17.61 -65.41 -29.94
N UNK I 116 -18.12 -65.97 -28.79
CA UNK I 116 -19.54 -65.89 -28.44
C UNK I 116 -19.99 -64.46 -28.44
N UNK I 117 -19.21 -63.54 -27.85
CA UNK I 117 -19.56 -62.15 -27.79
C UNK I 117 -19.84 -61.52 -29.17
N UNK I 118 -19.21 -62.00 -30.26
CA UNK I 118 -19.46 -61.55 -31.63
C UNK I 118 -20.64 -62.17 -32.35
N UNK I 119 -21.38 -63.10 -31.73
CA UNK I 119 -22.49 -63.80 -32.35
C UNK I 119 -23.75 -63.00 -32.71
N UNK I 120 -24.40 -63.39 -33.84
CA UNK I 120 -25.55 -62.71 -34.38
C UNK I 120 -26.88 -63.44 -34.21
N UNK I 121 -26.97 -64.73 -34.59
CA UNK I 121 -28.23 -65.48 -34.63
C UNK I 121 -28.32 -66.42 -33.46
N UNK I 122 -29.36 -66.25 -32.64
CA UNK I 122 -29.63 -67.05 -31.48
C UNK I 122 -30.89 -67.86 -31.70
N UNK I 123 -30.97 -69.09 -31.17
CA UNK I 123 -32.26 -69.76 -31.01
C UNK I 123 -33.07 -69.18 -29.88
N UNK I 124 -34.25 -69.76 -29.59
CA UNK I 124 -35.12 -69.26 -28.53
C UNK I 124 -34.88 -70.00 -27.23
N UNK I 125 -33.95 -70.97 -27.24
CA UNK I 125 -33.53 -71.73 -26.08
C UNK I 125 -34.43 -72.87 -25.70
N UNK I 126 -33.93 -73.69 -24.76
CA UNK I 126 -34.65 -74.84 -24.25
C UNK I 126 -34.32 -75.03 -22.78
N UNK I 127 -35.32 -75.40 -21.97
CA UNK I 127 -35.23 -75.42 -20.51
C UNK I 127 -34.79 -76.77 -20.01
N UNK I 128 -33.76 -76.81 -19.15
CA UNK I 128 -33.31 -78.03 -18.48
C UNK I 128 -33.46 -77.82 -17.00
N UNK I 129 -34.26 -78.67 -16.33
CA UNK I 129 -34.52 -78.57 -14.88
C UNK I 129 -34.02 -79.82 -14.22
N UNK I 130 -33.01 -79.70 -13.35
CA UNK I 130 -32.45 -80.84 -12.63
C UNK I 130 -32.99 -80.82 -11.21
N UNK I 131 -33.76 -81.84 -10.81
CA UNK I 131 -34.41 -81.84 -9.51
C UNK I 131 -34.64 -83.26 -9.06
N UNK I 132 -34.69 -83.48 -7.74
CA UNK I 132 -35.01 -84.77 -7.14
C UNK I 132 -36.49 -84.82 -6.77
N UNK I 133 -37.27 -83.77 -7.10
CA UNK I 133 -38.71 -83.79 -6.98
C UNK I 133 -39.39 -84.64 -8.06
N UNK I 134 -40.38 -85.44 -7.66
CA UNK I 134 -41.16 -86.27 -8.57
C UNK I 134 -42.40 -85.55 -9.05
N UNK I 135 -42.84 -85.83 -10.29
CA UNK I 135 -44.10 -85.39 -10.89
C UNK I 135 -45.32 -85.55 -9.99
N UNK I 136 -46.04 -84.45 -9.68
CA UNK I 136 -47.18 -84.52 -8.78
C UNK I 136 -48.25 -83.53 -9.21
N UNK I 137 -49.53 -84.00 -9.25
CA UNK I 137 -50.70 -83.13 -9.44
C UNK I 137 -50.97 -82.21 -8.27
N UNK I 138 -51.59 -81.05 -8.46
CA UNK I 138 -51.83 -80.10 -7.39
C UNK I 138 -52.99 -80.49 -6.49
N UNK I 139 -52.94 -80.07 -5.22
CA UNK I 139 -54.10 -80.12 -4.34
C UNK I 139 -54.79 -78.78 -4.44
N UNK I 140 -56.12 -78.73 -4.74
CA UNK I 140 -56.78 -77.48 -5.07
C UNK I 140 -57.86 -77.13 -4.06
N UNK I 141 -57.69 -75.99 -3.36
CA UNK I 141 -58.53 -75.58 -2.25
C UNK I 141 -59.22 -74.27 -2.58
N UNK I 142 -60.50 -74.07 -2.24
CA UNK I 142 -61.18 -72.81 -2.49
C UNK I 142 -60.75 -71.74 -1.50
N UNK I 143 -60.54 -70.48 -1.95
CA UNK I 143 -60.28 -69.37 -1.06
C UNK I 143 -61.54 -68.53 -1.04
N UNK I 144 -62.35 -68.68 0.02
CA UNK I 144 -63.72 -68.21 0.02
C UNK I 144 -63.91 -66.71 0.32
N UNK I 145 -64.90 -66.02 -0.27
CA UNK I 145 -65.14 -64.61 -0.01
C UNK I 145 -65.79 -64.40 1.36
N UNK I 146 -65.40 -63.33 2.07
CA UNK I 146 -65.82 -63.10 3.44
C UNK I 146 -65.70 -61.64 3.74
N UNK I 147 -66.37 -61.14 4.82
CA UNK I 147 -66.46 -59.72 5.19
C UNK I 147 -65.12 -59.03 5.36
N UNK I 148 -64.13 -59.83 5.79
CA UNK I 148 -62.72 -59.58 5.88
C UNK I 148 -62.04 -59.12 4.55
N UNK I 149 -62.56 -59.53 3.38
CA UNK I 149 -62.12 -59.00 2.07
C UNK I 149 -63.34 -58.79 1.20
N UNK I 150 -64.45 -58.29 1.77
CA UNK I 150 -65.67 -58.03 1.01
C UNK I 150 -65.81 -56.56 0.71
N UNK I 151 -66.82 -56.23 -0.10
CA UNK I 151 -67.38 -54.93 -0.42
C UNK I 151 -66.52 -53.67 -0.34
N UNK I 152 -65.62 -53.54 -1.31
CA UNK I 152 -65.23 -52.24 -1.87
C UNK I 152 -66.19 -51.87 -2.97
N UNK I 153 -67.44 -52.38 -2.86
CA UNK I 153 -68.40 -52.61 -3.92
C UNK I 153 -68.22 -54.00 -4.49
N UNK I 154 -67.02 -54.56 -4.32
CA UNK I 154 -66.57 -55.80 -4.90
C UNK I 154 -65.96 -56.66 -3.81
N UNK I 155 -65.89 -57.97 -4.04
CA UNK I 155 -65.32 -58.94 -3.12
C UNK I 155 -64.28 -59.76 -3.83
N UNK I 156 -63.31 -60.34 -3.09
CA UNK I 156 -62.25 -61.14 -3.66
C UNK I 156 -62.36 -62.60 -3.23
N UNK I 157 -62.30 -63.54 -4.20
CA UNK I 157 -62.31 -64.96 -3.94
C UNK I 157 -61.31 -65.62 -4.85
N UNK I 158 -60.88 -66.85 -4.54
CA UNK I 158 -59.87 -67.47 -5.38
C UNK I 158 -59.77 -68.95 -5.22
N UNK I 159 -58.71 -69.52 -5.82
CA UNK I 159 -58.36 -70.91 -5.66
C UNK I 159 -56.88 -71.02 -5.40
N UNK I 160 -56.52 -71.79 -4.37
CA UNK I 160 -55.16 -72.11 -3.99
C UNK I 160 -54.79 -73.41 -4.67
N UNK I 161 -53.70 -73.42 -5.44
CA UNK I 161 -53.24 -74.56 -6.21
C UNK I 161 -51.93 -74.97 -5.58
N UNK I 162 -51.92 -76.08 -4.82
CA UNK I 162 -50.88 -76.33 -3.84
C UNK I 162 -50.06 -77.60 -4.10
N UNK I 163 -48.73 -77.49 -3.91
CA UNK I 163 -47.77 -78.58 -3.88
C UNK I 163 -47.71 -79.43 -5.16
N UNK I 164 -47.38 -78.85 -6.32
CA UNK I 164 -47.28 -79.56 -7.59
C UNK I 164 -45.87 -79.50 -8.15
N UNK I 165 -45.57 -80.38 -9.14
CA UNK I 165 -44.28 -80.35 -9.80
C UNK I 165 -44.42 -81.01 -11.17
N UNK I 166 -43.63 -80.63 -12.18
CA UNK I 166 -42.96 -79.33 -12.36
C UNK I 166 -43.97 -78.26 -12.77
N UNK I 167 -43.52 -77.04 -13.11
CA UNK I 167 -44.32 -76.08 -13.85
C UNK I 167 -44.64 -76.53 -15.29
N UNK I 168 -45.77 -76.17 -15.92
CA UNK I 168 -46.67 -75.12 -15.48
C UNK I 168 -48.08 -75.64 -15.25
N UNK I 169 -48.88 -74.87 -14.49
CA UNK I 169 -50.30 -75.13 -14.30
C UNK I 169 -51.07 -74.04 -15.02
N UNK I 170 -52.21 -74.41 -15.62
CA UNK I 170 -53.07 -73.50 -16.34
C UNK I 170 -54.33 -73.37 -15.52
N UNK I 171 -54.76 -72.13 -15.22
CA UNK I 171 -55.97 -71.88 -14.45
C UNK I 171 -56.89 -71.02 -15.29
N UNK I 172 -58.18 -71.41 -15.40
CA UNK I 172 -59.20 -70.57 -16.01
C UNK I 172 -60.41 -70.54 -15.11
N UNK I 173 -61.35 -69.62 -15.32
CA UNK I 173 -62.51 -69.48 -14.47
C UNK I 173 -63.79 -69.58 -15.28
N UNK I 174 -64.76 -70.36 -14.79
CA UNK I 174 -66.04 -70.66 -15.43
C UNK I 174 -65.87 -71.14 -16.88
N UNK I 175 -64.91 -72.06 -17.10
CA UNK I 175 -64.54 -72.64 -18.38
C UNK I 175 -64.17 -71.63 -19.44
N UNK I 176 -63.48 -70.55 -19.03
CA UNK I 176 -63.03 -69.48 -19.92
C UNK I 176 -64.03 -68.39 -20.17
N UNK I 177 -65.23 -68.45 -19.57
CA UNK I 177 -66.25 -67.42 -19.72
C UNK I 177 -66.06 -66.26 -18.75
N UNK I 178 -65.22 -66.42 -17.71
CA UNK I 178 -64.91 -65.36 -16.79
C UNK I 178 -63.44 -65.01 -16.95
N UNK I 179 -63.14 -63.88 -17.61
CA UNK I 179 -61.76 -63.49 -17.91
C UNK I 179 -61.44 -62.10 -17.42
N UNK I 180 -62.42 -61.35 -16.88
CA UNK I 180 -62.20 -60.00 -16.38
C UNK I 180 -62.14 -60.02 -14.87
N UNK I 181 -61.17 -59.29 -14.27
CA UNK I 181 -60.98 -59.31 -12.83
C UNK I 181 -60.19 -60.50 -12.31
N UNK I 182 -59.74 -61.38 -13.22
CA UNK I 182 -58.89 -62.52 -12.94
C UNK I 182 -57.45 -62.10 -12.77
N UNK I 183 -56.80 -62.50 -11.66
CA UNK I 183 -55.37 -62.36 -11.48
C UNK I 183 -54.81 -63.69 -11.04
N UNK I 184 -53.88 -64.27 -11.83
CA UNK I 184 -53.23 -65.54 -11.51
C UNK I 184 -51.80 -65.20 -11.18
N UNK I 185 -51.41 -65.42 -9.91
CA UNK I 185 -50.11 -65.02 -9.41
C UNK I 185 -49.04 -66.02 -9.83
N UNK I 186 -47.80 -65.61 -10.10
CA UNK I 186 -46.63 -66.49 -10.20
C UNK I 186 -46.51 -67.53 -9.11
N UNK I 187 -45.99 -68.73 -9.44
CA UNK I 187 -45.72 -69.74 -8.47
C UNK I 187 -44.61 -69.40 -7.47
N UNK I 188 -44.75 -69.90 -6.23
CA UNK I 188 -43.65 -69.94 -5.29
C UNK I 188 -43.04 -71.30 -5.37
N UNK I 189 -41.69 -71.39 -5.46
CA UNK I 189 -40.99 -72.64 -5.36
C UNK I 189 -40.64 -72.82 -3.90
N UNK I 190 -41.26 -73.82 -3.26
CA UNK I 190 -41.07 -74.05 -1.86
C UNK I 190 -39.79 -74.84 -1.62
N UNK I 191 -39.24 -74.75 -0.40
CA UNK I 191 -38.07 -75.47 0.08
C UNK I 191 -38.20 -76.99 0.04
N UNK I 192 -39.42 -77.51 -0.15
CA UNK I 192 -39.70 -78.90 -0.43
C UNK I 192 -39.43 -79.32 -1.87
N UNK I 193 -39.18 -78.36 -2.78
CA UNK I 193 -38.99 -78.62 -4.20
C UNK I 193 -40.26 -78.68 -4.99
N UNK I 194 -41.40 -78.39 -4.35
CA UNK I 194 -42.71 -78.38 -4.97
C UNK I 194 -43.22 -76.95 -5.07
N UNK I 195 -44.04 -76.68 -6.09
CA UNK I 195 -44.55 -75.35 -6.38
C UNK I 195 -45.96 -75.16 -5.84
N UNK I 196 -46.34 -73.90 -5.56
CA UNK I 196 -47.70 -73.55 -5.16
C UNK I 196 -48.05 -72.20 -5.76
N UNK I 197 -49.32 -71.98 -6.18
CA UNK I 197 -49.77 -70.67 -6.65
C UNK I 197 -51.21 -70.41 -6.24
N UNK I 198 -51.68 -69.16 -6.44
CA UNK I 198 -53.06 -68.78 -6.16
C UNK I 198 -53.61 -67.99 -7.34
N UNK I 199 -54.89 -68.21 -7.68
CA UNK I 199 -55.59 -67.41 -8.69
C UNK I 199 -56.77 -66.75 -8.02
N UNK I 200 -56.98 -65.45 -8.26
CA UNK I 200 -57.97 -64.64 -7.57
C UNK I 200 -58.89 -63.99 -8.60
N UNK I 201 -60.19 -63.87 -8.29
CA UNK I 201 -61.13 -63.10 -9.09
C UNK I 201 -61.82 -62.08 -8.21
N UNK I 202 -61.88 -60.82 -8.68
CA UNK I 202 -62.59 -59.74 -8.01
C UNK I 202 -63.98 -59.60 -8.61
N UNK I 203 -65.05 -59.77 -7.82
CA UNK I 203 -66.42 -59.91 -8.31
C UNK I 203 -67.36 -58.95 -7.59
N UNK I 204 -68.54 -58.59 -8.10
CA UNK I 204 -69.55 -57.86 -7.32
C UNK I 204 -69.96 -58.55 -6.03
N UNK I 205 -69.94 -57.83 -4.89
CA UNK I 205 -70.28 -58.42 -3.59
C UNK I 205 -71.77 -58.65 -3.44
N UNK I 206 -72.60 -57.95 -4.23
CA UNK I 206 -74.04 -57.99 -4.12
C UNK I 206 -74.67 -59.10 -4.95
N UNK I 207 -73.87 -59.91 -5.68
CA UNK I 207 -74.38 -61.03 -6.44
C UNK I 207 -73.78 -62.35 -6.00
N UNK I 208 -73.04 -62.37 -4.87
CA UNK I 208 -72.51 -63.61 -4.30
C UNK I 208 -73.62 -64.60 -3.92
N UNK I 209 -73.43 -65.91 -4.22
CA UNK I 209 -74.45 -66.93 -3.98
C UNK I 209 -75.42 -67.07 -5.11
N UNK I 210 -75.87 -65.92 -5.67
CA UNK I 210 -76.63 -65.87 -6.93
C UNK I 210 -75.77 -66.30 -8.10
N UNK I 211 -74.51 -65.83 -8.16
CA UNK I 211 -73.56 -66.27 -9.15
C UNK I 211 -72.69 -67.40 -8.62
N UNK I 212 -72.22 -68.26 -9.54
CA UNK I 212 -71.51 -69.48 -9.23
C UNK I 212 -70.15 -69.42 -9.89
N UNK I 213 -69.08 -69.59 -9.10
CA UNK I 213 -67.72 -69.34 -9.54
C UNK I 213 -66.91 -70.61 -9.41
N UNK I 214 -66.38 -71.11 -10.54
CA UNK I 214 -65.65 -72.37 -10.61
C UNK I 214 -64.30 -72.11 -11.20
N UNK I 215 -63.22 -72.51 -10.51
CA UNK I 215 -61.89 -72.48 -11.06
C UNK I 215 -61.57 -73.80 -11.71
N UNK I 216 -60.99 -73.75 -12.92
CA UNK I 216 -60.68 -74.91 -13.70
C UNK I 216 -59.17 -74.99 -13.76
N UNK I 217 -58.57 -76.01 -13.10
CA UNK I 217 -57.13 -76.11 -12.93
C UNK I 217 -56.62 -77.27 -13.75
N UNK I 218 -55.67 -77.00 -14.66
CA UNK I 218 -55.11 -78.00 -15.54
C UNK I 218 -53.63 -78.10 -15.24
N UNK I 219 -53.16 -79.29 -14.83
CA UNK I 219 -51.75 -79.58 -14.73
C UNK I 219 -51.38 -80.53 -15.84
N UNK I 220 -50.70 -80.03 -16.88
CA UNK I 220 -50.28 -80.86 -18.00
C UNK I 220 -49.26 -81.95 -17.66
N UNK I 221 -48.20 -81.77 -16.88
CA UNK I 221 -47.21 -82.82 -16.65
C UNK I 221 -47.70 -84.11 -16.02
N UNK I 222 -48.73 -84.09 -15.16
CA UNK I 222 -49.27 -85.31 -14.57
C UNK I 222 -50.61 -85.68 -15.15
N UNK I 223 -51.05 -84.92 -16.17
CA UNK I 223 -52.31 -85.04 -16.89
C UNK I 223 -53.56 -84.66 -16.11
N UNK I 224 -53.41 -84.24 -14.84
CA UNK I 224 -54.47 -83.89 -13.88
C UNK I 224 -55.31 -82.67 -14.24
N UNK I 225 -56.65 -82.79 -14.12
CA UNK I 225 -57.58 -81.68 -14.31
C UNK I 225 -58.37 -81.62 -13.02
N UNK I 226 -58.56 -80.42 -12.44
CA UNK I 226 -59.38 -80.24 -11.26
C UNK I 226 -60.31 -79.06 -11.46
N UNK I 227 -61.63 -79.30 -11.46
CA UNK I 227 -62.60 -78.23 -11.34
C UNK I 227 -62.99 -78.09 -9.89
N UNK I 228 -62.88 -76.86 -9.32
CA UNK I 228 -63.33 -76.62 -7.96
C UNK I 228 -64.17 -75.38 -7.91
N UNK I 229 -65.46 -75.54 -7.55
CA UNK I 229 -66.31 -74.42 -7.18
C UNK I 229 -65.92 -73.79 -5.84
N UNK I 230 -65.96 -72.44 -5.76
CA UNK I 230 -65.68 -71.71 -4.54
C UNK I 230 -66.92 -70.90 -4.18
N UNK I 231 -67.48 -71.12 -2.96
CA UNK I 231 -68.67 -70.43 -2.50
C UNK I 231 -68.36 -69.60 -1.27
N UNK I 232 -69.10 -68.54 -0.95
CA UNK I 232 -69.16 -68.06 0.42
C UNK I 232 -69.70 -69.08 1.42
N UNK I 233 -68.89 -69.48 2.40
CA UNK I 233 -69.37 -70.11 3.61
C UNK I 233 -70.26 -69.23 4.49
N UNK I 234 -70.93 -69.83 5.47
CA UNK I 234 -71.56 -69.13 6.57
C UNK I 234 -70.98 -69.74 7.83
N UNK I 235 -70.38 -68.91 8.71
CA UNK I 235 -69.79 -69.37 9.97
C UNK I 235 -70.67 -69.01 11.18
N UNK J 1 -7.51 -66.89 -17.66
CA UNK J 1 -8.84 -66.55 -17.05
C UNK J 1 -8.87 -65.21 -16.33
N UNK J 2 -10.02 -64.50 -16.37
CA UNK J 2 -10.22 -63.22 -15.72
C UNK J 2 -11.72 -63.02 -15.59
N UNK J 3 -12.17 -61.83 -15.14
CA UNK J 3 -13.58 -61.50 -15.04
C UNK J 3 -13.85 -60.15 -15.70
N UNK J 4 -15.13 -59.82 -15.94
CA UNK J 4 -15.59 -58.53 -16.37
C UNK J 4 -16.58 -58.07 -15.34
N UNK J 5 -16.55 -56.78 -14.96
CA UNK J 5 -17.43 -56.23 -13.94
C UNK J 5 -18.28 -55.17 -14.57
N UNK J 6 -19.62 -55.30 -14.43
CA UNK J 6 -20.60 -54.31 -14.86
C UNK J 6 -21.31 -53.81 -13.61
N UNK J 7 -21.88 -52.60 -13.56
CA UNK J 7 -22.75 -52.22 -12.46
C UNK J 7 -24.08 -53.00 -12.53
N UNK J 8 -24.66 -53.51 -11.44
CA UNK J 8 -25.81 -54.42 -11.51
C UNK J 8 -27.06 -53.77 -12.08
N UNK J 9 -27.24 -52.46 -11.85
CA UNK J 9 -28.36 -51.75 -12.41
C UNK J 9 -27.97 -50.32 -12.66
N UNK J 10 -28.64 -49.66 -13.60
CA UNK J 10 -28.48 -48.23 -13.86
C UNK J 10 -29.88 -47.69 -14.11
N UNK J 11 -30.11 -46.37 -13.94
CA UNK J 11 -31.47 -45.85 -13.96
C UNK J 11 -31.49 -44.45 -14.54
N UNK J 12 -32.52 -44.12 -15.34
CA UNK J 12 -32.58 -42.85 -16.03
C UNK J 12 -33.96 -42.54 -16.58
N UNK J 13 -34.26 -41.25 -16.85
CA UNK J 13 -35.55 -40.79 -17.33
C UNK J 13 -35.71 -40.85 -18.86
N UNK J 14 -36.92 -40.86 -19.44
CA UNK J 14 -37.11 -40.86 -20.89
C UNK J 14 -36.46 -39.67 -21.58
N UNK J 15 -35.80 -39.87 -22.73
CA UNK J 15 -35.19 -38.79 -23.49
C UNK J 15 -33.78 -38.48 -23.08
N UNK J 16 -33.33 -38.91 -21.88
CA UNK J 16 -31.98 -38.68 -21.43
C UNK J 16 -30.99 -39.69 -22.00
N UNK J 17 -29.71 -39.56 -21.62
CA UNK J 17 -28.63 -40.42 -22.07
C UNK J 17 -28.07 -41.18 -20.88
N UNK J 18 -27.62 -42.44 -21.09
CA UNK J 18 -26.95 -43.22 -20.05
C UNK J 18 -25.72 -43.91 -20.59
N UNK J 19 -24.83 -44.31 -19.68
CA UNK J 19 -23.59 -45.00 -19.97
C UNK J 19 -23.54 -46.26 -19.13
N UNK J 20 -23.29 -47.42 -19.74
CA UNK J 20 -23.16 -48.69 -19.04
C UNK J 20 -21.74 -49.15 -19.19
N UNK J 21 -20.97 -49.21 -18.08
CA UNK J 21 -19.57 -49.58 -18.12
C UNK J 21 -19.33 -51.08 -18.02
N UNK J 22 -18.24 -51.54 -18.66
CA UNK J 22 -17.73 -52.89 -18.56
C UNK J 22 -16.27 -52.76 -18.18
N UNK J 23 -15.87 -53.25 -17.00
CA UNK J 23 -14.51 -53.09 -16.51
C UNK J 23 -13.85 -54.45 -16.46
N UNK J 24 -12.72 -54.63 -17.16
CA UNK J 24 -12.01 -55.91 -17.22
C UNK J 24 -10.61 -55.78 -16.70
N UNK J 25 -9.66 -56.42 -17.39
CA UNK J 25 -8.28 -56.44 -16.94
C UNK J 25 -7.33 -56.47 -18.12
N UNK J 26 -6.02 -56.55 -17.79
CA UNK J 26 -4.92 -56.70 -18.73
C UNK J 26 -5.02 -57.96 -19.57
N UNK J 27 -5.67 -59.03 -19.05
CA UNK J 27 -5.71 -60.34 -19.68
C UNK J 27 -6.96 -60.62 -20.50
N UNK J 28 -7.83 -59.61 -20.70
CA UNK J 28 -8.95 -59.74 -21.62
C UNK J 28 -9.12 -58.50 -22.49
N UNK J 29 -9.57 -57.36 -21.91
CA UNK J 29 -9.83 -56.12 -22.63
C UNK J 29 -8.54 -55.48 -23.13
N UNK J 30 -7.37 -55.94 -22.62
CA UNK J 30 -6.02 -55.62 -23.06
C UNK J 30 -5.74 -55.62 -24.55
N UNK J 31 -6.27 -56.60 -25.32
CA UNK J 31 -6.08 -56.62 -26.77
C UNK J 31 -7.18 -55.83 -27.51
N UNK J 32 -8.08 -55.12 -26.78
CA UNK J 32 -9.01 -54.14 -27.33
C UNK J 32 -10.20 -54.69 -28.04
N UNK J 33 -10.93 -55.65 -27.44
CA UNK J 33 -12.16 -56.13 -28.05
C UNK J 33 -13.25 -56.42 -27.05
N UNK J 34 -14.50 -56.08 -27.41
CA UNK J 34 -15.68 -56.32 -26.64
C UNK J 34 -16.89 -56.25 -27.57
N UNK J 35 -18.02 -56.87 -27.21
CA UNK J 35 -19.31 -56.66 -27.88
C UNK J 35 -20.37 -56.51 -26.83
N UNK J 36 -21.54 -56.01 -27.23
CA UNK J 36 -22.65 -55.76 -26.34
C UNK J 36 -23.93 -56.44 -26.79
N UNK J 37 -24.72 -56.93 -25.83
CA UNK J 37 -26.03 -57.52 -26.05
C UNK J 37 -27.09 -56.75 -25.29
N UNK J 38 -28.33 -56.83 -25.79
CA UNK J 38 -29.52 -56.45 -25.07
C UNK J 38 -30.42 -57.65 -24.95
N UNK J 39 -30.95 -57.93 -23.75
CA UNK J 39 -31.77 -59.09 -23.51
C UNK J 39 -32.97 -58.75 -22.67
N UNK J 40 -34.12 -59.38 -22.99
CA UNK J 40 -35.25 -59.48 -22.09
C UNK J 40 -35.44 -60.98 -21.93
N UNK J 41 -35.61 -61.60 -20.76
CA UNK J 41 -35.55 -63.07 -20.66
C UNK J 41 -36.67 -63.84 -21.32
N UNK J 42 -37.70 -63.18 -21.85
CA UNK J 42 -38.75 -63.80 -22.65
C UNK J 42 -38.39 -63.89 -24.11
N UNK J 43 -37.17 -63.47 -24.46
CA UNK J 43 -36.71 -63.34 -25.82
C UNK J 43 -35.28 -63.81 -25.84
N UNK J 44 -34.75 -64.23 -27.00
CA UNK J 44 -33.32 -64.44 -27.14
C UNK J 44 -32.52 -63.14 -26.99
N UNK J 45 -31.28 -63.13 -26.47
CA UNK J 45 -30.37 -62.00 -26.60
C UNK J 45 -30.26 -61.40 -28.00
N UNK J 46 -30.19 -60.07 -28.11
CA UNK J 46 -30.08 -59.39 -29.37
C UNK J 46 -28.78 -58.65 -29.41
N UNK J 47 -27.99 -58.90 -30.47
CA UNK J 47 -26.73 -58.26 -30.76
C UNK J 47 -26.88 -56.75 -30.95
N UNK J 48 -25.95 -55.96 -30.39
CA UNK J 48 -26.10 -54.51 -30.32
C UNK J 48 -24.92 -53.76 -30.89
N UNK J 49 -23.69 -54.13 -30.47
CA UNK J 49 -22.46 -53.44 -30.84
C UNK J 49 -21.41 -54.54 -30.92
N UNK J 50 -20.48 -54.48 -31.90
CA UNK J 50 -19.42 -55.45 -32.06
C UNK J 50 -18.07 -54.82 -32.23
N UNK J 51 -17.01 -55.56 -31.81
CA UNK J 51 -15.62 -55.16 -31.89
C UNK J 51 -15.32 -53.73 -31.44
N UNK J 52 -15.85 -53.40 -30.25
CA UNK J 52 -15.82 -52.10 -29.59
C UNK J 52 -16.88 -51.14 -30.08
N UNK J 53 -16.83 -50.71 -31.36
CA UNK J 53 -17.57 -49.55 -31.84
C UNK J 53 -18.61 -49.86 -32.91
N UNK J 54 -18.51 -51.02 -33.57
CA UNK J 54 -19.29 -51.32 -34.75
C UNK J 54 -20.71 -51.72 -34.45
N UNK J 55 -21.62 -51.45 -35.39
CA UNK J 55 -23.04 -51.58 -35.15
C UNK J 55 -23.64 -52.32 -36.33
N UNK J 56 -24.32 -53.46 -36.18
CA UNK J 56 -25.02 -54.08 -37.30
C UNK J 56 -26.19 -53.25 -37.79
N UNK J 57 -26.56 -53.38 -39.07
CA UNK J 57 -27.76 -52.77 -39.61
C UNK J 57 -29.03 -53.28 -38.95
N UNK J 58 -30.00 -52.37 -38.68
CA UNK J 58 -31.17 -52.68 -37.87
C UNK J 58 -31.00 -52.36 -36.40
N UNK J 59 -29.80 -51.93 -35.99
CA UNK J 59 -29.56 -51.39 -34.65
C UNK J 59 -29.56 -49.87 -34.74
N UNK J 60 -30.44 -49.12 -34.05
CA UNK J 60 -30.62 -47.69 -34.29
C UNK J 60 -29.45 -46.82 -33.88
N UNK J 61 -29.54 -45.53 -34.25
CA UNK J 61 -28.58 -44.47 -34.07
C UNK J 61 -28.10 -44.28 -32.63
N UNK J 62 -29.03 -44.54 -31.71
CA UNK J 62 -28.98 -44.26 -30.30
C UNK J 62 -28.00 -45.08 -29.47
N UNK J 63 -27.54 -46.24 -29.99
CA UNK J 63 -26.67 -47.14 -29.26
C UNK J 63 -25.24 -46.99 -29.76
N UNK J 64 -24.27 -46.70 -28.89
CA UNK J 64 -22.89 -46.56 -29.33
C UNK J 64 -21.94 -47.15 -28.31
N UNK J 65 -20.77 -47.64 -28.76
CA UNK J 65 -19.78 -48.21 -27.87
C UNK J 65 -18.52 -47.43 -27.94
N UNK J 66 -17.75 -47.43 -26.85
CA UNK J 66 -16.40 -46.90 -26.87
C UNK J 66 -15.57 -47.66 -25.87
N UNK J 67 -14.24 -47.57 -25.99
CA UNK J 67 -13.37 -48.45 -25.24
C UNK J 67 -12.07 -47.70 -24.94
N UNK J 68 -11.55 -47.82 -23.70
CA UNK J 68 -10.26 -47.23 -23.34
C UNK J 68 -9.56 -48.06 -22.28
N UNK J 69 -8.22 -48.25 -22.39
CA UNK J 69 -7.42 -49.07 -21.48
C UNK J 69 -7.93 -50.47 -21.22
N UNK J 70 -8.34 -50.77 -19.97
CA UNK J 70 -8.87 -52.06 -19.56
C UNK J 70 -10.38 -52.01 -19.41
N UNK J 71 -11.03 -50.96 -19.91
CA UNK J 71 -12.47 -50.76 -19.76
C UNK J 71 -13.15 -50.54 -21.09
N UNK J 72 -14.46 -50.81 -21.13
CA UNK J 72 -15.32 -50.53 -22.25
C UNK J 72 -16.61 -49.93 -21.74
N UNK J 73 -17.39 -49.28 -22.62
CA UNK J 73 -18.63 -48.63 -22.21
C UNK J 73 -19.61 -48.62 -23.35
N UNK J 74 -20.92 -48.68 -23.02
CA UNK J 74 -22.01 -48.62 -23.96
C UNK J 74 -22.83 -47.39 -23.64
N UNK J 75 -23.00 -46.48 -24.61
CA UNK J 75 -23.85 -45.30 -24.46
C UNK J 75 -25.18 -45.55 -25.09
N UNK J 76 -26.26 -45.09 -24.42
CA UNK J 76 -27.60 -45.15 -24.97
C UNK J 76 -28.18 -43.76 -24.92
N UNK J 77 -28.65 -43.22 -26.05
CA UNK J 77 -29.23 -41.88 -26.11
C UNK J 77 -30.73 -41.92 -26.39
N UNK J 78 -31.45 -40.85 -25.95
CA UNK J 78 -32.88 -40.70 -26.17
C UNK J 78 -33.69 -41.85 -25.64
N UNK J 79 -33.57 -42.14 -24.33
CA UNK J 79 -34.17 -43.30 -23.69
C UNK J 79 -35.67 -43.44 -23.88
N UNK J 80 -36.11 -44.68 -24.12
CA UNK J 80 -37.48 -45.06 -24.36
C UNK J 80 -37.85 -46.18 -23.44
N UNK J 81 -39.16 -46.41 -23.27
CA UNK J 81 -39.74 -47.52 -22.50
C UNK J 81 -39.25 -48.87 -22.96
N UNK J 82 -39.06 -49.05 -24.29
CA UNK J 82 -38.65 -50.32 -24.86
C UNK J 82 -37.19 -50.65 -24.71
N UNK J 83 -36.38 -49.72 -24.13
CA UNK J 83 -35.00 -50.00 -23.80
C UNK J 83 -34.88 -50.73 -22.46
N UNK J 84 -35.94 -50.77 -21.63
CA UNK J 84 -35.94 -51.41 -20.32
C UNK J 84 -35.64 -52.91 -20.39
N UNK J 85 -34.39 -53.29 -20.06
CA UNK J 85 -33.85 -54.58 -20.40
C UNK J 85 -32.55 -54.84 -19.67
N UNK J 86 -32.06 -56.09 -19.74
CA UNK J 86 -30.78 -56.49 -19.20
C UNK J 86 -29.72 -56.36 -20.29
N UNK J 87 -28.55 -55.77 -19.97
CA UNK J 87 -27.51 -55.49 -20.94
C UNK J 87 -26.25 -56.23 -20.54
N UNK J 88 -25.55 -56.85 -21.51
CA UNK J 88 -24.38 -57.66 -21.22
C UNK J 88 -23.22 -57.23 -22.09
N UNK J 89 -22.02 -57.06 -21.51
CA UNK J 89 -20.79 -57.02 -22.26
C UNK J 89 -20.16 -58.39 -22.33
N UNK J 90 -19.42 -58.67 -23.42
CA UNK J 90 -18.69 -59.90 -23.54
C UNK J 90 -17.37 -59.71 -24.19
N UNK J 91 -16.38 -60.53 -23.81
CA UNK J 91 -15.05 -60.55 -24.41
C UNK J 91 -14.50 -61.97 -24.37
N UNK J 92 -13.19 -62.14 -24.52
CA UNK J 92 -12.47 -63.40 -24.57
C UNK J 92 -11.25 -63.33 -23.68
N UNK J 93 -10.64 -64.48 -23.35
CA UNK J 93 -9.27 -64.49 -22.86
C UNK J 93 -8.47 -65.52 -23.63
N UNK J 94 -7.17 -65.66 -23.33
CA UNK J 94 -6.23 -66.38 -24.18
C UNK J 94 -6.37 -67.89 -24.17
N UNK J 95 -7.48 -68.43 -23.65
CA UNK J 95 -7.85 -69.84 -23.79
C UNK J 95 -8.82 -70.04 -24.94
N UNK J 96 -9.33 -68.94 -25.51
CA UNK J 96 -10.41 -68.89 -26.50
C UNK J 96 -11.74 -69.36 -25.91
N UNK J 97 -11.84 -69.28 -24.57
CA UNK J 97 -13.07 -69.24 -23.83
C UNK J 97 -13.67 -67.86 -23.97
N UNK J 98 -15.00 -67.80 -23.96
CA UNK J 98 -15.71 -66.55 -24.13
C UNK J 98 -16.25 -66.18 -22.79
N UNK J 99 -16.06 -64.92 -22.39
CA UNK J 99 -16.43 -64.48 -21.07
C UNK J 99 -17.46 -63.37 -21.16
N UNK J 100 -18.58 -63.54 -20.44
CA UNK J 100 -19.71 -62.64 -20.43
C UNK J 100 -20.09 -62.51 -18.97
N UNK J 101 -20.48 -61.30 -18.52
CA UNK J 101 -20.82 -61.08 -17.12
C UNK J 101 -22.10 -61.78 -16.64
N UNK J 102 -22.00 -62.56 -15.54
CA UNK J 102 -23.08 -63.39 -15.00
C UNK J 102 -24.15 -62.67 -14.22
N UNK J 103 -24.05 -61.36 -14.04
CA UNK J 103 -25.11 -60.53 -13.47
C UNK J 103 -25.85 -59.72 -14.49
N UNK J 104 -25.14 -59.25 -15.53
CA UNK J 104 -25.63 -58.17 -16.41
C UNK J 104 -25.73 -56.79 -15.78
N UNK J 105 -26.18 -55.81 -16.58
CA UNK J 105 -26.61 -54.49 -16.09
C UNK J 105 -28.06 -54.39 -16.40
N UNK J 106 -28.95 -54.31 -15.40
CA UNK J 106 -30.34 -54.03 -15.68
C UNK J 106 -30.60 -52.54 -15.79
N UNK J 107 -31.15 -52.08 -16.92
CA UNK J 107 -31.52 -50.69 -17.10
C UNK J 107 -32.98 -50.51 -16.71
N UNK J 108 -33.25 -49.59 -15.77
CA UNK J 108 -34.61 -49.18 -15.41
C UNK J 108 -34.88 -47.84 -16.04
N UNK J 109 -36.05 -47.67 -16.67
CA UNK J 109 -36.45 -46.38 -17.20
C UNK J 109 -37.36 -45.75 -16.15
N UNK J 110 -37.13 -44.49 -15.76
CA UNK J 110 -37.98 -43.77 -14.81
C UNK J 110 -39.12 -43.10 -15.53
N UNK J 111 -40.15 -42.65 -14.78
CA UNK J 111 -41.22 -41.83 -15.31
C UNK J 111 -42.56 -42.37 -14.94
N UNK J 112 -42.60 -43.53 -14.27
CA UNK J 112 -43.83 -44.14 -13.84
C UNK J 112 -44.17 -43.67 -12.43
N UNK J 113 -45.40 -43.34 -12.09
CA UNK J 113 -45.75 -42.92 -10.74
C UNK J 113 -45.71 -44.07 -9.75
N UNK J 114 -45.34 -43.77 -8.49
CA UNK J 114 -45.40 -44.69 -7.37
C UNK J 114 -46.83 -45.18 -7.11
N UNK J 115 -46.99 -46.51 -6.93
CA UNK J 115 -48.28 -47.12 -6.75
C UNK J 115 -48.24 -47.96 -5.49
N UNK J 116 -49.18 -47.70 -4.56
CA UNK J 116 -49.35 -48.46 -3.34
C UNK J 116 -49.87 -49.89 -3.58
N UNK J 117 -49.45 -50.93 -2.85
CA UNK J 117 -49.96 -52.27 -3.08
C UNK J 117 -51.37 -52.51 -2.56
N UNK J 118 -52.19 -53.25 -3.33
CA UNK J 118 -53.41 -53.86 -2.83
C UNK J 118 -53.06 -55.17 -2.14
N UNK J 119 -53.50 -55.37 -0.88
CA UNK J 119 -53.16 -56.53 -0.09
C UNK J 119 -54.40 -57.30 0.33
N UNK J 120 -54.42 -58.60 -0.01
CA UNK J 120 -55.51 -59.54 0.29
C UNK J 120 -54.93 -60.69 1.07
N UNK J 121 -55.54 -61.06 2.22
CA UNK J 121 -55.07 -62.15 3.06
C UNK J 121 -56.18 -63.18 3.21
N UNK J 122 -55.89 -64.47 2.99
CA UNK J 122 -56.85 -65.56 3.15
C UNK J 122 -56.43 -66.46 4.31
N UNK J 123 -57.34 -66.85 5.21
CA UNK J 123 -57.08 -67.91 6.17
C UNK J 123 -57.11 -69.30 5.50
N UNK J 124 -56.70 -70.39 6.15
CA UNK J 124 -56.97 -71.76 5.69
C UNK J 124 -58.41 -72.07 5.32
N UNK J 125 -58.65 -73.01 4.40
CA UNK J 125 -59.99 -73.49 4.09
C UNK J 125 -60.39 -74.67 4.97
N UNK J 126 -61.70 -74.95 5.10
CA UNK J 126 -62.22 -76.10 5.82
C UNK J 126 -61.71 -77.42 5.29
N UNK J 127 -61.60 -77.53 3.95
CA UNK J 127 -61.00 -78.67 3.27
C UNK J 127 -59.55 -78.90 3.63
N UNK J 128 -58.70 -77.86 3.64
CA UNK J 128 -57.30 -78.00 4.04
C UNK J 128 -57.13 -78.38 5.51
N UNK J 129 -57.92 -77.76 6.41
CA UNK J 129 -57.96 -78.10 7.82
C UNK J 129 -58.38 -79.54 8.09
N UNK J 130 -59.37 -80.08 7.36
CA UNK J 130 -59.76 -81.47 7.50
C UNK J 130 -58.76 -82.44 6.86
N UNK J 131 -57.86 -81.95 5.98
CA UNK J 131 -56.72 -82.68 5.47
C UNK J 131 -55.48 -82.48 6.35
N UNK J 132 -55.71 -81.91 7.55
CA UNK J 132 -54.82 -81.76 8.69
C UNK J 132 -53.66 -80.81 8.42
N UNK J 133 -53.89 -79.74 7.62
CA UNK J 133 -52.87 -78.77 7.30
C UNK J 133 -53.49 -77.39 7.29
N UNK J 134 -52.67 -76.33 7.32
CA UNK J 134 -53.18 -74.98 7.26
C UNK J 134 -52.23 -74.06 6.51
N UNK J 135 -52.67 -73.48 5.37
CA UNK J 135 -51.89 -72.51 4.59
C UNK J 135 -52.55 -71.17 4.62
N UNK J 136 -51.87 -70.13 5.17
CA UNK J 136 -52.34 -68.77 5.01
C UNK J 136 -51.74 -68.17 3.75
N UNK J 137 -52.55 -67.40 3.00
CA UNK J 137 -52.15 -66.89 1.70
C UNK J 137 -52.24 -65.37 1.70
N UNK J 138 -51.10 -64.67 1.54
CA UNK J 138 -51.05 -63.22 1.48
C UNK J 138 -50.64 -62.80 0.08
N UNK J 139 -51.49 -62.02 -0.60
CA UNK J 139 -51.32 -61.66 -2.00
C UNK J 139 -51.24 -60.16 -2.14
N UNK J 140 -50.21 -59.70 -2.85
CA UNK J 140 -49.83 -58.29 -2.91
C UNK J 140 -49.72 -57.90 -4.37
N UNK J 141 -50.50 -56.92 -4.87
CA UNK J 141 -50.48 -56.59 -6.30
C UNK J 141 -50.61 -55.12 -6.59
N UNK J 142 -50.24 -54.74 -7.83
CA UNK J 142 -50.34 -53.42 -8.41
C UNK J 142 -49.47 -52.35 -7.76
N UNK J 143 -48.24 -52.72 -7.34
CA UNK J 143 -47.32 -51.77 -6.74
C UNK J 143 -46.16 -51.39 -7.65
N UNK J 144 -45.63 -50.17 -7.47
CA UNK J 144 -44.46 -49.70 -8.18
C UNK J 144 -43.76 -48.70 -7.26
N UNK J 145 -42.44 -48.57 -7.18
CA UNK J 145 -41.40 -49.52 -7.60
C UNK J 145 -41.57 -50.95 -7.07
N UNK J 146 -40.84 -51.92 -7.66
CA UNK J 146 -40.96 -53.34 -7.33
C UNK J 146 -40.11 -53.80 -6.19
N UNK J 147 -40.14 -53.08 -5.07
CA UNK J 147 -39.42 -53.44 -3.87
C UNK J 147 -40.40 -53.44 -2.72
N UNK J 148 -40.51 -54.54 -1.96
CA UNK J 148 -41.50 -54.66 -0.91
C UNK J 148 -40.97 -55.55 0.20
N UNK J 149 -41.35 -55.27 1.46
CA UNK J 149 -40.97 -56.07 2.61
C UNK J 149 -42.23 -56.69 3.15
N UNK J 150 -42.24 -58.00 3.44
CA UNK J 150 -43.40 -58.70 3.97
C UNK J 150 -43.02 -59.31 5.31
N UNK J 151 -43.91 -59.17 6.32
CA UNK J 151 -43.69 -59.72 7.63
C UNK J 151 -44.97 -60.37 8.14
N UNK J 152 -44.82 -61.48 8.90
CA UNK J 152 -45.93 -62.22 9.44
C UNK J 152 -45.90 -62.17 10.95
N UNK J 153 -47.08 -62.12 11.59
CA UNK J 153 -47.19 -62.16 13.03
C UNK J 153 -48.27 -63.13 13.44
N UNK J 154 -48.12 -63.72 14.64
CA UNK J 154 -49.09 -64.56 15.30
C UNK J 154 -49.38 -63.85 16.61
N UNK J 155 -50.65 -63.40 16.81
CA UNK J 155 -50.99 -62.33 17.74
C UNK J 155 -50.02 -61.14 17.59
N UNK J 156 -49.23 -60.83 18.63
CA UNK J 156 -48.25 -59.75 18.57
C UNK J 156 -46.84 -60.22 18.24
N UNK J 157 -46.58 -61.52 18.07
CA UNK J 157 -45.22 -62.06 17.94
C UNK J 157 -44.79 -62.24 16.50
N UNK J 158 -43.69 -61.69 15.99
CA UNK J 158 -43.12 -62.05 14.68
C UNK J 158 -42.93 -63.55 14.46
N UNK J 159 -43.45 -64.11 13.36
CA UNK J 159 -43.19 -65.48 12.95
C UNK J 159 -42.20 -65.49 11.79
N UNK J 160 -41.25 -66.46 11.80
CA UNK J 160 -40.18 -66.53 10.81
C UNK J 160 -40.08 -67.89 10.15
N UNK J 161 -40.53 -68.97 10.80
CA UNK J 161 -40.49 -70.31 10.22
C UNK J 161 -41.78 -70.60 9.47
N UNK J 162 -41.69 -71.39 8.37
CA UNK J 162 -42.87 -71.77 7.58
C UNK J 162 -43.32 -70.74 6.57
N UNK J 163 -42.55 -69.64 6.41
CA UNK J 163 -42.84 -68.58 5.47
C UNK J 163 -42.12 -68.80 4.15
N UNK J 164 -42.86 -68.83 3.02
CA UNK J 164 -42.30 -68.90 1.68
C UNK J 164 -42.80 -67.67 0.92
N UNK J 165 -41.90 -66.78 0.45
CA UNK J 165 -42.27 -65.49 -0.15
C UNK J 165 -41.66 -65.37 -1.54
N UNK J 166 -42.45 -64.99 -2.57
CA UNK J 166 -41.91 -64.76 -3.91
C UNK J 166 -41.12 -63.48 -4.04
N UNK J 167 -40.11 -63.44 -4.94
CA UNK J 167 -39.60 -62.17 -5.43
C UNK J 167 -40.65 -61.47 -6.29
N UNK J 168 -40.78 -60.16 -6.32
CA UNK J 168 -41.84 -59.54 -7.11
C UNK J 168 -41.53 -59.55 -8.59
N UNK J 169 -42.54 -59.85 -9.44
CA UNK J 169 -42.38 -59.87 -10.88
C UNK J 169 -43.30 -58.84 -11.52
N UNK J 170 -42.89 -58.32 -12.70
CA UNK J 170 -43.61 -57.26 -13.37
C UNK J 170 -44.78 -57.82 -14.18
N UNK J 171 -46.01 -57.34 -13.90
CA UNK J 171 -47.24 -57.68 -14.60
C UNK J 171 -47.28 -56.99 -15.96
N UNK J 172 -48.26 -57.34 -16.82
CA UNK J 172 -48.40 -56.74 -18.16
C UNK J 172 -48.80 -55.28 -18.15
N UNK J 173 -49.29 -54.75 -17.00
CA UNK J 173 -49.65 -53.36 -16.85
C UNK J 173 -48.50 -52.51 -16.29
N UNK J 174 -47.30 -53.11 -16.15
CA UNK J 174 -46.05 -52.51 -15.72
C UNK J 174 -45.92 -52.32 -14.21
N UNK J 175 -46.84 -52.89 -13.43
CA UNK J 175 -46.78 -52.89 -11.98
C UNK J 175 -46.39 -54.26 -11.48
N UNK J 176 -46.06 -54.40 -10.20
CA UNK J 176 -45.53 -55.65 -9.67
C UNK J 176 -46.55 -56.44 -8.87
N UNK J 177 -46.35 -57.77 -8.83
CA UNK J 177 -47.10 -58.69 -7.99
C UNK J 177 -46.15 -59.50 -7.11
N UNK J 178 -46.60 -59.87 -5.91
CA UNK J 178 -45.85 -60.76 -5.03
C UNK J 178 -46.79 -61.54 -4.16
N UNK J 179 -46.33 -62.70 -3.67
CA UNK J 179 -47.14 -63.60 -2.87
C UNK J 179 -46.34 -64.04 -1.67
N UNK J 180 -46.98 -64.23 -0.51
CA UNK J 180 -46.32 -64.84 0.65
C UNK J 180 -47.25 -65.84 1.27
N UNK J 181 -46.70 -67.00 1.61
CA UNK J 181 -47.43 -68.12 2.14
C UNK J 181 -46.89 -68.48 3.49
N UNK J 182 -47.79 -68.73 4.47
CA UNK J 182 -47.40 -69.19 5.79
C UNK J 182 -48.04 -70.55 6.04
N UNK J 183 -47.20 -71.59 6.18
CA UNK J 183 -47.63 -72.96 6.46
C UNK J 183 -47.65 -73.21 7.95
N UNK J 184 -48.79 -73.64 8.50
CA UNK J 184 -49.00 -73.89 9.92
C UNK J 184 -49.55 -75.29 10.13
N UNK J 185 -49.49 -75.78 11.39
CA UNK J 185 -50.34 -76.89 11.83
C UNK J 185 -51.76 -76.40 12.10
N UNK J 186 -52.83 -77.20 12.05
CA UNK J 186 -54.17 -76.76 12.47
C UNK J 186 -54.21 -76.30 13.91
N UNK J 187 -53.47 -76.97 14.81
CA UNK J 187 -53.38 -76.66 16.23
C UNK J 187 -52.80 -75.27 16.46
N UNK J 188 -51.73 -74.89 15.73
CA UNK J 188 -51.18 -73.54 15.72
C UNK J 188 -52.13 -72.50 15.17
N UNK J 189 -52.95 -72.85 14.17
CA UNK J 189 -54.01 -71.98 13.69
C UNK J 189 -55.03 -71.69 14.80
N UNK J 190 -55.52 -72.68 15.59
CA UNK J 190 -56.59 -72.43 16.55
C UNK J 190 -56.11 -72.03 17.94
N UNK J 191 -54.79 -71.90 18.15
CA UNK J 191 -54.20 -71.56 19.44
C UNK J 191 -54.01 -70.06 19.64
N UNK J 192 -53.88 -69.28 18.56
CA UNK J 192 -53.66 -67.85 18.66
C UNK J 192 -54.94 -67.14 18.29
N UNK J 193 -55.13 -65.89 18.77
CA UNK J 193 -56.31 -65.12 18.47
C UNK J 193 -56.34 -64.65 17.04
N UNK J 194 -55.19 -64.18 16.50
CA UNK J 194 -55.14 -63.73 15.13
C UNK J 194 -53.79 -63.95 14.47
N UNK J 195 -53.78 -63.90 13.12
CA UNK J 195 -52.58 -63.92 12.32
C UNK J 195 -52.62 -62.72 11.41
N UNK J 196 -51.51 -61.97 11.32
CA UNK J 196 -51.42 -60.77 10.49
C UNK J 196 -50.38 -60.93 9.42
N UNK J 197 -50.68 -60.40 8.23
CA UNK J 197 -49.71 -60.19 7.17
C UNK J 197 -49.50 -58.69 7.09
N UNK J 198 -48.24 -58.25 7.24
CA UNK J 198 -47.88 -56.84 7.22
C UNK J 198 -46.96 -56.60 6.05
N UNK J 199 -47.24 -55.60 5.20
CA UNK J 199 -46.37 -55.29 4.07
C UNK J 199 -45.95 -53.84 4.10
N UNK J 200 -44.66 -53.60 3.79
CA UNK J 200 -44.07 -52.27 3.80
C UNK J 200 -43.59 -51.94 2.42
N UNK J 201 -44.06 -50.82 1.85
CA UNK J 201 -43.68 -50.35 0.53
C UNK J 201 -43.47 -48.85 0.63
N UNK J 202 -42.27 -48.33 0.31
CA UNK J 202 -42.05 -46.90 0.10
C UNK J 202 -42.46 -45.93 1.21
N UNK J 203 -42.30 -46.33 2.48
CA UNK J 203 -42.75 -45.56 3.65
C UNK J 203 -44.21 -45.76 4.00
N UNK J 204 -44.93 -46.59 3.25
CA UNK J 204 -46.31 -46.98 3.54
C UNK J 204 -46.33 -48.38 4.11
N UNK J 205 -47.05 -48.58 5.22
CA UNK J 205 -47.20 -49.89 5.85
C UNK J 205 -48.68 -50.20 5.92
N UNK J 206 -49.10 -51.37 5.40
CA UNK J 206 -50.48 -51.81 5.53
C UNK J 206 -50.48 -53.21 6.12
N UNK J 207 -51.41 -53.46 7.06
CA UNK J 207 -51.53 -54.74 7.74
C UNK J 207 -52.90 -55.31 7.48
N UNK J 208 -53.00 -56.63 7.21
CA UNK J 208 -54.26 -57.32 7.07
C UNK J 208 -54.29 -58.46 8.05
N UNK J 209 -55.43 -58.69 8.72
CA UNK J 209 -55.52 -59.63 9.84
C UNK J 209 -56.58 -60.69 9.59
N UNK J 210 -56.33 -61.94 10.04
CA UNK J 210 -57.34 -63.01 10.04
C UNK J 210 -57.33 -63.68 11.40
N UNK J 211 -58.43 -64.36 11.75
CA UNK J 211 -58.58 -65.05 13.01
C UNK J 211 -59.31 -66.36 12.75
N UNK J 212 -59.06 -67.47 13.44
CA UNK J 212 -59.93 -68.65 13.42
C UNK J 212 -61.32 -68.34 13.92
N UNK J 213 -62.37 -68.56 13.09
CA UNK J 213 -63.80 -68.45 13.43
C UNK J 213 -64.20 -67.57 14.59
N UNK J 214 -64.00 -66.25 14.43
CA UNK J 214 -64.28 -65.21 15.41
C UNK J 214 -65.72 -64.71 15.25
N UNK J 215 -66.43 -65.32 14.28
CA UNK J 215 -67.83 -65.18 13.89
C UNK J 215 -68.79 -64.77 15.01
N UNK J 216 -69.57 -63.70 14.78
CA UNK J 216 -70.46 -63.05 15.72
C UNK J 216 -71.14 -61.89 14.95
N UNK K 1 -50.09 -36.63 -28.14
CA UNK K 1 -51.02 -35.51 -27.79
C UNK K 1 -50.60 -34.86 -26.50
N UNK K 2 -50.37 -33.53 -26.48
CA UNK K 2 -50.09 -32.78 -25.27
C UNK K 2 -51.32 -32.65 -24.39
N UNK K 3 -51.20 -32.88 -23.08
CA UNK K 3 -52.32 -32.84 -22.18
C UNK K 3 -51.89 -32.46 -20.78
N UNK K 4 -52.77 -31.78 -20.02
CA UNK K 4 -52.66 -31.55 -18.59
C UNK K 4 -53.98 -31.98 -17.99
N UNK K 5 -53.96 -32.78 -16.90
CA UNK K 5 -55.19 -33.18 -16.21
C UNK K 5 -55.08 -32.90 -14.73
N UNK K 6 -55.94 -32.02 -14.19
CA UNK K 6 -56.09 -31.76 -12.78
C UNK K 6 -56.93 -32.81 -12.04
N UNK K 7 -56.56 -33.11 -10.78
CA UNK K 7 -57.27 -34.05 -9.94
C UNK K 7 -57.27 -33.57 -8.50
N UNK K 8 -58.16 -34.15 -7.66
CA UNK K 8 -58.17 -33.94 -6.21
C UNK K 8 -59.09 -32.87 -5.68
N UNK K 9 -59.88 -32.20 -6.55
CA UNK K 9 -60.96 -31.30 -6.11
C UNK K 9 -62.08 -31.99 -5.36
N UNK K 10 -62.99 -31.19 -4.76
CA UNK K 10 -64.08 -31.75 -3.96
C UNK K 10 -64.67 -30.74 -3.02
N UNK K 11 -65.48 -31.23 -2.06
CA UNK K 11 -66.18 -30.41 -1.09
C UNK K 11 -65.46 -30.50 0.24
N UNK K 12 -65.10 -29.34 0.84
CA UNK K 12 -64.26 -29.29 2.01
C UNK K 12 -64.90 -28.41 3.06
N UNK K 13 -64.63 -28.67 4.37
CA UNK K 13 -65.05 -27.78 5.44
C UNK K 13 -64.01 -26.67 5.63
N UNK K 14 -64.33 -25.44 6.04
CA UNK K 14 -63.36 -24.43 6.42
C UNK K 14 -62.24 -24.89 7.34
N UNK K 15 -61.01 -24.40 7.12
CA UNK K 15 -59.85 -24.65 7.97
C UNK K 15 -59.19 -25.99 7.73
N UNK K 16 -59.73 -26.80 6.82
CA UNK K 16 -59.15 -28.09 6.49
C UNK K 16 -58.17 -27.99 5.34
N UNK K 17 -57.59 -29.15 4.95
CA UNK K 17 -56.53 -29.24 3.98
C UNK K 17 -56.99 -30.08 2.82
N UNK K 18 -56.51 -29.77 1.62
CA UNK K 18 -56.80 -30.56 0.44
C UNK K 18 -55.56 -30.52 -0.42
N UNK K 19 -55.27 -31.56 -1.23
CA UNK K 19 -54.11 -31.53 -2.09
C UNK K 19 -54.50 -31.86 -3.51
N UNK K 20 -54.42 -30.85 -4.39
CA UNK K 20 -54.68 -31.02 -5.81
C UNK K 20 -53.46 -31.58 -6.48
N UNK K 21 -53.64 -32.29 -7.60
CA UNK K 21 -52.54 -32.71 -8.44
C UNK K 21 -52.83 -32.32 -9.86
N UNK K 22 -51.78 -32.18 -10.66
CA UNK K 22 -51.89 -31.96 -12.08
C UNK K 22 -50.87 -32.88 -12.71
N UNK K 23 -51.32 -33.72 -13.66
CA UNK K 23 -50.48 -34.67 -14.33
C UNK K 23 -50.33 -34.26 -15.79
N UNK K 24 -49.09 -34.36 -16.30
CA UNK K 24 -48.76 -34.00 -17.66
C UNK K 24 -48.55 -35.22 -18.53
N UNK K 25 -48.88 -35.13 -19.83
CA UNK K 25 -48.53 -36.20 -20.75
C UNK K 25 -48.34 -35.66 -22.15
N UNK K 26 -47.57 -36.39 -22.98
CA UNK K 26 -47.33 -36.03 -24.37
C UNK K 26 -46.28 -34.98 -24.62
N UNK K 27 -45.53 -34.60 -23.59
CA UNK K 27 -44.41 -33.70 -23.73
C UNK K 27 -43.47 -33.97 -22.57
N UNK K 28 -42.23 -33.45 -22.63
CA UNK K 28 -41.27 -33.60 -21.54
C UNK K 28 -41.56 -32.66 -20.39
N UNK K 29 -42.28 -33.11 -19.35
CA UNK K 29 -42.70 -32.28 -18.21
C UNK K 29 -41.57 -31.56 -17.50
N UNK K 30 -40.43 -32.25 -17.29
CA UNK K 30 -39.27 -31.71 -16.60
C UNK K 30 -38.68 -30.48 -17.25
N UNK K 31 -38.81 -30.31 -18.58
CA UNK K 31 -38.24 -29.14 -19.22
C UNK K 31 -39.06 -27.91 -18.98
N UNK K 32 -40.37 -28.01 -18.68
CA UNK K 32 -41.31 -26.88 -18.56
C UNK K 32 -41.66 -26.43 -17.14
N UNK K 33 -41.81 -25.11 -16.94
CA UNK K 33 -42.48 -24.51 -15.79
C UNK K 33 -44.01 -24.61 -15.91
N UNK K 34 -44.72 -24.57 -14.77
CA UNK K 34 -46.17 -24.69 -14.74
C UNK K 34 -46.71 -23.77 -13.67
N UNK K 35 -47.93 -23.24 -13.90
CA UNK K 35 -48.61 -22.31 -13.02
C UNK K 35 -49.95 -22.88 -12.64
N UNK K 36 -50.54 -22.32 -11.56
CA UNK K 36 -51.91 -22.57 -11.19
C UNK K 36 -52.68 -21.27 -11.20
N UNK K 37 -53.89 -21.34 -11.76
CA UNK K 37 -54.80 -20.21 -11.96
C UNK K 37 -56.13 -20.66 -11.41
N UNK K 38 -56.92 -19.77 -10.80
CA UNK K 38 -58.24 -20.14 -10.34
C UNK K 38 -59.29 -19.15 -10.78
N UNK K 39 -60.56 -19.58 -10.79
CA UNK K 39 -61.69 -18.72 -11.04
C UNK K 39 -62.77 -18.97 -10.00
N UNK K 40 -63.08 -17.95 -9.17
CA UNK K 40 -64.16 -18.02 -8.20
C UNK K 40 -65.51 -17.79 -8.88
N UNK K 41 -66.65 -18.37 -8.45
CA UNK K 41 -67.94 -18.15 -9.09
C UNK K 41 -68.33 -16.68 -9.23
N UNK K 42 -68.62 -16.22 -10.46
CA UNK K 42 -69.01 -14.83 -10.72
C UNK K 42 -67.86 -13.86 -10.73
N UNK K 43 -66.61 -14.35 -10.72
CA UNK K 43 -65.42 -13.55 -10.88
C UNK K 43 -64.60 -14.14 -12.01
N UNK K 44 -63.62 -13.39 -12.52
CA UNK K 44 -62.69 -13.82 -13.54
C UNK K 44 -61.54 -14.64 -13.02
N UNK K 45 -60.53 -14.85 -13.88
CA UNK K 45 -59.30 -15.54 -13.54
C UNK K 45 -58.37 -14.81 -12.56
N UNK K 46 -57.92 -15.50 -11.50
CA UNK K 46 -56.95 -15.02 -10.54
C UNK K 46 -55.73 -15.93 -10.61
N UNK K 47 -54.52 -15.37 -10.74
CA UNK K 47 -53.29 -16.14 -10.62
C UNK K 47 -53.06 -16.63 -9.19
N UNK K 48 -52.58 -17.87 -9.00
CA UNK K 48 -52.37 -18.40 -7.66
C UNK K 48 -50.90 -18.67 -7.39
N UNK K 49 -50.19 -19.41 -8.27
CA UNK K 49 -48.81 -19.77 -8.00
C UNK K 49 -48.08 -20.26 -9.25
N UNK K 50 -46.75 -20.34 -9.17
CA UNK K 50 -45.90 -20.86 -10.23
C UNK K 50 -44.74 -21.62 -9.62
N UNK K 51 -44.26 -22.67 -10.31
CA UNK K 51 -43.02 -23.36 -9.98
C UNK K 51 -42.16 -23.45 -11.24
N UNK K 52 -40.83 -23.23 -11.11
CA UNK K 52 -39.86 -23.37 -12.19
C UNK K 52 -39.73 -24.78 -12.71
N UNK K 53 -39.01 -24.98 -13.84
CA UNK K 53 -38.88 -26.26 -14.53
C UNK K 53 -38.28 -27.37 -13.67
N UNK K 54 -37.20 -27.04 -12.96
CA UNK K 54 -36.41 -27.85 -12.07
C UNK K 54 -36.96 -27.93 -10.65
N UNK K 55 -37.89 -27.01 -10.31
CA UNK K 55 -38.47 -26.89 -8.98
C UNK K 55 -37.67 -26.06 -8.01
N UNK K 56 -36.56 -25.43 -8.45
CA UNK K 56 -35.75 -24.56 -7.61
C UNK K 56 -36.45 -23.30 -7.12
N UNK K 57 -37.25 -22.66 -7.98
CA UNK K 57 -37.88 -21.38 -7.71
C UNK K 57 -39.38 -21.55 -7.78
N UNK K 58 -40.11 -20.77 -6.96
CA UNK K 58 -41.54 -20.77 -6.98
C UNK K 58 -42.04 -19.48 -6.41
N UNK K 59 -43.31 -19.11 -6.70
CA UNK K 59 -43.85 -17.86 -6.23
C UNK K 59 -45.36 -17.99 -6.13
N UNK K 60 -45.99 -17.06 -5.39
CA UNK K 60 -47.38 -17.18 -4.95
C UNK K 60 -48.04 -15.82 -4.96
N UNK K 61 -49.36 -15.78 -5.23
CA UNK K 61 -50.22 -14.65 -4.96
C UNK K 61 -50.39 -14.36 -3.47
N UNK K 62 -50.58 -13.09 -3.10
CA UNK K 62 -50.66 -12.62 -1.73
C UNK K 62 -51.95 -13.07 -1.00
N UNK K 63 -52.98 -13.48 -1.76
CA UNK K 63 -54.21 -14.08 -1.25
C UNK K 63 -54.02 -15.50 -0.71
N UNK K 64 -52.96 -16.22 -1.14
CA UNK K 64 -52.71 -17.59 -0.76
C UNK K 64 -51.39 -17.76 -0.04
N UNK K 65 -50.64 -16.67 0.15
CA UNK K 65 -49.30 -16.68 0.71
C UNK K 65 -49.25 -17.18 2.15
N UNK K 66 -48.44 -18.25 2.41
CA UNK K 66 -48.36 -18.89 3.71
C UNK K 66 -49.45 -19.91 3.99
N UNK K 67 -50.36 -20.15 3.04
CA UNK K 67 -51.39 -21.16 3.21
C UNK K 67 -51.31 -22.24 2.17
N UNK K 68 -50.79 -21.92 0.96
CA UNK K 68 -50.73 -22.86 -0.14
C UNK K 68 -49.28 -23.16 -0.45
N UNK K 69 -48.94 -24.43 -0.70
CA UNK K 69 -47.60 -24.88 -1.05
C UNK K 69 -47.61 -25.60 -2.38
N UNK K 70 -46.90 -25.06 -3.39
CA UNK K 70 -46.72 -25.70 -4.67
C UNK K 70 -45.45 -26.54 -4.67
N UNK K 71 -45.47 -27.72 -5.30
CA UNK K 71 -44.32 -28.61 -5.41
C UNK K 71 -44.47 -29.46 -6.65
N UNK K 72 -43.40 -30.13 -7.11
CA UNK K 72 -43.49 -30.94 -8.31
C UNK K 72 -42.59 -32.12 -8.20
N UNK K 73 -42.97 -33.25 -8.83
CA UNK K 73 -42.16 -34.44 -8.88
C UNK K 73 -41.67 -34.62 -10.32
N UNK K 74 -40.34 -34.65 -10.49
CA UNK K 74 -39.72 -34.74 -11.80
C UNK K 74 -39.43 -36.20 -12.16
N UNK K 75 -39.82 -37.17 -11.29
CA UNK K 75 -39.74 -38.58 -11.57
C UNK K 75 -41.06 -39.12 -12.12
N UNK K 76 -42.15 -38.32 -12.01
CA UNK K 76 -43.49 -38.83 -12.26
C UNK K 76 -44.37 -38.01 -13.21
N UNK K 77 -43.91 -36.84 -13.69
CA UNK K 77 -44.67 -35.97 -14.59
C UNK K 77 -45.89 -35.32 -13.91
N UNK K 78 -45.75 -34.95 -12.61
CA UNK K 78 -46.88 -34.52 -11.81
C UNK K 78 -46.46 -33.37 -10.93
N UNK K 79 -47.33 -32.34 -10.76
CA UNK K 79 -47.13 -31.32 -9.76
C UNK K 79 -48.33 -31.22 -8.85
N UNK K 80 -48.13 -30.61 -7.67
CA UNK K 80 -49.09 -30.64 -6.58
C UNK K 80 -49.37 -29.24 -6.08
N UNK K 81 -50.61 -29.00 -5.63
CA UNK K 81 -50.91 -27.83 -4.80
C UNK K 81 -51.38 -28.36 -3.49
N UNK K 82 -50.59 -28.16 -2.42
CA UNK K 82 -51.04 -28.42 -1.07
C UNK K 82 -51.77 -27.18 -0.59
N UNK K 83 -53.04 -27.31 -0.21
CA UNK K 83 -53.84 -26.22 0.27
C UNK K 83 -54.08 -26.50 1.74
N UNK K 84 -53.71 -25.56 2.63
CA UNK K 84 -53.96 -25.68 4.05
C UNK K 84 -54.75 -24.47 4.48
N UNK K 85 -55.65 -24.59 5.49
CA UNK K 85 -56.41 -23.44 6.00
C UNK K 85 -57.33 -22.84 4.94
N UNK K 86 -58.11 -23.72 4.28
CA UNK K 86 -59.09 -23.35 3.28
C UNK K 86 -60.24 -22.50 3.82
N UNK K 87 -60.68 -21.51 3.03
CA UNK K 87 -61.66 -20.54 3.46
C UNK K 87 -62.82 -20.55 2.47
N UNK K 88 -64.06 -20.15 2.80
CA UNK K 88 -65.15 -19.97 1.82
C UNK K 88 -64.77 -19.19 0.57
N UNK K 89 -63.91 -18.16 0.70
CA UNK K 89 -63.42 -17.34 -0.38
C UNK K 89 -62.24 -17.95 -1.13
N UNK K 90 -61.88 -19.23 -0.87
CA UNK K 90 -61.04 -20.01 -1.78
C UNK K 90 -61.87 -20.89 -2.71
N UNK K 91 -63.23 -20.87 -2.61
CA UNK K 91 -64.12 -21.64 -3.50
C UNK K 91 -63.97 -21.25 -4.96
N UNK K 92 -63.47 -22.17 -5.81
CA UNK K 92 -63.13 -21.84 -7.17
C UNK K 92 -62.93 -23.08 -8.04
N UNK K 93 -62.89 -22.87 -9.37
CA UNK K 93 -62.35 -23.85 -10.31
C UNK K 93 -60.86 -23.57 -10.41
N UNK K 94 -60.01 -24.60 -10.25
CA UNK K 94 -58.56 -24.47 -10.26
C UNK K 94 -58.01 -25.13 -11.50
N UNK K 95 -57.19 -24.40 -12.28
CA UNK K 95 -56.58 -24.88 -13.51
C UNK K 95 -55.09 -24.98 -13.31
N UNK K 96 -54.44 -26.01 -13.88
CA UNK K 96 -53.01 -26.04 -14.05
C UNK K 96 -52.67 -25.76 -15.49
N UNK K 97 -51.57 -25.05 -15.72
CA UNK K 97 -51.31 -24.54 -17.05
C UNK K 97 -49.82 -24.51 -17.32
N UNK K 98 -49.42 -24.79 -18.57
CA UNK K 98 -48.05 -24.90 -19.03
C UNK K 98 -47.61 -23.70 -19.85
N UNK K 99 -46.34 -23.28 -19.71
CA UNK K 99 -45.73 -22.23 -20.49
C UNK K 99 -45.41 -22.60 -21.93
N UNK K 100 -45.43 -21.61 -22.86
CA UNK K 100 -45.17 -21.78 -24.28
C UNK K 100 -43.74 -22.21 -24.63
N UNK K 101 -43.53 -23.01 -25.69
CA UNK K 101 -42.21 -23.40 -26.14
C UNK K 101 -41.88 -22.72 -27.45
N UNK K 102 -40.67 -22.14 -27.53
CA UNK K 102 -40.17 -21.44 -28.69
C UNK K 102 -38.63 -21.48 -28.67
N UNK K 103 -38.00 -22.38 -27.86
CA UNK K 103 -36.54 -22.38 -27.74
C UNK K 103 -36.02 -22.88 -26.41
N UNK K 104 -34.68 -22.85 -26.22
CA UNK K 104 -33.94 -23.45 -25.11
C UNK K 104 -34.44 -23.10 -23.72
N UNK K 105 -34.71 -21.81 -23.49
CA UNK K 105 -35.11 -21.31 -22.21
C UNK K 105 -36.62 -21.14 -22.10
N UNK K 106 -37.38 -21.26 -23.21
CA UNK K 106 -38.83 -21.13 -23.17
C UNK K 106 -39.46 -22.21 -22.33
N UNK K 107 -38.97 -23.45 -22.53
CA UNK K 107 -39.22 -24.52 -21.61
C UNK K 107 -38.65 -24.24 -20.21
N UNK K 108 -37.36 -23.92 -20.15
CA UNK K 108 -36.72 -23.62 -18.87
C UNK K 108 -37.29 -22.37 -18.19
N UNK K 109 -36.72 -21.20 -18.49
CA UNK K 109 -37.18 -19.98 -17.84
C UNK K 109 -37.21 -18.76 -18.75
N UNK K 110 -37.72 -18.90 -19.97
CA UNK K 110 -37.85 -17.76 -20.87
C UNK K 110 -38.86 -16.90 -20.16
N UNK K 111 -38.38 -15.98 -19.33
CA UNK K 111 -39.31 -15.20 -18.52
C UNK K 111 -40.53 -14.72 -19.31
N UNK K 112 -40.39 -14.13 -20.52
CA UNK K 112 -41.52 -13.58 -21.25
C UNK K 112 -42.62 -14.57 -21.61
N UNK K 113 -42.25 -15.73 -22.21
CA UNK K 113 -43.19 -16.81 -22.52
C UNK K 113 -43.49 -17.71 -21.34
N UNK K 114 -42.79 -17.50 -20.21
CA UNK K 114 -42.90 -18.31 -19.00
C UNK K 114 -43.90 -17.75 -18.03
N UNK K 115 -44.15 -16.43 -18.06
CA UNK K 115 -45.16 -15.81 -17.24
C UNK K 115 -46.55 -16.35 -17.55
N UNK K 116 -47.54 -16.35 -16.59
CA UNK K 116 -48.84 -16.99 -16.81
C UNK K 116 -49.48 -16.44 -18.06
N UNK K 117 -49.45 -15.12 -18.28
CA UNK K 117 -50.04 -14.49 -19.44
C UNK K 117 -49.52 -15.06 -20.78
N UNK K 118 -48.26 -15.54 -20.83
CA UNK K 118 -47.68 -16.19 -22.01
C UNK K 118 -48.00 -17.67 -22.21
N UNK K 119 -48.75 -18.32 -21.31
CA UNK K 119 -49.05 -19.74 -21.37
C UNK K 119 -49.94 -20.24 -22.50
N UNK K 120 -49.65 -21.47 -22.99
CA UNK K 120 -50.31 -22.10 -24.12
C UNK K 120 -51.27 -23.23 -23.76
N UNK K 121 -50.83 -24.23 -22.98
CA UNK K 121 -51.59 -25.44 -22.71
C UNK K 121 -52.20 -25.41 -21.34
N UNK K 122 -53.53 -25.49 -21.27
CA UNK K 122 -54.31 -25.48 -20.04
C UNK K 122 -54.94 -26.84 -19.85
N UNK K 123 -55.08 -27.29 -18.58
CA UNK K 123 -56.01 -28.38 -18.27
C UNK K 123 -57.45 -27.93 -18.31
N UNK K 124 -58.39 -28.82 -17.98
CA UNK K 124 -59.81 -28.49 -18.00
C UNK K 124 -60.29 -28.04 -16.63
N UNK K 125 -59.39 -28.05 -15.64
CA UNK K 125 -59.64 -27.59 -14.29
C UNK K 125 -60.31 -28.59 -13.38
N UNK K 126 -60.36 -28.23 -12.09
CA UNK K 126 -60.98 -29.05 -11.07
C UNK K 126 -61.61 -28.16 -10.02
N UNK K 127 -62.80 -28.54 -9.52
CA UNK K 127 -63.64 -27.69 -8.67
C UNK K 127 -63.35 -27.93 -7.20
N UNK K 128 -63.09 -26.84 -6.45
CA UNK K 128 -62.93 -26.90 -5.00
C UNK K 128 -64.02 -26.06 -4.38
N UNK K 129 -64.86 -26.67 -3.52
CA UNK K 129 -65.97 -25.98 -2.87
C UNK K 129 -65.75 -26.03 -1.38
N UNK K 130 -65.56 -24.86 -0.74
CA UNK K 130 -65.35 -24.80 0.70
C UNK K 130 -66.65 -24.33 1.33
N UNK K 131 -67.28 -25.17 2.18
CA UNK K 131 -68.58 -24.85 2.75
C UNK K 131 -68.74 -25.55 4.07
N UNK K 132 -69.56 -24.98 4.97
CA UNK K 132 -69.90 -25.60 6.24
C UNK K 132 -71.23 -26.34 6.13
N UNK K 133 -71.83 -26.38 4.92
CA UNK K 133 -72.99 -27.21 4.66
C UNK K 133 -72.65 -28.70 4.56
N UNK K 134 -73.48 -29.55 5.18
CA UNK K 134 -73.33 -31.00 5.13
C UNK K 134 -74.11 -31.60 3.99
N UNK K 135 -73.61 -32.72 3.42
CA UNK K 135 -74.27 -33.56 2.43
C UNK K 135 -75.71 -33.91 2.76
N UNK K 136 -76.67 -33.55 1.88
CA UNK K 136 -78.09 -33.79 2.16
C UNK K 136 -78.83 -34.13 0.88
N UNK K 137 -79.67 -35.20 0.90
CA UNK K 137 -80.60 -35.51 -0.17
C UNK K 137 -81.74 -34.51 -0.31
N UNK K 138 -82.32 -34.34 -1.49
CA UNK K 138 -83.37 -33.35 -1.70
C UNK K 138 -84.71 -33.79 -1.19
N UNK K 139 -85.56 -32.84 -0.80
CA UNK K 139 -86.98 -33.09 -0.55
C UNK K 139 -87.71 -32.80 -1.85
N UNK K 140 -88.53 -33.75 -2.38
CA UNK K 140 -89.08 -33.61 -3.72
C UNK K 140 -90.60 -33.53 -3.69
N UNK K 141 -91.14 -32.38 -4.16
CA UNK K 141 -92.54 -32.07 -4.08
C UNK K 141 -93.14 -31.91 -5.47
N UNK K 142 -94.35 -32.40 -5.76
CA UNK K 142 -94.97 -32.22 -7.06
C UNK K 142 -95.49 -30.81 -7.25
N UNK K 143 -95.31 -30.22 -8.44
CA UNK K 143 -95.90 -28.93 -8.77
C UNK K 143 -97.03 -29.21 -9.74
N UNK K 144 -98.28 -29.21 -9.23
CA UNK K 144 -99.40 -29.78 -9.95
C UNK K 144 -100.04 -28.88 -11.00
N UNK K 145 -100.56 -29.41 -12.13
CA UNK K 145 -101.20 -28.61 -13.16
C UNK K 145 -102.58 -28.13 -12.73
N UNK K 146 -102.96 -26.90 -13.09
CA UNK K 146 -104.18 -26.28 -12.61
C UNK K 146 -104.59 -25.19 -13.57
N UNK K 147 -105.86 -24.74 -13.53
CA UNK K 147 -106.44 -23.79 -14.47
C UNK K 147 -105.69 -22.47 -14.59
N UNK K 148 -105.06 -22.09 -13.48
CA UNK K 148 -104.10 -21.03 -13.29
C UNK K 148 -102.86 -21.08 -14.22
N UNK K 149 -102.43 -22.28 -14.67
CA UNK K 149 -101.39 -22.42 -15.70
C UNK K 149 -101.81 -23.52 -16.67
N UNK K 150 -103.09 -23.60 -17.02
CA UNK K 150 -103.60 -24.61 -17.95
C UNK K 150 -103.82 -24.02 -19.32
N UNK K 151 -104.14 -24.90 -20.27
CA UNK K 151 -104.62 -24.67 -21.62
C UNK K 151 -104.30 -23.39 -22.36
N UNK K 152 -103.04 -23.28 -22.79
CA UNK K 152 -102.66 -22.61 -24.03
C UNK K 152 -102.77 -23.60 -25.18
N UNK K 153 -103.67 -24.58 -25.02
CA UNK K 153 -103.67 -25.88 -25.66
C UNK K 153 -102.91 -26.89 -24.84
N UNK K 154 -101.99 -26.37 -24.00
CA UNK K 154 -101.04 -27.12 -23.22
C UNK K 154 -101.09 -26.64 -21.79
N UNK K 155 -100.61 -27.48 -20.85
CA UNK K 155 -100.57 -27.18 -19.44
C UNK K 155 -99.16 -27.40 -18.93
N UNK K 156 -98.79 -26.73 -17.82
CA UNK K 156 -97.46 -26.86 -17.24
C UNK K 156 -97.50 -27.53 -15.87
N UNK K 157 -96.67 -28.55 -15.65
CA UNK K 157 -96.53 -29.23 -14.38
C UNK K 157 -95.08 -29.49 -14.11
N UNK K 158 -94.70 -29.76 -12.87
CA UNK K 158 -93.28 -29.96 -12.59
C UNK K 158 -92.99 -30.65 -11.30
N UNK K 159 -91.72 -30.65 -10.92
CA UNK K 159 -91.25 -31.15 -9.64
C UNK K 159 -90.28 -30.16 -9.05
N UNK K 160 -90.50 -29.83 -7.77
CA UNK K 160 -89.65 -28.97 -6.98
C UNK K 160 -88.68 -29.86 -6.24
N UNK K 161 -87.37 -29.61 -6.39
CA UNK K 161 -86.31 -30.39 -5.80
C UNK K 161 -85.62 -29.49 -4.80
N UNK K 162 -85.87 -29.71 -3.49
CA UNK K 162 -85.64 -28.68 -2.49
C UNK K 162 -84.62 -29.05 -1.44
N UNK K 163 -83.75 -28.06 -1.08
CA UNK K 163 -82.82 -28.08 0.03
C UNK K 163 -81.81 -29.24 0.01
N UNK K 164 -80.94 -29.33 -1.02
CA UNK K 164 -79.93 -30.37 -1.14
C UNK K 164 -78.53 -29.79 -1.15
N UNK K 165 -77.51 -30.64 -0.94
CA UNK K 165 -76.13 -30.20 -1.00
C UNK K 165 -75.24 -31.41 -1.29
N UNK K 166 -74.10 -31.26 -1.96
CA UNK K 166 -73.74 -30.20 -2.92
C UNK K 166 -74.46 -30.43 -4.24
N UNK K 167 -74.17 -29.65 -5.29
CA UNK K 167 -74.50 -29.99 -6.67
C UNK K 167 -73.75 -31.23 -7.19
N UNK K 168 -74.28 -32.06 -8.10
CA UNK K 168 -75.45 -31.77 -8.91
C UNK K 168 -76.54 -32.81 -8.72
N UNK K 169 -77.78 -32.44 -9.09
CA UNK K 169 -78.91 -33.36 -9.13
C UNK K 169 -79.27 -33.59 -10.58
N UNK K 170 -79.67 -34.83 -10.90
CA UNK K 170 -80.06 -35.23 -12.24
C UNK K 170 -81.55 -35.48 -12.20
N UNK K 171 -82.32 -34.87 -13.12
CA UNK K 171 -83.76 -35.05 -13.18
C UNK K 171 -84.11 -35.59 -14.55
N UNK K 172 -84.92 -36.65 -14.63
CA UNK K 172 -85.49 -37.13 -15.88
C UNK K 172 -86.97 -37.36 -15.69
N UNK K 173 -87.74 -37.53 -16.78
CA UNK K 173 -89.17 -37.68 -16.70
C UNK K 173 -89.60 -38.97 -17.38
N UNK K 174 -90.48 -39.75 -16.72
CA UNK K 174 -90.97 -41.05 -17.15
C UNK K 174 -89.85 -42.01 -17.53
N UNK K 175 -88.79 -42.07 -16.70
CA UNK K 175 -87.59 -42.88 -16.86
C UNK K 175 -86.85 -42.65 -18.16
N UNK K 176 -86.82 -41.39 -18.62
CA UNK K 176 -86.15 -40.98 -19.85
C UNK K 176 -86.97 -41.11 -21.10
N UNK K 177 -88.23 -41.56 -21.02
CA UNK K 177 -89.11 -41.67 -22.17
C UNK K 177 -89.83 -40.36 -22.50
N UNK K 178 -89.81 -39.37 -21.59
CA UNK K 178 -90.37 -38.07 -21.84
C UNK K 178 -89.24 -37.06 -21.84
N UNK K 179 -88.83 -36.60 -23.04
CA UNK K 179 -87.69 -35.69 -23.18
C UNK K 179 -88.04 -34.42 -23.94
N UNK K 180 -89.26 -34.31 -24.48
CA UNK K 180 -89.69 -33.12 -25.21
C UNK K 180 -90.59 -32.28 -24.33
N UNK K 181 -90.38 -30.94 -24.35
CA UNK K 181 -91.15 -30.04 -23.48
C UNK K 181 -90.63 -29.96 -22.07
N UNK K 182 -89.53 -30.69 -21.76
CA UNK K 182 -88.85 -30.67 -20.48
C UNK K 182 -87.94 -29.44 -20.37
N UNK K 183 -88.07 -28.68 -19.28
CA UNK K 183 -87.13 -27.61 -18.94
C UNK K 183 -86.71 -27.79 -17.50
N UNK K 184 -85.39 -27.99 -17.26
CA UNK K 184 -84.85 -28.14 -15.91
C UNK K 184 -84.05 -26.89 -15.64
N UNK K 185 -84.51 -26.08 -14.67
CA UNK K 185 -83.93 -24.79 -14.39
C UNK K 185 -82.65 -24.93 -13.57
N UNK K 186 -81.63 -24.09 -13.74
CA UNK K 186 -80.51 -23.94 -12.81
C UNK K 186 -80.89 -23.84 -11.35
N UNK K 187 -80.05 -24.40 -10.46
CA UNK K 187 -80.23 -24.28 -9.04
C UNK K 187 -80.11 -22.87 -8.49
N UNK K 188 -80.88 -22.56 -7.43
CA UNK K 188 -80.63 -21.39 -6.62
C UNK K 188 -79.83 -21.84 -5.42
N UNK K 189 -78.76 -21.11 -5.07
CA UNK K 189 -78.02 -21.34 -3.86
C UNK K 189 -78.63 -20.44 -2.82
N UNK K 190 -79.29 -21.04 -1.82
CA UNK K 190 -79.98 -20.28 -0.80
C UNK K 190 -79.00 -19.82 0.26
N UNK K 191 -79.37 -18.77 1.02
CA UNK K 191 -78.64 -18.20 2.14
C UNK K 191 -78.41 -19.17 3.29
N UNK K 192 -79.09 -20.32 3.29
CA UNK K 192 -78.84 -21.44 4.18
C UNK K 192 -77.66 -22.30 3.77
N UNK K 193 -77.10 -22.10 2.56
CA UNK K 193 -76.01 -22.90 2.04
C UNK K 193 -76.45 -24.15 1.32
N UNK K 194 -77.78 -24.33 1.18
CA UNK K 194 -78.37 -25.46 0.50
C UNK K 194 -78.99 -25.02 -0.81
N UNK K 195 -79.02 -25.92 -1.81
CA UNK K 195 -79.50 -25.64 -3.14
C UNK K 195 -80.94 -26.09 -3.34
N UNK K 196 -81.66 -25.45 -4.27
CA UNK K 196 -83.00 -25.86 -4.66
C UNK K 196 -83.18 -25.63 -6.16
N UNK K 197 -83.91 -26.52 -6.87
CA UNK K 197 -84.23 -26.31 -8.28
C UNK K 197 -85.62 -26.80 -8.62
N UNK K 198 -86.10 -26.49 -9.84
CA UNK K 198 -87.39 -26.97 -10.32
C UNK K 198 -87.25 -27.49 -11.74
N UNK K 199 -87.95 -28.58 -12.07
CA UNK K 199 -88.00 -29.11 -13.43
C UNK K 199 -89.45 -29.09 -13.87
N UNK K 200 -89.73 -28.60 -15.08
CA UNK K 200 -91.07 -28.37 -15.59
C UNK K 200 -91.25 -29.12 -16.90
N UNK K 201 -92.45 -29.68 -17.14
CA UNK K 201 -92.82 -30.26 -18.43
C UNK K 201 -94.09 -29.62 -18.92
N UNK K 202 -94.11 -29.19 -20.19
CA UNK K 202 -95.29 -28.63 -20.86
C UNK K 202 -95.97 -29.74 -21.64
N UNK K 203 -97.25 -30.05 -21.32
CA UNK K 203 -97.94 -31.24 -21.82
C UNK K 203 -99.29 -30.87 -22.41
N UNK K 204 -99.95 -31.67 -23.27
CA UNK K 204 -101.33 -31.45 -23.66
C UNK K 204 -102.30 -31.38 -22.49
N UNK K 205 -103.15 -30.34 -22.43
CA UNK K 205 -104.10 -30.18 -21.32
C UNK K 205 -105.27 -31.14 -21.42
N UNK K 206 -105.55 -31.67 -22.61
CA UNK K 206 -106.68 -32.53 -22.88
C UNK K 206 -106.41 -33.99 -22.61
N UNK K 207 -105.18 -34.36 -22.19
CA UNK K 207 -104.86 -35.74 -21.83
C UNK K 207 -104.42 -35.88 -20.40
N UNK K 208 -104.54 -34.83 -19.57
CA UNK K 208 -104.27 -34.89 -18.15
C UNK K 208 -105.13 -35.93 -17.42
N UNK K 209 -104.54 -36.72 -16.50
CA UNK K 209 -105.24 -37.80 -15.80
C UNK K 209 -105.23 -39.09 -16.57
N UNK K 210 -105.46 -39.03 -17.89
CA UNK K 210 -105.25 -40.15 -18.82
C UNK K 210 -103.78 -40.51 -18.93
N UNK K 211 -102.90 -39.49 -19.02
CA UNK K 211 -101.47 -39.71 -18.99
C UNK K 211 -100.92 -39.53 -17.59
N UNK K 212 -99.80 -40.24 -17.29
CA UNK K 212 -99.21 -40.34 -15.97
C UNK K 212 -97.79 -39.84 -16.06
N UNK K 213 -97.44 -38.83 -15.22
CA UNK K 213 -96.19 -38.11 -15.34
C UNK K 213 -95.40 -38.26 -14.05
N UNK K 214 -94.20 -38.84 -14.16
CA UNK K 214 -93.35 -39.16 -13.02
C UNK K 214 -92.02 -38.50 -13.23
N UNK K 215 -91.56 -37.69 -12.25
CA UNK K 215 -90.21 -37.16 -12.28
C UNK K 215 -89.29 -38.08 -11.50
N UNK K 216 -88.11 -38.35 -12.06
CA UNK K 216 -87.15 -39.26 -11.51
C UNK K 216 -85.95 -38.41 -11.11
N UNK K 217 -85.71 -38.26 -9.79
CA UNK K 217 -84.71 -37.34 -9.27
C UNK K 217 -83.57 -38.14 -8.67
N UNK K 218 -82.35 -37.90 -9.15
CA UNK K 218 -81.17 -38.62 -8.72
C UNK K 218 -80.22 -37.60 -8.11
N UNK K 219 -79.88 -37.78 -6.82
CA UNK K 219 -78.82 -37.02 -6.18
C UNK K 219 -77.65 -37.95 -5.96
N UNK K 220 -76.58 -37.82 -6.78
CA UNK K 220 -75.41 -38.65 -6.63
C UNK K 220 -74.63 -38.45 -5.33
N UNK K 221 -74.36 -37.27 -4.78
CA UNK K 221 -73.54 -37.15 -3.58
C UNK K 221 -74.03 -37.85 -2.32
N UNK K 222 -75.34 -37.99 -2.11
CA UNK K 222 -75.87 -38.69 -0.93
C UNK K 222 -76.43 -40.05 -1.30
N UNK K 223 -76.29 -40.42 -2.58
CA UNK K 223 -76.75 -41.66 -3.19
C UNK K 223 -78.27 -41.78 -3.37
N UNK K 224 -79.05 -40.75 -2.95
CA UNK K 224 -80.51 -40.69 -2.95
C UNK K 224 -81.16 -40.70 -4.33
N UNK K 225 -82.22 -41.51 -4.50
CA UNK K 225 -83.04 -41.56 -5.71
C UNK K 225 -84.45 -41.30 -5.24
N UNK K 226 -85.20 -40.42 -5.92
CA UNK K 226 -86.59 -40.17 -5.61
C UNK K 226 -87.42 -40.17 -6.88
N UNK K 227 -88.37 -41.12 -7.01
CA UNK K 227 -89.38 -41.04 -8.04
C UNK K 227 -90.62 -40.39 -7.44
N UNK K 228 -91.15 -39.32 -8.05
CA UNK K 228 -92.38 -38.70 -7.60
C UNK K 228 -93.30 -38.49 -8.77
N UNK K 229 -94.46 -39.16 -8.75
CA UNK K 229 -95.55 -38.85 -9.65
C UNK K 229 -96.24 -37.53 -9.31
N UNK K 230 -96.59 -36.73 -10.34
CA UNK K 230 -97.30 -35.46 -10.17
C UNK K 230 -98.62 -35.57 -10.92
N UNK K 231 -99.76 -35.37 -10.21
CA UNK K 231 -101.09 -35.46 -10.79
C UNK K 231 -101.80 -34.13 -10.69
N UNK K 232 -102.77 -33.78 -11.54
CA UNK K 232 -103.77 -32.80 -11.16
C UNK K 232 -104.58 -33.18 -9.94
N UNK K 233 -104.51 -32.37 -8.86
CA UNK K 233 -105.51 -32.36 -7.80
C UNK K 233 -106.90 -31.92 -8.24
N UNK K 234 -107.91 -32.14 -7.39
CA UNK K 234 -109.20 -31.52 -7.48
C UNK K 234 -109.44 -30.83 -6.15
N UNK K 235 -109.70 -29.49 -6.17
CA UNK K 235 -109.95 -28.73 -4.96
C UNK K 235 -111.45 -28.39 -4.79
N UNK L 1 -46.34 -4.29 -7.08
CA UNK L 1 -47.79 -4.58 -7.33
C UNK L 1 -48.54 -3.45 -8.01
N UNK L 2 -49.52 -3.77 -8.87
CA UNK L 2 -50.35 -2.80 -9.58
C UNK L 2 -51.59 -3.52 -10.04
N UNK L 3 -52.46 -2.89 -10.83
CA UNK L 3 -53.66 -3.50 -11.38
C UNK L 3 -53.72 -3.25 -12.88
N UNK L 4 -54.61 -3.98 -13.59
CA UNK L 4 -54.95 -3.76 -14.98
C UNK L 4 -56.44 -3.54 -15.02
N UNK L 5 -56.91 -2.58 -15.81
CA UNK L 5 -58.33 -2.24 -15.90
C UNK L 5 -58.80 -2.51 -17.30
N UNK L 6 -59.86 -3.32 -17.45
CA UNK L 6 -60.53 -3.58 -18.72
C UNK L 6 -61.95 -3.06 -18.59
N UNK L 7 -62.67 -2.69 -19.65
CA UNK L 7 -64.09 -2.40 -19.56
C UNK L 7 -64.88 -3.69 -19.31
N UNK L 8 -65.90 -3.75 -18.43
CA UNK L 8 -66.54 -5.01 -18.03
C UNK L 8 -67.24 -5.71 -19.17
N UNK L 9 -67.79 -4.95 -20.11
CA UNK L 9 -68.44 -5.53 -21.27
C UNK L 9 -68.27 -4.61 -22.45
N UNK L 10 -68.33 -5.16 -23.68
CA UNK L 10 -68.34 -4.39 -24.91
C UNK L 10 -69.36 -5.07 -25.81
N UNK L 11 -69.90 -4.36 -26.82
CA UNK L 11 -71.01 -4.91 -27.58
C UNK L 11 -70.97 -4.44 -29.02
N UNK L 12 -71.31 -5.32 -29.98
CA UNK L 12 -71.18 -5.01 -31.39
C UNK L 12 -71.95 -5.98 -32.28
N UNK L 13 -72.27 -5.57 -33.52
CA UNK L 13 -73.03 -6.37 -34.48
C UNK L 13 -72.17 -7.33 -35.32
N UNK L 14 -72.72 -8.40 -35.93
CA UNK L 14 -71.96 -9.29 -36.79
C UNK L 14 -71.29 -8.59 -37.95
N UNK L 15 -70.04 -8.95 -38.27
CA UNK L 15 -69.32 -8.36 -39.40
C UNK L 15 -68.57 -7.09 -39.08
N UNK L 16 -68.90 -6.41 -37.97
CA UNK L 16 -68.21 -5.20 -37.56
C UNK L 16 -66.90 -5.49 -36.83
N UNK L 17 -66.20 -4.43 -36.42
CA UNK L 17 -64.94 -4.51 -35.71
C UNK L 17 -65.10 -3.95 -34.31
N UNK L 18 -64.38 -4.50 -33.31
CA UNK L 18 -64.36 -3.98 -31.95
C UNK L 18 -62.94 -3.91 -31.41
N UNK L 19 -62.77 -3.10 -30.36
CA UNK L 19 -61.51 -2.89 -29.67
C UNK L 19 -61.74 -3.12 -28.20
N UNK L 20 -60.93 -3.96 -27.56
CA UNK L 20 -61.01 -4.24 -26.13
C UNK L 20 -59.74 -3.70 -25.49
N UNK L 21 -59.85 -2.66 -24.65
CA UNK L 21 -58.69 -2.04 -24.03
C UNK L 21 -58.26 -2.69 -22.72
N UNK L 22 -56.96 -2.64 -22.44
CA UNK L 22 -56.36 -3.04 -21.19
C UNK L 22 -55.51 -1.87 -20.74
N UNK L 23 -55.85 -1.25 -19.59
CA UNK L 23 -55.17 -0.07 -19.10
C UNK L 23 -54.42 -0.41 -17.84
N UNK L 24 -53.10 -0.21 -17.81
CA UNK L 24 -52.27 -0.54 -16.65
C UNK L 24 -51.56 0.67 -16.13
N UNK L 25 -50.29 0.52 -15.76
CA UNK L 25 -49.53 1.60 -15.17
C UNK L 25 -48.07 1.52 -15.56
N UNK L 26 -47.27 2.44 -15.00
CA UNK L 26 -45.83 2.52 -15.14
C UNK L 26 -45.12 1.29 -14.61
N UNK L 27 -45.70 0.56 -13.64
CA UNK L 27 -45.07 -0.55 -12.96
C UNK L 27 -45.43 -1.93 -13.50
N UNK L 28 -46.18 -2.00 -14.63
CA UNK L 28 -46.41 -3.26 -15.32
C UNK L 28 -46.26 -3.13 -16.82
N UNK L 29 -47.19 -2.44 -17.51
CA UNK L 29 -47.19 -2.28 -18.97
C UNK L 29 -46.04 -1.40 -19.43
N UNK L 30 -45.40 -0.67 -18.50
CA UNK L 30 -44.17 0.10 -18.67
C UNK L 30 -43.03 -0.55 -19.42
N UNK L 31 -42.73 -1.85 -19.22
CA UNK L 31 -41.68 -2.55 -19.95
C UNK L 31 -42.21 -3.16 -21.26
N UNK L 32 -43.50 -2.90 -21.64
CA UNK L 32 -44.06 -3.22 -22.95
C UNK L 32 -44.39 -4.65 -23.19
N UNK L 33 -45.10 -5.31 -22.28
CA UNK L 33 -45.55 -6.67 -22.54
C UNK L 33 -46.94 -6.96 -22.01
N UNK L 34 -47.71 -7.73 -22.80
CA UNK L 34 -49.06 -8.17 -22.46
C UNK L 34 -49.40 -9.38 -23.34
N UNK L 35 -50.34 -10.23 -22.92
CA UNK L 35 -50.93 -11.25 -23.78
C UNK L 35 -52.41 -11.24 -23.57
N UNK L 36 -53.15 -11.89 -24.47
CA UNK L 36 -54.60 -11.95 -24.45
C UNK L 36 -55.14 -13.36 -24.48
N UNK L 37 -56.23 -13.61 -23.75
CA UNK L 37 -56.96 -14.87 -23.72
C UNK L 37 -58.38 -14.66 -24.16
N UNK L 38 -58.98 -15.74 -24.68
CA UNK L 38 -60.41 -15.85 -24.88
C UNK L 38 -60.92 -17.03 -24.08
N UNK L 39 -62.01 -16.85 -23.31
CA UNK L 39 -62.53 -17.89 -22.46
C UNK L 39 -64.04 -17.96 -22.55
N UNK L 40 -64.57 -19.20 -22.52
CA UNK L 40 -65.95 -19.46 -22.22
C UNK L 40 -65.89 -20.34 -20.98
N UNK L 41 -66.62 -20.17 -19.88
CA UNK L 41 -66.33 -20.91 -18.64
C UNK L 41 -66.61 -22.40 -18.66
N UNK L 42 -67.19 -22.94 -19.74
CA UNK L 42 -67.35 -24.38 -19.94
C UNK L 42 -66.14 -25.01 -20.59
N UNK L 43 -65.10 -24.21 -20.83
CA UNK L 43 -63.93 -24.59 -21.58
C UNK L 43 -62.75 -24.01 -20.87
N UNK L 44 -61.54 -24.56 -21.04
CA UNK L 44 -60.33 -23.88 -20.61
C UNK L 44 -60.09 -22.56 -21.36
N UNK L 45 -59.48 -21.52 -20.79
CA UNK L 45 -58.94 -20.37 -21.53
C UNK L 45 -58.11 -20.74 -22.76
N UNK L 46 -58.27 -19.99 -23.85
CA UNK L 46 -57.53 -20.22 -25.07
C UNK L 46 -56.68 -19.02 -25.38
N UNK L 47 -55.38 -19.27 -25.56
CA UNK L 47 -54.38 -18.29 -25.93
C UNK L 47 -54.68 -17.62 -27.27
N UNK L 48 -54.51 -16.29 -27.35
CA UNK L 48 -54.96 -15.52 -28.51
C UNK L 48 -53.85 -14.68 -29.12
N UNK L 49 -53.13 -13.91 -28.29
CA UNK L 49 -52.12 -12.97 -28.74
C UNK L 49 -51.05 -13.00 -27.67
N UNK L 50 -49.75 -12.93 -28.03
CA UNK L 50 -48.65 -12.92 -27.08
C UNK L 50 -47.65 -11.83 -27.35
N UNK L 51 -46.96 -11.37 -26.28
CA UNK L 51 -45.95 -10.34 -26.29
C UNK L 51 -46.32 -9.09 -27.10
N UNK L 52 -47.53 -8.57 -26.84
CA UNK L 52 -48.18 -7.45 -27.49
C UNK L 52 -48.87 -7.82 -28.79
N UNK L 53 -48.12 -8.25 -29.82
CA UNK L 53 -48.62 -8.30 -31.19
C UNK L 53 -48.66 -9.70 -31.80
N UNK L 54 -47.94 -10.66 -31.22
CA UNK L 54 -47.72 -11.96 -31.83
C UNK L 54 -48.89 -12.89 -31.69
N UNK L 55 -49.04 -13.81 -32.66
CA UNK L 55 -50.23 -14.62 -32.76
C UNK L 55 -49.80 -16.05 -32.99
N UNK L 56 -50.16 -17.03 -32.17
CA UNK L 56 -49.87 -18.43 -32.46
C UNK L 56 -50.61 -18.93 -33.68
N UNK L 57 -50.06 -19.94 -34.37
CA UNK L 57 -50.75 -20.62 -35.46
C UNK L 57 -52.02 -21.32 -35.00
N UNK L 58 -53.10 -21.25 -35.80
CA UNK L 58 -54.43 -21.71 -35.40
C UNK L 58 -55.28 -20.62 -34.79
N UNK L 59 -54.73 -19.40 -34.60
CA UNK L 59 -55.50 -18.22 -34.23
C UNK L 59 -55.75 -17.39 -35.50
N UNK L 60 -57.01 -17.14 -35.92
CA UNK L 60 -57.28 -16.56 -37.23
C UNK L 60 -56.83 -15.12 -37.40
N UNK L 61 -56.95 -14.65 -38.66
CA UNK L 61 -56.55 -13.35 -39.16
C UNK L 61 -57.14 -12.16 -38.40
N UNK L 62 -58.35 -12.37 -37.91
CA UNK L 62 -59.26 -11.41 -37.33
C UNK L 62 -58.87 -10.83 -35.98
N UNK L 63 -57.95 -11.49 -35.23
CA UNK L 63 -57.57 -11.08 -33.90
C UNK L 63 -56.22 -10.39 -33.94
N UNK L 64 -56.09 -9.15 -33.44
CA UNK L 64 -54.81 -8.47 -33.48
C UNK L 64 -54.61 -7.67 -32.21
N UNK L 65 -53.35 -7.48 -31.79
CA UNK L 65 -53.04 -6.72 -30.59
C UNK L 65 -52.21 -5.54 -30.94
N UNK L 66 -52.32 -4.46 -30.15
CA UNK L 66 -51.39 -3.35 -30.25
C UNK L 66 -51.23 -2.72 -28.88
N UNK L 67 -50.18 -1.93 -28.70
CA UNK L 67 -49.81 -1.48 -27.37
C UNK L 67 -49.18 -0.11 -27.47
N UNK L 68 -49.54 0.83 -26.57
CA UNK L 68 -48.92 2.15 -26.53
C UNK L 68 -48.89 2.69 -25.10
N UNK L 69 -47.77 3.33 -24.69
CA UNK L 69 -47.56 3.86 -23.33
C UNK L 69 -47.83 2.88 -22.20
N UNK L 70 -48.84 3.15 -21.37
CA UNK L 70 -49.24 2.30 -20.24
C UNK L 70 -50.48 1.48 -20.56
N UNK L 71 -50.87 1.42 -21.85
CA UNK L 71 -52.08 0.74 -22.27
C UNK L 71 -51.82 -0.28 -23.36
N UNK L 72 -52.72 -1.26 -23.48
CA UNK L 72 -52.72 -2.24 -24.53
C UNK L 72 -54.13 -2.41 -25.05
N UNK L 73 -54.31 -2.99 -26.25
CA UNK L 73 -55.62 -3.15 -26.83
C UNK L 73 -55.66 -4.38 -27.72
N UNK L 74 -56.83 -5.03 -27.80
CA UNK L 74 -57.08 -6.18 -28.63
C UNK L 74 -58.15 -5.79 -29.63
N UNK L 75 -57.86 -5.91 -30.94
CA UNK L 75 -58.83 -5.68 -31.99
C UNK L 75 -59.39 -6.97 -32.48
N UNK L 76 -60.72 -7.01 -32.73
CA UNK L 76 -61.37 -8.17 -33.32
C UNK L 76 -62.13 -7.69 -34.53
N UNK L 77 -61.89 -8.29 -35.72
CA UNK L 77 -62.56 -7.92 -36.95
C UNK L 77 -63.51 -9.00 -37.44
N UNK L 78 -64.54 -8.60 -38.22
CA UNK L 78 -65.52 -9.51 -38.81
C UNK L 78 -66.22 -10.37 -37.80
N UNK L 79 -66.88 -9.73 -36.81
CA UNK L 79 -67.49 -10.43 -35.68
C UNK L 79 -68.48 -11.53 -36.05
N UNK L 80 -68.40 -12.64 -35.30
CA UNK L 80 -69.20 -13.82 -35.47
C UNK L 80 -69.82 -14.19 -34.15
N UNK L 81 -70.88 -15.03 -34.20
CA UNK L 81 -71.55 -15.59 -33.04
C UNK L 81 -70.62 -16.32 -32.10
N UNK L 82 -69.62 -17.03 -32.65
CA UNK L 82 -68.67 -17.82 -31.85
C UNK L 82 -67.61 -17.02 -31.16
N UNK L 83 -67.55 -15.69 -31.37
CA UNK L 83 -66.66 -14.83 -30.63
C UNK L 83 -67.26 -14.43 -29.27
N UNK L 84 -68.58 -14.66 -29.04
CA UNK L 84 -69.25 -14.30 -27.80
C UNK L 84 -68.68 -15.02 -26.57
N UNK L 85 -67.86 -14.28 -25.79
CA UNK L 85 -66.98 -14.89 -24.82
C UNK L 85 -66.41 -13.83 -23.88
N UNK L 86 -65.73 -14.28 -22.81
CA UNK L 86 -65.03 -13.44 -21.88
C UNK L 86 -63.57 -13.31 -22.33
N UNK L 87 -63.02 -12.08 -22.35
CA UNK L 87 -61.68 -11.80 -22.84
C UNK L 87 -60.83 -11.24 -21.73
N UNK L 88 -59.58 -11.70 -21.60
CA UNK L 88 -58.70 -11.30 -20.51
C UNK L 88 -57.37 -10.82 -21.05
N UNK L 89 -56.87 -9.66 -20.56
CA UNK L 89 -55.48 -9.30 -20.72
C UNK L 89 -54.68 -9.74 -19.52
N UNK L 90 -53.40 -10.05 -19.73
CA UNK L 90 -52.50 -10.36 -18.62
C UNK L 90 -51.15 -9.80 -18.83
N UNK L 91 -50.47 -9.46 -17.71
CA UNK L 91 -49.10 -8.98 -17.71
C UNK L 91 -48.41 -9.43 -16.43
N UNK L 92 -47.29 -8.80 -16.05
CA UNK L 92 -46.46 -9.12 -14.91
C UNK L 92 -46.12 -7.84 -14.17
N UNK L 93 -45.63 -7.94 -12.92
CA UNK L 93 -44.90 -6.84 -12.30
C UNK L 93 -43.61 -7.38 -11.72
N UNK L 94 -42.79 -6.49 -11.13
CA UNK L 94 -41.40 -6.79 -10.79
C UNK L 94 -41.20 -7.73 -9.62
N UNK L 95 -42.25 -8.44 -9.17
CA UNK L 95 -42.14 -9.55 -8.22
C UNK L 95 -42.11 -10.88 -8.95
N UNK L 96 -42.37 -10.88 -10.27
CA UNK L 96 -42.58 -12.05 -11.11
C UNK L 96 -43.85 -12.81 -10.74
N UNK L 97 -44.77 -12.09 -10.07
CA UNK L 97 -46.17 -12.42 -10.01
C UNK L 97 -46.82 -12.07 -11.32
N UNK L 98 -47.84 -12.85 -11.70
CA UNK L 98 -48.51 -12.66 -12.95
C UNK L 98 -49.84 -12.04 -12.63
N UNK L 99 -50.22 -11.00 -13.36
CA UNK L 99 -51.40 -10.24 -13.07
C UNK L 99 -52.35 -10.29 -14.25
N UNK L 100 -53.61 -10.68 -13.98
CA UNK L 100 -54.66 -10.84 -14.97
C UNK L 100 -55.88 -10.21 -14.36
N UNK L 101 -56.71 -9.51 -15.17
CA UNK L 101 -57.88 -8.82 -14.65
C UNK L 101 -59.00 -9.75 -14.14
N UNK L 102 -59.46 -9.54 -12.88
CA UNK L 102 -60.43 -10.37 -12.19
C UNK L 102 -61.87 -10.20 -12.58
N UNK L 103 -62.18 -9.28 -13.51
CA UNK L 103 -63.51 -9.13 -14.10
C UNK L 103 -63.59 -9.69 -15.49
N UNK L 104 -62.51 -9.55 -16.28
CA UNK L 104 -62.54 -9.72 -17.73
C UNK L 104 -63.30 -8.66 -18.50
N UNK L 105 -63.35 -8.79 -19.84
CA UNK L 105 -64.25 -8.04 -20.71
C UNK L 105 -65.17 -9.04 -21.34
N UNK L 106 -66.47 -8.99 -21.04
CA UNK L 106 -67.41 -9.85 -21.77
C UNK L 106 -67.84 -9.21 -23.08
N UNK L 107 -67.64 -9.90 -24.21
CA UNK L 107 -68.10 -9.43 -25.50
C UNK L 107 -69.47 -10.00 -25.78
N UNK L 108 -70.45 -9.13 -26.06
CA UNK L 108 -71.78 -9.53 -26.52
C UNK L 108 -71.87 -9.27 -28.00
N UNK L 109 -72.39 -10.24 -28.77
CA UNK L 109 -72.63 -10.04 -30.19
C UNK L 109 -74.10 -9.66 -30.33
N UNK L 110 -74.44 -8.57 -31.04
CA UNK L 110 -75.81 -8.17 -31.30
C UNK L 110 -76.36 -8.88 -32.51
N UNK L 111 -77.70 -8.84 -32.70
CA UNK L 111 -78.34 -9.32 -33.91
C UNK L 111 -79.47 -10.25 -33.61
N UNK L 112 -79.68 -10.57 -32.33
CA UNK L 112 -80.75 -11.43 -31.90
C UNK L 112 -81.98 -10.60 -31.57
N UNK L 113 -83.20 -10.98 -31.94
CA UNK L 113 -84.39 -10.21 -31.61
C UNK L 113 -84.74 -10.31 -30.14
N UNK L 114 -85.31 -9.21 -29.58
CA UNK L 114 -85.87 -9.17 -28.24
C UNK L 114 -87.00 -10.18 -28.06
N UNK L 115 -86.96 -10.93 -26.95
CA UNK L 115 -87.91 -11.97 -26.67
C UNK L 115 -88.50 -11.75 -25.29
N UNK L 116 -89.84 -11.67 -25.21
CA UNK L 116 -90.57 -11.53 -23.97
C UNK L 116 -90.51 -12.80 -23.10
N UNK L 117 -90.46 -12.75 -21.78
CA UNK L 117 -90.41 -13.95 -20.96
C UNK L 117 -91.75 -14.67 -20.82
N UNK L 118 -91.72 -16.01 -20.86
CA UNK L 118 -92.84 -16.83 -20.39
C UNK L 118 -92.73 -16.98 -18.89
N UNK L 119 -93.82 -16.68 -18.14
CA UNK L 119 -93.81 -16.71 -16.68
C UNK L 119 -94.85 -17.67 -16.15
N UNK L 120 -94.38 -18.61 -15.31
CA UNK L 120 -95.19 -19.65 -14.66
C UNK L 120 -95.00 -19.54 -13.17
N UNK L 121 -96.10 -19.48 -12.39
CA UNK L 121 -96.06 -19.37 -10.94
C UNK L 121 -96.76 -20.56 -10.32
N UNK L 122 -96.14 -21.23 -9.33
CA UNK L 122 -96.74 -22.35 -8.62
C UNK L 122 -96.96 -21.97 -7.16
N UNK L 123 -98.14 -22.26 -6.57
CA UNK L 123 -98.32 -22.19 -5.13
C UNK L 123 -97.64 -23.36 -4.41
N UNK L 124 -97.51 -23.38 -3.08
CA UNK L 124 -97.14 -24.59 -2.31
C UNK L 124 -97.93 -25.84 -2.63
N UNK L 125 -97.33 -27.04 -2.44
CA UNK L 125 -98.05 -28.31 -2.57
C UNK L 125 -98.66 -28.73 -1.25
N UNK L 126 -99.67 -29.62 -1.27
CA UNK L 126 -100.28 -30.20 -0.07
C UNK L 126 -99.28 -30.94 0.80
N UNK L 127 -98.33 -31.66 0.17
CA UNK L 127 -97.23 -32.33 0.83
C UNK L 127 -96.31 -31.37 1.59
N UNK L 128 -95.90 -30.24 0.97
CA UNK L 128 -95.06 -29.26 1.65
C UNK L 128 -95.77 -28.56 2.80
N UNK L 129 -97.06 -28.21 2.62
CA UNK L 129 -97.91 -27.65 3.66
C UNK L 129 -98.09 -28.58 4.85
N UNK L 130 -98.27 -29.89 4.63
CA UNK L 130 -98.36 -30.86 5.72
C UNK L 130 -97.00 -31.14 6.39
N UNK L 131 -95.88 -30.80 5.72
CA UNK L 131 -94.56 -30.80 6.30
C UNK L 131 -94.22 -29.44 6.92
N UNK L 132 -95.26 -28.59 7.09
CA UNK L 132 -95.32 -27.34 7.82
C UNK L 132 -94.47 -26.24 7.20
N UNK L 133 -94.39 -26.21 5.85
CA UNK L 133 -93.62 -25.20 5.15
C UNK L 133 -94.36 -24.80 3.90
N UNK L 134 -93.98 -23.67 3.27
CA UNK L 134 -94.60 -23.24 2.05
C UNK L 134 -93.62 -22.54 1.13
N UNK L 135 -93.35 -23.10 -0.07
CA UNK L 135 -92.48 -22.51 -1.08
C UNK L 135 -93.27 -22.13 -2.30
N UNK L 136 -93.32 -20.83 -2.65
CA UNK L 136 -93.85 -20.41 -3.94
C UNK L 136 -92.73 -20.39 -4.95
N UNK L 137 -93.02 -20.86 -6.19
CA UNK L 137 -92.02 -21.03 -7.22
C UNK L 137 -92.41 -20.22 -8.43
N UNK L 138 -91.60 -19.20 -8.81
CA UNK L 138 -91.82 -18.38 -10.00
C UNK L 138 -90.72 -18.65 -11.00
N UNK L 139 -91.10 -19.10 -12.22
CA UNK L 139 -90.17 -19.56 -13.23
C UNK L 139 -90.33 -18.73 -14.48
N UNK L 140 -89.20 -18.22 -15.00
CA UNK L 140 -89.17 -17.22 -16.05
C UNK L 140 -88.25 -17.73 -17.14
N UNK L 141 -88.73 -17.91 -18.39
CA UNK L 141 -87.89 -18.50 -19.44
C UNK L 141 -88.11 -17.89 -20.80
N UNK L 142 -87.13 -18.14 -21.70
CA UNK L 142 -87.13 -17.75 -23.10
C UNK L 142 -87.10 -16.25 -23.38
N UNK L 143 -86.36 -15.47 -22.55
CA UNK L 143 -86.24 -14.04 -22.74
C UNK L 143 -84.88 -13.62 -23.28
N UNK L 144 -84.84 -12.50 -24.01
CA UNK L 144 -83.61 -11.90 -24.49
C UNK L 144 -83.86 -10.40 -24.61
N UNK L 145 -82.95 -9.47 -24.33
CA UNK L 145 -81.71 -9.61 -23.55
C UNK L 145 -81.88 -10.24 -22.17
N UNK L 146 -80.76 -10.67 -21.56
CA UNK L 146 -80.75 -11.38 -20.27
C UNK L 146 -80.74 -10.49 -19.06
N UNK L 147 -81.60 -9.48 -19.01
CA UNK L 147 -81.74 -8.60 -17.88
C UNK L 147 -83.21 -8.57 -17.49
N UNK L 148 -83.53 -8.86 -16.21
CA UNK L 148 -84.91 -8.95 -15.79
C UNK L 148 -85.02 -8.53 -14.33
N UNK L 149 -86.15 -7.92 -13.95
CA UNK L 149 -86.42 -7.51 -12.56
C UNK L 149 -87.58 -8.34 -12.09
N UNK L 150 -87.49 -8.94 -10.89
CA UNK L 150 -88.56 -9.75 -10.32
C UNK L 150 -88.99 -9.13 -9.01
N UNK L 151 -90.31 -9.06 -8.76
CA UNK L 151 -90.86 -8.51 -7.55
C UNK L 151 -92.00 -9.39 -7.05
N UNK L 152 -92.13 -9.52 -5.72
CA UNK L 152 -93.16 -10.33 -5.09
C UNK L 152 -94.10 -9.44 -4.30
N UNK L 153 -95.38 -9.79 -4.27
CA UNK L 153 -96.37 -9.09 -3.46
C UNK L 153 -97.23 -10.09 -2.72
N UNK L 154 -97.73 -9.67 -1.55
CA UNK L 154 -98.70 -10.39 -0.75
C UNK L 154 -99.90 -9.46 -0.66
N UNK L 155 -101.07 -9.86 -1.21
CA UNK L 155 -102.13 -8.95 -1.63
C UNK L 155 -101.56 -7.75 -2.43
N UNK L 156 -101.67 -6.52 -1.89
CA UNK L 156 -101.12 -5.34 -2.55
C UNK L 156 -99.76 -4.92 -2.03
N UNK L 157 -99.19 -5.60 -1.01
CA UNK L 157 -97.98 -5.15 -0.32
C UNK L 157 -96.71 -5.78 -0.88
N UNK L 158 -95.67 -5.07 -1.33
CA UNK L 158 -94.36 -5.63 -1.63
C UNK L 158 -93.78 -6.50 -0.52
N UNK L 159 -93.34 -7.74 -0.81
CA UNK L 159 -92.61 -8.59 0.11
C UNK L 159 -91.15 -8.63 -0.29
N UNK L 160 -90.24 -8.59 0.72
CA UNK L 160 -88.80 -8.52 0.49
C UNK L 160 -88.02 -9.59 1.22
N UNK L 161 -88.55 -10.14 2.34
CA UNK L 161 -87.88 -11.19 3.08
C UNK L 161 -88.32 -12.56 2.59
N UNK L 162 -87.40 -13.56 2.62
CA UNK L 162 -87.70 -14.92 2.19
C UNK L 162 -87.63 -15.16 0.71
N UNK L 163 -87.19 -14.15 -0.06
CA UNK L 163 -87.03 -14.24 -1.51
C UNK L 163 -85.61 -14.65 -1.89
N UNK L 164 -85.47 -15.74 -2.67
CA UNK L 164 -84.19 -16.16 -3.22
C UNK L 164 -84.35 -16.19 -4.74
N UNK L 165 -83.55 -15.38 -5.49
CA UNK L 165 -83.72 -15.20 -6.94
C UNK L 165 -82.42 -15.52 -7.66
N UNK L 166 -82.44 -16.34 -8.73
CA UNK L 166 -81.25 -16.62 -9.53
C UNK L 166 -80.85 -15.47 -10.43
N UNK L 167 -79.53 -15.32 -10.71
CA UNK L 167 -79.10 -14.55 -11.86
C UNK L 167 -79.50 -15.27 -13.15
N UNK L 168 -79.84 -14.61 -14.25
CA UNK L 168 -80.28 -15.33 -15.43
C UNK L 168 -79.12 -15.96 -16.19
N UNK L 169 -79.29 -17.21 -16.66
CA UNK L 169 -78.26 -17.92 -17.42
C UNK L 169 -78.76 -18.24 -18.80
N UNK L 170 -77.84 -18.34 -19.78
CA UNK L 170 -78.17 -18.54 -21.17
C UNK L 170 -78.43 -20.02 -21.45
N UNK L 171 -79.62 -20.35 -21.99
CA UNK L 171 -80.03 -21.67 -22.40
C UNK L 171 -79.37 -22.04 -23.73
N UNK L 172 -79.49 -23.32 -24.16
CA UNK L 172 -78.88 -23.79 -25.41
C UNK L 172 -79.49 -23.20 -26.67
N UNK L 173 -80.68 -22.57 -26.56
CA UNK L 173 -81.34 -21.90 -27.67
C UNK L 173 -80.99 -20.41 -27.76
N UNK L 174 -80.06 -19.95 -26.91
CA UNK L 174 -79.51 -18.59 -26.84
C UNK L 174 -80.40 -17.58 -26.13
N UNK L 175 -81.47 -18.05 -25.46
CA UNK L 175 -82.32 -17.21 -24.64
C UNK L 175 -82.06 -17.50 -23.17
N UNK L 176 -82.59 -16.66 -22.26
CA UNK L 176 -82.26 -16.76 -20.86
C UNK L 176 -83.36 -17.41 -20.03
N UNK L 177 -82.97 -18.04 -18.91
CA UNK L 177 -83.86 -18.55 -17.89
C UNK L 177 -83.54 -17.96 -16.53
N UNK L 178 -84.54 -17.77 -15.66
CA UNK L 178 -84.34 -17.34 -14.31
C UNK L 178 -85.44 -17.90 -13.42
N UNK L 179 -85.15 -18.01 -12.11
CA UNK L 179 -86.08 -18.57 -11.15
C UNK L 179 -86.14 -17.68 -9.93
N UNK L 180 -87.30 -17.56 -9.30
CA UNK L 180 -87.41 -16.86 -8.01
C UNK L 180 -88.29 -17.66 -7.10
N UNK L 181 -87.84 -17.81 -5.85
CA UNK L 181 -88.50 -18.62 -4.85
C UNK L 181 -88.87 -17.74 -3.69
N UNK L 182 -90.10 -17.90 -3.15
CA UNK L 182 -90.53 -17.21 -1.96
C UNK L 182 -90.89 -18.24 -0.90
N UNK L 183 -90.13 -18.24 0.22
CA UNK L 183 -90.35 -19.13 1.35
C UNK L 183 -91.25 -18.46 2.37
N UNK L 184 -92.36 -19.12 2.74
CA UNK L 184 -93.34 -18.61 3.68
C UNK L 184 -93.60 -19.63 4.78
N UNK L 185 -94.25 -19.19 5.88
CA UNK L 185 -94.92 -20.10 6.80
C UNK L 185 -96.28 -20.54 6.22
N UNK L 186 -96.88 -21.69 6.56
CA UNK L 186 -98.23 -22.02 6.12
C UNK L 186 -99.26 -20.99 6.55
N UNK L 187 -99.14 -20.43 7.75
CA UNK L 187 -100.01 -19.43 8.32
C UNK L 187 -100.02 -18.15 7.49
N UNK L 188 -98.83 -17.67 7.05
CA UNK L 188 -98.70 -16.57 6.10
C UNK L 188 -99.28 -16.85 4.74
N UNK L 189 -99.19 -18.11 4.25
CA UNK L 189 -99.88 -18.53 3.05
C UNK L 189 -101.40 -18.37 3.17
N UNK L 190 -102.04 -18.80 4.29
CA UNK L 190 -103.51 -18.79 4.35
C UNK L 190 -104.10 -17.51 4.93
N UNK L 191 -103.27 -16.51 5.26
CA UNK L 191 -103.69 -15.25 5.86
C UNK L 191 -104.00 -14.17 4.83
N UNK L 192 -103.38 -14.24 3.63
CA UNK L 192 -103.57 -13.23 2.60
C UNK L 192 -104.45 -13.81 1.53
N UNK L 193 -105.14 -12.95 0.76
CA UNK L 193 -106.01 -13.40 -0.31
C UNK L 193 -105.23 -13.93 -1.49
N UNK L 194 -104.13 -13.26 -1.87
CA UNK L 194 -103.32 -13.70 -2.99
C UNK L 194 -101.85 -13.37 -2.85
N UNK L 195 -101.01 -14.07 -3.64
CA UNK L 195 -99.60 -13.78 -3.77
C UNK L 195 -99.32 -13.62 -5.25
N UNK L 196 -98.58 -12.56 -5.62
CA UNK L 196 -98.24 -12.28 -7.00
C UNK L 196 -96.75 -12.33 -7.21
N UNK L 197 -96.35 -12.85 -8.39
CA UNK L 197 -95.00 -12.72 -8.91
C UNK L 197 -95.10 -11.77 -10.08
N UNK L 198 -94.34 -10.67 -10.05
CA UNK L 198 -94.34 -9.65 -11.08
C UNK L 198 -92.97 -9.60 -11.69
N UNK L 199 -92.86 -9.65 -13.04
CA UNK L 199 -91.56 -9.58 -13.70
C UNK L 199 -91.56 -8.46 -14.73
N UNK L 200 -90.45 -7.71 -14.78
CA UNK L 200 -90.29 -6.58 -15.69
C UNK L 200 -89.13 -6.85 -16.59
N UNK L 201 -89.36 -6.82 -17.92
CA UNK L 201 -88.34 -7.04 -18.93
C UNK L 201 -88.55 -5.99 -20.01
N UNK L 202 -87.57 -5.13 -20.32
CA UNK L 202 -87.56 -4.30 -21.51
C UNK L 202 -88.76 -3.38 -21.76
N UNK L 203 -89.36 -2.82 -20.70
CA UNK L 203 -90.58 -2.02 -20.78
C UNK L 203 -91.86 -2.83 -20.78
N UNK L 204 -91.77 -4.17 -20.72
CA UNK L 204 -92.90 -5.07 -20.58
C UNK L 204 -92.98 -5.57 -19.16
N UNK L 205 -94.18 -5.52 -18.56
CA UNK L 205 -94.41 -6.02 -17.21
C UNK L 205 -95.49 -7.06 -17.28
N UNK L 206 -95.25 -8.27 -16.75
CA UNK L 206 -96.28 -9.30 -16.66
C UNK L 206 -96.37 -9.77 -15.21
N UNK L 207 -97.60 -9.97 -14.72
CA UNK L 207 -97.84 -10.40 -13.36
C UNK L 207 -98.60 -11.70 -13.38
N UNK L 208 -98.24 -12.66 -12.51
CA UNK L 208 -98.95 -13.92 -12.35
C UNK L 208 -99.35 -14.05 -10.90
N UNK L 209 -100.59 -14.52 -10.63
CA UNK L 209 -101.15 -14.49 -9.28
C UNK L 209 -101.57 -15.88 -8.84
N UNK L 210 -101.41 -16.21 -7.54
CA UNK L 210 -101.95 -17.42 -6.94
C UNK L 210 -102.65 -17.07 -5.64
N UNK L 211 -103.57 -17.93 -5.17
CA UNK L 211 -104.32 -17.73 -3.96
C UNK L 211 -104.44 -19.07 -3.24
N UNK L 212 -104.44 -19.17 -1.92
CA UNK L 212 -104.85 -20.39 -1.21
C UNK L 212 -106.27 -20.79 -1.52
N UNK L 213 -106.50 -22.01 -2.06
CA UNK L 213 -107.80 -22.64 -2.31
C UNK L 213 -109.02 -21.73 -2.45
N UNK L 214 -109.04 -20.96 -3.55
CA UNK L 214 -110.08 -19.99 -3.88
C UNK L 214 -111.16 -20.67 -4.74
N UNK L 215 -110.96 -22.00 -4.96
CA UNK L 215 -111.81 -22.98 -5.63
C UNK L 215 -113.31 -22.73 -5.57
N UNK L 216 -113.97 -22.71 -6.74
CA UNK L 216 -115.36 -22.37 -6.95
C UNK L 216 -115.64 -22.55 -8.46
N ASP M 1 24.41 -54.91 -4.08
CA ASP M 1 23.20 -54.41 -4.79
C ASP M 1 23.20 -54.82 -6.26
N LEU M 2 22.98 -56.10 -6.49
CA LEU M 2 22.69 -56.61 -7.83
C LEU M 2 21.22 -56.46 -8.19
N ASP M 3 20.46 -55.72 -7.40
CA ASP M 3 19.00 -55.68 -7.47
C ASP M 3 18.50 -54.27 -7.77
N THR M 4 19.27 -53.54 -8.59
CA THR M 4 18.99 -52.15 -8.92
C THR M 4 18.76 -51.92 -10.41
N HIS M 5 18.72 -52.98 -11.21
CA HIS M 5 18.52 -52.88 -12.64
C HIS M 5 17.51 -53.92 -13.09
N PHE M 6 16.41 -53.99 -12.37
CA PHE M 6 15.27 -54.76 -12.85
C PHE M 6 14.55 -54.06 -13.99
N THR M 7 15.00 -52.87 -14.36
CA THR M 7 14.63 -52.28 -15.65
C THR M 7 14.86 -53.31 -16.76
N GLN M 8 16.09 -53.79 -16.89
CA GLN M 8 16.37 -54.80 -17.90
C GLN M 8 15.89 -56.17 -17.46
N TYR M 9 16.29 -56.57 -16.26
CA TYR M 9 16.24 -57.98 -15.87
C TYR M 9 14.83 -58.54 -15.95
N LYS M 10 13.89 -57.95 -15.21
CA LYS M 10 12.52 -58.44 -15.23
C LYS M 10 11.92 -58.36 -16.62
N LEU M 11 12.26 -57.30 -17.36
CA LEU M 11 11.45 -56.87 -18.48
C LEU M 11 12.05 -57.25 -19.83
N ALA M 12 13.33 -57.58 -19.86
CA ALA M 12 14.00 -58.03 -21.08
C ALA M 12 14.23 -59.53 -21.04
N ARG M 13 14.25 -60.14 -22.22
CA ARG M 13 14.42 -61.57 -22.39
C ARG M 13 15.70 -61.85 -23.17
N PRO M 14 16.24 -63.07 -23.11
CA PRO M 14 17.42 -63.38 -23.91
C PRO M 14 17.08 -63.48 -25.39
N TYR M 15 17.42 -62.46 -26.16
CA TYR M 15 17.02 -62.46 -27.55
C TYR M 15 17.81 -63.49 -28.33
N ILE M 16 17.23 -63.96 -29.43
CA ILE M 16 17.90 -64.87 -30.35
C ILE M 16 17.89 -64.30 -31.76
N ALA M 17 19.06 -64.29 -32.39
CA ALA M 17 19.25 -63.71 -33.70
C ALA M 17 20.14 -64.66 -34.51
N ASP M 18 20.56 -64.17 -35.68
CA ASP M 18 21.24 -64.99 -36.68
C ASP M 18 22.73 -64.75 -36.61
N CYS M 19 23.44 -65.66 -35.95
CA CYS M 19 24.89 -65.59 -35.91
C CYS M 19 25.45 -65.83 -37.31
N PRO M 20 26.55 -65.15 -37.70
CA PRO M 20 26.98 -65.22 -39.10
C PRO M 20 27.81 -66.42 -39.51
N ASN M 21 28.66 -66.92 -38.63
CA ASN M 21 29.51 -68.07 -38.94
C ASN M 21 29.53 -69.00 -37.73
N CYS M 22 28.32 -69.40 -37.35
CA CYS M 22 28.04 -70.11 -36.10
C CYS M 22 28.62 -71.50 -36.11
N GLY M 23 29.96 -71.58 -36.05
CA GLY M 23 30.65 -72.86 -36.10
C GLY M 23 30.74 -73.36 -37.52
N HIS M 24 29.62 -73.85 -38.04
CA HIS M 24 29.54 -74.22 -39.46
C HIS M 24 29.37 -72.98 -40.32
N SER M 25 28.23 -72.32 -40.14
CA SER M 25 27.74 -71.29 -41.04
C SER M 25 26.70 -70.50 -40.26
N ARG M 26 25.85 -69.77 -40.96
CA ARG M 26 24.87 -68.91 -40.32
C ARG M 26 23.80 -69.74 -39.61
N CYS M 27 23.92 -69.88 -38.30
CA CYS M 27 22.84 -70.44 -37.50
C CYS M 27 21.99 -69.30 -36.95
N ASP M 28 21.12 -69.62 -36.00
CA ASP M 28 20.43 -68.65 -35.18
C ASP M 28 20.82 -68.93 -33.74
N SER M 29 21.86 -68.25 -33.26
CA SER M 29 22.31 -68.45 -31.89
C SER M 29 21.65 -67.45 -30.97
N PRO M 30 21.32 -67.83 -29.73
CA PRO M 30 20.90 -66.81 -28.75
C PRO M 30 22.00 -65.85 -28.38
N ILE M 31 23.25 -66.20 -28.62
CA ILE M 31 24.38 -65.37 -28.24
C ILE M 31 24.89 -64.63 -29.47
N ALA M 32 24.01 -64.40 -30.43
CA ALA M 32 24.36 -63.72 -31.66
C ALA M 32 24.97 -62.37 -31.36
N ILE M 33 26.17 -62.15 -31.87
CA ILE M 33 27.00 -61.02 -31.50
C ILE M 33 26.68 -59.84 -32.40
N GLU M 34 26.26 -58.75 -31.79
CA GLU M 34 26.15 -57.47 -32.43
C GLU M 34 27.01 -56.49 -31.64
N GLU M 35 27.26 -55.32 -32.21
CA GLU M 35 27.90 -54.17 -31.56
C GLU M 35 29.16 -54.59 -30.80
N VAL M 36 30.12 -55.05 -31.54
CA VAL M 36 31.47 -55.23 -31.03
C VAL M 36 32.12 -53.86 -30.96
N ARG M 37 32.81 -53.59 -29.85
CA ARG M 37 33.39 -52.28 -29.59
C ARG M 37 34.81 -52.44 -29.10
N GLY M 38 35.75 -52.54 -30.04
CA GLY M 38 37.16 -52.58 -29.73
C GLY M 38 37.73 -51.19 -29.81
N ASP M 39 37.03 -50.26 -29.18
CA ASP M 39 37.28 -48.84 -29.30
C ASP M 39 37.99 -48.26 -28.09
N ALA M 40 38.06 -49.00 -27.00
CA ALA M 40 38.79 -48.57 -25.81
C ALA M 40 40.26 -48.95 -25.98
N HIS M 41 41.00 -48.88 -24.88
CA HIS M 41 42.45 -49.05 -24.90
C HIS M 41 42.96 -50.19 -24.02
N ALA M 42 42.19 -50.64 -23.04
CA ALA M 42 42.71 -51.42 -21.93
C ALA M 42 42.70 -52.91 -22.18
N GLY M 43 42.81 -53.34 -23.43
CA GLY M 43 42.64 -54.74 -23.73
C GLY M 43 41.22 -55.23 -23.66
N VAL M 44 40.25 -54.32 -23.57
CA VAL M 44 38.87 -54.66 -23.23
C VAL M 44 37.98 -54.45 -24.44
N ILE M 45 36.97 -55.31 -24.55
CA ILE M 45 35.87 -55.10 -25.49
C ILE M 45 34.58 -55.26 -24.72
N ARG M 46 33.66 -54.35 -24.99
CA ARG M 46 32.27 -54.49 -24.59
C ARG M 46 31.51 -55.11 -25.75
N ILE M 47 30.75 -56.15 -25.46
CA ILE M 47 30.03 -56.92 -26.47
C ILE M 47 28.59 -56.98 -26.04
N GLN M 48 27.68 -57.12 -27.02
CA GLN M 48 26.31 -57.51 -26.76
C GLN M 48 26.05 -58.86 -27.42
N THR M 49 25.75 -59.84 -26.60
CA THR M 49 25.02 -61.01 -27.05
C THR M 49 23.56 -60.63 -27.18
N SER M 50 22.86 -61.32 -28.06
CA SER M 50 21.41 -61.27 -28.00
C SER M 50 20.87 -62.01 -26.79
N ALA M 51 21.70 -62.85 -26.17
CA ALA M 51 21.32 -63.51 -24.94
C ALA M 51 21.51 -62.59 -23.75
N MET M 52 20.58 -62.67 -22.81
CA MET M 52 20.55 -61.88 -21.59
C MET M 52 20.95 -62.82 -20.46
N PHE M 53 22.25 -62.91 -20.22
CA PHE M 53 22.74 -63.56 -19.01
C PHE M 53 22.69 -62.54 -17.88
N GLY M 54 22.97 -63.01 -16.67
CA GLY M 54 22.85 -62.17 -15.49
C GLY M 54 22.08 -62.90 -14.41
N LEU M 55 21.07 -62.24 -13.84
CA LEU M 55 20.16 -62.95 -12.97
C LEU M 55 19.44 -64.02 -13.77
N LYS M 56 18.67 -64.84 -13.08
CA LYS M 56 17.88 -65.86 -13.73
C LYS M 56 16.67 -65.19 -14.39
N THR M 57 15.69 -66.01 -14.80
CA THR M 57 14.42 -65.47 -15.21
C THR M 57 13.83 -64.55 -14.14
N ASP M 58 14.00 -64.90 -12.87
CA ASP M 58 13.27 -64.23 -11.81
C ASP M 58 14.09 -63.21 -10.99
N GLY M 59 15.07 -63.65 -10.21
CA GLY M 59 15.64 -62.74 -9.23
C GLY M 59 17.04 -62.87 -8.65
N VAL M 60 17.88 -63.81 -9.09
CA VAL M 60 19.06 -64.18 -8.29
C VAL M 60 20.32 -64.31 -9.15
N ASP M 61 21.44 -63.83 -8.61
CA ASP M 61 22.77 -64.26 -9.00
C ASP M 61 23.17 -63.93 -10.43
N LEU M 62 23.66 -62.71 -10.62
CA LEU M 62 24.32 -62.25 -11.85
C LEU M 62 25.12 -63.35 -12.56
N ALA M 63 25.80 -64.19 -11.80
CA ALA M 63 26.69 -65.19 -12.37
C ALA M 63 25.96 -66.43 -12.90
N TYR M 64 24.65 -66.37 -13.11
CA TYR M 64 23.93 -67.40 -13.81
C TYR M 64 23.69 -66.97 -15.26
N MET M 65 22.97 -67.80 -16.00
CA MET M 65 23.08 -67.82 -17.45
C MET M 65 21.73 -68.17 -18.04
N SER M 66 21.09 -67.17 -18.65
CA SER M 66 19.80 -67.34 -19.32
C SER M 66 19.94 -66.99 -20.79
N PHE M 67 19.94 -68.00 -21.64
CA PHE M 67 19.75 -67.84 -23.08
C PHE M 67 18.41 -68.44 -23.46
N MET M 68 18.09 -68.32 -24.76
CA MET M 68 16.87 -68.88 -25.30
C MET M 68 17.17 -70.24 -25.91
N ASN M 69 16.42 -71.25 -25.46
CA ASN M 69 16.38 -72.56 -26.09
C ASN M 69 14.91 -72.84 -26.38
N GLY M 70 14.58 -73.01 -27.66
CA GLY M 70 13.20 -73.06 -28.06
C GLY M 70 12.64 -71.66 -28.17
N LYS M 71 11.33 -71.54 -27.93
CA LYS M 71 10.74 -70.27 -27.55
C LYS M 71 11.15 -69.85 -26.14
N THR M 72 11.76 -70.74 -25.38
CA THR M 72 11.91 -70.63 -23.94
C THR M 72 13.30 -70.19 -23.56
N GLN M 73 13.40 -69.61 -22.37
CA GLN M 73 14.69 -69.30 -21.77
C GLN M 73 15.35 -70.58 -21.28
N LYS M 74 16.57 -70.43 -20.75
CA LYS M 74 17.18 -71.47 -19.93
C LYS M 74 18.10 -70.79 -18.93
N SER M 75 17.54 -70.43 -17.77
CA SER M 75 18.23 -69.61 -16.78
C SER M 75 18.99 -70.53 -15.83
N ILE M 76 20.24 -70.80 -16.19
CA ILE M 76 21.08 -71.78 -15.50
C ILE M 76 22.49 -71.19 -15.35
N LYS M 77 23.45 -72.02 -14.92
CA LYS M 77 24.78 -71.54 -14.56
C LYS M 77 25.63 -71.21 -15.77
N ILE M 78 26.57 -70.27 -15.57
CA ILE M 78 27.42 -69.67 -16.60
C ILE M 78 28.64 -70.54 -16.94
N ASP M 79 28.63 -71.78 -16.46
CA ASP M 79 29.84 -72.56 -16.16
C ASP M 79 31.07 -72.35 -17.04
N ASN M 80 30.91 -72.32 -18.36
CA ASN M 80 32.03 -72.41 -19.29
C ASN M 80 31.91 -71.40 -20.43
N LEU M 81 31.66 -70.14 -20.09
CA LEU M 81 31.71 -69.08 -21.08
C LEU M 81 33.07 -69.04 -21.76
N HIS M 82 33.08 -68.70 -23.04
CA HIS M 82 34.32 -68.37 -23.75
C HIS M 82 34.04 -67.26 -24.76
N VAL M 83 34.48 -66.05 -24.43
CA VAL M 83 34.81 -65.07 -25.45
C VAL M 83 36.21 -65.38 -25.94
N ARG M 84 36.45 -65.17 -27.22
CA ARG M 84 37.82 -65.26 -27.69
C ARG M 84 37.96 -64.56 -29.03
N THR M 85 39.22 -64.38 -29.39
CA THR M 85 39.68 -63.68 -30.58
C THR M 85 40.85 -64.51 -31.07
N SER M 86 41.81 -63.90 -31.75
CA SER M 86 43.09 -64.51 -32.04
C SER M 86 43.63 -65.38 -30.91
N ALA M 87 43.43 -64.96 -29.67
CA ALA M 87 43.64 -65.78 -28.50
C ALA M 87 42.39 -65.81 -27.65
N PRO M 88 42.32 -66.72 -26.67
CA PRO M 88 41.22 -66.67 -25.71
C PRO M 88 41.26 -65.41 -24.86
N CYS M 89 40.12 -64.75 -24.78
CA CYS M 89 39.99 -63.52 -24.03
C CYS M 89 39.87 -63.85 -22.55
N SER M 90 39.72 -62.79 -21.76
CA SER M 90 39.39 -62.88 -20.35
C SER M 90 38.11 -62.11 -20.12
N LEU M 91 37.11 -62.79 -19.59
CA LEU M 91 35.90 -62.13 -19.12
C LEU M 91 36.27 -61.04 -18.12
N VAL M 92 35.49 -59.95 -18.13
CA VAL M 92 35.57 -58.91 -17.12
C VAL M 92 34.31 -58.86 -16.28
N SER M 93 33.15 -58.75 -16.93
CA SER M 93 31.89 -58.78 -16.22
C SER M 93 30.76 -58.82 -17.24
N HIS M 94 29.64 -59.38 -16.83
CA HIS M 94 28.42 -59.38 -17.61
C HIS M 94 27.32 -58.65 -16.86
N HIS M 95 26.44 -58.01 -17.63
CA HIS M 95 25.24 -57.40 -17.09
C HIS M 95 24.23 -57.25 -18.21
N GLY M 96 23.10 -57.92 -18.09
CA GLY M 96 22.05 -57.78 -19.09
C GLY M 96 22.35 -58.61 -20.30
N TYR M 97 22.18 -58.01 -21.48
CA TYR M 97 22.59 -58.62 -22.74
C TYR M 97 24.09 -58.57 -22.96
N TYR M 98 24.83 -57.92 -22.07
CA TYR M 98 26.09 -57.29 -22.41
C TYR M 98 27.20 -57.86 -21.55
N ILE M 99 28.34 -58.09 -22.17
CA ILE M 99 29.52 -58.61 -21.49
C ILE M 99 30.71 -57.70 -21.80
N LEU M 100 31.55 -57.52 -20.80
CA LEU M 100 32.86 -56.90 -20.95
C LEU M 100 33.91 -57.97 -20.76
N ALA M 101 34.92 -57.95 -21.63
CA ALA M 101 35.94 -58.99 -21.61
C ALA M 101 37.25 -58.39 -22.09
N GLN M 102 38.33 -58.78 -21.41
CA GLN M 102 39.65 -58.31 -21.78
C GLN M 102 40.19 -59.24 -22.88
N CYS M 103 40.34 -58.70 -24.08
CA CYS M 103 40.79 -59.43 -25.24
C CYS M 103 42.11 -58.87 -25.77
N PRO M 104 42.89 -59.69 -26.48
CA PRO M 104 43.96 -59.14 -27.28
C PRO M 104 43.42 -58.66 -28.62
N PRO M 105 44.27 -58.10 -29.46
CA PRO M 105 43.84 -57.77 -30.82
C PRO M 105 43.43 -59.01 -31.58
N GLY M 106 42.58 -58.80 -32.56
CA GLY M 106 42.11 -59.89 -33.38
C GLY M 106 41.32 -59.39 -34.56
N ASP M 107 41.54 -60.03 -35.70
CA ASP M 107 40.77 -59.69 -36.90
C ASP M 107 39.28 -59.91 -36.68
N THR M 108 38.92 -60.86 -35.85
CA THR M 108 37.54 -61.25 -35.60
C THR M 108 37.22 -61.15 -34.12
N VAL M 109 36.00 -61.55 -33.79
CA VAL M 109 35.58 -61.81 -32.43
C VAL M 109 34.77 -63.08 -32.45
N THR M 110 34.98 -63.92 -31.44
CA THR M 110 34.49 -65.29 -31.45
C THR M 110 34.07 -65.64 -30.03
N VAL M 111 32.77 -65.83 -29.84
CA VAL M 111 32.15 -65.94 -28.53
C VAL M 111 31.51 -67.31 -28.39
N GLY M 112 31.42 -67.78 -27.15
CA GLY M 112 30.70 -69.01 -26.93
C GLY M 112 30.81 -69.57 -25.54
N PHE M 113 29.69 -70.10 -25.04
CA PHE M 113 29.65 -70.82 -23.79
C PHE M 113 29.61 -72.31 -24.09
N HIS M 114 29.35 -73.11 -23.06
CA HIS M 114 29.11 -74.54 -23.23
C HIS M 114 27.92 -74.88 -22.35
N ASP M 115 26.77 -75.12 -22.98
CA ASP M 115 25.59 -75.57 -22.25
C ASP M 115 25.88 -76.86 -21.50
N GLY M 116 26.70 -77.73 -22.06
CA GLY M 116 27.02 -79.01 -21.48
C GLY M 116 26.81 -80.17 -22.44
N PRO M 117 25.71 -80.19 -23.19
CA PRO M 117 25.58 -81.17 -24.27
C PRO M 117 26.22 -80.71 -25.57
N ASN M 118 26.47 -79.42 -25.74
CA ASN M 118 26.90 -78.89 -27.02
C ASN M 118 27.78 -77.68 -26.81
N ARG M 119 28.64 -77.41 -27.78
CA ARG M 119 29.51 -76.24 -27.71
C ARG M 119 28.69 -74.97 -27.85
N HIS M 120 28.02 -74.81 -28.99
CA HIS M 120 26.96 -73.82 -29.12
C HIS M 120 27.51 -72.39 -28.96
N THR M 121 28.39 -72.04 -29.89
CA THR M 121 29.16 -70.81 -29.86
C THR M 121 28.61 -69.84 -30.91
N CYS M 122 29.20 -68.64 -30.94
CA CYS M 122 28.89 -67.68 -32.00
C CYS M 122 30.08 -66.77 -32.26
N THR M 123 30.26 -66.43 -33.53
CA THR M 123 31.48 -65.81 -34.00
C THR M 123 31.11 -64.72 -34.98
N VAL M 124 32.03 -63.77 -35.17
CA VAL M 124 31.73 -62.57 -35.93
C VAL M 124 33.02 -61.92 -36.37
N ALA M 125 32.93 -61.12 -37.42
CA ALA M 125 34.02 -60.26 -37.85
C ALA M 125 33.99 -58.95 -37.10
N HIS M 126 35.15 -58.50 -36.67
CA HIS M 126 35.33 -57.13 -36.21
C HIS M 126 36.80 -56.80 -36.06
N LYS M 127 37.21 -55.70 -36.67
CA LYS M 127 38.59 -55.25 -36.56
C LYS M 127 38.84 -54.79 -35.12
N VAL M 128 39.79 -55.44 -34.46
CA VAL M 128 40.12 -55.14 -33.08
C VAL M 128 41.60 -54.76 -33.01
N GLU M 129 41.89 -53.78 -32.17
CA GLU M 129 43.26 -53.45 -31.79
C GLU M 129 43.25 -52.96 -30.36
N PHE M 130 44.44 -52.91 -29.77
CA PHE M 130 44.62 -52.25 -28.48
C PHE M 130 45.93 -51.48 -28.51
N ARG M 131 45.84 -50.27 -28.96
CA ARG M 131 46.80 -49.26 -28.61
C ARG M 131 46.58 -48.86 -27.16
N PRO M 132 47.60 -48.89 -26.31
CA PRO M 132 47.52 -48.13 -25.07
C PRO M 132 47.70 -46.66 -25.34
N VAL M 133 47.12 -45.85 -24.48
CA VAL M 133 47.32 -44.42 -24.58
C VAL M 133 48.74 -44.12 -24.19
N GLY M 134 49.44 -43.41 -25.05
CA GLY M 134 50.84 -43.09 -24.87
C GLY M 134 51.53 -43.14 -26.20
N ARG M 135 52.70 -42.53 -26.26
CA ARG M 135 53.49 -42.54 -27.46
C ARG M 135 54.19 -43.88 -27.70
N GLU M 136 53.99 -44.85 -26.81
CA GLU M 136 54.44 -46.22 -27.05
C GLU M 136 53.30 -47.01 -27.67
N LYS M 137 53.62 -47.70 -28.76
CA LYS M 137 52.66 -48.54 -29.45
C LYS M 137 52.90 -50.00 -29.05
N TYR M 138 52.50 -50.31 -27.82
CA TYR M 138 52.57 -51.70 -27.38
C TYR M 138 51.56 -52.54 -28.14
N ARG M 139 51.55 -53.83 -27.78
CA ARG M 139 50.51 -54.75 -28.17
C ARG M 139 49.72 -55.24 -26.97
N HIS M 140 50.05 -54.79 -25.76
CA HIS M 140 49.53 -55.42 -24.56
C HIS M 140 49.86 -54.57 -23.34
N PRO M 141 49.03 -54.53 -22.30
CA PRO M 141 49.35 -53.70 -21.14
C PRO M 141 50.41 -54.35 -20.27
N PRO M 142 51.40 -53.61 -19.79
CA PRO M 142 52.40 -54.19 -18.90
C PRO M 142 51.95 -54.20 -17.45
N GLU M 143 52.86 -54.63 -16.58
CA GLU M 143 52.65 -54.63 -15.14
C GLU M 143 53.00 -53.30 -14.51
N HIS M 144 53.84 -52.50 -15.16
CA HIS M 144 54.40 -51.30 -14.57
C HIS M 144 54.30 -50.17 -15.58
N GLY M 145 54.96 -49.06 -15.28
CA GLY M 145 54.89 -47.87 -16.10
C GLY M 145 53.99 -46.83 -15.49
N VAL M 146 53.97 -45.68 -16.15
CA VAL M 146 53.20 -44.54 -15.67
C VAL M 146 51.72 -44.80 -15.91
N GLU M 147 50.89 -44.16 -15.09
CA GLU M 147 49.45 -44.12 -15.31
C GLU M 147 49.09 -42.81 -15.99
N LEU M 148 48.15 -42.88 -16.93
CA LEU M 148 47.75 -41.71 -17.68
C LEU M 148 46.38 -41.98 -18.29
N PRO M 149 45.67 -40.95 -18.72
CA PRO M 149 44.22 -41.05 -18.88
C PRO M 149 43.75 -41.86 -20.07
N CYS M 150 43.56 -43.15 -19.87
CA CYS M 150 43.04 -44.01 -20.92
C CYS M 150 41.51 -43.97 -20.95
N ASN M 151 40.97 -44.58 -22.01
CA ASN M 151 39.55 -44.82 -22.16
C ASN M 151 39.28 -46.30 -21.99
N ARG M 152 38.23 -46.62 -21.26
CA ARG M 152 38.07 -47.96 -20.74
C ARG M 152 36.66 -48.08 -20.18
N TYR M 153 36.17 -49.31 -20.11
CA TYR M 153 34.85 -49.62 -19.59
C TYR M 153 34.94 -50.11 -18.16
N THR M 154 33.82 -49.98 -17.45
CA THR M 154 33.79 -50.23 -16.02
C THR M 154 33.65 -51.73 -15.75
N HIS M 155 33.88 -52.09 -14.51
CA HIS M 155 33.52 -53.41 -14.04
C HIS M 155 32.04 -53.51 -13.70
N LYS M 156 31.38 -52.38 -13.44
CA LYS M 156 30.20 -52.38 -12.61
C LYS M 156 28.92 -52.30 -13.43
N ARG M 157 27.81 -52.33 -12.71
CA ARG M 157 26.46 -52.33 -13.24
C ARG M 157 25.66 -51.10 -12.85
N ALA M 158 25.95 -50.49 -11.70
CA ALA M 158 25.18 -49.36 -11.17
C ALA M 158 25.47 -48.17 -12.08
N ASP M 159 24.80 -48.18 -13.23
CA ASP M 159 25.25 -47.41 -14.38
C ASP M 159 24.03 -46.91 -15.14
N GLN M 160 24.06 -45.62 -15.45
CA GLN M 160 22.96 -44.96 -16.13
C GLN M 160 23.45 -43.98 -17.19
N GLY M 161 24.76 -43.84 -17.38
CA GLY M 161 25.31 -42.79 -18.22
C GLY M 161 24.75 -42.75 -19.62
N HIS M 162 24.27 -43.89 -20.12
CA HIS M 162 23.51 -43.93 -21.35
C HIS M 162 22.43 -44.98 -21.22
N TYR M 163 21.50 -44.95 -22.17
CA TYR M 163 20.50 -46.00 -22.28
C TYR M 163 20.13 -46.15 -23.74
N VAL M 164 19.98 -47.39 -24.14
CA VAL M 164 19.58 -47.73 -25.50
C VAL M 164 18.12 -48.11 -25.49
N GLU M 165 17.44 -47.80 -26.58
CA GLU M 165 16.06 -48.22 -26.76
C GLU M 165 15.98 -49.73 -26.74
N MET M 166 15.06 -50.26 -25.96
CA MET M 166 14.78 -51.70 -25.97
C MET M 166 13.27 -51.90 -25.89
N HIS M 167 12.61 -51.82 -27.04
CA HIS M 167 11.19 -52.09 -27.14
C HIS M 167 10.99 -53.55 -27.55
N GLN M 168 9.77 -53.88 -27.98
CA GLN M 168 9.30 -55.24 -27.97
C GLN M 168 10.07 -56.09 -28.97
N PRO M 169 9.88 -57.39 -28.92
CA PRO M 169 10.19 -58.22 -30.08
C PRO M 169 9.03 -58.19 -31.06
N GLY M 170 9.39 -58.36 -32.33
CA GLY M 170 8.41 -58.80 -33.29
C GLY M 170 8.09 -60.25 -33.03
N LEU M 171 7.30 -60.81 -33.94
CA LEU M 171 7.01 -62.22 -33.88
C LEU M 171 8.29 -63.03 -34.10
N VAL M 172 8.16 -64.34 -33.97
CA VAL M 172 9.21 -65.27 -34.36
C VAL M 172 8.56 -66.51 -34.94
N ALA M 173 9.32 -67.22 -35.75
CA ALA M 173 8.84 -68.48 -36.30
C ALA M 173 8.92 -69.57 -35.26
N ASP M 174 7.95 -70.48 -35.28
CA ASP M 174 8.09 -71.72 -34.52
C ASP M 174 7.17 -72.76 -35.17
N HIS M 175 7.76 -73.56 -36.07
CA HIS M 175 7.01 -74.58 -36.77
C HIS M 175 6.88 -75.86 -35.95
N SER M 176 7.46 -75.91 -34.75
CA SER M 176 7.08 -76.95 -33.81
C SER M 176 5.60 -76.84 -33.46
N LEU M 177 5.05 -75.62 -33.52
CA LEU M 177 3.62 -75.43 -33.30
C LEU M 177 2.81 -76.20 -34.32
N LEU M 178 3.09 -75.98 -35.59
CA LEU M 178 2.21 -76.45 -36.67
C LEU M 178 2.33 -77.97 -36.80
N SER M 179 1.67 -78.66 -35.88
CA SER M 179 1.53 -80.10 -35.94
C SER M 179 0.42 -80.43 -36.94
N ILE M 180 -0.05 -81.68 -36.93
CA ILE M 180 -1.10 -82.14 -37.83
C ILE M 180 -2.24 -82.70 -36.98
N HIS M 181 -3.46 -82.30 -37.29
CA HIS M 181 -4.69 -82.85 -36.69
C HIS M 181 -5.20 -84.05 -37.48
N SER M 182 -4.27 -84.96 -37.77
CA SER M 182 -4.50 -86.25 -38.45
C SER M 182 -4.93 -86.14 -39.91
N ALA M 183 -5.42 -84.98 -40.36
CA ALA M 183 -5.42 -84.61 -41.77
C ALA M 183 -5.14 -83.14 -42.00
N LYS M 184 -5.29 -82.28 -40.99
CA LYS M 184 -5.18 -80.84 -41.13
C LYS M 184 -3.99 -80.37 -40.31
N VAL M 185 -3.41 -79.24 -40.73
CA VAL M 185 -2.27 -78.71 -40.00
C VAL M 185 -2.76 -77.99 -38.76
N LYS M 186 -2.13 -78.31 -37.63
CA LYS M 186 -2.63 -78.00 -36.29
C LYS M 186 -1.63 -77.09 -35.61
N ILE M 187 -2.05 -75.88 -35.33
CA ILE M 187 -1.25 -74.94 -34.56
C ILE M 187 -1.62 -75.10 -33.09
N THR M 188 -0.66 -74.77 -32.21
CA THR M 188 -0.91 -74.71 -30.78
C THR M 188 -0.39 -73.39 -30.25
N VAL M 189 -0.32 -73.24 -28.93
CA VAL M 189 0.12 -71.99 -28.30
C VAL M 189 1.07 -72.30 -27.16
N PRO M 190 2.01 -71.39 -26.86
CA PRO M 190 2.90 -71.61 -25.71
C PRO M 190 2.17 -71.71 -24.37
N SER M 191 1.53 -70.61 -23.99
CA SER M 191 0.91 -70.48 -22.69
C SER M 191 -0.38 -69.67 -22.79
N GLY M 192 -1.01 -69.70 -23.95
CA GLY M 192 -1.99 -68.70 -24.31
C GLY M 192 -1.41 -67.51 -25.04
N ALA M 193 -0.15 -67.60 -25.50
CA ALA M 193 0.44 -66.52 -26.23
C ALA M 193 -0.30 -66.30 -27.55
N GLN M 194 0.06 -65.22 -28.23
CA GLN M 194 -0.70 -64.71 -29.35
C GLN M 194 -0.04 -65.20 -30.64
N VAL M 195 -0.71 -66.14 -31.32
CA VAL M 195 -0.17 -66.84 -32.48
C VAL M 195 -0.89 -66.30 -33.72
N LYS M 196 -0.10 -65.77 -34.65
CA LYS M 196 -0.60 -64.99 -35.78
C LYS M 196 -0.61 -65.90 -36.99
N TYR M 197 -1.80 -66.24 -37.49
CA TYR M 197 -1.97 -67.45 -38.29
C TYR M 197 -2.93 -67.30 -39.47
N TYR M 198 -2.58 -67.97 -40.58
CA TYR M 198 -3.34 -68.22 -41.82
C TYR M 198 -2.38 -69.05 -42.66
N CYS M 199 -2.88 -69.57 -43.78
CA CYS M 199 -2.05 -70.35 -44.70
C CYS M 199 -2.24 -69.75 -46.09
N LYS M 200 -1.48 -70.27 -47.06
CA LYS M 200 -1.64 -69.76 -48.42
C LYS M 200 -3.07 -69.93 -48.91
N CYS M 201 -3.72 -71.02 -48.51
CA CYS M 201 -5.12 -71.21 -48.82
C CYS M 201 -5.94 -70.21 -48.03
N PRO M 202 -7.25 -70.12 -48.28
CA PRO M 202 -8.12 -69.33 -47.38
C PRO M 202 -8.65 -70.07 -46.16
N ASP M 203 -8.21 -69.65 -44.98
CA ASP M 203 -8.69 -70.11 -43.67
C ASP M 203 -8.59 -68.91 -42.70
N VAL M 204 -8.50 -69.17 -41.38
CA VAL M 204 -8.44 -68.11 -40.36
C VAL M 204 -7.30 -67.14 -40.70
N ARG M 205 -7.63 -65.83 -40.74
CA ARG M 205 -6.73 -64.86 -41.37
C ARG M 205 -5.87 -64.04 -40.43
N GLU M 206 -6.29 -63.79 -39.17
CA GLU M 206 -5.37 -63.12 -38.24
C GLU M 206 -4.63 -64.13 -37.38
N GLY M 207 -5.36 -64.79 -36.49
CA GLY M 207 -4.79 -65.65 -35.49
C GLY M 207 -4.51 -64.81 -34.26
N ILE M 208 -5.45 -64.78 -33.33
CA ILE M 208 -5.19 -64.32 -31.96
C ILE M 208 -5.98 -65.29 -31.10
N THR M 209 -5.36 -66.40 -30.71
CA THR M 209 -6.13 -67.58 -30.37
C THR M 209 -5.38 -68.46 -29.38
N SER M 210 -6.11 -69.44 -28.85
CA SER M 210 -5.54 -70.65 -28.29
C SER M 210 -5.21 -71.58 -29.44
N SER M 211 -4.98 -72.86 -29.14
CA SER M 211 -4.66 -73.83 -30.18
C SER M 211 -5.78 -73.95 -31.20
N ASP M 212 -5.53 -73.48 -32.41
CA ASP M 212 -6.46 -73.64 -33.53
C ASP M 212 -6.08 -74.86 -34.35
N HIS M 213 -7.02 -75.23 -35.21
CA HIS M 213 -6.78 -76.13 -36.32
C HIS M 213 -6.71 -75.30 -37.59
N THR M 214 -6.69 -75.98 -38.74
CA THR M 214 -6.70 -75.32 -40.05
C THR M 214 -7.66 -76.10 -40.94
N THR M 215 -8.81 -75.50 -41.24
CA THR M 215 -9.76 -76.19 -42.09
C THR M 215 -9.20 -76.43 -43.48
N THR M 216 -8.60 -75.39 -44.08
CA THR M 216 -8.35 -75.41 -45.52
C THR M 216 -7.03 -76.10 -45.90
N CYS M 217 -5.90 -75.48 -45.55
CA CYS M 217 -4.61 -76.03 -45.97
C CYS M 217 -4.27 -77.25 -45.12
N THR M 218 -3.28 -78.00 -45.62
CA THR M 218 -2.81 -79.23 -45.02
C THR M 218 -1.32 -79.21 -44.74
N ASP M 219 -0.54 -78.61 -45.63
CA ASP M 219 0.90 -78.67 -45.54
C ASP M 219 1.39 -77.69 -44.48
N VAL M 220 2.31 -78.17 -43.63
CA VAL M 220 2.96 -77.32 -42.65
C VAL M 220 3.72 -76.19 -43.31
N LYS M 221 4.19 -76.40 -44.54
CA LYS M 221 5.11 -75.51 -45.21
C LYS M 221 4.44 -74.35 -45.92
N GLN M 222 3.16 -74.09 -45.64
CA GLN M 222 2.44 -73.01 -46.30
C GLN M 222 1.59 -72.26 -45.30
N CYS M 223 2.08 -72.10 -44.07
CA CYS M 223 1.30 -71.54 -42.99
C CYS M 223 2.15 -70.62 -42.12
N ARG M 224 1.44 -69.83 -41.30
CA ARG M 224 2.03 -68.74 -40.53
C ARG M 224 2.22 -69.20 -39.08
N ALA M 225 3.37 -69.82 -38.80
CA ALA M 225 3.73 -70.18 -37.43
C ALA M 225 4.41 -68.98 -36.79
N TYR M 226 3.64 -68.20 -36.03
CA TYR M 226 4.12 -66.95 -35.46
C TYR M 226 3.89 -66.94 -33.96
N LEU M 227 4.70 -66.13 -33.27
CA LEU M 227 4.63 -65.99 -31.81
C LEU M 227 4.73 -64.51 -31.47
N ILE M 228 3.59 -63.85 -31.39
CA ILE M 228 3.52 -62.53 -30.75
C ILE M 228 3.51 -62.81 -29.26
N ASP M 229 4.68 -62.71 -28.63
CA ASP M 229 4.89 -63.09 -27.23
C ASP M 229 5.53 -61.93 -26.50
N ASN M 230 4.93 -60.75 -26.65
CA ASN M 230 5.53 -59.52 -26.16
C ASN M 230 5.23 -59.27 -24.70
N LYS M 231 5.48 -60.26 -23.86
CA LYS M 231 5.47 -60.07 -22.42
C LYS M 231 6.82 -59.58 -21.90
N LYS M 232 7.87 -59.70 -22.70
CA LYS M 232 9.20 -59.21 -22.33
C LYS M 232 9.83 -58.57 -23.55
N TRP M 233 10.34 -57.35 -23.37
CA TRP M 233 10.94 -56.61 -24.47
C TRP M 233 12.28 -57.23 -24.84
N VAL M 234 12.95 -56.64 -25.84
CA VAL M 234 14.23 -57.12 -26.34
C VAL M 234 15.15 -55.95 -26.62
N TYR M 235 16.40 -56.30 -26.94
CA TYR M 235 17.28 -55.36 -27.59
C TYR M 235 16.86 -55.19 -29.04
N ASN M 236 17.07 -53.99 -29.55
CA ASN M 236 16.63 -53.64 -30.88
C ASN M 236 17.74 -53.95 -31.89
N SER M 237 18.05 -55.24 -31.94
CA SER M 237 19.06 -55.73 -32.87
C SER M 237 18.65 -55.46 -34.30
N GLY M 238 19.64 -55.25 -35.15
CA GLY M 238 19.40 -55.27 -36.57
C GLY M 238 18.89 -56.62 -37.04
N ARG M 239 19.23 -57.68 -36.32
CA ARG M 239 18.79 -59.02 -36.64
C ARG M 239 17.50 -59.38 -35.92
N LEU M 240 16.67 -58.39 -35.64
CA LEU M 240 15.34 -58.51 -35.12
C LEU M 240 14.31 -58.16 -36.19
N PRO M 241 13.22 -58.90 -36.32
CA PRO M 241 12.08 -58.39 -37.08
C PRO M 241 11.24 -57.45 -36.23
N ARG M 242 10.85 -56.34 -36.83
CA ARG M 242 10.08 -55.32 -36.13
C ARG M 242 8.79 -55.91 -35.56
N GLY M 243 8.47 -55.47 -34.35
CA GLY M 243 7.12 -55.63 -33.87
C GLY M 243 6.27 -54.54 -34.50
N GLU M 244 5.49 -54.93 -35.50
CA GLU M 244 4.89 -53.96 -36.41
C GLU M 244 3.90 -53.04 -35.73
N GLY M 245 3.40 -53.41 -34.55
CA GLY M 245 2.29 -52.67 -33.98
C GLY M 245 2.68 -51.28 -33.54
N ASP M 246 3.81 -51.15 -32.84
CA ASP M 246 4.04 -49.94 -32.06
C ASP M 246 5.50 -49.92 -31.59
N THR M 247 5.96 -48.71 -31.29
CA THR M 247 7.14 -48.49 -30.47
C THR M 247 6.74 -48.58 -29.01
N PHE M 248 6.67 -49.81 -28.49
CA PHE M 248 6.45 -49.94 -27.05
C PHE M 248 7.60 -49.32 -26.26
N LYS M 249 7.34 -49.10 -24.97
CA LYS M 249 8.30 -48.61 -24.00
C LYS M 249 9.37 -49.68 -23.77
N GLY M 250 10.29 -49.40 -22.86
CA GLY M 250 11.43 -50.23 -22.57
C GLY M 250 12.75 -49.54 -22.82
N LYS M 251 12.83 -48.25 -22.53
CA LYS M 251 14.13 -47.58 -22.46
C LYS M 251 14.96 -48.22 -21.36
N LEU M 252 16.16 -48.67 -21.72
CA LEU M 252 16.96 -49.49 -20.82
C LEU M 252 18.43 -49.11 -20.92
N HIS M 253 19.07 -49.02 -19.76
CA HIS M 253 20.41 -48.48 -19.63
C HIS M 253 21.44 -49.30 -20.35
N VAL M 254 22.67 -48.81 -20.35
CA VAL M 254 23.86 -49.60 -20.64
C VAL M 254 24.69 -49.69 -19.38
N PRO M 255 25.15 -50.87 -18.98
CA PRO M 255 26.11 -50.94 -17.86
C PRO M 255 27.47 -50.35 -18.17
N PHE M 256 28.08 -50.86 -19.22
CA PHE M 256 29.50 -50.68 -19.44
C PHE M 256 29.70 -49.38 -20.20
N VAL M 257 29.66 -48.29 -19.45
CA VAL M 257 29.90 -46.96 -19.99
C VAL M 257 31.40 -46.86 -20.23
N PRO M 258 31.86 -46.17 -21.26
CA PRO M 258 33.28 -45.85 -21.34
C PRO M 258 33.62 -44.75 -20.37
N VAL M 259 34.60 -45.01 -19.51
CA VAL M 259 34.96 -44.11 -18.42
C VAL M 259 36.44 -43.73 -18.55
N LYS M 260 36.80 -42.68 -17.81
CA LYS M 260 38.13 -42.11 -17.86
C LYS M 260 38.98 -42.76 -16.76
N ALA M 261 39.16 -44.06 -16.91
CA ALA M 261 40.11 -44.75 -16.07
C ALA M 261 41.52 -44.33 -16.47
N LYS M 262 42.41 -44.33 -15.49
CA LYS M 262 43.83 -44.23 -15.74
C LYS M 262 44.34 -45.65 -15.82
N CYS M 263 44.50 -46.15 -17.03
CA CYS M 263 45.07 -47.48 -17.19
C CYS M 263 46.46 -47.51 -16.58
N ILE M 264 46.75 -48.60 -15.89
CA ILE M 264 48.13 -49.00 -15.73
C ILE M 264 48.67 -49.06 -17.15
N ALA M 265 49.78 -48.38 -17.41
CA ALA M 265 50.05 -48.02 -18.79
C ALA M 265 51.53 -48.10 -19.09
N THR M 266 51.88 -47.55 -20.25
CA THR M 266 53.12 -47.86 -20.93
C THR M 266 54.26 -47.06 -20.35
N LEU M 267 55.47 -47.42 -20.75
CA LEU M 267 56.68 -46.71 -20.41
C LEU M 267 57.78 -47.32 -21.26
N ALA M 268 58.57 -46.49 -21.87
CA ALA M 268 59.65 -46.96 -22.72
C ALA M 268 60.99 -46.80 -21.99
N PRO M 269 61.94 -47.71 -22.21
CA PRO M 269 63.21 -47.64 -21.49
C PRO M 269 63.92 -46.31 -21.67
N GLU M 270 64.65 -45.92 -20.65
CA GLU M 270 65.22 -44.59 -20.63
C GLU M 270 66.22 -44.43 -21.77
N PRO M 271 66.44 -43.21 -22.25
CA PRO M 271 67.42 -42.99 -23.30
C PRO M 271 68.84 -42.95 -22.75
N LEU M 272 69.79 -43.03 -23.67
CA LEU M 272 71.21 -42.84 -23.38
C LEU M 272 71.57 -41.46 -23.89
N VAL M 273 71.68 -40.52 -22.99
CA VAL M 273 72.03 -39.16 -23.38
C VAL M 273 73.51 -39.09 -23.62
N GLU M 274 73.88 -38.47 -24.74
CA GLU M 274 75.27 -38.30 -25.12
C GLU M 274 75.44 -36.88 -25.60
N HIS M 275 76.46 -36.22 -25.09
CA HIS M 275 76.73 -34.83 -25.43
C HIS M 275 77.51 -34.72 -26.73
N LYS M 276 77.17 -33.69 -27.50
CA LYS M 276 78.07 -33.14 -28.50
C LYS M 276 77.83 -31.64 -28.56
N HIS M 277 78.59 -30.97 -29.42
CA HIS M 277 78.51 -29.53 -29.58
C HIS M 277 77.16 -29.14 -30.15
N ARG M 278 76.28 -28.62 -29.30
CA ARG M 278 74.95 -28.18 -29.69
C ARG M 278 74.19 -29.30 -30.40
N THR M 279 74.46 -30.53 -29.97
CA THR M 279 73.91 -31.69 -30.66
C THR M 279 73.77 -32.82 -29.65
N LEU M 280 72.58 -33.43 -29.63
CA LEU M 280 72.31 -34.60 -28.83
C LEU M 280 72.43 -35.83 -29.72
N ILE M 281 73.56 -36.54 -29.63
CA ILE M 281 73.52 -37.93 -30.01
C ILE M 281 72.74 -38.66 -28.95
N LEU M 282 71.90 -39.58 -29.39
CA LEU M 282 71.10 -40.39 -28.48
C LEU M 282 71.09 -41.80 -29.04
N HIS M 283 71.94 -42.65 -28.50
CA HIS M 283 71.78 -44.07 -28.71
C HIS M 283 70.51 -44.50 -27.99
N LEU M 284 69.62 -45.16 -28.69
CA LEU M 284 68.28 -45.39 -28.19
C LEU M 284 67.83 -46.79 -28.52
N HIS M 285 67.04 -47.35 -27.63
CA HIS M 285 66.80 -48.76 -27.60
C HIS M 285 65.48 -49.06 -26.89
N PRO M 286 64.37 -49.04 -27.62
CA PRO M 286 63.06 -49.22 -26.98
C PRO M 286 62.65 -50.66 -26.81
N ASP M 287 61.52 -50.85 -26.16
CA ASP M 287 60.84 -52.13 -26.06
C ASP M 287 59.89 -52.36 -27.22
N HIS M 288 59.20 -51.31 -27.62
CA HIS M 288 58.14 -51.37 -28.61
C HIS M 288 58.21 -50.11 -29.45
N PRO M 289 57.42 -50.01 -30.53
CA PRO M 289 57.46 -48.78 -31.33
C PRO M 289 57.04 -47.58 -30.52
N THR M 290 57.96 -46.64 -30.39
CA THR M 290 57.79 -45.45 -29.56
C THR M 290 57.81 -44.22 -30.45
N LEU M 291 56.77 -43.40 -30.34
CA LEU M 291 56.74 -42.14 -31.07
C LEU M 291 57.58 -41.13 -30.29
N LEU M 292 58.75 -40.84 -30.81
CA LEU M 292 59.56 -39.76 -30.29
C LEU M 292 59.22 -38.47 -31.02
N THR M 293 59.34 -37.36 -30.30
CA THR M 293 59.18 -36.07 -30.94
C THR M 293 59.73 -34.97 -30.06
N THR M 294 60.00 -33.83 -30.70
CA THR M 294 60.71 -32.72 -30.08
C THR M 294 60.11 -31.40 -30.53
N ARG M 295 60.61 -30.31 -29.94
CA ARG M 295 60.17 -28.97 -30.28
C ARG M 295 61.34 -28.01 -30.07
N SER M 296 62.04 -27.66 -31.14
CA SER M 296 63.08 -26.65 -30.99
C SER M 296 62.40 -25.34 -30.64
N LEU M 297 62.63 -24.87 -29.42
CA LEU M 297 61.81 -23.85 -28.82
C LEU M 297 62.00 -22.47 -29.42
N GLY M 298 62.80 -22.30 -30.44
CA GLY M 298 62.76 -21.07 -31.19
C GLY M 298 61.38 -20.85 -31.76
N SER M 299 61.11 -19.61 -32.15
CA SER M 299 59.91 -19.36 -32.92
C SER M 299 59.91 -20.13 -34.22
N ASP M 300 61.08 -20.52 -34.70
CA ASP M 300 61.21 -21.65 -35.61
C ASP M 300 61.04 -22.93 -34.78
N ALA M 301 59.89 -23.58 -34.94
CA ALA M 301 59.62 -24.77 -34.16
C ALA M 301 60.56 -25.91 -34.53
N ASN M 302 60.63 -26.22 -35.82
CA ASN M 302 61.37 -27.35 -36.38
C ASN M 302 61.19 -28.64 -35.56
N PRO M 303 59.97 -29.15 -35.45
CA PRO M 303 59.76 -30.40 -34.73
C PRO M 303 60.11 -31.60 -35.58
N THR M 304 60.07 -32.76 -34.93
CA THR M 304 60.36 -34.03 -35.55
C THR M 304 59.44 -35.08 -34.94
N ARG M 305 59.05 -36.05 -35.75
CA ARG M 305 58.27 -37.18 -35.29
C ARG M 305 58.82 -38.42 -35.96
N GLN M 306 59.01 -39.50 -35.19
CA GLN M 306 59.27 -40.79 -35.79
C GLN M 306 59.00 -41.88 -34.77
N TRP M 307 58.11 -42.80 -35.13
CA TRP M 307 57.99 -44.03 -34.38
C TRP M 307 59.30 -44.77 -34.44
N ILE M 308 59.80 -45.18 -33.27
CA ILE M 308 61.04 -45.93 -33.18
C ILE M 308 60.70 -47.24 -32.51
N GLU M 309 60.88 -48.32 -33.25
CA GLU M 309 60.88 -49.67 -32.71
C GLU M 309 62.23 -50.33 -32.83
N ARG M 310 62.94 -50.03 -33.86
CA ARG M 310 64.28 -50.55 -34.03
C ARG M 310 65.25 -49.64 -33.29
N PRO M 311 66.15 -50.17 -32.46
CA PRO M 311 67.10 -49.31 -31.76
C PRO M 311 67.94 -48.50 -32.73
N THR M 312 68.10 -47.23 -32.41
CA THR M 312 68.66 -46.29 -33.36
C THR M 312 69.39 -45.18 -32.61
N THR M 313 70.61 -44.92 -33.03
CA THR M 313 71.30 -43.71 -32.62
C THR M 313 70.82 -42.57 -33.50
N VAL M 314 70.24 -41.55 -32.88
CA VAL M 314 69.65 -40.43 -33.58
C VAL M 314 70.43 -39.17 -33.26
N ASN M 315 70.01 -38.05 -33.83
CA ASN M 315 70.68 -36.78 -33.64
C ASN M 315 69.66 -35.66 -33.64
N PHE M 316 70.01 -34.59 -32.93
CA PHE M 316 69.13 -33.43 -32.80
C PHE M 316 70.00 -32.19 -32.73
N THR M 317 69.90 -31.34 -33.75
CA THR M 317 70.61 -30.08 -33.72
C THR M 317 69.92 -29.18 -32.71
N VAL M 318 70.39 -29.20 -31.48
CA VAL M 318 69.85 -28.30 -30.46
C VAL M 318 70.40 -26.91 -30.71
N THR M 319 69.58 -25.94 -30.42
CA THR M 319 69.90 -24.54 -30.62
C THR M 319 70.41 -23.94 -29.31
N GLY M 320 70.55 -22.62 -29.29
CA GLY M 320 71.05 -21.97 -28.11
C GLY M 320 70.05 -21.96 -26.98
N GLU M 321 68.78 -21.69 -27.30
CA GLU M 321 67.80 -21.43 -26.25
C GLU M 321 67.26 -22.70 -25.63
N GLY M 322 67.11 -23.77 -26.40
CA GLY M 322 66.74 -25.05 -25.81
C GLY M 322 65.98 -25.93 -26.77
N LEU M 323 65.88 -27.19 -26.38
CA LEU M 323 65.06 -28.20 -27.05
C LEU M 323 64.38 -29.02 -25.99
N GLU M 324 63.30 -29.69 -26.35
CA GLU M 324 62.67 -30.66 -25.47
C GLU M 324 62.50 -31.99 -26.20
N TYR M 325 62.31 -33.03 -25.40
CA TYR M 325 62.57 -34.40 -25.82
C TYR M 325 61.60 -35.33 -25.09
N THR M 326 60.93 -36.20 -25.86
CA THR M 326 59.75 -36.92 -25.39
C THR M 326 59.88 -38.41 -25.68
N TRP M 327 60.57 -39.12 -24.79
CA TRP M 327 60.81 -40.55 -24.99
C TRP M 327 59.55 -41.32 -24.66
N GLY M 328 58.62 -41.32 -25.61
CA GLY M 328 57.39 -41.99 -25.33
C GLY M 328 56.63 -41.21 -24.28
N ASN M 329 55.66 -41.88 -23.66
CA ASN M 329 54.91 -41.26 -22.59
C ASN M 329 55.72 -41.04 -21.33
N HIS M 330 56.98 -41.45 -21.31
CA HIS M 330 57.91 -40.91 -20.34
C HIS M 330 57.87 -39.39 -20.42
N PRO M 331 58.01 -38.66 -19.31
CA PRO M 331 57.75 -37.23 -19.33
C PRO M 331 58.70 -36.50 -20.27
N PRO M 332 58.32 -35.30 -20.69
CA PRO M 332 59.17 -34.53 -21.61
C PRO M 332 60.41 -34.01 -20.89
N LYS M 333 61.56 -34.20 -21.52
CA LYS M 333 62.80 -33.64 -21.04
C LYS M 333 63.03 -32.27 -21.68
N ARG M 334 64.09 -31.61 -21.25
CA ARG M 334 64.45 -30.30 -21.74
C ARG M 334 65.96 -30.20 -21.63
N VAL M 335 66.57 -29.33 -22.44
CA VAL M 335 68.03 -29.30 -22.54
C VAL M 335 68.56 -27.90 -22.86
N TRP M 336 69.51 -27.42 -22.04
CA TRP M 336 70.32 -26.26 -22.39
C TRP M 336 71.47 -26.78 -23.24
N ALA M 337 71.52 -26.33 -24.47
CA ALA M 337 72.70 -26.46 -25.31
C ALA M 337 73.10 -25.05 -25.67
N GLN M 338 73.90 -24.45 -24.80
CA GLN M 338 74.71 -23.34 -25.22
C GLN M 338 75.94 -23.91 -25.90
N GLU M 339 76.96 -23.09 -26.05
CA GLU M 339 78.20 -23.50 -26.68
C GLU M 339 78.77 -24.79 -26.12
N SER M 340 79.63 -25.44 -26.88
CA SER M 340 80.67 -26.26 -26.30
C SER M 340 81.95 -26.20 -27.12
N GLY M 341 82.06 -25.31 -28.10
CA GLY M 341 83.18 -25.21 -28.99
C GLY M 341 84.23 -24.23 -28.54
N GLU M 342 84.16 -23.79 -27.29
CA GLU M 342 85.24 -23.08 -26.61
C GLU M 342 85.46 -21.66 -27.14
N ASP N 1 -1.75 -16.25 3.78
CA ASP N 1 -0.48 -16.71 4.41
C ASP N 1 0.39 -15.54 4.84
N LEU N 2 -0.05 -14.86 5.88
CA LEU N 2 0.79 -13.88 6.58
C LEU N 2 1.70 -14.53 7.60
N ASP N 3 1.81 -15.86 7.59
CA ASP N 3 2.44 -16.64 8.64
C ASP N 3 3.62 -17.44 8.11
N THR N 4 4.33 -16.86 7.14
CA THR N 4 5.44 -17.50 6.44
C THR N 4 6.76 -16.78 6.62
N HIS N 5 6.80 -15.73 7.44
CA HIS N 5 8.01 -14.94 7.67
C HIS N 5 8.17 -14.68 9.16
N PHE N 6 8.01 -15.74 9.95
CA PHE N 6 8.39 -15.67 11.34
C PHE N 6 9.89 -15.68 11.54
N THR N 7 10.65 -15.79 10.45
CA THR N 7 12.07 -15.44 10.47
C THR N 7 12.26 -14.08 11.10
N GLN N 8 11.63 -13.06 10.53
CA GLN N 8 11.73 -11.72 11.10
C GLN N 8 10.84 -11.59 12.32
N TYR N 9 9.56 -11.94 12.17
CA TYR N 9 8.53 -11.50 13.10
C TYR N 9 8.83 -11.95 14.52
N LYS N 10 8.96 -13.25 14.74
CA LYS N 10 9.23 -13.75 16.09
C LYS N 10 10.55 -13.22 16.61
N LEU N 11 11.54 -13.09 15.74
CA LEU N 11 12.92 -13.03 16.18
C LEU N 11 13.49 -11.61 16.13
N ALA N 12 12.85 -10.70 15.41
CA ALA N 12 13.26 -9.31 15.33
C ALA N 12 12.32 -8.44 16.17
N ARG N 13 12.87 -7.35 16.68
CA ARG N 13 12.16 -6.41 17.53
C ARG N 13 12.11 -5.04 16.86
N PRO N 14 11.19 -4.16 17.28
CA PRO N 14 11.17 -2.81 16.69
C PRO N 14 12.34 -1.99 17.16
N TYR N 15 13.34 -1.81 16.32
CA TYR N 15 14.55 -1.13 16.75
C TYR N 15 14.27 0.36 16.94
N ILE N 16 15.05 1.00 17.80
CA ILE N 16 15.00 2.43 18.01
C ILE N 16 16.36 3.05 17.78
N ALA N 17 16.39 4.11 16.98
CA ALA N 17 17.61 4.79 16.59
C ALA N 17 17.38 6.29 16.65
N ASP N 18 18.35 7.05 16.15
CA ASP N 18 18.39 8.49 16.30
C ASP N 18 17.89 9.17 15.02
N CYS N 19 16.64 9.60 15.04
CA CYS N 19 16.09 10.33 13.93
C CYS N 19 16.79 11.69 13.81
N PRO N 20 17.03 12.20 12.60
CA PRO N 20 17.88 13.39 12.47
C PRO N 20 17.22 14.74 12.71
N ASN N 21 15.96 14.89 12.32
CA ASN N 21 15.24 16.15 12.49
C ASN N 21 13.83 15.85 12.98
N CYS N 22 13.77 15.13 14.09
CA CYS N 22 12.58 14.52 14.63
C CYS N 22 11.60 15.57 15.13
N GLY N 23 10.99 16.30 14.20
CA GLY N 23 10.09 17.37 14.55
C GLY N 23 10.84 18.61 14.96
N HIS N 24 11.40 18.58 16.16
CA HIS N 24 12.28 19.65 16.62
C HIS N 24 13.67 19.48 16.01
N SER N 25 14.33 18.41 16.40
CA SER N 25 15.73 18.19 16.17
C SER N 25 15.99 16.69 16.33
N ARG N 26 17.24 16.31 16.53
CA ARG N 26 17.60 14.91 16.62
C ARG N 26 17.03 14.28 17.88
N CYS N 27 15.92 13.55 17.76
CA CYS N 27 15.42 12.70 18.83
C CYS N 27 15.97 11.29 18.64
N ASP N 28 15.42 10.36 19.40
CA ASP N 28 15.59 8.93 19.18
C ASP N 28 14.21 8.36 18.92
N SER N 29 13.82 8.28 17.64
CA SER N 29 12.52 7.73 17.31
C SER N 29 12.63 6.24 17.04
N PRO N 30 11.62 5.43 17.39
CA PRO N 30 11.61 4.04 16.92
C PRO N 30 11.43 3.92 15.43
N ILE N 31 10.93 4.96 14.77
CA ILE N 31 10.66 4.91 13.33
C ILE N 31 11.79 5.62 12.60
N ALA N 32 12.97 5.64 13.21
CA ALA N 32 14.13 6.29 12.62
C ALA N 32 14.40 5.74 11.23
N ILE N 33 14.45 6.64 10.26
CA ILE N 33 14.46 6.28 8.84
C ILE N 33 15.89 6.09 8.39
N GLU N 34 16.19 4.90 7.91
CA GLU N 34 17.41 4.60 7.21
C GLU N 34 17.01 4.05 5.83
N GLU N 35 17.99 3.97 4.93
CA GLU N 35 17.87 3.32 3.62
C GLU N 35 16.59 3.73 2.90
N VAL N 36 16.54 4.99 2.57
CA VAL N 36 15.54 5.49 1.64
C VAL N 36 15.97 5.11 0.25
N ARG N 37 15.04 4.63 -0.56
CA ARG N 37 15.33 4.12 -1.89
C ARG N 37 14.32 4.67 -2.89
N GLY N 38 14.62 5.86 -3.41
CA GLY N 38 13.82 6.46 -4.46
C GLY N 38 14.42 6.11 -5.80
N ASP N 39 14.71 4.84 -5.97
CA ASP N 39 15.49 4.34 -7.08
C ASP N 39 14.62 3.64 -8.12
N ALA N 40 13.38 3.33 -7.80
CA ALA N 40 12.45 2.75 -8.75
C ALA N 40 11.80 3.87 -9.56
N HIS N 41 10.72 3.54 -10.27
CA HIS N 41 10.09 4.43 -11.23
C HIS N 41 8.63 4.72 -10.94
N ALA N 42 7.95 3.88 -10.17
CA ALA N 42 6.49 3.84 -10.15
C ALA N 42 5.87 4.76 -9.12
N GLY N 43 6.55 5.86 -8.79
CA GLY N 43 6.07 6.70 -7.70
C GLY N 43 6.29 6.10 -6.33
N VAL N 44 7.09 5.03 -6.23
CA VAL N 44 7.18 4.21 -5.02
C VAL N 44 8.53 4.41 -4.38
N ILE N 45 8.54 4.36 -3.05
CA ILE N 45 9.77 4.24 -2.28
C ILE N 45 9.61 3.11 -1.30
N ARG N 46 10.65 2.31 -1.21
CA ARG N 46 10.82 1.34 -0.13
C ARG N 46 11.64 2.01 0.96
N ILE N 47 11.15 1.93 2.19
CA ILE N 47 11.76 2.58 3.35
C ILE N 47 11.96 1.52 4.41
N GLN N 48 12.96 1.73 5.26
CA GLN N 48 13.06 1.00 6.52
C GLN N 48 12.95 1.97 7.67
N THR N 49 11.91 1.77 8.46
CA THR N 49 11.91 2.26 9.83
C THR N 49 12.76 1.34 10.66
N SER N 50 13.30 1.87 11.74
CA SER N 50 13.85 1.00 12.76
C SER N 50 12.75 0.29 13.53
N ALA N 51 11.51 0.77 13.41
CA ALA N 51 10.37 0.10 14.00
C ALA N 51 9.91 -1.05 13.13
N MET N 52 9.52 -2.13 13.77
CA MET N 52 9.05 -3.36 13.13
C MET N 52 7.54 -3.40 13.34
N PHE N 53 6.81 -2.79 12.42
CA PHE N 53 5.38 -2.98 12.37
C PHE N 53 5.09 -4.26 11.59
N GLY N 54 3.83 -4.66 11.58
CA GLY N 54 3.45 -5.93 10.98
C GLY N 54 2.54 -6.70 11.92
N LEU N 55 2.86 -7.97 12.16
CA LEU N 55 2.16 -8.68 13.22
C LEU N 55 2.46 -8.00 14.56
N LYS N 56 1.80 -8.47 15.59
CA LYS N 56 2.04 -7.96 16.93
C LYS N 56 3.35 -8.54 17.44
N THR N 57 3.60 -8.40 18.74
CA THR N 57 4.68 -9.12 19.37
C THR N 57 4.61 -10.61 19.08
N ASP N 58 3.39 -11.17 19.04
CA ASP N 58 3.25 -12.62 19.02
C ASP N 58 2.87 -13.23 17.67
N GLY N 59 1.67 -12.96 17.14
CA GLY N 59 1.21 -13.75 16.01
C GLY N 59 0.17 -13.28 15.01
N VAL N 60 -0.34 -12.05 15.06
CA VAL N 60 -1.58 -11.72 14.36
C VAL N 60 -1.48 -10.40 13.61
N ASP N 61 -2.06 -10.38 12.40
CA ASP N 61 -2.51 -9.15 11.74
C ASP N 61 -1.41 -8.17 11.38
N LEU N 62 -0.79 -8.39 10.22
CA LEU N 62 0.12 -7.45 9.57
C LEU N 62 -0.25 -5.99 9.78
N ALA N 63 -1.54 -5.67 9.75
CA ALA N 63 -1.99 -4.30 9.83
C ALA N 63 -2.00 -3.72 11.24
N TYR N 64 -1.29 -4.34 12.20
CA TYR N 64 -1.05 -3.75 13.50
C TYR N 64 0.35 -3.16 13.54
N MET N 65 0.73 -2.66 14.70
CA MET N 65 1.76 -1.63 14.79
C MET N 65 2.54 -1.82 16.08
N SER N 66 3.78 -2.28 15.96
CA SER N 66 4.67 -2.48 17.09
C SER N 66 5.92 -1.62 16.90
N PHE N 67 6.00 -0.53 17.67
CA PHE N 67 7.24 0.21 17.85
C PHE N 67 7.72 0.02 19.28
N MET N 68 8.86 0.63 19.57
CA MET N 68 9.44 0.61 20.91
C MET N 68 9.05 1.86 21.66
N ASN N 69 8.44 1.67 22.84
CA ASN N 69 8.23 2.72 23.81
C ASN N 69 8.85 2.24 25.11
N GLY N 70 9.83 2.98 25.60
CA GLY N 70 10.64 2.50 26.70
C GLY N 70 11.70 1.54 26.18
N LYS N 71 12.08 0.61 27.04
CA LYS N 71 12.71 -0.63 26.58
C LYS N 71 11.72 -1.53 25.87
N THR N 72 10.43 -1.24 25.92
CA THR N 72 9.37 -2.16 25.59
C THR N 72 8.78 -1.86 24.22
N GLN N 73 8.17 -2.88 23.63
CA GLN N 73 7.40 -2.71 22.43
C GLN N 73 6.08 -2.01 22.73
N LYS N 74 5.31 -1.76 21.67
CA LYS N 74 3.90 -1.42 21.84
C LYS N 74 3.17 -1.92 20.60
N SER N 75 2.71 -3.16 20.65
CA SER N 75 2.15 -3.85 19.48
C SER N 75 0.64 -3.58 19.44
N ILE N 76 0.29 -2.51 18.74
CA ILE N 76 -1.08 -1.99 18.70
C ILE N 76 -1.41 -1.60 17.26
N LYS N 77 -2.55 -0.93 17.05
CA LYS N 77 -3.06 -0.68 15.71
C LYS N 77 -2.30 0.42 14.97
N ILE N 78 -2.30 0.33 13.65
CA ILE N 78 -1.54 1.17 12.72
C ILE N 78 -2.22 2.51 12.45
N ASP N 79 -3.25 2.84 13.22
CA ASP N 79 -4.36 3.71 12.82
C ASP N 79 -4.06 4.86 11.88
N ASN N 80 -2.98 5.62 12.11
CA ASN N 80 -2.78 6.90 11.44
C ASN N 80 -1.31 7.06 10.99
N LEU N 81 -0.81 6.06 10.30
CA LEU N 81 0.49 6.19 9.65
C LEU N 81 0.49 7.37 8.68
N HIS N 82 1.65 8.04 8.59
CA HIS N 82 1.87 9.03 7.54
C HIS N 82 3.34 8.96 7.10
N VAL N 83 3.58 8.39 5.94
CA VAL N 83 4.75 8.74 5.15
C VAL N 83 4.41 9.99 4.38
N ARG N 84 5.39 10.86 4.18
CA ARG N 84 5.17 11.98 3.30
C ARG N 84 6.50 12.57 2.86
N THR N 85 6.39 13.41 1.85
CA THR N 85 7.48 14.10 1.18
C THR N 85 6.94 15.48 0.93
N SER N 86 7.42 16.15 -0.12
CA SER N 86 6.82 17.38 -0.62
C SER N 86 5.30 17.37 -0.56
N ALA N 87 4.67 16.24 -0.83
CA ALA N 87 3.26 16.00 -0.56
C ALA N 87 3.10 14.77 0.29
N PRO N 88 1.90 14.55 0.84
CA PRO N 88 1.63 13.28 1.51
C PRO N 88 1.67 12.12 0.56
N CYS N 89 2.40 11.08 0.94
CA CYS N 89 2.55 9.89 0.15
C CYS N 89 1.31 9.02 0.29
N SER N 90 1.35 7.89 -0.39
CA SER N 90 0.37 6.82 -0.24
C SER N 90 1.11 5.56 0.17
N LEU N 91 0.72 5.00 1.31
CA LEU N 91 1.19 3.69 1.70
C LEU N 91 0.89 2.68 0.61
N VAL N 92 1.79 1.69 0.46
CA VAL N 92 1.56 0.54 -0.41
C VAL N 92 1.45 -0.73 0.41
N SER N 93 2.43 -1.00 1.24
CA SER N 93 2.38 -2.15 2.14
C SER N 93 3.54 -2.09 3.09
N HIS N 94 3.36 -2.70 4.25
CA HIS N 94 4.41 -2.87 5.24
C HIS N 94 4.68 -4.34 5.49
N HIS N 95 5.94 -4.66 5.78
CA HIS N 95 6.32 -6.00 6.20
C HIS N 95 7.62 -5.89 6.97
N GLY N 96 7.60 -6.27 8.24
CA GLY N 96 8.83 -6.27 9.03
C GLY N 96 9.17 -4.87 9.49
N TYR N 97 10.44 -4.51 9.33
CA TYR N 97 10.89 -3.14 9.57
C TYR N 97 10.51 -2.19 8.46
N TYR N 98 9.92 -2.69 7.39
CA TYR N 98 10.03 -2.09 6.07
C TYR N 98 8.65 -1.74 5.55
N ILE N 99 8.55 -0.58 4.91
CA ILE N 99 7.32 -0.11 4.32
C ILE N 99 7.58 0.29 2.88
N LEU N 100 6.61 0.01 2.02
CA LEU N 100 6.56 0.52 0.67
C LEU N 100 5.43 1.54 0.58
N ALA N 101 5.70 2.65 -0.08
CA ALA N 101 4.74 3.74 -0.14
C ALA N 101 4.92 4.48 -1.46
N GLN N 102 3.80 4.83 -2.07
CA GLN N 102 3.81 5.58 -3.32
C GLN N 102 3.93 7.06 -2.97
N CYS N 103 5.06 7.65 -3.32
CA CYS N 103 5.37 9.05 -3.04
C CYS N 103 5.55 9.83 -4.33
N PRO N 104 5.34 11.14 -4.29
CA PRO N 104 5.84 11.99 -5.35
C PRO N 104 7.30 12.32 -5.13
N PRO N 105 7.91 13.06 -6.05
CA PRO N 105 9.27 13.54 -5.80
C PRO N 105 9.32 14.45 -4.60
N GLY N 106 10.49 14.51 -4.01
CA GLY N 106 10.70 15.35 -2.85
C GLY N 106 12.15 15.43 -2.47
N ASP N 107 12.58 16.62 -2.08
CA ASP N 107 13.95 16.80 -1.62
C ASP N 107 14.25 15.94 -0.40
N THR N 108 13.24 15.68 0.41
CA THR N 108 13.38 14.95 1.66
C THR N 108 12.45 13.75 1.68
N VAL N 109 12.45 13.06 2.81
CA VAL N 109 11.44 12.07 3.14
C VAL N 109 11.08 12.28 4.60
N THR N 110 9.79 12.16 4.90
CA THR N 110 9.25 12.59 6.17
C THR N 110 8.16 11.60 6.56
N VAL N 111 8.40 10.86 7.63
CA VAL N 111 7.60 9.71 8.01
C VAL N 111 6.99 9.97 9.39
N GLY N 112 5.85 9.34 9.64
CA GLY N 112 5.29 9.44 10.97
C GLY N 112 3.90 8.86 11.12
N PHE N 113 3.68 8.18 12.24
CA PHE N 113 2.36 7.71 12.61
C PHE N 113 1.79 8.65 13.67
N HIS N 114 0.69 8.24 14.28
CA HIS N 114 0.13 8.94 15.43
C HIS N 114 -0.25 7.88 16.45
N ASP N 115 0.53 7.78 17.53
CA ASP N 115 0.19 6.87 18.60
C ASP N 115 -1.18 7.19 19.18
N GLY N 116 -1.54 8.48 19.22
CA GLY N 116 -2.80 8.93 19.78
C GLY N 116 -2.64 10.03 20.81
N PRO N 117 -1.65 9.91 21.70
CA PRO N 117 -1.33 11.06 22.56
C PRO N 117 -0.36 12.03 21.93
N ASN N 118 0.38 11.61 20.90
CA ASN N 118 1.46 12.42 20.37
C ASN N 118 1.62 12.14 18.88
N ARG N 119 2.17 13.14 18.18
CA ARG N 119 2.41 12.97 16.75
C ARG N 119 3.52 11.97 16.53
N HIS N 120 4.71 12.25 17.03
CA HIS N 120 5.76 11.24 17.16
C HIS N 120 6.19 10.71 15.79
N THR N 121 6.75 11.63 15.00
CA THR N 121 7.11 11.42 13.61
C THR N 121 8.62 11.30 13.48
N CYS N 122 9.08 11.03 12.26
CA CYS N 122 10.50 11.07 11.95
C CYS N 122 10.72 11.43 10.50
N THR N 123 11.79 12.19 10.27
CA THR N 123 12.02 12.85 9.01
C THR N 123 13.49 12.74 8.66
N VAL N 124 13.79 12.90 7.37
CA VAL N 124 15.13 12.60 6.86
C VAL N 124 15.32 13.28 5.52
N ALA N 125 16.57 13.52 5.17
CA ALA N 125 16.94 13.96 3.84
C ALA N 125 17.10 12.78 2.91
N HIS N 126 16.57 12.92 1.70
CA HIS N 126 16.91 12.01 0.62
C HIS N 126 16.41 12.56 -0.71
N LYS N 127 17.30 12.63 -1.68
CA LYS N 127 16.94 13.09 -3.01
C LYS N 127 16.02 12.06 -3.65
N VAL N 128 14.80 12.48 -3.99
CA VAL N 128 13.81 11.62 -4.59
C VAL N 128 13.40 12.19 -5.93
N GLU N 129 13.18 11.30 -6.89
CA GLU N 129 12.56 11.64 -8.16
C GLU N 129 11.76 10.46 -8.63
N PHE N 130 10.89 10.71 -9.61
CA PHE N 130 10.22 9.63 -10.31
C PHE N 130 10.15 9.98 -11.79
N ARG N 131 11.19 9.60 -12.49
CA ARG N 131 11.09 9.40 -13.91
C ARG N 131 10.31 8.11 -14.17
N PRO N 132 9.27 8.15 -14.99
CA PRO N 132 8.79 6.90 -15.56
C PRO N 132 9.72 6.43 -16.65
N VAL N 133 9.74 5.12 -16.85
CA VAL N 133 10.52 4.56 -17.94
C VAL N 133 9.83 4.95 -19.24
N GLY N 134 10.60 5.54 -20.13
CA GLY N 134 10.10 6.03 -21.39
C GLY N 134 10.81 7.32 -21.73
N ARG N 135 10.73 7.69 -23.00
CA ARG N 135 11.32 8.93 -23.44
C ARG N 135 10.51 10.15 -23.04
N GLU N 136 9.39 9.96 -22.34
CA GLU N 136 8.65 11.06 -21.73
C GLU N 136 9.12 11.25 -20.30
N LYS N 137 9.45 12.48 -19.96
CA LYS N 137 9.88 12.84 -18.61
C LYS N 137 8.70 13.46 -17.87
N TYR N 138 7.76 12.59 -17.49
CA TYR N 138 6.65 13.05 -16.67
C TYR N 138 7.14 13.41 -15.28
N ARG N 139 6.19 13.83 -14.45
CA ARG N 139 6.37 13.97 -13.02
C ARG N 139 5.51 13.00 -12.23
N HIS N 140 4.73 12.16 -12.91
CA HIS N 140 3.68 11.40 -12.23
C HIS N 140 3.10 10.36 -13.18
N PRO N 141 2.67 9.19 -12.70
CA PRO N 141 2.13 8.18 -13.62
C PRO N 141 0.72 8.54 -14.06
N PRO N 142 0.38 8.39 -15.33
CA PRO N 142 -0.98 8.67 -15.78
C PRO N 142 -1.91 7.48 -15.59
N GLU N 143 -3.13 7.63 -16.06
CA GLU N 143 -4.12 6.57 -16.06
C GLU N 143 -4.02 5.67 -17.28
N HIS N 144 -3.42 6.16 -18.37
CA HIS N 144 -3.43 5.46 -19.63
C HIS N 144 -2.02 5.50 -20.21
N GLY N 145 -1.89 5.10 -21.47
CA GLY N 145 -0.61 4.99 -22.13
C GLY N 145 -0.15 3.55 -22.23
N VAL N 146 0.98 3.40 -22.89
CA VAL N 146 1.53 2.07 -23.14
C VAL N 146 2.14 1.52 -21.86
N GLU N 147 2.19 0.21 -21.75
CA GLU N 147 2.93 -0.47 -20.70
C GLU N 147 4.28 -0.89 -21.24
N LEU N 148 5.30 -0.78 -20.40
CA LEU N 148 6.66 -1.09 -20.80
C LEU N 148 7.48 -1.33 -19.54
N PRO N 149 8.64 -1.96 -19.67
CA PRO N 149 9.26 -2.62 -18.51
C PRO N 149 9.89 -1.68 -17.50
N CYS N 150 9.10 -1.25 -16.50
CA CYS N 150 9.63 -0.42 -15.44
C CYS N 150 10.26 -1.27 -14.34
N ASN N 151 10.92 -0.57 -13.43
CA ASN N 151 11.46 -1.14 -12.20
C ASN N 151 10.63 -0.64 -11.03
N ARG N 152 10.32 -1.54 -10.11
CA ARG N 152 9.26 -1.29 -9.16
C ARG N 152 9.32 -2.38 -8.10
N TYR N 153 8.78 -2.05 -6.93
CA TYR N 153 8.73 -2.98 -5.81
C TYR N 153 7.35 -3.62 -5.70
N THR N 154 7.33 -4.77 -5.04
CA THR N 154 6.13 -5.58 -4.99
C THR N 154 5.18 -5.09 -3.93
N HIS N 155 3.96 -5.59 -3.99
CA HIS N 155 3.03 -5.43 -2.89
C HIS N 155 3.29 -6.41 -1.77
N LYS N 156 3.96 -7.52 -2.06
CA LYS N 156 3.79 -8.74 -1.27
C LYS N 156 4.93 -8.94 -0.30
N ARG N 157 4.80 -10.02 0.47
CA ARG N 157 5.72 -10.42 1.52
C ARG N 157 6.40 -11.75 1.24
N ALA N 158 5.76 -12.66 0.50
CA ALA N 158 6.27 -14.00 0.26
C ALA N 158 7.48 -13.86 -0.65
N ASP N 159 8.59 -13.48 -0.03
CA ASP N 159 9.70 -12.87 -0.75
C ASP N 159 11.01 -13.30 -0.11
N GLN N 160 11.93 -13.74 -0.95
CA GLN N 160 13.21 -14.24 -0.51
C GLN N 160 14.35 -13.78 -1.41
N GLY N 161 14.07 -13.00 -2.46
CA GLY N 161 15.05 -12.69 -3.48
C GLY N 161 16.34 -12.09 -2.94
N HIS N 162 16.28 -11.45 -1.77
CA HIS N 162 17.48 -11.05 -1.05
C HIS N 162 17.22 -11.18 0.43
N TYR N 163 18.29 -11.10 1.20
CA TYR N 163 18.20 -11.06 2.64
C TYR N 163 19.34 -10.23 3.17
N VAL N 164 19.03 -9.42 4.16
CA VAL N 164 20.01 -8.57 4.83
C VAL N 164 20.36 -9.19 6.15
N GLU N 165 21.61 -9.02 6.56
CA GLU N 165 22.05 -9.46 7.88
C GLU N 165 21.24 -8.74 8.94
N MET N 166 20.71 -9.49 9.90
CA MET N 166 20.05 -8.91 11.06
C MET N 166 20.46 -9.70 12.30
N HIS N 167 21.61 -9.35 12.86
CA HIS N 167 22.08 -9.94 14.10
C HIS N 167 21.68 -9.03 15.26
N GLN N 168 22.29 -9.26 16.42
CA GLN N 168 21.72 -8.83 17.68
C GLN N 168 21.72 -7.32 17.78
N PRO N 169 21.05 -6.78 18.78
CA PRO N 169 21.36 -5.44 19.22
C PRO N 169 22.54 -5.45 20.16
N GLY N 170 23.26 -4.34 20.15
CA GLY N 170 24.11 -4.03 21.28
C GLY N 170 23.26 -3.63 22.45
N LEU N 171 23.95 -3.19 23.50
CA LEU N 171 23.23 -2.67 24.65
C LEU N 171 22.47 -1.40 24.27
N VAL N 172 21.71 -0.89 25.22
CA VAL N 172 21.09 0.42 25.10
C VAL N 172 21.12 1.08 26.48
N ALA N 173 21.03 2.40 26.48
CA ALA N 173 20.95 3.14 27.73
C ALA N 173 19.55 3.05 28.29
N ASP N 174 19.44 2.99 29.62
CA ASP N 174 18.15 3.21 30.26
C ASP N 174 18.42 3.66 31.69
N HIS N 175 18.44 4.98 31.89
CA HIS N 175 18.70 5.53 33.20
C HIS N 175 17.45 5.59 34.06
N SER N 176 16.30 5.15 33.54
CA SER N 176 15.18 4.84 34.41
C SER N 176 15.53 3.74 35.38
N LEU N 177 16.45 2.86 34.99
CA LEU N 177 16.93 1.82 35.89
C LEU N 177 17.59 2.42 37.12
N LEU N 178 18.56 3.31 36.91
CA LEU N 178 19.45 3.76 37.97
C LEU N 178 18.68 4.69 38.91
N SER N 179 17.87 4.07 39.77
CA SER N 179 17.18 4.78 40.83
C SER N 179 18.17 4.99 41.98
N ILE N 180 17.67 5.34 43.16
CA ILE N 180 18.49 5.58 44.33
C ILE N 180 17.99 4.69 45.46
N HIS N 181 18.91 3.99 46.14
CA HIS N 181 18.64 3.20 47.33
C HIS N 181 18.77 4.05 48.59
N SER N 182 18.14 5.23 48.55
CA SER N 182 18.04 6.20 49.65
C SER N 182 19.36 6.86 50.05
N ALA N 183 20.50 6.29 49.69
CA ALA N 183 21.76 7.02 49.59
C ALA N 183 22.63 6.59 48.42
N LYS N 184 22.39 5.41 47.85
CA LYS N 184 23.23 4.81 46.82
C LYS N 184 22.43 4.70 45.55
N VAL N 185 23.12 4.71 44.42
CA VAL N 185 22.43 4.61 43.14
C VAL N 185 22.07 3.14 42.89
N LYS N 186 20.82 2.93 42.52
CA LYS N 186 20.17 1.62 42.54
C LYS N 186 19.78 1.26 41.12
N ILE N 187 20.38 0.22 40.59
CA ILE N 187 20.01 -0.32 39.30
C ILE N 187 18.96 -1.41 39.52
N THR N 188 18.12 -1.62 38.50
CA THR N 188 17.18 -2.73 38.49
C THR N 188 17.30 -3.46 37.17
N VAL N 189 16.36 -4.37 36.88
CA VAL N 189 16.41 -5.16 35.65
C VAL N 189 15.01 -5.22 35.04
N PRO N 190 14.93 -5.36 33.70
CA PRO N 190 13.61 -5.50 33.07
C PRO N 190 12.84 -6.74 33.53
N SER N 191 13.39 -7.91 33.24
CA SER N 191 12.71 -9.18 33.47
C SER N 191 13.72 -10.24 33.89
N GLY N 192 14.82 -9.81 34.50
CA GLY N 192 16.01 -10.64 34.59
C GLY N 192 16.98 -10.44 33.45
N ALA N 193 16.79 -9.40 32.64
CA ALA N 193 17.71 -9.14 31.54
C ALA N 193 19.09 -8.80 32.10
N GLN N 194 20.04 -8.71 31.18
CA GLN N 194 21.46 -8.65 31.51
C GLN N 194 21.90 -7.19 31.50
N VAL N 195 22.14 -6.64 32.69
CA VAL N 195 22.44 -5.22 32.87
C VAL N 195 23.92 -5.08 33.18
N LYS N 196 24.61 -4.31 32.34
CA LYS N 196 26.06 -4.25 32.31
C LYS N 196 26.48 -2.98 33.05
N TYR N 197 27.13 -3.15 34.21
CA TYR N 197 27.13 -2.11 35.23
C TYR N 197 28.47 -1.94 35.96
N TYR N 198 28.80 -0.67 36.27
CA TYR N 198 29.89 -0.16 37.11
C TYR N 198 29.70 1.35 37.05
N CYS N 199 30.45 2.08 37.89
CA CYS N 199 30.39 3.53 37.91
C CYS N 199 31.82 4.03 37.79
N LYS N 200 31.99 5.35 37.68
CA LYS N 200 33.34 5.90 37.59
C LYS N 200 34.16 5.50 38.82
N CYS N 201 33.52 5.44 39.98
CA CYS N 201 34.19 4.97 41.18
C CYS N 201 34.44 3.48 41.03
N PRO N 202 35.18 2.86 41.96
CA PRO N 202 35.28 1.39 41.97
C PRO N 202 34.17 0.68 42.74
N ASP N 203 33.33 -0.07 42.01
CA ASP N 203 32.29 -0.97 42.52
C ASP N 203 32.18 -2.14 41.55
N VAL N 204 31.02 -2.83 41.52
CA VAL N 204 30.81 -4.00 40.65
C VAL N 204 31.16 -3.66 39.21
N ARG N 205 32.02 -4.47 38.58
CA ARG N 205 32.67 -4.06 37.34
C ARG N 205 32.08 -4.62 36.05
N GLU N 206 31.44 -5.80 36.05
CA GLU N 206 30.75 -6.24 34.84
C GLU N 206 29.28 -5.87 34.88
N GLY N 207 28.54 -6.53 35.76
CA GLY N 207 27.10 -6.43 35.81
C GLY N 207 26.52 -7.50 34.91
N ILE N 208 26.21 -8.66 35.48
CA ILE N 208 25.34 -9.64 34.85
C ILE N 208 24.46 -10.15 35.98
N THR N 209 23.33 -9.49 36.23
CA THR N 209 22.73 -9.54 37.54
C THR N 209 21.23 -9.32 37.47
N SER N 210 20.58 -9.58 38.60
CA SER N 210 19.29 -9.01 38.93
C SER N 210 19.52 -7.59 39.44
N SER N 211 18.51 -7.00 40.09
CA SER N 211 18.65 -5.65 40.60
C SER N 211 19.76 -5.54 41.62
N ASP N 212 20.83 -4.85 41.25
CA ASP N 212 21.94 -4.56 42.15
C ASP N 212 21.76 -3.18 42.78
N HIS N 213 22.54 -2.95 43.81
CA HIS N 213 22.80 -1.63 44.36
C HIS N 213 24.17 -1.19 43.89
N THR N 214 24.66 -0.08 44.45
CA THR N 214 25.99 0.44 44.16
C THR N 214 26.60 0.89 45.47
N THR N 215 27.59 0.14 45.94
CA THR N 215 28.22 0.51 47.20
C THR N 215 28.93 1.87 47.09
N THR N 216 29.71 2.06 46.03
CA THR N 216 30.67 3.15 46.00
C THR N 216 30.08 4.48 45.53
N CYS N 217 29.72 4.57 44.25
CA CYS N 217 29.24 5.84 43.71
C CYS N 217 27.82 6.10 44.18
N THR N 218 27.40 7.35 44.01
CA THR N 218 26.10 7.86 44.41
C THR N 218 25.34 8.50 43.27
N ASP N 219 26.04 9.21 42.39
CA ASP N 219 25.37 9.97 41.35
C ASP N 219 24.93 9.06 40.23
N VAL N 220 23.69 9.25 39.79
CA VAL N 220 23.16 8.54 38.64
C VAL N 220 23.98 8.82 37.39
N LYS N 221 24.61 9.99 37.32
CA LYS N 221 25.23 10.49 36.10
C LYS N 221 26.66 9.98 35.92
N GLN N 222 27.07 8.96 36.65
CA GLN N 222 28.43 8.43 36.53
C GLN N 222 28.41 6.92 36.55
N CYS N 223 27.39 6.32 35.95
CA CYS N 223 27.19 4.88 36.04
C CYS N 223 26.72 4.31 34.71
N ARG N 224 26.79 2.99 34.62
CA ARG N 224 26.58 2.24 33.38
C ARG N 224 25.18 1.63 33.38
N ALA N 225 24.20 2.41 32.92
CA ALA N 225 22.84 1.90 32.75
C ALA N 225 22.74 1.24 31.38
N TYR N 226 22.89 -0.08 31.35
CA TYR N 226 22.97 -0.82 30.10
C TYR N 226 21.93 -1.94 30.10
N LEU N 227 21.54 -2.35 28.89
CA LEU N 227 20.56 -3.42 28.70
C LEU N 227 21.07 -4.35 27.59
N ILE N 228 21.81 -5.38 27.99
CA ILE N 228 22.06 -6.50 27.10
C ILE N 228 20.80 -7.34 27.13
N ASP N 229 19.94 -7.15 26.14
CA ASP N 229 18.61 -7.76 26.08
C ASP N 229 18.44 -8.48 24.76
N ASN N 230 19.42 -9.31 24.44
CA ASN N 230 19.50 -9.93 23.12
C ASN N 230 18.66 -11.19 23.01
N LYS N 231 17.39 -11.08 23.41
CA LYS N 231 16.41 -12.13 23.13
C LYS N 231 15.77 -11.98 21.76
N LYS N 232 15.91 -10.80 21.14
CA LYS N 232 15.39 -10.55 19.80
C LYS N 232 16.41 -9.73 19.03
N TRP N 233 16.74 -10.19 17.83
CA TRP N 233 17.74 -9.52 17.01
C TRP N 233 17.17 -8.21 16.47
N VAL N 234 17.97 -7.50 15.69
CA VAL N 234 17.60 -6.20 15.13
C VAL N 234 18.09 -6.09 13.69
N TYR N 235 17.66 -5.02 13.04
CA TYR N 235 18.31 -4.58 11.83
C TYR N 235 19.65 -3.95 12.18
N ASN N 236 20.61 -4.12 11.27
CA ASN N 236 21.97 -3.67 11.51
C ASN N 236 22.12 -2.24 11.01
N SER N 237 21.35 -1.36 11.65
CA SER N 237 21.39 0.06 11.32
C SER N 237 22.76 0.62 11.60
N GLY N 238 23.13 1.63 10.81
CA GLY N 238 24.28 2.43 11.17
C GLY N 238 24.09 3.15 12.48
N ARG N 239 22.84 3.40 12.86
CA ARG N 239 22.54 4.06 14.12
C ARG N 239 22.29 3.06 15.23
N LEU N 240 22.94 1.90 15.15
CA LEU N 240 22.99 0.87 16.16
C LEU N 240 24.38 0.84 16.80
N PRO N 241 24.48 0.69 18.11
CA PRO N 241 25.77 0.29 18.70
C PRO N 241 25.95 -1.21 18.59
N ARG N 242 27.17 -1.60 18.21
CA ARG N 242 27.49 -3.01 18.02
C ARG N 242 27.24 -3.80 19.29
N GLY N 243 26.70 -4.99 19.12
CA GLY N 243 26.76 -5.99 20.17
C GLY N 243 28.14 -6.60 20.13
N GLU N 244 28.99 -6.19 21.08
CA GLU N 244 30.42 -6.41 20.98
C GLU N 244 30.79 -7.88 21.02
N GLY N 245 29.90 -8.75 21.51
CA GLY N 245 30.29 -10.11 21.77
C GLY N 245 30.57 -10.90 20.51
N ASP N 246 29.68 -10.79 19.52
CA ASP N 246 29.67 -11.78 18.46
C ASP N 246 28.78 -11.29 17.32
N THR N 247 29.03 -11.86 16.14
CA THR N 247 28.09 -11.85 15.03
C THR N 247 27.09 -12.98 15.24
N PHE N 248 26.07 -12.74 16.04
CA PHE N 248 25.01 -13.74 16.15
C PHE N 248 24.31 -13.93 14.80
N LYS N 249 23.57 -15.03 14.71
CA LYS N 249 22.73 -15.38 13.58
C LYS N 249 21.58 -14.40 13.48
N GLY N 250 20.69 -14.62 12.51
CA GLY N 250 19.59 -13.74 12.19
C GLY N 250 19.63 -13.20 10.78
N LYS N 251 20.10 -14.01 9.83
CA LYS N 251 19.91 -13.67 8.43
C LYS N 251 18.43 -13.61 8.12
N LEU N 252 17.99 -12.47 7.57
CA LEU N 252 16.57 -12.20 7.43
C LEU N 252 16.29 -11.50 6.10
N HIS N 253 15.22 -11.95 5.45
CA HIS N 253 14.91 -11.58 4.08
C HIS N 253 14.60 -10.11 3.96
N VAL N 254 14.39 -9.68 2.73
CA VAL N 254 13.73 -8.42 2.40
C VAL N 254 12.42 -8.74 1.71
N PRO N 255 11.30 -8.14 2.11
CA PRO N 255 10.07 -8.31 1.34
C PRO N 255 10.09 -7.65 -0.02
N PHE N 256 10.37 -6.36 -0.02
CA PHE N 256 10.09 -5.52 -1.17
C PHE N 256 11.29 -5.57 -2.10
N VAL N 257 11.33 -6.64 -2.88
CA VAL N 257 12.37 -6.83 -3.88
C VAL N 257 12.02 -5.89 -5.03
N PRO N 258 13.00 -5.32 -5.72
CA PRO N 258 12.68 -4.63 -6.98
C PRO N 258 12.42 -5.64 -8.07
N VAL N 259 11.26 -5.52 -8.71
CA VAL N 259 10.80 -6.49 -9.69
C VAL N 259 10.53 -5.79 -11.01
N LYS N 260 10.41 -6.62 -12.05
CA LYS N 260 10.24 -6.12 -13.42
C LYS N 260 8.75 -6.04 -13.73
N ALA N 261 8.09 -5.18 -12.98
CA ALA N 261 6.71 -4.84 -13.31
C ALA N 261 6.71 -4.02 -14.59
N LYS N 262 5.63 -4.17 -15.35
CA LYS N 262 5.34 -3.26 -16.44
C LYS N 262 4.43 -2.20 -15.85
N CYS N 263 5.00 -1.06 -15.50
CA CYS N 263 4.19 0.04 -15.03
C CYS N 263 3.18 0.42 -16.09
N ILE N 264 1.95 0.69 -15.65
CA ILE N 264 1.10 1.56 -16.43
C ILE N 264 1.93 2.82 -16.64
N ALA N 265 2.05 3.27 -17.87
CA ALA N 265 3.17 4.14 -18.15
C ALA N 265 2.80 5.20 -19.18
N THR N 266 3.82 5.87 -19.68
CA THR N 266 3.68 7.17 -20.31
C THR N 266 3.25 7.00 -21.76
N LEU N 267 2.90 8.13 -22.35
CA LEU N 267 2.56 8.22 -23.76
C LEU N 267 2.45 9.70 -24.07
N ALA N 268 3.05 10.12 -25.14
CA ALA N 268 3.03 11.50 -25.55
C ALA N 268 2.05 11.69 -26.70
N PRO N 269 1.36 12.84 -26.78
CA PRO N 269 0.37 13.03 -27.85
C PRO N 269 0.96 12.87 -29.22
N GLU N 270 0.12 12.39 -30.13
CA GLU N 270 0.61 12.02 -31.45
C GLU N 270 1.16 13.25 -32.17
N PRO N 271 2.10 13.06 -33.10
CA PRO N 271 2.63 14.18 -33.85
C PRO N 271 1.70 14.60 -34.98
N LEU N 272 1.98 15.77 -35.54
CA LEU N 272 1.32 16.26 -36.74
C LEU N 272 2.31 16.10 -37.88
N VAL N 273 2.11 15.08 -38.68
CA VAL N 273 3.01 14.84 -39.79
C VAL N 273 2.66 15.79 -40.92
N GLU N 274 3.69 16.41 -41.49
CA GLU N 274 3.54 17.34 -42.58
C GLU N 274 4.60 17.02 -43.60
N HIS N 275 4.18 16.92 -44.85
CA HIS N 275 5.08 16.59 -45.93
C HIS N 275 5.82 17.82 -46.45
N LYS N 276 7.08 17.61 -46.80
CA LYS N 276 7.79 18.48 -47.73
C LYS N 276 8.74 17.62 -48.55
N HIS N 277 9.46 18.26 -49.45
CA HIS N 277 10.39 17.58 -50.35
C HIS N 277 11.55 17.01 -49.56
N ARG N 278 11.52 15.70 -49.35
CA ARG N 278 12.56 14.99 -48.61
C ARG N 278 12.78 15.60 -47.23
N THR N 279 11.69 16.10 -46.64
CA THR N 279 11.77 16.84 -45.40
C THR N 279 10.47 16.67 -44.64
N LEU N 280 10.58 16.30 -43.37
CA LEU N 280 9.45 16.24 -42.47
C LEU N 280 9.40 17.51 -41.65
N ILE N 281 8.52 18.44 -42.01
CA ILE N 281 8.06 19.39 -41.02
C ILE N 281 7.17 18.63 -40.07
N LEU N 282 7.32 18.92 -38.79
CA LEU N 282 6.52 18.30 -37.75
C LEU N 282 6.17 19.38 -36.74
N HIS N 283 4.98 19.94 -36.87
CA HIS N 283 4.43 20.70 -35.77
C HIS N 283 4.13 19.75 -34.63
N LEU N 284 4.65 20.05 -33.45
CA LEU N 284 4.67 19.08 -32.37
C LEU N 284 4.32 19.78 -31.07
N HIS N 285 3.66 19.03 -30.20
CA HIS N 285 2.95 19.61 -29.08
C HIS N 285 2.78 18.56 -27.99
N PRO N 286 3.76 18.40 -27.11
CA PRO N 286 3.67 17.35 -26.09
C PRO N 286 2.92 17.75 -24.85
N ASP N 287 2.77 16.78 -23.95
CA ASP N 287 2.26 17.00 -22.61
C ASP N 287 3.37 17.35 -21.64
N HIS N 288 4.50 16.70 -21.79
CA HIS N 288 5.61 16.77 -20.86
C HIS N 288 6.90 16.73 -21.65
N PRO N 289 8.06 16.94 -21.04
CA PRO N 289 9.32 16.87 -21.79
C PRO N 289 9.52 15.48 -22.37
N THR N 290 9.58 15.42 -23.69
CA THR N 290 9.66 14.19 -24.45
C THR N 290 10.99 14.14 -25.18
N LEU N 291 11.76 13.08 -24.98
CA LEU N 291 13.00 12.90 -25.73
C LEU N 291 12.64 12.33 -27.09
N LEU N 292 12.73 13.18 -28.10
CA LEU N 292 12.62 12.73 -29.47
C LEU N 292 13.99 12.37 -30.00
N THR N 293 14.01 11.39 -30.91
CA THR N 293 15.26 11.07 -31.58
C THR N 293 14.98 10.23 -32.82
N THR N 294 15.98 10.23 -33.71
CA THR N 294 15.84 9.65 -35.04
C THR N 294 17.12 8.93 -35.42
N ARG N 295 17.08 8.27 -36.58
CA ARG N 295 18.23 7.55 -37.12
C ARG N 295 18.14 7.58 -38.64
N SER N 296 18.86 8.49 -39.28
CA SER N 296 18.90 8.45 -40.74
C SER N 296 19.62 7.18 -41.15
N LEU N 297 18.87 6.27 -41.75
CA LEU N 297 19.29 4.89 -41.91
C LEU N 297 20.40 4.69 -42.89
N GLY N 298 20.96 5.73 -43.50
CA GLY N 298 22.21 5.55 -44.20
C GLY N 298 23.28 5.05 -43.26
N SER N 299 24.34 4.53 -43.85
CA SER N 299 25.51 4.22 -43.06
C SER N 299 26.07 5.48 -42.40
N ASP N 300 25.78 6.64 -42.96
CA ASP N 300 25.79 7.88 -42.19
C ASP N 300 24.54 7.89 -41.31
N ALA N 301 24.74 7.70 -40.01
CA ALA N 301 23.62 7.64 -39.10
C ALA N 301 22.92 8.99 -38.99
N ASN N 302 23.69 10.04 -38.70
CA ASN N 302 23.21 11.39 -38.43
C ASN N 302 21.97 11.41 -37.53
N PRO N 303 22.08 10.92 -36.30
CA PRO N 303 20.95 10.97 -35.39
C PRO N 303 20.80 12.34 -34.75
N THR N 304 19.69 12.48 -34.03
CA THR N 304 19.35 13.70 -33.32
C THR N 304 18.68 13.32 -32.01
N ARG N 305 18.91 14.13 -31.00
CA ARG N 305 18.25 13.98 -29.71
C ARG N 305 17.87 15.36 -29.22
N GLN N 306 16.64 15.50 -28.72
CA GLN N 306 16.29 16.71 -27.99
C GLN N 306 15.05 16.44 -27.17
N TRP N 307 15.15 16.66 -25.86
CA TRP N 307 13.97 16.71 -25.03
C TRP N 307 13.10 17.87 -25.49
N ILE N 308 11.83 17.59 -25.73
CA ILE N 308 10.87 18.59 -26.15
C ILE N 308 9.79 18.64 -25.10
N GLU N 309 9.68 19.78 -24.42
CA GLU N 309 8.56 20.12 -23.58
C GLU N 309 7.77 21.29 -24.12
N ARG N 310 8.44 22.22 -24.74
CA ARG N 310 7.77 23.33 -25.36
C ARG N 310 7.33 22.92 -26.77
N PRO N 311 6.08 23.16 -27.16
CA PRO N 311 5.66 22.78 -28.51
C PRO N 311 6.49 23.47 -29.56
N THR N 312 6.89 22.70 -30.56
CA THR N 312 7.90 23.15 -31.51
C THR N 312 7.66 22.50 -32.85
N THR N 313 7.65 23.31 -33.89
CA THR N 313 7.73 22.82 -35.25
C THR N 313 9.19 22.55 -35.56
N VAL N 314 9.50 21.30 -35.87
CA VAL N 314 10.86 20.85 -36.13
C VAL N 314 11.01 20.43 -37.57
N ASN N 315 12.21 20.00 -37.95
CA ASN N 315 12.48 19.59 -39.31
C ASN N 315 13.48 18.45 -39.30
N PHE N 316 13.41 17.64 -40.35
CA PHE N 316 14.27 16.47 -40.48
C PHE N 316 14.56 16.28 -41.96
N THR N 317 15.82 16.45 -42.34
CA THR N 317 16.21 16.18 -43.71
C THR N 317 16.20 14.67 -43.92
N VAL N 318 15.09 14.14 -44.37
CA VAL N 318 15.03 12.72 -44.69
C VAL N 318 15.75 12.48 -45.99
N THR N 319 16.38 11.33 -46.06
CA THR N 319 17.17 10.92 -47.21
C THR N 319 16.31 10.05 -48.13
N GLY N 320 16.96 9.44 -49.11
CA GLY N 320 16.24 8.61 -50.04
C GLY N 320 15.78 7.30 -49.43
N GLU N 321 16.65 6.67 -48.64
CA GLU N 321 16.39 5.31 -48.20
C GLU N 321 15.44 5.24 -47.01
N GLY N 322 15.50 6.21 -46.12
CA GLY N 322 14.50 6.28 -45.06
C GLY N 322 15.03 6.94 -43.81
N LEU N 323 14.10 7.27 -42.93
CA LEU N 323 14.37 7.77 -41.59
C LEU N 323 13.37 7.11 -40.64
N GLU N 324 13.70 7.10 -39.36
CA GLU N 324 12.76 6.67 -38.34
C GLU N 324 12.65 7.73 -37.26
N TYR N 325 11.56 7.62 -36.50
CA TYR N 325 11.03 8.74 -35.75
C TYR N 325 10.37 8.21 -34.48
N THR N 326 10.72 8.78 -33.33
CA THR N 326 10.42 8.18 -32.02
C THR N 326 9.78 9.20 -31.10
N TRP N 327 8.47 9.37 -31.22
CA TRP N 327 7.74 10.36 -30.43
C TRP N 327 7.58 9.84 -29.01
N GLY N 328 8.64 9.95 -28.24
CA GLY N 328 8.54 9.42 -26.91
C GLY N 328 8.47 7.91 -26.97
N ASN N 329 8.00 7.31 -25.88
CA ASN N 329 7.83 5.87 -25.86
C ASN N 329 6.69 5.38 -26.74
N HIS N 330 5.97 6.28 -27.40
CA HIS N 330 5.19 5.90 -28.55
C HIS N 330 6.08 5.13 -29.52
N PRO N 331 5.59 4.12 -30.23
CA PRO N 331 6.49 3.26 -30.98
C PRO N 331 7.22 4.02 -32.08
N PRO N 332 8.34 3.48 -32.57
CA PRO N 332 9.10 4.17 -33.59
C PRO N 332 8.39 4.11 -34.93
N LYS N 333 8.31 5.26 -35.58
CA LYS N 333 7.79 5.36 -36.93
C LYS N 333 8.91 5.20 -37.93
N ARG N 334 8.55 5.17 -39.20
CA ARG N 334 9.49 5.02 -40.30
C ARG N 334 8.88 5.74 -41.49
N VAL N 335 9.73 6.16 -42.43
CA VAL N 335 9.25 7.02 -43.51
C VAL N 335 10.05 6.82 -44.80
N TRP N 336 9.34 6.57 -45.91
CA TRP N 336 9.92 6.65 -47.25
C TRP N 336 9.82 8.10 -47.66
N ALA N 337 10.98 8.72 -47.86
CA ALA N 337 11.07 9.99 -48.56
C ALA N 337 11.96 9.73 -49.76
N GLN N 338 11.33 9.30 -50.83
CA GLN N 338 11.93 9.45 -52.14
C GLN N 338 11.66 10.87 -52.58
N GLU N 339 11.82 11.13 -53.87
CA GLU N 339 11.60 12.44 -54.44
C GLU N 339 10.26 13.03 -54.07
N SER N 340 10.16 14.35 -54.19
CA SER N 340 8.88 14.97 -54.46
C SER N 340 9.03 16.20 -55.36
N GLY N 341 10.21 16.44 -55.93
CA GLY N 341 10.51 17.60 -56.73
C GLY N 341 10.29 17.39 -58.21
N GLU N 342 9.62 16.31 -58.59
CA GLU N 342 9.09 16.09 -59.93
C GLU N 342 10.17 15.83 -60.98
N ASP O 1 10.09 28.14 35.54
CA ASP O 1 9.65 29.55 35.66
C ASP O 1 8.91 30.01 34.41
N LEU O 2 7.70 29.49 34.23
CA LEU O 2 6.78 30.02 33.23
C LEU O 2 5.99 31.22 33.75
N ASP O 3 6.39 31.78 34.89
CA ASP O 3 5.61 32.75 35.63
C ASP O 3 6.38 34.07 35.78
N THR O 4 7.15 34.41 34.75
CA THR O 4 8.02 35.58 34.74
C THR O 4 7.67 36.58 33.66
N HIS O 5 6.58 36.36 32.93
CA HIS O 5 6.16 37.25 31.84
C HIS O 5 4.66 37.48 31.94
N PHE O 6 4.20 37.79 33.14
CA PHE O 6 2.85 38.29 33.31
C PHE O 6 2.70 39.71 32.82
N THR O 7 3.78 40.33 32.36
CA THR O 7 3.69 41.53 31.54
C THR O 7 2.70 41.32 30.42
N GLN O 8 2.94 40.30 29.58
CA GLN O 8 2.01 40.01 28.50
C GLN O 8 0.79 39.28 29.02
N TYR O 9 1.02 38.19 29.76
CA TYR O 9 -0.01 37.19 29.99
C TYR O 9 -1.25 37.79 30.65
N LYS O 10 -1.08 38.39 31.83
CA LYS O 10 -2.23 38.98 32.53
C LYS O 10 -2.86 40.09 31.71
N LEU O 11 -2.05 40.86 31.00
CA LEU O 11 -2.45 42.18 30.55
C LEU O 11 -2.80 42.21 29.07
N ALA O 12 -2.38 41.22 28.30
CA ALA O 12 -2.71 41.11 26.89
C ALA O 12 -3.76 40.05 26.67
N ARG O 13 -4.56 40.24 25.62
CA ARG O 13 -5.66 39.36 25.26
C ARG O 13 -5.40 38.76 23.89
N PRO O 14 -6.07 37.64 23.54
CA PRO O 14 -5.90 37.10 22.19
C PRO O 14 -6.57 37.96 21.15
N TYR O 15 -5.79 38.73 20.40
CA TYR O 15 -6.38 39.67 19.47
C TYR O 15 -6.99 38.91 18.30
N ILE O 16 -7.99 39.54 17.66
CA ILE O 16 -8.60 39.01 16.46
C ILE O 16 -8.53 40.04 15.34
N ALA O 17 -8.07 39.60 14.18
CA ALA O 17 -7.87 40.46 13.02
C ALA O 17 -8.36 39.73 11.78
N ASP O 18 -8.08 40.32 10.62
CA ASP O 18 -8.63 39.88 9.35
C ASP O 18 -7.61 39.03 8.61
N CYS O 19 -7.78 37.73 8.69
CA CYS O 19 -6.93 36.82 7.93
C CYS O 19 -7.20 37.00 6.44
N PRO O 20 -6.18 36.90 5.57
CA PRO O 20 -6.38 37.26 4.17
C PRO O 20 -7.01 36.21 3.26
N ASN O 21 -6.70 34.94 3.49
CA ASN O 21 -7.24 33.86 2.66
C ASN O 21 -7.65 32.70 3.58
N CYS O 22 -8.50 33.03 4.53
CA CYS O 22 -8.87 32.20 5.65
C CYS O 22 -9.66 30.98 5.20
N GLY O 23 -8.99 30.06 4.51
CA GLY O 23 -9.64 28.89 3.98
C GLY O 23 -10.39 29.21 2.71
N HIS O 24 -11.53 29.89 2.85
CA HIS O 24 -12.25 30.39 1.69
C HIS O 24 -11.60 31.67 1.17
N SER O 25 -11.65 32.70 2.00
CA SER O 25 -11.34 34.06 1.62
C SER O 25 -11.06 34.83 2.91
N ARG O 26 -11.13 36.14 2.85
CA ARG O 26 -10.80 36.98 3.99
C ARG O 26 -11.84 36.82 5.09
N CYS O 27 -11.53 36.01 6.11
CA CYS O 27 -12.32 35.98 7.33
C CYS O 27 -11.73 36.94 8.34
N ASP O 28 -12.20 36.84 9.57
CA ASP O 28 -11.57 37.47 10.73
C ASP O 28 -11.18 36.35 11.69
N SER O 29 -9.94 35.86 11.56
CA SER O 29 -9.49 34.80 12.44
C SER O 29 -8.80 35.38 13.66
N PRO O 30 -8.93 34.76 14.84
CA PRO O 30 -8.08 35.16 15.96
C PRO O 30 -6.62 34.87 15.75
N ILE O 31 -6.29 33.96 14.84
CA ILE O 31 -4.91 33.56 14.60
C ILE O 31 -4.38 34.28 13.36
N ALA O 32 -4.95 35.45 13.07
CA ALA O 32 -4.55 36.23 11.91
C ALA O 32 -3.06 36.51 11.94
N ILE O 33 -2.39 36.12 10.87
CA ILE O 33 -0.94 36.09 10.82
C ILE O 33 -0.42 37.43 10.35
N GLU O 34 0.38 38.07 11.19
CA GLU O 34 1.18 39.22 10.82
C GLU O 34 2.63 38.87 11.10
N GLU O 35 3.54 39.70 10.58
CA GLU O 35 4.97 39.65 10.86
C GLU O 35 5.54 38.23 10.77
N VAL O 36 5.48 37.71 9.58
CA VAL O 36 6.22 36.50 9.25
C VAL O 36 7.67 36.87 9.07
N ARG O 37 8.56 36.06 9.64
CA ARG O 37 9.99 36.36 9.64
C ARG O 37 10.77 35.11 9.25
N GLY O 38 10.93 34.91 7.95
CA GLY O 38 11.75 33.83 7.42
C GLY O 38 13.14 34.34 7.16
N ASP O 39 13.67 35.05 8.16
CA ASP O 39 14.90 35.80 8.03
C ASP O 39 16.08 35.12 8.69
N ALA O 40 15.83 34.10 9.50
CA ALA O 40 16.90 33.31 10.12
C ALA O 40 17.34 32.22 9.15
N HIS O 41 18.10 31.26 9.65
CA HIS O 41 18.75 30.24 8.83
C HIS O 41 18.36 28.82 9.18
N ALA O 42 17.85 28.57 10.38
CA ALA O 42 17.83 27.23 10.94
C ALA O 42 16.56 26.46 10.61
N GLY O 43 15.94 26.74 9.47
CA GLY O 43 14.65 26.15 9.19
C GLY O 43 13.51 26.72 10.00
N VAL O 44 13.74 27.84 10.69
CA VAL O 44 12.82 28.35 11.70
C VAL O 44 12.17 29.63 11.21
N ILE O 45 10.91 29.81 11.59
CA ILE O 45 10.22 31.09 11.44
C ILE O 45 9.61 31.45 12.78
N ARG O 46 9.77 32.70 13.15
CA ARG O 46 9.01 33.32 14.22
C ARG O 46 7.79 33.99 13.62
N ILE O 47 6.63 33.70 14.18
CA ILE O 47 5.35 34.18 13.68
C ILE O 47 4.63 34.87 14.83
N GLN O 48 3.77 35.82 14.50
CA GLN O 48 2.79 36.33 15.44
C GLN O 48 1.40 36.02 14.92
N THR O 49 0.67 35.22 15.69
CA THR O 49 -0.77 35.21 15.60
C THR O 49 -1.29 36.43 16.33
N SER O 50 -2.47 36.88 15.93
CA SER O 50 -3.19 37.81 16.79
C SER O 50 -3.73 37.11 18.03
N ALA O 51 -3.79 35.79 18.01
CA ALA O 51 -4.18 35.02 19.19
C ALA O 51 -3.01 34.88 20.14
N MET O 52 -3.32 34.97 21.42
CA MET O 52 -2.38 34.88 22.52
C MET O 52 -2.59 33.52 23.16
N PHE O 53 -1.89 32.52 22.65
CA PHE O 53 -1.81 31.23 23.32
C PHE O 53 -0.71 31.33 24.37
N GLY O 54 -0.60 30.28 25.19
CA GLY O 54 0.32 30.29 26.30
C GLY O 54 -0.37 29.82 27.56
N LEU O 55 -0.23 30.58 28.65
CA LEU O 55 -1.05 30.31 29.81
C LEU O 55 -2.52 30.52 29.45
N LYS O 56 -3.38 30.18 30.38
CA LYS O 56 -4.81 30.39 30.18
C LYS O 56 -5.11 31.88 30.36
N THR O 57 -6.39 32.21 30.48
CA THR O 57 -6.78 33.54 30.89
C THR O 57 -6.07 33.94 32.18
N ASP O 58 -5.90 33.01 33.11
CA ASP O 58 -5.47 33.38 34.45
C ASP O 58 -4.00 33.06 34.77
N GLY O 59 -3.59 31.80 34.84
CA GLY O 59 -2.29 31.50 35.42
C GLY O 59 -1.48 30.25 35.11
N VAL O 60 -1.90 29.36 34.20
CA VAL O 60 -1.34 28.01 34.19
C VAL O 60 -1.00 27.56 32.78
N ASP O 61 0.14 26.86 32.66
CA ASP O 61 0.42 25.94 31.56
C ASP O 61 0.49 26.58 30.18
N LEU O 62 1.68 27.10 29.84
CA LEU O 62 2.06 27.55 28.50
C LEU O 62 1.42 26.72 27.39
N ALA O 63 1.34 25.40 27.56
CA ALA O 63 0.86 24.53 26.52
C ALA O 63 -0.66 24.49 26.37
N TYR O 64 -1.38 25.48 26.92
CA TYR O 64 -2.79 25.65 26.65
C TYR O 64 -2.97 26.76 25.62
N MET O 65 -4.23 27.08 25.33
CA MET O 65 -4.58 27.69 24.06
C MET O 65 -5.76 28.64 24.28
N SER O 66 -5.48 29.94 24.21
CA SER O 66 -6.49 30.98 24.36
C SER O 66 -6.53 31.82 23.09
N PHE O 67 -7.58 31.62 22.29
CA PHE O 67 -7.95 32.54 21.22
C PHE O 67 -9.25 33.22 21.59
N MET O 68 -9.69 34.10 20.70
CA MET O 68 -10.95 34.82 20.86
C MET O 68 -12.04 34.11 20.08
N ASN O 69 -13.11 33.75 20.79
CA ASN O 69 -14.36 33.30 20.17
C ASN O 69 -15.46 34.20 20.72
N GLY O 70 -16.12 34.93 19.82
CA GLY O 70 -17.02 35.98 20.25
C GLY O 70 -16.23 37.23 20.58
N LYS O 71 -16.78 38.00 21.50
CA LYS O 71 -15.98 38.96 22.25
C LYS O 71 -15.05 38.27 23.24
N THR O 72 -15.21 36.98 23.46
CA THR O 72 -14.64 36.26 24.59
C THR O 72 -13.43 35.46 24.17
N GLN O 73 -12.59 35.16 25.16
CA GLN O 73 -11.49 34.24 24.98
C GLN O 73 -12.01 32.81 24.89
N LYS O 74 -11.08 31.87 24.68
CA LYS O 74 -11.36 30.46 24.94
C LYS O 74 -10.03 29.80 25.32
N SER O 75 -9.74 29.81 26.63
CA SER O 75 -8.44 29.38 27.14
C SER O 75 -8.50 27.89 27.43
N ILE O 76 -8.14 27.10 26.42
CA ILE O 76 -8.28 25.65 26.45
C ILE O 76 -7.01 25.02 25.84
N LYS O 77 -7.03 23.72 25.60
CA LYS O 77 -5.83 22.98 25.21
C LYS O 77 -5.42 23.24 23.75
N ILE O 78 -4.12 23.09 23.49
CA ILE O 78 -3.47 23.41 22.22
C ILE O 78 -3.60 22.29 21.20
N ASP O 79 -4.46 21.31 21.48
CA ASP O 79 -4.34 19.92 21.01
C ASP O 79 -3.76 19.70 19.62
N ASN O 80 -4.18 20.47 18.61
CA ASN O 80 -3.90 20.14 17.21
C ASN O 80 -3.49 21.38 16.42
N LEU O 81 -2.53 22.13 16.95
CA LEU O 81 -1.91 23.21 16.19
C LEU O 81 -1.35 22.69 14.88
N HIS O 82 -1.42 23.53 13.84
CA HIS O 82 -0.69 23.27 12.61
C HIS O 82 -0.23 24.59 12.01
N VAL O 83 1.06 24.89 12.14
CA VAL O 83 1.74 25.76 11.19
C VAL O 83 2.10 24.91 10.00
N ARG O 84 2.06 25.51 8.81
CA ARG O 84 2.59 24.81 7.66
C ARG O 84 2.86 25.79 6.54
N THR O 85 3.57 25.28 5.55
CA THR O 85 4.05 25.98 4.38
C THR O 85 3.88 24.97 3.26
N SER O 86 4.70 25.06 2.22
CA SER O 86 4.83 24.02 1.21
C SER O 86 4.74 22.60 1.78
N ALA O 87 5.31 22.39 2.96
CA ALA O 87 5.09 21.18 3.74
C ALA O 87 4.63 21.55 5.14
N PRO O 88 4.15 20.58 5.91
CA PRO O 88 3.85 20.85 7.32
C PRO O 88 5.11 21.17 8.10
N CYS O 89 5.04 22.25 8.85
CA CYS O 89 6.15 22.70 9.66
C CYS O 89 6.24 21.88 10.93
N SER O 90 7.23 22.22 11.75
CA SER O 90 7.36 21.68 13.10
C SER O 90 7.35 22.86 14.06
N LEU O 91 6.42 22.82 15.00
CA LEU O 91 6.42 23.77 16.10
C LEU O 91 7.75 23.71 16.83
N VAL O 92 8.19 24.85 17.34
CA VAL O 92 9.34 24.94 18.22
C VAL O 92 8.93 25.37 19.62
N SER O 93 8.22 26.48 19.73
CA SER O 93 7.70 26.93 21.01
C SER O 93 6.78 28.12 20.78
N HIS O 94 5.84 28.30 21.69
CA HIS O 94 4.97 29.44 21.72
C HIS O 94 5.16 30.22 23.01
N HIS O 95 4.98 31.55 22.91
CA HIS O 95 4.96 32.42 24.08
C HIS O 95 4.23 33.69 23.70
N GLY O 96 3.12 33.94 24.37
CA GLY O 96 2.38 35.18 24.14
C GLY O 96 1.55 35.08 22.88
N TYR O 97 1.63 36.11 22.05
CA TYR O 97 1.01 36.10 20.73
C TYR O 97 1.79 35.27 19.73
N TYR O 98 2.96 34.77 20.12
CA TYR O 98 4.05 34.51 19.20
C TYR O 98 4.43 33.04 19.25
N ILE O 99 4.70 32.48 18.07
CA ILE O 99 5.11 31.09 17.95
C ILE O 99 6.38 31.02 17.12
N LEU O 100 7.26 30.12 17.50
CA LEU O 100 8.42 29.73 16.71
C LEU O 100 8.18 28.32 16.19
N ALA O 101 8.50 28.11 14.91
CA ALA O 101 8.23 26.83 14.28
C ALA O 101 9.29 26.59 13.22
N GLN O 102 9.76 25.35 13.16
CA GLN O 102 10.73 24.95 12.15
C GLN O 102 9.98 24.59 10.88
N CYS O 103 10.17 25.40 9.84
CA CYS O 103 9.50 25.24 8.56
C CYS O 103 10.51 24.98 7.44
N PRO O 104 10.09 24.34 6.36
CA PRO O 104 10.88 24.39 5.14
C PRO O 104 10.60 25.66 4.37
N PRO O 105 11.28 25.87 3.26
CA PRO O 105 10.93 27.00 2.39
C PRO O 105 9.51 26.88 1.89
N GLY O 106 8.94 28.02 1.56
CA GLY O 106 7.60 28.06 1.04
C GLY O 106 7.24 29.44 0.53
N ASP O 107 6.53 29.47 -0.59
CA ASP O 107 6.07 30.74 -1.12
C ASP O 107 5.15 31.46 -0.15
N THR O 108 4.43 30.70 0.66
CA THR O 108 3.43 31.23 1.59
C THR O 108 3.75 30.78 3.00
N VAL O 109 2.87 31.16 3.92
CA VAL O 109 2.81 30.60 5.26
C VAL O 109 1.35 30.37 5.58
N THR O 110 1.09 29.24 6.23
CA THR O 110 -0.28 28.74 6.38
C THR O 110 -0.38 28.11 7.76
N VAL O 111 -1.19 28.73 8.61
CA VAL O 111 -1.24 28.42 10.03
C VAL O 111 -2.64 27.93 10.38
N GLY O 112 -2.72 27.12 11.42
CA GLY O 112 -4.03 26.72 11.88
C GLY O 112 -4.03 25.65 12.95
N PHE O 113 -4.91 25.80 13.92
CA PHE O 113 -5.17 24.78 14.93
C PHE O 113 -6.46 24.06 14.57
N HIS O 114 -6.95 23.25 15.50
CA HIS O 114 -8.26 22.62 15.37
C HIS O 114 -8.93 22.75 16.73
N ASP O 115 -9.92 23.64 16.82
CA ASP O 115 -10.71 23.76 18.03
C ASP O 115 -11.37 22.45 18.40
N GLY O 116 -11.78 21.68 17.38
CA GLY O 116 -12.47 20.42 17.58
C GLY O 116 -13.76 20.31 16.81
N PRO O 117 -14.58 21.38 16.80
CA PRO O 117 -15.72 21.39 15.87
C PRO O 117 -15.38 21.87 14.49
N ASN O 118 -14.26 22.58 14.32
CA ASN O 118 -13.96 23.25 13.06
C ASN O 118 -12.46 23.32 12.86
N ARG O 119 -12.05 23.40 11.59
CA ARG O 119 -10.64 23.51 11.28
C ARG O 119 -10.11 24.87 11.71
N HIS O 120 -10.67 25.94 11.16
CA HIS O 120 -10.48 27.28 11.72
C HIS O 120 -9.00 27.71 11.68
N THR O 121 -8.50 27.80 10.45
CA THR O 121 -7.10 28.04 10.15
C THR O 121 -6.91 29.48 9.66
N CYS O 122 -5.66 29.84 9.43
CA CYS O 122 -5.35 31.12 8.79
C CYS O 122 -4.06 31.04 8.01
N THR O 123 -4.04 31.73 6.89
CA THR O 123 -3.01 31.57 5.88
C THR O 123 -2.62 32.93 5.35
N VAL O 124 -1.42 33.01 4.77
CA VAL O 124 -0.84 34.30 4.41
C VAL O 124 0.25 34.08 3.38
N ALA O 125 0.56 35.12 2.63
CA ALA O 125 1.71 35.15 1.74
C ALA O 125 2.94 35.61 2.50
N HIS O 126 4.05 34.91 2.26
CA HIS O 126 5.36 35.40 2.66
C HIS O 126 6.45 34.60 2.00
N LYS O 127 7.39 35.28 1.36
CA LYS O 127 8.52 34.63 0.74
C LYS O 127 9.41 34.05 1.83
N VAL O 128 9.59 32.73 1.81
CA VAL O 128 10.39 32.03 2.78
C VAL O 128 11.51 31.30 2.07
N GLU O 129 12.67 31.28 2.70
CA GLU O 129 13.78 30.43 2.28
C GLU O 129 14.57 30.03 3.51
N PHE O 130 15.41 29.03 3.35
CA PHE O 130 16.38 28.68 4.37
C PHE O 130 17.70 28.33 3.71
N ARG O 131 18.49 29.34 3.49
CA ARG O 131 19.91 29.15 3.32
C ARG O 131 20.51 28.83 4.69
N PRO O 132 21.26 27.76 4.83
CA PRO O 132 22.16 27.67 5.97
C PRO O 132 23.36 28.56 5.76
N VAL O 133 23.93 29.01 6.88
CA VAL O 133 25.15 29.78 6.81
C VAL O 133 26.27 28.87 6.37
N GLY O 134 26.96 29.27 5.33
CA GLY O 134 28.02 28.47 4.74
C GLY O 134 27.99 28.67 3.25
N ARG O 135 29.09 28.31 2.62
CA ARG O 135 29.18 28.38 1.17
C ARG O 135 28.43 27.25 0.49
N GLU O 136 27.79 26.36 1.25
CA GLU O 136 26.89 25.36 0.69
C GLU O 136 25.47 25.90 0.72
N LYS O 137 24.79 25.83 -0.41
CA LYS O 137 23.41 26.27 -0.53
C LYS O 137 22.50 25.04 -0.46
N TYR O 138 22.36 24.51 0.75
CA TYR O 138 21.43 23.42 0.96
C TYR O 138 20.00 23.92 0.82
N ARG O 139 19.07 22.99 1.01
CA ARG O 139 17.66 23.28 1.19
C ARG O 139 17.17 22.91 2.57
N HIS O 140 18.05 22.39 3.44
CA HIS O 140 17.60 21.75 4.67
C HIS O 140 18.80 21.47 5.57
N PRO O 141 18.66 21.52 6.89
CA PRO O 141 19.82 21.25 7.75
C PRO O 141 20.11 19.77 7.83
N PRO O 142 21.37 19.35 7.76
CA PRO O 142 21.71 17.93 7.88
C PRO O 142 21.83 17.50 9.34
N GLU O 143 22.22 16.25 9.52
CA GLU O 143 22.53 15.69 10.83
C GLU O 143 23.94 15.95 11.29
N HIS O 144 24.85 16.21 10.35
CA HIS O 144 26.27 16.29 10.63
C HIS O 144 26.84 17.52 9.94
N GLY O 145 28.15 17.63 9.93
CA GLY O 145 28.83 18.78 9.38
C GLY O 145 29.35 19.69 10.47
N VAL O 146 30.05 20.71 10.03
CA VAL O 146 30.69 21.65 10.94
C VAL O 146 29.63 22.56 11.55
N GLU O 147 29.90 23.07 12.74
CA GLU O 147 29.10 24.13 13.35
C GLU O 147 29.76 25.47 13.10
N LEU O 148 28.94 26.47 12.84
CA LEU O 148 29.43 27.80 12.52
C LEU O 148 28.31 28.80 12.76
N PRO O 149 28.64 30.08 12.87
CA PRO O 149 27.72 31.02 13.53
C PRO O 149 26.49 31.41 12.73
N CYS O 150 25.42 30.65 12.89
CA CYS O 150 24.17 30.99 12.23
C CYS O 150 23.36 31.99 13.05
N ASN O 151 22.30 32.48 12.43
CA ASN O 151 21.30 33.32 13.05
C ASN O 151 20.02 32.52 13.22
N ARG O 152 19.40 32.64 14.37
CA ARG O 152 18.39 31.69 14.79
C ARG O 152 17.69 32.25 16.02
N TYR O 153 16.46 31.78 16.24
CA TYR O 153 15.66 32.18 17.37
C TYR O 153 15.71 31.14 18.47
N THR O 154 15.41 31.58 19.68
CA THR O 154 15.58 30.76 20.86
C THR O 154 14.39 29.82 21.04
N HIS O 155 14.58 28.85 21.91
CA HIS O 155 13.46 28.06 22.40
C HIS O 155 12.68 28.79 23.47
N LYS O 156 13.28 29.74 24.15
CA LYS O 156 12.87 30.10 25.49
C LYS O 156 12.02 31.36 25.52
N ARG O 157 11.60 31.70 26.73
CA ARG O 157 10.71 32.82 27.03
C ARG O 157 11.38 33.87 27.89
N ALA O 158 12.34 33.49 28.74
CA ALA O 158 12.95 34.41 29.70
C ALA O 158 13.81 35.37 28.90
N ASP O 159 13.13 36.36 28.31
CA ASP O 159 13.66 37.10 27.17
C ASP O 159 13.20 38.53 27.25
N GLN O 160 14.14 39.44 27.09
CA GLN O 160 13.89 40.87 27.18
C GLN O 160 14.64 41.66 26.12
N GLY O 161 15.41 40.99 25.25
CA GLY O 161 16.32 41.69 24.35
C GLY O 161 15.65 42.74 23.49
N HIS O 162 14.35 42.61 23.25
CA HIS O 162 13.56 43.67 22.64
C HIS O 162 12.18 43.65 23.25
N TYR O 163 11.43 44.72 22.97
CA TYR O 163 10.04 44.79 23.35
C TYR O 163 9.32 45.63 22.33
N VAL O 164 8.13 45.18 21.97
CA VAL O 164 7.27 45.88 21.03
C VAL O 164 6.18 46.58 21.81
N GLU O 165 5.76 47.73 21.30
CA GLU O 165 4.64 48.45 21.88
C GLU O 165 3.40 47.58 21.81
N MET O 166 2.70 47.46 22.92
CA MET O 166 1.40 46.78 22.95
C MET O 166 0.44 47.59 23.82
N HIS O 167 -0.17 48.62 23.24
CA HIS O 167 -1.19 49.40 23.91
C HIS O 167 -2.56 48.85 23.56
N GLN O 168 -3.61 49.65 23.84
CA GLN O 168 -4.93 49.11 23.99
C GLN O 168 -5.47 48.60 22.67
N PRO O 169 -6.59 47.91 22.70
CA PRO O 169 -7.40 47.79 21.50
C PRO O 169 -8.27 49.02 21.32
N GLY O 170 -8.57 49.29 20.06
CA GLY O 170 -9.72 50.12 19.76
C GLY O 170 -10.98 49.33 20.03
N LEU O 171 -12.09 49.94 19.66
CA LEU O 171 -13.36 49.23 19.75
C LEU O 171 -13.36 48.05 18.79
N VAL O 172 -14.45 47.28 18.86
CA VAL O 172 -14.71 46.24 17.88
C VAL O 172 -16.21 46.19 17.65
N ALA O 173 -16.60 45.66 16.49
CA ALA O 173 -18.01 45.49 16.19
C ALA O 173 -18.55 44.27 16.92
N ASP O 174 -19.80 44.35 17.36
CA ASP O 174 -20.50 43.15 17.81
C ASP O 174 -22.00 43.42 17.67
N HIS O 175 -22.56 43.01 16.54
CA HIS O 175 -23.98 43.21 16.29
C HIS O 175 -24.84 42.13 16.93
N SER O 176 -24.23 41.16 17.59
CA SER O 176 -25.00 40.31 18.50
C SER O 176 -25.61 41.15 19.62
N LEU O 177 -24.97 42.26 19.98
CA LEU O 177 -25.52 43.17 20.96
C LEU O 177 -26.86 43.72 20.49
N LEU O 178 -26.89 44.30 19.30
CA LEU O 178 -28.03 45.10 18.86
C LEU O 178 -29.19 44.17 18.55
N SER O 179 -29.86 43.73 19.62
CA SER O 179 -31.10 42.98 19.51
C SER O 179 -32.23 43.97 19.27
N ILE O 180 -33.48 43.52 19.44
CA ILE O 180 -34.66 44.35 19.23
C ILE O 180 -35.49 44.32 20.50
N HIS O 181 -35.92 45.50 20.95
CA HIS O 181 -36.85 45.65 22.09
C HIS O 181 -38.30 45.64 21.61
N SER O 182 -38.60 44.64 20.77
CA SER O 182 -39.93 44.35 20.24
C SER O 182 -40.49 45.39 19.26
N ALA O 183 -39.95 46.62 19.26
CA ALA O 183 -40.04 47.53 18.12
C ALA O 183 -38.79 48.34 17.89
N LYS O 184 -37.90 48.46 18.88
CA LYS O 184 -36.74 49.32 18.85
C LYS O 184 -35.50 48.45 18.90
N VAL O 185 -34.40 48.96 18.35
CA VAL O 185 -33.16 48.20 18.36
C VAL O 185 -32.51 48.34 19.73
N LYS O 186 -32.11 47.21 20.29
CA LYS O 186 -31.77 47.06 21.69
C LYS O 186 -30.31 46.64 21.80
N ILE O 187 -29.50 47.50 22.36
CA ILE O 187 -28.12 47.19 22.65
C ILE O 187 -28.03 46.61 24.05
N THR O 188 -27.02 45.78 24.28
CA THR O 188 -26.70 45.27 25.61
C THR O 188 -25.22 45.48 25.87
N VAL O 189 -24.71 44.88 26.95
CA VAL O 189 -23.30 45.05 27.34
C VAL O 189 -22.72 43.71 27.74
N PRO O 190 -21.40 43.51 27.53
CA PRO O 190 -20.78 42.26 27.99
C PRO O 190 -20.88 42.01 29.49
N SER O 191 -20.25 42.90 30.26
CA SER O 191 -20.12 42.75 31.70
C SER O 191 -20.20 44.09 32.39
N GLY O 192 -20.89 45.04 31.77
CA GLY O 192 -20.73 46.44 32.09
C GLY O 192 -19.66 47.14 31.27
N ALA O 193 -19.19 46.50 30.20
CA ALA O 193 -18.20 47.14 29.34
C ALA O 193 -18.80 48.38 28.68
N GLN O 194 -17.93 49.13 28.02
CA GLN O 194 -18.25 50.46 27.54
C GLN O 194 -18.65 50.37 26.06
N VAL O 195 -19.94 50.56 25.80
CA VAL O 195 -20.51 50.36 24.47
C VAL O 195 -20.82 51.73 23.88
N LYS O 196 -20.23 52.00 22.72
CA LYS O 196 -20.19 53.33 22.13
C LYS O 196 -21.25 53.38 21.04
N TYR O 197 -22.31 54.18 21.25
CA TYR O 197 -23.58 53.95 20.58
C TYR O 197 -24.30 55.21 20.14
N TYR O 198 -24.95 55.12 18.97
CA TYR O 198 -25.90 56.06 18.34
C TYR O 198 -26.28 55.36 17.04
N CYS O 199 -27.27 55.91 16.34
CA CYS O 199 -27.70 55.37 15.06
C CYS O 199 -27.71 56.51 14.06
N LYS O 200 -27.98 56.20 12.78
CA LYS O 200 -28.03 57.25 11.79
C LYS O 200 -29.08 58.30 12.16
N CYS O 201 -30.18 57.86 12.76
CA CYS O 201 -31.19 58.79 13.24
C CYS O 201 -30.61 59.53 14.45
N PRO O 202 -31.31 60.54 14.96
CA PRO O 202 -30.90 61.13 16.25
C PRO O 202 -31.44 60.43 17.50
N ASP O 203 -30.55 59.83 18.27
CA ASP O 203 -30.80 59.23 19.59
C ASP O 203 -29.53 59.42 20.44
N VAL O 204 -29.33 58.57 21.47
CA VAL O 204 -28.17 58.67 22.36
C VAL O 204 -26.87 58.70 21.55
N ARG O 205 -26.02 59.70 21.80
CA ARG O 205 -24.94 60.02 20.86
C ARG O 205 -23.56 59.51 21.25
N GLU O 206 -23.25 59.32 22.54
CA GLU O 206 -21.97 58.69 22.87
C GLU O 206 -22.13 57.19 23.09
N GLY O 207 -22.80 56.83 24.17
CA GLY O 207 -22.90 55.47 24.62
C GLY O 207 -21.74 55.19 25.55
N ILE O 208 -21.95 55.36 26.85
CA ILE O 208 -21.09 54.82 27.88
C ILE O 208 -22.04 54.31 28.95
N THR O 209 -22.49 53.06 28.83
CA THR O 209 -23.75 52.68 29.44
C THR O 209 -23.77 51.20 29.77
N SER O 210 -24.79 50.82 30.53
CA SER O 210 -25.29 49.46 30.58
C SER O 210 -26.17 49.24 29.36
N SER O 211 -26.98 48.18 29.37
CA SER O 211 -27.86 47.90 28.25
C SER O 211 -28.86 49.02 28.00
N ASP O 212 -28.68 49.75 26.90
CA ASP O 212 -29.60 50.77 26.48
C ASP O 212 -30.60 50.22 25.48
N HIS O 213 -31.64 50.99 25.24
CA HIS O 213 -32.53 50.84 24.13
C HIS O 213 -32.19 51.92 23.09
N THR O 214 -33.04 52.05 22.07
CA THR O 214 -32.87 53.08 21.05
C THR O 214 -34.25 53.66 20.77
N THR O 215 -34.49 54.89 21.20
CA THR O 215 -35.79 55.49 20.97
C THR O 215 -36.05 55.66 19.48
N THR O 216 -35.07 56.20 18.75
CA THR O 216 -35.35 56.72 17.40
C THR O 216 -35.28 55.66 16.31
N CYS O 217 -34.09 55.14 16.02
CA CYS O 217 -33.94 54.20 14.93
C CYS O 217 -34.49 52.83 15.33
N THR O 218 -34.70 52.00 14.31
CA THR O 218 -35.26 50.65 14.44
C THR O 218 -34.36 49.59 13.85
N ASP O 219 -33.70 49.90 12.74
CA ASP O 219 -32.94 48.89 12.03
C ASP O 219 -31.60 48.64 12.71
N VAL O 220 -31.26 47.37 12.86
CA VAL O 220 -29.97 46.99 13.41
C VAL O 220 -28.84 47.50 12.53
N LYS O 221 -29.09 47.67 11.23
CA LYS O 221 -28.06 47.94 10.24
C LYS O 221 -27.71 49.42 10.13
N GLN O 222 -28.12 50.25 11.09
CA GLN O 222 -27.82 51.67 11.03
C GLN O 222 -27.42 52.19 12.39
N CYS O 223 -26.67 51.37 13.15
CA CYS O 223 -26.36 51.69 14.53
C CYS O 223 -24.93 51.29 14.85
N ARG O 224 -24.46 51.80 15.99
CA ARG O 224 -23.06 51.71 16.40
C ARG O 224 -22.92 50.61 17.47
N ALA O 225 -22.71 49.37 17.02
CA ALA O 225 -22.43 48.26 17.92
C ALA O 225 -20.93 48.24 18.19
N TYR O 226 -20.52 48.82 19.30
CA TYR O 226 -19.11 49.01 19.62
C TYR O 226 -18.81 48.43 21.00
N LEU O 227 -17.54 48.06 21.19
CA LEU O 227 -17.06 47.49 22.46
C LEU O 227 -15.74 48.14 22.81
N ILE O 228 -15.80 49.24 23.56
CA ILE O 228 -14.62 49.75 24.23
C ILE O 228 -14.43 48.87 25.47
N ASP O 229 -13.56 47.89 25.35
CA ASP O 229 -13.35 46.85 26.36
C ASP O 229 -11.88 46.78 26.72
N ASN O 230 -11.31 47.94 27.02
CA ASN O 230 -9.87 48.07 27.20
C ASN O 230 -9.43 47.70 28.61
N LYS O 231 -9.86 46.53 29.08
CA LYS O 231 -9.31 45.96 30.30
C LYS O 231 -8.05 45.14 30.03
N LYS O 232 -7.79 44.79 28.77
CA LYS O 232 -6.59 44.06 28.39
C LYS O 232 -6.07 44.63 27.08
N TRP O 233 -4.78 44.96 27.06
CA TRP O 233 -4.17 45.56 25.88
C TRP O 233 -4.04 44.50 24.78
N VAL O 234 -3.48 44.93 23.64
CA VAL O 234 -3.32 44.06 22.48
C VAL O 234 -1.97 44.31 21.82
N TYR O 235 -1.66 43.45 20.85
CA TYR O 235 -0.61 43.78 19.91
C TYR O 235 -1.10 44.85 18.95
N ASN O 236 -0.17 45.69 18.52
CA ASN O 236 -0.50 46.83 17.68
C ASN O 236 -0.43 46.42 16.21
N SER O 237 -1.30 45.48 15.88
CA SER O 237 -1.41 44.98 14.51
C SER O 237 -1.80 46.10 13.58
N GLY O 238 -1.33 46.00 12.33
CA GLY O 238 -1.88 46.84 11.29
C GLY O 238 -3.35 46.57 11.06
N ARG O 239 -3.81 45.37 11.39
CA ARG O 239 -5.21 45.01 11.25
C ARG O 239 -5.99 45.25 12.52
N LEU O 240 -5.57 46.25 13.30
CA LEU O 240 -6.24 46.77 14.46
C LEU O 240 -6.82 48.15 14.15
N PRO O 241 -8.04 48.46 14.59
CA PRO O 241 -8.45 49.86 14.63
C PRO O 241 -7.92 50.54 15.88
N ARG O 242 -7.42 51.75 15.69
CA ARG O 242 -6.83 52.52 16.78
C ARG O 242 -7.83 52.71 17.91
N GLY O 243 -7.34 52.60 19.13
CA GLY O 243 -8.05 53.13 20.27
C GLY O 243 -7.81 54.61 20.30
N GLU O 244 -8.82 55.37 19.87
CA GLU O 244 -8.64 56.77 19.53
C GLU O 244 -8.24 57.63 20.71
N GLY O 245 -8.49 57.16 21.94
CA GLY O 245 -8.34 58.02 23.08
C GLY O 245 -6.89 58.40 23.36
N ASP O 246 -6.00 57.42 23.33
CA ASP O 246 -4.69 57.61 23.94
C ASP O 246 -3.76 56.49 23.54
N THR O 247 -2.47 56.77 23.64
CA THR O 247 -1.42 55.76 23.68
C THR O 247 -1.31 55.24 25.12
N PHE O 248 -2.17 54.30 25.48
CA PHE O 248 -2.01 53.67 26.78
C PHE O 248 -0.67 52.92 26.86
N LYS O 249 -0.28 52.60 28.09
CA LYS O 249 0.89 51.81 28.41
C LYS O 249 0.67 50.38 27.93
N GLY O 250 1.66 49.52 28.20
CA GLY O 250 1.69 48.15 27.74
C GLY O 250 2.88 47.84 26.85
N LYS O 251 4.04 48.43 27.17
CA LYS O 251 5.28 47.97 26.57
C LYS O 251 5.53 46.53 26.97
N LEU O 252 5.72 45.67 25.97
CA LEU O 252 5.75 44.23 26.21
C LEU O 252 6.82 43.58 25.35
N HIS O 253 7.56 42.66 25.96
CA HIS O 253 8.75 42.08 25.38
C HIS O 253 8.45 41.27 24.14
N VAL O 254 9.51 40.77 23.52
CA VAL O 254 9.44 39.70 22.54
C VAL O 254 10.17 38.50 23.13
N PRO O 255 9.60 37.30 23.11
CA PRO O 255 10.36 36.11 23.50
C PRO O 255 11.47 35.75 22.56
N PHE O 256 11.11 35.56 21.29
CA PHE O 256 11.97 34.88 20.35
C PHE O 256 12.89 35.89 19.71
N VAL O 257 13.94 36.20 20.46
CA VAL O 257 14.98 37.11 19.99
C VAL O 257 15.80 36.33 18.97
N PRO O 258 16.32 36.96 17.92
CA PRO O 258 17.32 36.28 17.09
C PRO O 258 18.65 36.26 17.82
N VAL O 259 19.21 35.06 17.96
CA VAL O 259 20.42 34.85 18.74
C VAL O 259 21.48 34.20 17.87
N LYS O 260 22.71 34.25 18.37
CA LYS O 260 23.87 33.75 17.64
C LYS O 260 24.12 32.30 18.03
N ALA O 261 23.14 31.48 17.70
CA ALA O 261 23.34 30.05 17.80
C ALA O 261 24.33 29.60 16.74
N LYS O 262 25.08 28.56 17.07
CA LYS O 262 25.86 27.83 16.08
C LYS O 262 24.98 26.70 15.62
N CYS O 263 24.32 26.88 14.47
CA CYS O 263 23.54 25.80 13.91
C CYS O 263 24.43 24.60 13.66
N ILE O 264 23.92 23.42 13.98
CA ILE O 264 24.38 22.23 13.31
C ILE O 264 24.25 22.54 11.83
N ALA O 265 25.31 22.36 11.07
CA ALA O 265 25.35 23.08 9.80
C ALA O 265 26.02 22.23 8.72
N THR O 266 26.32 22.89 7.61
CA THR O 266 26.55 22.25 6.35
C THR O 266 27.98 21.73 6.27
N LEU O 267 28.22 20.94 5.24
CA LEU O 267 29.53 20.43 4.92
C LEU O 267 29.41 19.77 3.55
N ALA O 268 30.32 20.07 2.68
CA ALA O 268 30.31 19.51 1.35
C ALA O 268 31.35 18.40 1.23
N PRO O 269 31.08 17.35 0.44
CA PRO O 269 32.03 16.24 0.35
C PRO O 269 33.40 16.67 -0.09
N GLU O 270 34.41 15.96 0.40
CA GLU O 270 35.77 16.38 0.21
C GLU O 270 36.12 16.39 -1.27
N PRO O 271 37.09 17.21 -1.68
CA PRO O 271 37.50 17.23 -3.07
C PRO O 271 38.44 16.08 -3.39
N LEU O 272 38.65 15.88 -4.70
CA LEU O 272 39.64 14.95 -5.21
C LEU O 272 40.79 15.79 -5.72
N VAL O 273 41.86 15.85 -4.94
CA VAL O 273 43.00 16.64 -5.35
C VAL O 273 43.81 15.85 -6.37
N GLU O 274 44.19 16.53 -7.45
CA GLU O 274 44.96 15.94 -8.51
C GLU O 274 46.06 16.92 -8.88
N HIS O 275 47.27 16.41 -8.95
CA HIS O 275 48.42 17.23 -9.27
C HIS O 275 48.57 17.44 -10.77
N LYS O 276 49.00 18.65 -11.14
CA LYS O 276 49.64 18.88 -12.41
C LYS O 276 50.69 19.97 -12.20
N HIS O 277 51.39 20.31 -13.27
CA HIS O 277 52.46 21.30 -13.24
C HIS O 277 51.88 22.67 -12.93
N ARG O 278 52.06 23.12 -11.71
CA ARG O 278 51.57 24.42 -11.26
C ARG O 278 50.08 24.58 -11.53
N THR O 279 49.36 23.47 -11.42
CA THR O 279 47.95 23.44 -11.79
C THR O 279 47.26 22.38 -10.97
N LEU O 280 46.15 22.75 -10.36
CA LEU O 280 45.28 21.83 -9.64
C LEU O 280 44.13 21.45 -10.55
N ILE O 281 44.20 20.27 -11.15
CA ILE O 281 42.97 19.63 -11.58
C ILE O 281 42.25 19.18 -10.32
N LEU O 282 40.94 19.37 -10.31
CA LEU O 282 40.12 18.96 -9.19
C LEU O 282 38.84 18.39 -9.75
N HIS O 283 38.78 17.07 -9.86
CA HIS O 283 37.49 16.43 -10.06
C HIS O 283 36.67 16.62 -8.80
N LEU O 284 35.46 17.14 -8.94
CA LEU O 284 34.71 17.62 -7.81
C LEU O 284 33.25 17.21 -7.96
N HIS O 285 32.64 16.95 -6.84
CA HIS O 285 31.38 16.24 -6.79
C HIS O 285 30.63 16.56 -5.51
N PRO O 286 29.85 17.63 -5.50
CA PRO O 286 29.18 18.04 -4.27
C PRO O 286 27.85 17.35 -4.03
N ASP O 287 27.27 17.66 -2.87
CA ASP O 287 25.91 17.26 -2.52
C ASP O 287 24.90 18.29 -2.99
N HIS O 288 25.25 19.55 -2.86
CA HIS O 288 24.36 20.67 -3.09
C HIS O 288 25.16 21.80 -3.72
N PRO O 289 24.53 22.87 -4.17
CA PRO O 289 25.28 23.98 -4.76
C PRO O 289 26.24 24.58 -3.75
N THR O 290 27.52 24.50 -4.07
CA THR O 290 28.61 24.91 -3.19
C THR O 290 29.35 26.07 -3.83
N LEU O 291 29.48 27.18 -3.09
CA LEU O 291 30.27 28.30 -3.58
C LEU O 291 31.72 28.00 -3.30
N LEU O 292 32.45 27.67 -4.35
CA LEU O 292 33.88 27.56 -4.27
C LEU O 292 34.53 28.90 -4.58
N THR O 293 35.67 29.14 -3.96
CA THR O 293 36.43 30.33 -4.30
C THR O 293 37.85 30.21 -3.77
N THR O 294 38.73 31.04 -4.35
CA THR O 294 40.16 30.95 -4.13
C THR O 294 40.76 32.34 -4.07
N ARG O 295 42.06 32.39 -3.77
CA ARG O 295 42.80 33.65 -3.67
C ARG O 295 44.25 33.37 -4.06
N SER O 296 44.61 33.66 -5.30
CA SER O 296 46.02 33.52 -5.67
C SER O 296 46.79 34.58 -4.90
N LEU O 297 47.62 34.12 -3.97
CA LEU O 297 48.16 34.97 -2.93
C LEU O 297 49.18 35.97 -3.41
N GLY O 298 49.47 36.05 -4.69
CA GLY O 298 50.22 37.18 -5.18
C GLY O 298 49.49 38.47 -4.88
N SER O 299 50.23 39.56 -4.95
CA SER O 299 49.56 40.86 -4.89
C SER O 299 48.59 41.03 -6.05
N ASP O 300 48.79 40.28 -7.13
CA ASP O 300 47.70 39.96 -8.03
C ASP O 300 46.83 38.91 -7.37
N ALA O 301 45.64 39.31 -6.93
CA ALA O 301 44.76 38.39 -6.23
C ALA O 301 44.27 37.30 -7.16
N ASN O 302 43.70 37.69 -8.29
CA ASN O 302 43.04 36.81 -9.26
C ASN O 302 42.15 35.76 -8.60
N PRO O 303 41.12 36.16 -7.88
CA PRO O 303 40.21 35.20 -7.27
C PRO O 303 39.20 34.67 -8.26
N THR O 304 38.45 33.68 -7.81
CA THR O 304 37.42 33.03 -8.58
C THR O 304 36.26 32.70 -7.66
N ARG O 305 35.05 32.75 -8.20
CA ARG O 305 33.86 32.34 -7.50
C ARG O 305 32.99 31.56 -8.46
N GLN O 306 32.45 30.44 -8.01
CA GLN O 306 31.39 29.79 -8.77
C GLN O 306 30.66 28.81 -7.87
N TRP O 307 29.36 28.99 -7.76
CA TRP O 307 28.52 27.97 -7.16
C TRP O 307 28.61 26.71 -8.00
N ILE O 308 28.89 25.59 -7.35
CA ILE O 308 28.99 24.30 -8.01
C ILE O 308 27.96 23.41 -7.39
N GLU O 309 26.98 23.00 -8.19
CA GLU O 309 26.06 21.93 -7.86
C GLU O 309 26.22 20.73 -8.76
N ARG O 310 26.56 20.97 -9.99
CA ARG O 310 26.84 19.89 -10.91
C ARG O 310 28.29 19.45 -10.75
N PRO O 311 28.57 18.16 -10.62
CA PRO O 311 29.96 17.73 -10.47
C PRO O 311 30.79 18.14 -11.67
N THR O 312 31.98 18.66 -11.38
CA THR O 312 32.77 19.33 -12.39
C THR O 312 34.24 19.17 -12.08
N THR O 313 35.00 18.75 -13.08
CA THR O 313 36.45 18.84 -13.01
C THR O 313 36.85 20.26 -13.38
N VAL O 314 37.52 20.94 -12.46
CA VAL O 314 37.91 22.33 -12.63
C VAL O 314 39.42 22.43 -12.68
N ASN O 315 39.92 23.65 -12.82
CA ASN O 315 41.34 23.89 -12.92
C ASN O 315 41.69 25.20 -12.26
N PHE O 316 42.92 25.30 -11.78
CA PHE O 316 43.40 26.49 -11.09
C PHE O 316 44.87 26.64 -11.40
N THR O 317 45.21 27.70 -12.11
CA THR O 317 46.61 28.00 -12.37
C THR O 317 47.24 28.49 -11.08
N VAL O 318 47.81 27.59 -10.31
CA VAL O 318 48.50 27.97 -9.10
C VAL O 318 49.84 28.57 -9.49
N THR O 319 50.25 29.55 -8.71
CA THR O 319 51.49 30.28 -8.92
C THR O 319 52.59 29.67 -8.08
N GLY O 320 53.72 30.37 -8.02
CA GLY O 320 54.84 29.87 -7.26
C GLY O 320 54.62 29.98 -5.77
N GLU O 321 54.05 31.09 -5.31
CA GLU O 321 54.03 31.36 -3.88
C GLU O 321 52.89 30.65 -3.17
N GLY O 322 51.75 30.48 -3.83
CA GLY O 322 50.70 29.66 -3.24
C GLY O 322 49.33 30.08 -3.71
N LEU O 323 48.37 29.19 -3.43
CA LEU O 323 46.95 29.43 -3.62
C LEU O 323 46.22 28.85 -2.43
N GLU O 324 44.99 29.31 -2.21
CA GLU O 324 44.13 28.70 -1.20
C GLU O 324 42.78 28.37 -1.83
N TYR O 325 42.07 27.49 -1.15
CA TYR O 325 41.01 26.70 -1.76
C TYR O 325 39.94 26.41 -0.71
N THR O 326 38.69 26.68 -1.05
CA THR O 326 37.60 26.77 -0.06
C THR O 326 36.41 25.93 -0.50
N TRP O 327 36.46 24.64 -0.22
CA TRP O 327 35.40 23.72 -0.62
C TRP O 327 34.19 23.91 0.27
N GLY O 328 33.44 24.95 -0.01
CA GLY O 328 32.31 25.20 0.84
C GLY O 328 32.81 25.65 2.20
N ASN O 329 31.93 25.55 3.20
CA ASN O 329 32.31 25.90 4.55
C ASN O 329 33.27 24.89 5.18
N HIS O 330 33.63 23.83 4.46
CA HIS O 330 34.83 23.10 4.79
C HIS O 330 36.00 24.08 4.89
N PRO O 331 36.96 23.87 5.78
CA PRO O 331 37.95 24.92 6.03
C PRO O 331 38.78 25.22 4.80
N PRO O 332 39.42 26.38 4.76
CA PRO O 332 40.23 26.74 3.60
C PRO O 332 41.52 25.93 3.56
N LYS O 333 41.81 25.37 2.38
CA LYS O 333 43.06 24.69 2.14
C LYS O 333 44.09 25.68 1.60
N ARG O 334 45.30 25.19 1.43
CA ARG O 334 46.42 25.99 0.94
C ARG O 334 47.34 25.04 0.20
N VAL O 335 48.13 25.57 -0.72
CA VAL O 335 48.92 24.70 -1.60
C VAL O 335 50.23 25.35 -2.05
N TRP O 336 51.35 24.65 -1.85
CA TRP O 336 52.61 25.00 -2.49
C TRP O 336 52.59 24.35 -3.86
N ALA O 337 52.62 25.20 -4.87
CA ALA O 337 52.94 24.77 -6.23
C ALA O 337 54.18 25.54 -6.63
N GLN O 338 55.32 24.97 -6.30
CA GLN O 338 56.53 25.32 -7.00
C GLN O 338 56.55 24.53 -8.28
N GLU O 339 57.72 24.44 -8.91
CA GLU O 339 57.88 23.71 -10.15
C GLU O 339 57.32 22.30 -10.10
N SER O 340 57.06 21.74 -11.27
CA SER O 340 57.12 20.30 -11.43
C SER O 340 57.64 19.92 -12.81
N GLY O 341 58.13 20.86 -13.60
CA GLY O 341 58.58 20.64 -14.96
C GLY O 341 60.05 20.33 -15.08
N GLU O 342 60.70 20.04 -13.96
CA GLU O 342 62.04 19.45 -13.93
C GLU O 342 63.14 20.43 -14.36
N ASP P 1 -33.30 29.50 -1.24
CA ASP P 1 -33.87 28.67 -2.32
C ASP P 1 -32.87 27.63 -2.81
N LEU P 2 -32.62 26.63 -1.97
CA LEU P 2 -31.89 25.44 -2.38
C LEU P 2 -32.80 24.42 -3.06
N ASP P 3 -34.03 24.81 -3.40
CA ASP P 3 -35.08 23.90 -3.82
C ASP P 3 -35.57 24.23 -5.23
N THR P 4 -34.63 24.68 -6.08
CA THR P 4 -34.92 25.13 -7.43
C THR P 4 -34.20 24.30 -8.50
N HIS P 5 -33.52 23.23 -8.11
CA HIS P 5 -32.78 22.39 -9.05
C HIS P 5 -33.05 20.92 -8.72
N PHE P 6 -34.32 20.60 -8.53
CA PHE P 6 -34.72 19.21 -8.47
C PHE P 6 -34.69 18.54 -9.82
N THR P 7 -34.38 19.29 -10.88
CA THR P 7 -33.96 18.69 -12.13
C THR P 7 -32.89 17.65 -11.89
N GLN P 8 -31.77 18.05 -11.28
CA GLN P 8 -30.72 17.08 -10.98
C GLN P 8 -31.08 16.25 -9.75
N TYR P 9 -31.45 16.92 -8.66
CA TYR P 9 -31.44 16.30 -7.34
C TYR P 9 -32.33 15.07 -7.29
N LYS P 10 -33.62 15.25 -7.59
CA LYS P 10 -34.53 14.11 -7.54
C LYS P 10 -34.13 13.04 -8.53
N LEU P 11 -33.64 13.44 -9.69
CA LEU P 11 -33.64 12.58 -10.85
C LEU P 11 -32.26 11.99 -11.15
N ALA P 12 -31.20 12.57 -10.60
CA ALA P 12 -29.85 12.06 -10.75
C ALA P 12 -29.39 11.36 -9.48
N ARG P 13 -28.52 10.38 -9.65
CA ARG P 13 -27.98 9.57 -8.58
C ARG P 13 -26.47 9.77 -8.48
N PRO P 14 -25.86 9.43 -7.34
CA PRO P 14 -24.39 9.54 -7.25
C PRO P 14 -23.71 8.47 -8.06
N TYR P 15 -23.18 8.84 -9.22
CA TYR P 15 -22.60 7.83 -10.10
C TYR P 15 -21.31 7.30 -9.52
N ILE P 16 -20.97 6.07 -9.91
CA ILE P 16 -19.70 5.46 -9.53
C ILE P 16 -18.94 5.01 -10.77
N ALA P 17 -17.67 5.40 -10.83
CA ALA P 17 -16.81 5.12 -11.98
C ALA P 17 -15.45 4.68 -11.48
N ASP P 18 -14.50 4.58 -12.40
CA ASP P 18 -13.21 3.98 -12.14
C ASP P 18 -12.17 5.07 -11.93
N CYS P 19 -11.86 5.34 -10.67
CA CYS P 19 -10.82 6.29 -10.35
C CYS P 19 -9.47 5.74 -10.79
N PRO P 20 -8.54 6.58 -11.29
CA PRO P 20 -7.33 6.05 -11.90
C PRO P 20 -6.20 5.63 -10.97
N ASN P 21 -6.00 6.35 -9.87
CA ASN P 21 -4.93 6.04 -8.93
C ASN P 21 -5.48 6.17 -7.51
N CYS P 22 -6.54 5.42 -7.27
CA CYS P 22 -7.39 5.53 -6.10
C CYS P 22 -6.66 5.09 -4.84
N GLY P 23 -5.68 5.89 -4.42
CA GLY P 23 -4.86 5.56 -3.27
C GLY P 23 -3.80 4.55 -3.64
N HIS P 24 -4.22 3.30 -3.82
CA HIS P 24 -3.31 2.28 -4.32
C HIS P 24 -3.16 2.40 -5.83
N SER P 25 -4.26 2.17 -6.53
CA SER P 25 -4.29 1.97 -7.97
C SER P 25 -5.72 2.21 -8.42
N ARG P 26 -6.06 1.74 -9.60
CA ARG P 26 -7.38 1.97 -10.17
C ARG P 26 -8.45 1.23 -9.37
N CYS P 27 -9.16 1.94 -8.49
CA CYS P 27 -10.36 1.41 -7.87
C CYS P 27 -11.57 1.82 -8.68
N ASP P 28 -12.75 1.63 -8.11
CA ASP P 28 -14.00 2.21 -8.61
C ASP P 28 -14.54 3.08 -7.47
N SER P 29 -14.19 4.37 -7.50
CA SER P 29 -14.67 5.27 -6.47
C SER P 29 -15.97 5.95 -6.92
N PRO P 30 -16.91 6.21 -6.00
CA PRO P 30 -18.04 7.06 -6.37
C PRO P 30 -17.64 8.49 -6.67
N ILE P 31 -16.48 8.93 -6.20
CA ILE P 31 -16.04 10.30 -6.37
C ILE P 31 -15.04 10.36 -7.52
N ALA P 32 -15.16 9.42 -8.45
CA ALA P 32 -14.26 9.36 -9.59
C ALA P 32 -14.27 10.68 -10.35
N ILE P 33 -13.08 11.24 -10.51
CA ILE P 33 -12.93 12.61 -11.01
C ILE P 33 -12.85 12.59 -12.51
N GLU P 34 -13.78 13.29 -13.14
CA GLU P 34 -13.73 13.62 -14.55
C GLU P 34 -13.78 15.13 -14.67
N GLU P 35 -13.47 15.63 -15.87
CA GLU P 35 -13.63 17.04 -16.25
C GLU P 35 -13.08 17.99 -15.19
N VAL P 36 -11.79 17.91 -15.00
CA VAL P 36 -11.07 18.91 -14.25
C VAL P 36 -10.90 20.13 -15.13
N ARG P 37 -11.14 21.31 -14.56
CA ARG P 37 -11.13 22.55 -15.31
C ARG P 37 -10.33 23.60 -14.56
N GLY P 38 -9.02 23.60 -14.79
CA GLY P 38 -8.14 24.62 -14.23
C GLY P 38 -7.95 25.71 -15.24
N ASP P 39 -9.07 26.16 -15.80
CA ASP P 39 -9.09 27.06 -16.93
C ASP P 39 -9.44 28.48 -16.55
N ALA P 40 -9.92 28.71 -15.34
CA ALA P 40 -10.19 30.05 -14.84
C ALA P 40 -8.91 30.63 -14.27
N HIS P 41 -9.04 31.73 -13.52
CA HIS P 41 -7.92 32.51 -13.04
C HIS P 41 -7.84 32.65 -11.54
N ALA P 42 -8.95 32.46 -10.82
CA ALA P 42 -9.09 32.94 -9.46
C ALA P 42 -8.63 31.94 -8.41
N GLY P 43 -7.67 31.09 -8.75
CA GLY P 43 -7.32 30.01 -7.84
C GLY P 43 -8.34 28.90 -7.76
N VAL P 44 -9.32 28.88 -8.66
CA VAL P 44 -10.49 28.03 -8.55
C VAL P 44 -10.45 26.94 -9.60
N ILE P 45 -10.96 25.77 -9.23
CA ILE P 45 -11.25 24.70 -10.18
C ILE P 45 -12.66 24.24 -9.95
N ARG P 46 -13.38 24.06 -11.04
CA ARG P 46 -14.64 23.34 -11.06
C ARG P 46 -14.35 21.89 -11.40
N ILE P 47 -14.89 20.99 -10.58
CA ILE P 47 -14.65 19.55 -10.71
C ILE P 47 -16.00 18.86 -10.78
N GLN P 48 -16.03 17.71 -11.44
CA GLN P 48 -17.15 16.78 -11.31
C GLN P 48 -16.65 15.50 -10.69
N THR P 49 -17.18 15.19 -9.52
CA THR P 49 -17.21 13.84 -9.03
C THR P 49 -18.30 13.09 -9.75
N SER P 50 -18.14 11.78 -9.86
CA SER P 50 -19.28 10.96 -10.22
C SER P 50 -20.28 10.87 -9.09
N ALA P 51 -19.88 11.23 -7.88
CA ALA P 51 -20.79 11.30 -6.76
C ALA P 51 -21.58 12.59 -6.78
N MET P 52 -22.85 12.48 -6.42
CA MET P 52 -23.79 13.58 -6.38
C MET P 52 -24.01 13.91 -4.91
N PHE P 53 -23.18 14.78 -4.38
CA PHE P 53 -23.43 15.37 -3.08
C PHE P 53 -24.38 16.54 -3.26
N GLY P 54 -24.83 17.12 -2.15
CA GLY P 54 -25.83 18.16 -2.19
C GLY P 54 -26.94 17.86 -1.21
N LEU P 55 -28.20 17.94 -1.65
CA LEU P 55 -29.27 17.45 -0.83
C LEU P 55 -29.09 15.95 -0.61
N LYS P 56 -29.93 15.40 0.25
CA LYS P 56 -29.91 13.97 0.49
C LYS P 56 -30.54 13.25 -0.69
N THR P 57 -30.85 11.97 -0.52
CA THR P 57 -31.67 11.26 -1.49
C THR P 57 -32.96 12.02 -1.76
N ASP P 58 -33.56 12.62 -0.73
CA ASP P 58 -34.92 13.14 -0.86
C ASP P 58 -35.02 14.66 -1.01
N GLY P 59 -34.67 15.44 0.01
CA GLY P 59 -35.05 16.85 -0.02
C GLY P 59 -34.33 17.94 0.75
N VAL P 60 -33.24 17.68 1.46
CA VAL P 60 -32.77 18.62 2.48
C VAL P 60 -31.26 18.85 2.41
N ASP P 61 -30.86 20.11 2.62
CA ASP P 61 -29.52 20.47 3.07
C ASP P 61 -28.40 20.12 2.10
N LEU P 62 -28.15 21.01 1.13
CA LEU P 62 -26.98 21.00 0.25
C LEU P 62 -25.72 20.48 0.93
N ALA P 63 -25.50 20.84 2.19
CA ALA P 63 -24.27 20.50 2.88
C ALA P 63 -24.23 19.06 3.39
N TYR P 64 -25.09 18.17 2.90
CA TYR P 64 -24.99 16.74 3.16
C TYR P 64 -24.36 16.06 1.95
N MET P 65 -24.27 14.74 2.02
CA MET P 65 -23.26 14.00 1.26
C MET P 65 -23.83 12.65 0.87
N SER P 66 -24.14 12.49 -0.41
CA SER P 66 -24.66 11.24 -0.97
C SER P 66 -23.71 10.73 -2.03
N PHE P 67 -22.96 9.68 -1.70
CA PHE P 67 -22.24 8.88 -2.68
C PHE P 67 -22.88 7.49 -2.75
N MET P 68 -22.34 6.67 -3.62
CA MET P 68 -22.80 5.31 -3.79
C MET P 68 -21.92 4.37 -2.98
N ASN P 69 -22.55 3.59 -2.10
CA ASN P 69 -21.92 2.47 -1.43
C ASN P 69 -22.79 1.25 -1.72
N GLY P 70 -22.20 0.26 -2.38
CA GLY P 70 -22.98 -0.85 -2.90
C GLY P 70 -23.62 -0.44 -4.21
N LYS P 71 -24.77 -1.05 -4.49
CA LYS P 71 -25.71 -0.47 -5.43
C LYS P 71 -26.38 0.78 -4.88
N THR P 72 -26.21 1.07 -3.60
CA THR P 72 -27.03 2.01 -2.85
C THR P 72 -26.30 3.33 -2.66
N GLN P 73 -27.10 4.37 -2.42
CA GLN P 73 -26.58 5.66 -2.02
C GLN P 73 -26.10 5.61 -0.57
N LYS P 74 -25.56 6.73 -0.10
CA LYS P 74 -25.40 6.95 1.34
C LYS P 74 -25.47 8.45 1.57
N SER P 75 -26.70 8.94 1.80
CA SER P 75 -26.96 10.38 1.86
C SER P 75 -26.79 10.83 3.31
N ILE P 76 -25.57 11.25 3.64
CA ILE P 76 -25.17 11.58 5.00
C ILE P 76 -24.33 12.86 4.96
N LYS P 77 -23.70 13.21 6.09
CA LYS P 77 -23.03 14.49 6.23
C LYS P 77 -21.70 14.55 5.50
N ILE P 78 -21.31 15.77 5.10
CA ILE P 78 -20.15 16.07 4.26
C ILE P 78 -18.84 16.13 5.06
N ASP P 79 -18.88 15.68 6.31
CA ASP P 79 -18.01 16.14 7.40
C ASP P 79 -16.57 16.53 7.03
N ASN P 80 -15.88 15.72 6.23
CA ASN P 80 -14.43 15.85 6.06
C ASN P 80 -14.02 15.72 4.60
N LEU P 81 -14.68 16.48 3.73
CA LEU P 81 -14.25 16.58 2.35
C LEU P 81 -12.81 17.06 2.27
N HIS P 82 -12.07 16.56 1.29
CA HIS P 82 -10.77 17.12 0.93
C HIS P 82 -10.56 17.03 -0.57
N VAL P 83 -10.68 18.18 -1.24
CA VAL P 83 -10.00 18.38 -2.51
C VAL P 83 -8.58 18.79 -2.19
N ARG P 84 -7.64 18.36 -3.02
CA ARG P 84 -6.29 18.88 -2.87
C ARG P 84 -5.50 18.64 -4.13
N THR P 85 -4.37 19.31 -4.18
CA THR P 85 -3.41 19.34 -5.28
C THR P 85 -2.06 19.31 -4.60
N SER P 86 -1.05 19.88 -5.23
CA SER P 86 0.23 20.16 -4.60
C SER P 86 0.11 20.60 -3.15
N ALA P 87 -0.90 21.40 -2.85
CA ALA P 87 -1.30 21.71 -1.48
C ALA P 87 -2.78 21.38 -1.29
N PRO P 88 -3.25 21.36 -0.05
CA PRO P 88 -4.69 21.24 0.18
C PRO P 88 -5.45 22.45 -0.34
N CYS P 89 -6.50 22.17 -1.10
CA CYS P 89 -7.32 23.21 -1.68
C CYS P 89 -8.27 23.77 -0.63
N SER P 90 -9.09 24.70 -1.07
CA SER P 90 -10.20 25.22 -0.29
C SER P 90 -11.47 25.01 -1.09
N LEU P 91 -12.42 24.30 -0.50
CA LEU P 91 -13.75 24.19 -1.06
C LEU P 91 -14.33 25.58 -1.28
N VAL P 92 -15.13 25.72 -2.33
CA VAL P 92 -15.92 26.92 -2.58
C VAL P 92 -17.40 26.63 -2.46
N SER P 93 -17.89 25.64 -3.19
CA SER P 93 -19.28 25.22 -3.08
C SER P 93 -19.47 23.96 -3.90
N HIS P 94 -20.46 23.18 -3.49
CA HIS P 94 -20.89 22.00 -4.22
C HIS P 94 -22.34 22.16 -4.67
N HIS P 95 -22.65 21.56 -5.82
CA HIS P 95 -24.03 21.48 -6.29
C HIS P 95 -24.10 20.33 -7.28
N GLY P 96 -24.91 19.32 -6.95
CA GLY P 96 -25.10 18.22 -7.88
C GLY P 96 -23.93 17.26 -7.82
N TYR P 97 -23.44 16.86 -8.99
CA TYR P 97 -22.22 16.08 -9.11
C TYR P 97 -20.97 16.90 -8.90
N TYR P 98 -21.11 18.21 -8.75
CA TYR P 98 -20.08 19.15 -9.12
C TYR P 98 -19.66 19.98 -7.92
N ILE P 99 -18.36 20.20 -7.81
CA ILE P 99 -17.80 21.00 -6.74
C ILE P 99 -16.89 22.07 -7.33
N LEU P 100 -16.92 23.25 -6.71
CA LEU P 100 -15.98 24.31 -6.97
C LEU P 100 -15.08 24.44 -5.75
N ALA P 101 -13.78 24.60 -6.00
CA ALA P 101 -12.81 24.65 -4.93
C ALA P 101 -11.65 25.52 -5.34
N GLN P 102 -11.19 26.33 -4.40
CA GLN P 102 -10.05 27.21 -4.64
C GLN P 102 -8.78 26.41 -4.39
N CYS P 103 -8.02 26.15 -5.45
CA CYS P 103 -6.80 25.37 -5.41
C CYS P 103 -5.59 26.21 -5.82
N PRO P 104 -4.40 25.84 -5.37
CA PRO P 104 -3.20 26.36 -6.00
C PRO P 104 -2.87 25.57 -7.25
N PRO P 105 -1.82 25.95 -7.96
CA PRO P 105 -1.37 25.14 -9.09
C PRO P 105 -0.94 23.77 -8.61
N GLY P 106 -1.01 22.82 -9.54
CA GLY P 106 -0.62 21.46 -9.24
C GLY P 106 -0.57 20.62 -10.49
N ASP P 107 0.43 19.76 -10.57
CA ASP P 107 0.52 18.84 -11.69
C ASP P 107 -0.68 17.93 -11.77
N THR P 108 -1.28 17.61 -10.63
CA THR P 108 -2.39 16.67 -10.52
C THR P 108 -3.58 17.35 -9.86
N VAL P 109 -4.62 16.55 -9.66
CA VAL P 109 -5.72 16.89 -8.79
C VAL P 109 -6.07 15.66 -8.00
N THR P 110 -6.37 15.85 -6.72
CA THR P 110 -6.45 14.77 -5.75
C THR P 110 -7.58 15.10 -4.79
N VAL P 111 -8.64 14.28 -4.84
CA VAL P 111 -9.90 14.57 -4.18
C VAL P 111 -10.18 13.48 -3.17
N GLY P 112 -10.93 13.82 -2.13
CA GLY P 112 -11.36 12.80 -1.20
C GLY P 112 -12.04 13.31 0.03
N PHE P 113 -13.07 12.60 0.45
CA PHE P 113 -13.73 12.84 1.72
C PHE P 113 -13.28 11.80 2.73
N HIS P 114 -13.94 11.74 3.87
CA HIS P 114 -13.73 10.69 4.85
C HIS P 114 -15.10 10.25 5.33
N ASP P 115 -15.52 9.06 4.88
CA ASP P 115 -16.78 8.49 5.35
C ASP P 115 -16.77 8.34 6.87
N GLY P 116 -15.61 8.03 7.44
CA GLY P 116 -15.46 7.81 8.87
C GLY P 116 -14.78 6.50 9.21
N PRO P 117 -15.14 5.40 8.53
CA PRO P 117 -14.35 4.17 8.67
C PRO P 117 -13.15 4.12 7.76
N ASN P 118 -13.13 4.92 6.68
CA ASN P 118 -12.12 4.78 5.66
C ASN P 118 -11.85 6.13 5.02
N ARG P 119 -10.64 6.27 4.48
CA ARG P 119 -10.27 7.51 3.82
C ARG P 119 -11.05 7.66 2.53
N HIS P 120 -10.88 6.72 1.60
CA HIS P 120 -11.81 6.57 0.48
C HIS P 120 -11.78 7.80 -0.43
N THR P 121 -10.62 8.04 -1.01
CA THR P 121 -10.31 9.23 -1.79
C THR P 121 -10.26 8.88 -3.27
N CYS P 122 -10.05 9.90 -4.10
CA CYS P 122 -9.82 9.69 -5.53
C CYS P 122 -8.95 10.79 -6.10
N THR P 123 -8.09 10.40 -7.03
CA THR P 123 -7.01 11.24 -7.49
C THR P 123 -6.90 11.11 -8.99
N VAL P 124 -6.28 12.10 -9.63
CA VAL P 124 -6.28 12.18 -11.08
C VAL P 124 -5.17 13.11 -11.53
N ALA P 125 -4.74 12.94 -12.77
CA ALA P 125 -3.83 13.86 -13.42
C ALA P 125 -4.60 15.00 -14.06
N HIS P 126 -4.08 16.21 -13.88
CA HIS P 126 -4.53 17.35 -14.67
C HIS P 126 -3.58 18.51 -14.49
N LYS P 127 -3.11 19.07 -15.60
CA LYS P 127 -2.25 20.23 -15.56
C LYS P 127 -3.05 21.43 -15.08
N VAL P 128 -2.61 22.00 -13.95
CA VAL P 128 -3.28 23.14 -13.34
C VAL P 128 -2.30 24.29 -13.24
N GLU P 129 -2.82 25.49 -13.48
CA GLU P 129 -2.08 26.72 -13.19
C GLU P 129 -3.09 27.78 -12.79
N PHE P 130 -2.56 28.86 -12.22
CA PHE P 130 -3.37 30.05 -11.97
C PHE P 130 -2.53 31.28 -12.27
N ARG P 131 -2.58 31.67 -13.53
CA ARG P 131 -2.28 33.03 -13.89
C ARG P 131 -3.44 33.91 -13.46
N PRO P 132 -3.19 34.98 -12.71
CA PRO P 132 -4.19 36.04 -12.64
C PRO P 132 -4.17 36.85 -13.91
N VAL P 133 -5.33 37.43 -14.22
CA VAL P 133 -5.42 38.31 -15.37
C VAL P 133 -4.64 39.57 -15.04
N GLY P 134 -3.73 39.93 -15.91
CA GLY P 134 -2.85 41.06 -15.71
C GLY P 134 -1.49 40.73 -16.26
N ARG P 135 -0.71 41.76 -16.48
CA ARG P 135 0.65 41.58 -16.95
C ARG P 135 1.59 41.11 -15.85
N GLU P 136 1.09 40.93 -14.63
CA GLU P 136 1.85 40.29 -13.56
C GLU P 136 1.56 38.81 -13.55
N LYS P 137 2.62 38.00 -13.54
CA LYS P 137 2.51 36.56 -13.50
C LYS P 137 2.74 36.09 -12.06
N TYR P 138 1.75 36.34 -11.22
CA TYR P 138 1.79 35.84 -9.86
C TYR P 138 1.68 34.32 -9.85
N ARG P 139 1.72 33.77 -8.65
CA ARG P 139 1.37 32.39 -8.38
C ARG P 139 0.12 32.29 -7.51
N HIS P 140 -0.47 33.40 -7.12
CA HIS P 140 -1.48 33.39 -6.08
C HIS P 140 -2.18 34.74 -6.00
N PRO P 141 -3.47 34.82 -5.64
CA PRO P 141 -4.12 36.13 -5.58
C PRO P 141 -3.73 36.88 -4.32
N PRO P 142 -3.44 38.17 -4.41
CA PRO P 142 -3.12 38.95 -3.20
C PRO P 142 -4.36 39.45 -2.49
N GLU P 143 -4.13 40.23 -1.45
CA GLU P 143 -5.19 40.89 -0.70
C GLU P 143 -5.61 42.22 -1.31
N HIS P 144 -4.73 42.84 -2.10
CA HIS P 144 -4.93 44.19 -2.60
C HIS P 144 -4.60 44.22 -4.07
N GLY P 145 -4.52 45.41 -4.63
CA GLY P 145 -4.30 45.61 -6.05
C GLY P 145 -5.58 45.99 -6.76
N VAL P 146 -5.42 46.26 -8.05
CA VAL P 146 -6.52 46.71 -8.87
C VAL P 146 -7.44 45.53 -9.17
N GLU P 147 -8.71 45.83 -9.41
CA GLU P 147 -9.67 44.86 -9.92
C GLU P 147 -9.78 45.01 -11.43
N LEU P 148 -9.90 43.88 -12.12
CA LEU P 148 -9.96 43.89 -13.58
C LEU P 148 -10.56 42.57 -14.03
N PRO P 149 -11.03 42.49 -15.26
CA PRO P 149 -12.01 41.46 -15.63
C PRO P 149 -11.44 40.05 -15.76
N CYS P 150 -11.44 39.30 -14.66
CA CYS P 150 -11.00 37.93 -14.70
C CYS P 150 -12.13 36.99 -15.12
N ASN P 151 -11.76 35.74 -15.35
CA ASN P 151 -12.69 34.65 -15.60
C ASN P 151 -12.69 33.73 -14.39
N ARG P 152 -13.87 33.30 -13.99
CA ARG P 152 -14.04 32.72 -12.68
C ARG P 152 -15.43 32.10 -12.62
N TYR P 153 -15.57 31.13 -11.72
CA TYR P 153 -16.84 30.44 -11.51
C TYR P 153 -17.56 31.00 -10.30
N THR P 154 -18.87 30.78 -10.28
CA THR P 154 -19.73 31.38 -9.29
C THR P 154 -19.71 30.60 -8.00
N HIS P 155 -20.24 31.22 -6.95
CA HIS P 155 -20.54 30.50 -5.74
C HIS P 155 -21.83 29.72 -5.84
N LYS P 156 -22.71 30.11 -6.74
CA LYS P 156 -24.13 29.84 -6.57
C LYS P 156 -24.59 28.64 -7.40
N ARG P 157 -25.87 28.35 -7.25
CA ARG P 157 -26.57 27.23 -7.87
C ARG P 157 -27.65 27.65 -8.83
N ALA P 158 -28.28 28.81 -8.60
CA ALA P 158 -29.42 29.27 -9.39
C ALA P 158 -28.89 29.63 -10.76
N ASP P 159 -28.67 28.59 -11.57
CA ASP P 159 -27.77 28.67 -12.71
C ASP P 159 -28.31 27.80 -13.82
N GLN P 160 -28.38 28.39 -15.01
CA GLN P 160 -28.90 27.72 -16.19
C GLN P 160 -28.08 27.99 -17.44
N GLY P 161 -27.01 28.78 -17.33
CA GLY P 161 -26.28 29.26 -18.50
C GLY P 161 -25.83 28.17 -19.45
N HIS P 162 -25.65 26.96 -18.94
CA HIS P 162 -25.44 25.79 -19.79
C HIS P 162 -26.11 24.60 -19.14
N TYR P 163 -26.22 23.52 -19.91
CA TYR P 163 -26.70 22.27 -19.39
C TYR P 163 -26.03 21.16 -20.16
N VAL P 164 -25.64 20.12 -19.45
CA VAL P 164 -25.01 18.94 -20.03
C VAL P 164 -26.04 17.83 -20.08
N GLU P 165 -25.93 17.00 -21.10
CA GLU P 165 -26.78 15.82 -21.21
C GLU P 165 -26.53 14.92 -20.01
N MET P 166 -27.61 14.48 -19.37
CA MET P 166 -27.51 13.48 -18.32
C MET P 166 -28.66 12.48 -18.49
N HIS P 167 -28.44 11.49 -19.34
CA HIS P 167 -29.41 10.42 -19.53
C HIS P 167 -28.99 9.23 -18.65
N GLN P 168 -29.57 8.07 -18.93
CA GLN P 168 -29.65 7.01 -17.95
C GLN P 168 -28.27 6.45 -17.65
N PRO P 169 -28.17 5.62 -16.63
CA PRO P 169 -27.04 4.70 -16.56
C PRO P 169 -27.30 3.48 -17.40
N GLY P 170 -26.21 2.89 -17.88
CA GLY P 170 -26.26 1.51 -18.31
C GLY P 170 -26.35 0.63 -17.09
N LEU P 171 -26.26 -0.67 -17.34
CA LEU P 171 -26.24 -1.61 -16.26
C LEU P 171 -24.97 -1.42 -15.43
N VAL P 172 -24.87 -2.17 -14.34
CA VAL P 172 -23.65 -2.26 -13.57
C VAL P 172 -23.52 -3.69 -13.07
N ALA P 173 -22.29 -4.08 -12.76
CA ALA P 173 -22.04 -5.40 -12.19
C ALA P 173 -22.42 -5.40 -10.72
N ASP P 174 -22.94 -6.53 -10.25
CA ASP P 174 -23.06 -6.73 -8.80
C ASP P 174 -23.11 -8.24 -8.56
N HIS P 175 -21.95 -8.82 -8.30
CA HIS P 175 -21.88 -10.26 -8.05
C HIS P 175 -22.21 -10.62 -6.62
N SER P 176 -22.51 -9.65 -5.77
CA SER P 176 -23.17 -9.95 -4.51
C SER P 176 -24.54 -10.60 -4.77
N LEU P 177 -25.16 -10.28 -5.90
CA LEU P 177 -26.41 -10.92 -6.27
C LEU P 177 -26.23 -12.42 -6.43
N LEU P 178 -25.26 -12.82 -7.24
CA LEU P 178 -25.15 -14.21 -7.69
C LEU P 178 -24.67 -15.07 -6.53
N SER P 179 -25.60 -15.37 -5.62
CA SER P 179 -25.35 -16.31 -4.55
C SER P 179 -25.50 -17.73 -5.11
N ILE P 180 -25.61 -18.73 -4.23
CA ILE P 180 -25.74 -20.12 -4.62
C ILE P 180 -27.01 -20.68 -3.99
N HIS P 181 -27.83 -21.37 -4.77
CA HIS P 181 -29.00 -22.10 -4.31
C HIS P 181 -28.65 -23.53 -3.92
N SER P 182 -27.58 -23.65 -3.13
CA SER P 182 -27.07 -24.89 -2.54
C SER P 182 -26.49 -25.90 -3.55
N ALA P 183 -26.82 -25.78 -4.83
CA ALA P 183 -26.02 -26.32 -5.91
C ALA P 183 -25.96 -25.44 -7.14
N LYS P 184 -26.87 -24.49 -7.30
CA LYS P 184 -27.02 -23.68 -8.49
C LYS P 184 -26.72 -22.24 -8.13
N VAL P 185 -26.27 -21.46 -9.11
CA VAL P 185 -25.97 -20.07 -8.84
C VAL P 185 -27.27 -19.26 -8.84
N LYS P 186 -27.43 -18.45 -7.81
CA LYS P 186 -28.70 -17.85 -7.42
C LYS P 186 -28.58 -16.34 -7.52
N ILE P 187 -29.31 -15.76 -8.44
CA ILE P 187 -29.39 -14.31 -8.56
C ILE P 187 -30.55 -13.83 -7.70
N THR P 188 -30.45 -12.57 -7.25
CA THR P 188 -31.54 -11.90 -6.56
C THR P 188 -31.76 -10.54 -7.19
N VAL P 189 -32.57 -9.69 -6.54
CA VAL P 189 -32.88 -8.37 -7.08
C VAL P 189 -32.82 -7.34 -5.96
N PRO P 190 -32.48 -6.08 -6.30
CA PRO P 190 -32.49 -5.03 -5.26
C PRO P 190 -33.85 -4.79 -4.62
N SER P 191 -34.81 -4.36 -5.43
CA SER P 191 -36.12 -3.94 -4.97
C SER P 191 -37.19 -4.32 -5.97
N GLY P 192 -36.93 -5.37 -6.76
CA GLY P 192 -37.65 -5.60 -8.00
C GLY P 192 -37.00 -4.95 -9.19
N ALA P 193 -35.75 -4.50 -9.08
CA ALA P 193 -35.06 -3.91 -10.21
C ALA P 193 -34.86 -4.96 -11.29
N GLN P 194 -34.38 -4.50 -12.43
CA GLN P 194 -34.34 -5.28 -13.65
C GLN P 194 -32.94 -5.87 -13.82
N VAL P 195 -32.83 -7.18 -13.60
CA VAL P 195 -31.55 -7.88 -13.58
C VAL P 195 -31.42 -8.69 -14.86
N LYS P 196 -30.36 -8.42 -15.61
CA LYS P 196 -30.20 -8.88 -16.97
C LYS P 196 -29.25 -10.08 -16.93
N TYR P 197 -29.76 -11.28 -17.23
CA TYR P 197 -29.15 -12.51 -16.76
C TYR P 197 -29.16 -13.66 -17.77
N TYR P 198 -28.06 -14.44 -17.76
CA TYR P 198 -27.80 -15.71 -18.45
C TYR P 198 -26.39 -16.06 -18.02
N CYS P 199 -25.95 -17.28 -18.36
CA CYS P 199 -24.60 -17.72 -18.05
C CYS P 199 -23.99 -18.25 -19.33
N LYS P 200 -22.71 -18.62 -19.29
CA LYS P 200 -22.07 -19.16 -20.48
C LYS P 200 -22.81 -20.40 -20.97
N CYS P 201 -23.32 -21.21 -20.04
CA CYS P 201 -24.14 -22.35 -20.40
C CYS P 201 -25.47 -21.84 -20.95
N PRO P 202 -26.31 -22.72 -21.48
CA PRO P 202 -27.68 -22.32 -21.83
C PRO P 202 -28.71 -22.40 -20.69
N ASP P 203 -29.19 -21.24 -20.26
CA ASP P 203 -30.29 -21.08 -19.28
C ASP P 203 -31.06 -19.80 -19.66
N VAL P 204 -31.77 -19.18 -18.71
CA VAL P 204 -32.57 -17.97 -18.97
C VAL P 204 -31.72 -16.91 -19.66
N ARG P 205 -32.20 -16.39 -20.79
CA ARG P 205 -31.32 -15.62 -21.69
C ARG P 205 -31.45 -14.11 -21.61
N GLU P 206 -32.59 -13.54 -21.22
CA GLU P 206 -32.62 -12.09 -21.00
C GLU P 206 -32.40 -11.75 -19.54
N GLY P 207 -33.37 -12.07 -18.71
CA GLY P 207 -33.39 -11.67 -17.32
C GLY P 207 -34.13 -10.35 -17.22
N ILE P 208 -35.42 -10.39 -16.97
CA ILE P 208 -36.18 -9.23 -16.51
C ILE P 208 -37.11 -9.80 -15.45
N THR P 209 -36.65 -9.84 -14.20
CA THR P 209 -37.21 -10.80 -13.26
C THR P 209 -37.08 -10.30 -11.83
N SER P 210 -37.75 -11.03 -10.94
CA SER P 210 -37.42 -11.05 -9.53
C SER P 210 -36.26 -12.02 -9.34
N SER P 211 -36.01 -12.44 -8.11
CA SER P 211 -34.91 -13.36 -7.84
C SER P 211 -35.10 -14.68 -8.57
N ASP P 212 -34.25 -14.92 -9.57
CA ASP P 212 -34.22 -16.18 -10.29
C ASP P 212 -33.17 -17.10 -9.69
N HIS P 213 -33.26 -18.36 -10.10
CA HIS P 213 -32.20 -19.34 -9.95
C HIS P 213 -31.52 -19.53 -11.30
N THR P 214 -30.65 -20.52 -11.40
CA THR P 214 -29.97 -20.86 -12.64
C THR P 214 -29.97 -22.38 -12.75
N THR P 215 -30.77 -22.91 -13.68
CA THR P 215 -30.83 -24.34 -13.84
C THR P 215 -29.48 -24.90 -14.29
N THR P 216 -28.86 -24.27 -15.30
CA THR P 216 -27.76 -24.91 -16.02
C THR P 216 -26.40 -24.71 -15.37
N CYS P 217 -25.89 -23.47 -15.38
CA CYS P 217 -24.56 -23.23 -14.86
C CYS P 217 -24.57 -23.26 -13.34
N THR P 218 -23.37 -23.36 -12.78
CA THR P 218 -23.13 -23.44 -11.35
C THR P 218 -22.19 -22.36 -10.85
N ASP P 219 -21.17 -22.02 -11.64
CA ASP P 219 -20.13 -21.12 -11.18
C ASP P 219 -20.63 -19.68 -11.25
N VAL P 220 -20.36 -18.94 -10.17
CA VAL P 220 -20.68 -17.52 -10.14
C VAL P 220 -19.91 -16.76 -11.22
N LYS P 221 -18.75 -17.27 -11.62
CA LYS P 221 -17.81 -16.56 -12.48
C LYS P 221 -18.12 -16.70 -13.96
N GLN P 222 -19.30 -17.19 -14.32
CA GLN P 222 -19.66 -17.36 -15.72
C GLN P 222 -21.09 -16.92 -15.97
N CYS P 223 -21.51 -15.85 -15.30
CA CYS P 223 -22.90 -15.42 -15.33
C CYS P 223 -22.99 -13.89 -15.37
N ARG P 224 -24.20 -13.43 -15.70
CA ARG P 224 -24.46 -12.02 -16.00
C ARG P 224 -25.14 -11.37 -14.79
N ALA P 225 -24.32 -10.87 -13.86
CA ALA P 225 -24.82 -10.10 -12.72
C ALA P 225 -24.97 -8.66 -13.15
N TYR P 226 -26.18 -8.27 -13.52
CA TYR P 226 -26.44 -6.95 -14.09
C TYR P 226 -27.55 -6.26 -13.32
N LEU P 227 -27.54 -4.93 -13.38
CA LEU P 227 -28.54 -4.09 -12.70
C LEU P 227 -28.98 -2.99 -13.66
N ILE P 228 -30.03 -3.27 -14.42
CA ILE P 228 -30.74 -2.21 -15.13
C ILE P 228 -31.63 -1.57 -14.07
N ASP P 229 -31.17 -0.45 -13.52
CA ASP P 229 -31.80 0.22 -12.40
C ASP P 229 -32.03 1.68 -12.75
N ASN P 230 -32.62 1.91 -13.91
CA ASN P 230 -32.72 3.24 -14.48
C ASN P 230 -33.93 4.01 -13.93
N LYS P 231 -34.05 4.05 -12.61
CA LYS P 231 -35.00 4.94 -11.96
C LYS P 231 -34.42 6.32 -11.73
N LYS P 232 -33.09 6.47 -11.83
CA LYS P 232 -32.43 7.75 -11.69
C LYS P 232 -31.32 7.85 -12.71
N TRP P 233 -31.30 8.95 -13.47
CA TRP P 233 -30.33 9.14 -14.52
C TRP P 233 -28.95 9.41 -13.90
N VAL P 234 -27.95 9.61 -14.76
CA VAL P 234 -26.58 9.84 -14.35
C VAL P 234 -25.94 10.91 -15.21
N TYR P 235 -24.74 11.31 -14.80
CA TYR P 235 -23.86 12.03 -15.69
C TYR P 235 -23.30 11.08 -16.73
N ASN P 236 -23.07 11.62 -17.93
CA ASN P 236 -22.64 10.82 -19.06
C ASN P 236 -21.12 10.77 -19.09
N SER P 237 -20.58 10.18 -18.03
CA SER P 237 -19.15 10.03 -17.90
C SER P 237 -18.61 9.14 -19.02
N GLY P 238 -17.37 9.41 -19.42
CA GLY P 238 -16.67 8.46 -20.25
C GLY P 238 -16.47 7.13 -19.55
N ARG P 239 -16.45 7.13 -18.23
CA ARG P 239 -16.30 5.91 -17.46
C ARG P 239 -17.64 5.31 -17.08
N LEU P 240 -18.66 5.52 -17.92
CA LEU P 240 -19.96 4.92 -17.86
C LEU P 240 -20.13 3.91 -18.99
N PRO P 241 -20.72 2.74 -18.73
CA PRO P 241 -21.20 1.93 -19.85
C PRO P 241 -22.56 2.42 -20.32
N ARG P 242 -22.71 2.48 -21.63
CA ARG P 242 -23.94 2.98 -22.25
C ARG P 242 -25.14 2.17 -21.78
N GLY P 243 -26.24 2.87 -21.53
CA GLY P 243 -27.53 2.23 -21.46
C GLY P 243 -27.99 1.99 -22.88
N GLU P 244 -27.88 0.74 -23.32
CA GLU P 244 -27.95 0.43 -24.74
C GLU P 244 -29.31 0.73 -25.34
N GLY P 245 -30.35 0.84 -24.52
CA GLY P 245 -31.69 0.90 -25.05
C GLY P 245 -31.97 2.18 -25.82
N ASP P 246 -31.58 3.32 -25.26
CA ASP P 246 -32.13 4.58 -25.72
C ASP P 246 -31.35 5.74 -25.13
N THR P 247 -31.44 6.88 -25.81
CA THR P 247 -31.10 8.19 -25.24
C THR P 247 -32.31 8.68 -24.45
N PHE P 248 -32.42 8.23 -23.20
CA PHE P 248 -33.47 8.79 -22.36
C PHE P 248 -33.22 10.29 -22.12
N LYS P 249 -34.26 10.96 -21.65
CA LYS P 249 -34.25 12.36 -21.25
C LYS P 249 -33.38 12.52 -20.01
N GLY P 250 -33.32 13.75 -19.51
CA GLY P 250 -32.45 14.13 -18.41
C GLY P 250 -31.45 15.20 -18.77
N LYS P 251 -31.84 16.14 -19.61
CA LYS P 251 -31.05 17.35 -19.79
C LYS P 251 -30.98 18.10 -18.47
N LEU P 252 -29.76 18.38 -18.01
CA LEU P 252 -29.55 18.89 -16.67
C LEU P 252 -28.46 19.95 -16.68
N HIS P 253 -28.72 21.03 -15.94
CA HIS P 253 -27.92 22.24 -15.97
C HIS P 253 -26.51 21.99 -15.46
N VAL P 254 -25.70 23.03 -15.55
CA VAL P 254 -24.44 23.14 -14.80
C VAL P 254 -24.60 24.30 -13.83
N PRO P 255 -24.26 24.13 -12.55
CA PRO P 255 -24.22 25.28 -11.63
C PRO P 255 -23.14 26.28 -11.95
N PHE P 256 -21.90 25.79 -11.97
CA PHE P 256 -20.73 26.64 -11.89
C PHE P 256 -20.38 27.09 -13.29
N VAL P 257 -21.10 28.10 -13.75
CA VAL P 257 -20.86 28.71 -15.05
C VAL P 257 -19.60 29.54 -14.89
N PRO P 258 -18.75 29.66 -15.91
CA PRO P 258 -17.70 30.67 -15.85
C PRO P 258 -18.28 32.05 -16.10
N VAL P 259 -18.02 32.97 -15.17
CA VAL P 259 -18.62 34.29 -15.20
C VAL P 259 -17.51 35.34 -15.21
N LYS P 260 -17.92 36.56 -15.55
CA LYS P 260 -17.00 37.68 -15.69
C LYS P 260 -16.91 38.43 -14.38
N ALA P 261 -16.42 37.72 -13.38
CA ALA P 261 -16.08 38.36 -12.13
C ALA P 261 -14.86 39.25 -12.33
N LYS P 262 -14.82 40.33 -11.58
CA LYS P 262 -13.60 41.12 -11.45
C LYS P 262 -12.88 40.58 -10.24
N CYS P 263 -11.89 39.71 -10.48
CA CYS P 263 -11.10 39.23 -9.38
C CYS P 263 -10.43 40.39 -8.66
N ILE P 264 -10.42 40.32 -7.34
CA ILE P 264 -9.39 41.03 -6.60
C ILE P 264 -8.09 40.55 -7.22
N ALA P 265 -7.22 41.48 -7.62
CA ALA P 265 -6.23 41.08 -8.61
C ALA P 265 -4.91 41.79 -8.36
N THR P 266 -4.03 41.68 -9.35
CA THR P 266 -2.61 41.89 -9.17
C THR P 266 -2.28 43.37 -9.21
N LEU P 267 -1.05 43.67 -8.86
CA LEU P 267 -0.50 45.01 -8.93
C LEU P 267 0.98 44.87 -8.65
N ALA P 268 1.79 45.49 -9.46
CA ALA P 268 3.22 45.43 -9.30
C ALA P 268 3.74 46.72 -8.68
N PRO P 269 4.79 46.67 -7.86
CA PRO P 269 5.28 47.88 -7.20
C PRO P 269 5.66 48.97 -8.18
N GLU P 270 5.47 50.21 -7.75
CA GLU P 270 5.61 51.33 -8.65
C GLU P 270 7.05 51.41 -9.16
N PRO P 271 7.26 51.98 -10.35
CA PRO P 271 8.61 52.12 -10.87
C PRO P 271 9.33 53.32 -10.24
N LEU P 272 10.64 53.34 -10.47
CA LEU P 272 11.48 54.49 -10.10
C LEU P 272 11.79 55.21 -11.39
N VAL P 273 11.11 56.32 -11.62
CA VAL P 273 11.33 57.09 -12.84
C VAL P 273 12.59 57.91 -12.66
N GLU P 274 13.43 57.88 -13.68
CA GLU P 274 14.69 58.61 -13.69
C GLU P 274 14.83 59.27 -15.05
N HIS P 275 15.13 60.55 -15.03
CA HIS P 275 15.27 61.32 -16.25
C HIS P 275 16.64 61.15 -16.88
N LYS P 276 16.66 61.10 -18.20
CA LYS P 276 17.84 61.42 -18.98
C LYS P 276 17.39 62.11 -20.26
N HIS P 277 18.36 62.48 -21.08
CA HIS P 277 18.10 63.18 -22.35
C HIS P 277 17.37 62.26 -23.30
N ARG P 278 16.06 62.49 -23.45
CA ARG P 278 15.22 61.70 -24.34
C ARG P 278 15.32 60.21 -24.03
N THR P 279 15.50 59.90 -22.76
CA THR P 279 15.76 58.54 -22.34
C THR P 279 15.26 58.35 -20.93
N LEU P 280 14.48 57.30 -20.73
CA LEU P 280 14.02 56.89 -19.41
C LEU P 280 14.91 55.78 -18.91
N ILE P 281 15.85 56.11 -18.02
CA ILE P 281 16.36 55.08 -17.13
C ILE P 281 15.26 54.77 -16.15
N LEU P 282 15.08 53.49 -15.87
CA LEU P 282 14.08 53.03 -14.92
C LEU P 282 14.71 51.91 -14.12
N HIS P 283 15.20 52.25 -12.92
CA HIS P 283 15.49 51.21 -11.96
C HIS P 283 14.18 50.59 -11.52
N LEU P 284 14.09 49.27 -11.61
CA LEU P 284 12.81 48.61 -11.47
C LEU P 284 12.98 47.35 -10.66
N HIS P 285 11.93 47.03 -9.92
CA HIS P 285 12.03 46.09 -8.82
C HIS P 285 10.66 45.50 -8.53
N PRO P 286 10.27 44.44 -9.21
CA PRO P 286 8.93 43.89 -9.03
C PRO P 286 8.82 42.91 -7.89
N ASP P 287 7.59 42.45 -7.67
CA ASP P 287 7.27 41.36 -6.75
C ASP P 287 7.34 40.02 -7.45
N HIS P 288 6.86 39.98 -8.68
CA HIS P 288 6.68 38.77 -9.44
C HIS P 288 7.00 39.05 -10.89
N PRO P 289 7.07 38.05 -11.77
CA PRO P 289 7.34 38.32 -13.17
C PRO P 289 6.26 39.20 -13.78
N THR P 290 6.68 40.38 -14.24
CA THR P 290 5.80 41.40 -14.75
C THR P 290 6.11 41.64 -16.22
N LEU P 291 5.10 41.53 -17.08
CA LEU P 291 5.27 41.83 -18.48
C LEU P 291 5.20 43.34 -18.65
N LEU P 292 6.34 43.94 -18.88
CA LEU P 292 6.40 45.34 -19.25
C LEU P 292 6.34 45.47 -20.75
N THR P 293 5.75 46.57 -21.21
CA THR P 293 5.76 46.86 -22.63
C THR P 293 5.40 48.31 -22.88
N THR P 294 5.78 48.78 -24.07
CA THR P 294 5.69 50.18 -24.44
C THR P 294 5.24 50.32 -25.88
N ARG P 295 5.03 51.57 -26.29
CA ARG P 295 4.63 51.89 -27.66
C ARG P 295 5.17 53.27 -28.01
N SER P 296 6.30 53.31 -28.72
CA SER P 296 6.78 54.61 -29.18
C SER P 296 5.78 55.13 -30.19
N LEU P 297 5.10 56.20 -29.83
CA LEU P 297 3.89 56.62 -30.51
C LEU P 297 4.12 57.19 -31.89
N GLY P 298 5.34 57.22 -32.40
CA GLY P 298 5.51 57.49 -33.80
C GLY P 298 4.79 56.46 -34.63
N SER P 299 4.58 56.79 -35.90
CA SER P 299 4.09 55.78 -36.83
C SER P 299 5.07 54.62 -36.93
N ASP P 300 6.34 54.85 -36.61
CA ASP P 300 7.22 53.79 -36.18
C ASP P 300 6.85 53.41 -34.76
N ALA P 301 6.22 52.25 -34.60
CA ALA P 301 5.77 51.84 -33.28
C ALA P 301 6.95 51.55 -32.36
N ASN P 302 7.88 50.71 -32.81
CA ASN P 302 9.01 50.21 -32.04
C ASN P 302 8.63 49.82 -30.61
N PRO P 303 7.76 48.84 -30.45
CA PRO P 303 7.40 48.39 -29.10
C PRO P 303 8.44 47.44 -28.54
N THR P 304 8.25 47.12 -27.26
CA THR P 304 9.11 46.23 -26.52
C THR P 304 8.26 45.41 -25.58
N ARG P 305 8.67 44.17 -25.36
CA ARG P 305 8.04 43.29 -24.39
C ARG P 305 9.13 42.56 -23.64
N GLN P 306 9.00 42.48 -22.33
CA GLN P 306 9.84 41.57 -21.56
C GLN P 306 9.23 41.34 -20.20
N TRP P 307 8.98 40.08 -19.88
CA TRP P 307 8.66 39.71 -18.52
C TRP P 307 9.84 40.05 -17.64
N ILE P 308 9.57 40.76 -16.55
CA ILE P 308 10.59 41.15 -15.60
C ILE P 308 10.20 40.56 -14.26
N GLU P 309 11.02 39.64 -13.77
CA GLU P 309 10.96 39.17 -12.41
C GLU P 309 12.19 39.54 -11.62
N ARG P 310 13.31 39.59 -12.25
CA ARG P 310 14.53 40.01 -11.61
C ARG P 310 14.61 41.54 -11.67
N PRO P 311 14.88 42.24 -10.58
CA PRO P 311 14.98 43.69 -10.64
C PRO P 311 16.04 44.14 -11.60
N THR P 312 15.71 45.14 -12.40
CA THR P 312 16.53 45.50 -13.55
C THR P 312 16.37 46.98 -13.84
N THR P 313 17.50 47.65 -13.97
CA THR P 313 17.52 48.99 -14.54
C THR P 313 17.47 48.87 -16.05
N VAL P 314 16.44 49.43 -16.65
CA VAL P 314 16.20 49.34 -18.09
C VAL P 314 16.33 50.71 -18.72
N ASN P 315 16.13 50.77 -20.03
CA ASN P 315 16.25 52.02 -20.75
C ASN P 315 15.25 52.04 -21.89
N PHE P 316 14.86 53.25 -22.27
CA PHE P 316 13.87 53.44 -23.33
C PHE P 316 14.22 54.73 -24.06
N THR P 317 14.60 54.59 -25.33
CA THR P 317 14.85 55.76 -26.15
C THR P 317 13.53 56.42 -26.46
N VAL P 318 13.10 57.35 -25.65
CA VAL P 318 11.89 58.09 -25.92
C VAL P 318 12.17 59.09 -27.03
N THR P 319 11.17 59.30 -27.85
CA THR P 319 11.24 60.19 -28.98
C THR P 319 10.69 61.56 -28.60
N GLY P 320 10.50 62.40 -29.61
CA GLY P 320 10.00 63.74 -29.35
C GLY P 320 8.54 63.74 -28.98
N GLU P 321 7.73 62.95 -29.68
CA GLU P 321 6.29 63.07 -29.54
C GLU P 321 5.75 62.35 -28.32
N GLY P 322 6.34 61.23 -27.93
CA GLY P 322 5.96 60.59 -26.69
C GLY P 322 6.19 59.10 -26.71
N LEU P 323 6.12 58.53 -25.50
CA LEU P 323 6.13 57.09 -25.28
C LEU P 323 5.12 56.79 -24.19
N GLU P 324 4.68 55.54 -24.13
CA GLU P 324 3.85 55.08 -23.03
C GLU P 324 4.46 53.82 -22.42
N TYR P 325 4.03 53.54 -21.19
CA TYR P 325 4.76 52.69 -20.27
C TYR P 325 3.77 51.96 -19.37
N THR P 326 3.92 50.64 -19.28
CA THR P 326 2.89 49.75 -18.73
C THR P 326 3.48 48.83 -17.67
N TRP P 327 3.60 49.33 -16.44
CA TRP P 327 4.19 48.56 -15.36
C TRP P 327 3.20 47.51 -14.88
N GLY P 328 3.10 46.44 -15.63
CA GLY P 328 2.13 45.45 -15.25
C GLY P 328 0.74 46.00 -15.48
N ASN P 329 -0.23 45.37 -14.82
CA ASN P 329 -1.60 45.85 -14.91
C ASN P 329 -1.83 47.16 -14.19
N HIS P 330 -0.80 47.71 -13.54
CA HIS P 330 -0.82 49.12 -13.20
C HIS P 330 -1.12 49.92 -14.47
N PRO P 331 -1.85 51.03 -14.39
CA PRO P 331 -2.33 51.67 -15.60
C PRO P 331 -1.19 52.16 -16.48
N PRO P 332 -1.46 52.39 -17.75
CA PRO P 332 -0.39 52.84 -18.66
C PRO P 332 -0.02 54.29 -18.38
N LYS P 333 1.27 54.54 -18.29
CA LYS P 333 1.80 55.88 -18.16
C LYS P 333 2.08 56.45 -19.55
N ARG P 334 2.47 57.71 -19.58
CA ARG P 334 2.78 58.42 -20.81
C ARG P 334 3.83 59.46 -20.46
N VAL P 335 4.61 59.88 -21.45
CA VAL P 335 5.75 60.74 -21.16
C VAL P 335 6.07 61.69 -22.32
N TRP P 336 6.18 63.00 -22.02
CA TRP P 336 6.77 63.96 -22.95
C TRP P 336 8.26 63.91 -22.72
N ALA P 337 8.99 63.51 -23.75
CA ALA P 337 10.43 63.71 -23.82
C ALA P 337 10.66 64.56 -25.05
N GLN P 338 10.60 65.86 -24.85
CA GLN P 338 11.24 66.78 -25.76
C GLN P 338 12.71 66.82 -25.38
N GLU P 339 13.41 67.84 -25.87
CA GLU P 339 14.81 68.02 -25.58
C GLU P 339 15.14 67.94 -24.11
N SER P 340 16.40 67.67 -23.82
CA SER P 340 17.00 68.15 -22.59
C SER P 340 18.47 68.52 -22.76
N GLY P 341 18.97 68.56 -24.00
CA GLY P 341 20.36 68.83 -24.30
C GLY P 341 20.67 70.27 -24.56
N GLU P 342 19.74 71.16 -24.24
CA GLU P 342 19.97 72.60 -24.16
C GLU P 342 20.17 73.26 -25.54
#